data_8U27
#
_entry.id   8U27
#
loop_
_entity.id
_entity.type
_entity.pdbx_description
1 polymer 'Apoptosis regulator Bcl-2, Bcl-2-like protein 1 chimera'
2 non-polymer 'propan-2-yl {4-[(5S)-1-(4-bromobenzoyl)-5-phenyl-4,5-dihydro-1H-pyrazol-3-yl]phenyl}carbamate'
#
_entity_poly.entity_id   1
_entity_poly.type   'polypeptide(L)'
_entity_poly.pdbx_seq_one_letter_code
;MAHAGRTGYDNREIVMKYIHYKLSQRGYEWDAGDDVEENRTEAPEGTESEVVHLTLRQAGDDFSRRYRRDFAEMSSQLHL
TPFTARGRFATVVEELFRDGVNWGRIVAFFEFGGVMCVESVNREMSPLVDNIALWMTEYLNRHLHTWIQDNGGWDAFVEL
YGPSMRPLFDFSWLSLK
;
_entity_poly.pdbx_strand_id   A
#
# COMPACT_ATOMS: atom_id res chain seq x y z
N MET A 1 -12.46 11.72 -26.17
CA MET A 1 -11.64 10.82 -25.32
C MET A 1 -10.85 11.60 -24.28
N ALA A 2 -10.06 10.90 -23.49
CA ALA A 2 -9.25 11.53 -22.44
C ALA A 2 -7.82 11.76 -22.93
N HIS A 3 -7.36 13.00 -22.77
CA HIS A 3 -6.00 13.35 -23.18
C HIS A 3 -5.44 14.47 -22.31
N ALA A 4 -4.25 14.25 -21.76
CA ALA A 4 -3.60 15.23 -20.91
C ALA A 4 -4.46 15.55 -19.68
N GLY A 5 -4.09 14.98 -18.55
CA GLY A 5 -4.83 15.20 -17.32
C GLY A 5 -4.03 14.85 -16.08
N ARG A 6 -4.67 14.94 -14.93
CA ARG A 6 -4.01 14.63 -13.66
C ARG A 6 -4.49 13.29 -13.12
N THR A 7 -4.65 12.32 -14.01
CA THR A 7 -5.11 10.99 -13.63
C THR A 7 -4.50 9.93 -14.54
N GLY A 8 -3.82 8.95 -13.94
CA GLY A 8 -3.20 7.90 -14.71
C GLY A 8 -2.01 7.28 -14.00
N TYR A 9 -2.24 6.75 -12.80
CA TYR A 9 -1.18 6.13 -12.01
C TYR A 9 -1.30 4.61 -12.03
N ASP A 10 -0.16 3.93 -12.16
CA ASP A 10 -0.14 2.47 -12.18
C ASP A 10 -0.13 1.91 -10.76
N ASN A 11 -1.25 1.32 -10.36
CA ASN A 11 -1.37 0.74 -9.02
C ASN A 11 -0.25 -0.28 -8.76
N ARG A 12 0.21 -0.93 -9.83
CA ARG A 12 1.26 -1.92 -9.70
C ARG A 12 2.53 -1.30 -9.12
N GLU A 13 2.87 -0.10 -9.60
CA GLU A 13 4.06 0.59 -9.13
C GLU A 13 3.82 1.16 -7.74
N ILE A 14 2.64 1.71 -7.51
CA ILE A 14 2.29 2.29 -6.21
C ILE A 14 2.42 1.23 -5.11
N VAL A 15 2.14 -0.02 -5.48
CA VAL A 15 2.22 -1.12 -4.54
C VAL A 15 3.68 -1.59 -4.39
N MET A 16 4.27 -2.03 -5.50
CA MET A 16 5.65 -2.50 -5.50
C MET A 16 6.57 -1.53 -4.77
N LYS A 17 6.42 -0.25 -5.08
CA LYS A 17 7.24 0.78 -4.45
C LYS A 17 6.94 0.87 -2.95
N TYR A 18 5.67 0.75 -2.60
CA TYR A 18 5.25 0.80 -1.21
C TYR A 18 5.80 -0.40 -0.44
N ILE A 19 5.69 -1.58 -1.04
CA ILE A 19 6.17 -2.80 -0.41
C ILE A 19 7.69 -2.86 -0.41
N HIS A 20 8.29 -2.37 -1.50
CA HIS A 20 9.74 -2.37 -1.62
C HIS A 20 10.37 -1.44 -0.59
N TYR A 21 9.67 -0.36 -0.26
CA TYR A 21 10.17 0.60 0.72
C TYR A 21 9.89 0.13 2.14
N LYS A 22 8.63 -0.18 2.42
CA LYS A 22 8.24 -0.65 3.74
C LYS A 22 9.06 -1.86 4.16
N LEU A 23 9.42 -2.68 3.19
CA LEU A 23 10.22 -3.88 3.46
C LEU A 23 11.64 -3.52 3.82
N SER A 24 12.19 -2.52 3.12
CA SER A 24 13.56 -2.07 3.37
C SER A 24 13.68 -1.45 4.75
N GLN A 25 12.58 -0.86 5.24
CA GLN A 25 12.57 -0.22 6.54
C GLN A 25 12.79 -1.24 7.65
N ARG A 26 12.29 -2.46 7.44
CA ARG A 26 12.44 -3.52 8.42
C ARG A 26 13.68 -4.37 8.14
N GLY A 27 14.53 -3.90 7.24
CA GLY A 27 15.74 -4.63 6.92
C GLY A 27 15.49 -5.81 5.99
N TYR A 28 14.41 -5.72 5.22
CA TYR A 28 14.06 -6.79 4.28
C TYR A 28 14.37 -6.38 2.85
N GLU A 29 14.90 -7.31 2.08
CA GLU A 29 15.25 -7.05 0.69
C GLU A 29 14.32 -7.83 -0.25
N TRP A 30 13.17 -7.25 -0.55
CA TRP A 30 12.20 -7.89 -1.42
C TRP A 30 12.66 -7.83 -2.87
N ASP A 31 12.73 -8.98 -3.53
CA ASP A 31 13.15 -9.06 -4.92
C ASP A 31 11.94 -9.14 -5.84
N ALA A 32 11.38 -7.98 -6.18
CA ALA A 32 10.22 -7.92 -7.05
C ALA A 32 10.60 -8.18 -8.50
N GLY A 33 11.28 -9.29 -8.75
CA GLY A 33 11.70 -9.64 -10.09
C GLY A 33 12.74 -8.68 -10.65
N ASP A 34 12.31 -7.47 -10.96
CA ASP A 34 13.21 -6.46 -11.51
C ASP A 34 14.23 -6.00 -10.47
N ASP A 35 15.49 -6.35 -10.69
CA ASP A 35 16.56 -5.99 -9.78
C ASP A 35 17.72 -5.34 -10.53
N VAL A 36 17.78 -4.01 -10.49
CA VAL A 36 18.83 -3.27 -11.18
C VAL A 36 19.54 -2.30 -10.24
N GLU A 37 20.41 -2.85 -9.39
CA GLU A 37 21.15 -2.04 -8.44
C GLU A 37 22.43 -1.49 -9.07
N GLU A 38 22.28 -0.82 -10.20
CA GLU A 38 23.42 -0.25 -10.91
C GLU A 38 22.98 0.88 -11.83
N ASN A 39 21.91 1.58 -11.44
CA ASN A 39 21.40 2.69 -12.23
C ASN A 39 20.88 3.81 -11.34
N ARG A 40 21.79 4.61 -10.81
CA ARG A 40 21.44 5.72 -9.94
C ARG A 40 21.01 6.94 -10.75
N THR A 41 19.97 6.78 -11.55
CA THR A 41 19.46 7.87 -12.38
C THR A 41 18.13 8.40 -11.84
N GLU A 42 18.19 9.53 -11.16
CA GLU A 42 17.00 10.15 -10.59
C GLU A 42 16.43 11.22 -11.53
N ALA A 43 16.40 10.90 -12.82
CA ALA A 43 15.88 11.83 -13.81
C ALA A 43 14.40 12.11 -13.58
N PRO A 44 13.94 13.34 -13.89
CA PRO A 44 12.54 13.73 -13.71
C PRO A 44 11.62 13.08 -14.74
N GLU A 45 11.57 11.76 -14.73
CA GLU A 45 10.73 11.01 -15.66
C GLU A 45 9.31 10.84 -15.10
N GLY A 46 9.23 10.39 -13.85
CA GLY A 46 7.94 10.19 -13.22
C GLY A 46 7.86 10.82 -11.85
N THR A 47 8.16 12.11 -11.77
CA THR A 47 8.12 12.83 -10.50
C THR A 47 6.72 12.78 -9.88
N GLU A 48 5.70 12.99 -10.71
CA GLU A 48 4.32 12.95 -10.24
C GLU A 48 3.98 11.59 -9.65
N SER A 49 4.35 10.53 -10.37
CA SER A 49 4.08 9.18 -9.92
C SER A 49 4.78 8.90 -8.59
N GLU A 50 5.97 9.48 -8.42
CA GLU A 50 6.73 9.30 -7.19
C GLU A 50 6.00 9.93 -6.00
N VAL A 51 5.32 11.04 -6.25
CA VAL A 51 4.58 11.73 -5.20
C VAL A 51 3.45 10.85 -4.67
N VAL A 52 2.68 10.26 -5.58
CA VAL A 52 1.58 9.39 -5.19
C VAL A 52 2.07 8.28 -4.27
N HIS A 53 3.31 7.87 -4.46
CA HIS A 53 3.91 6.82 -3.63
C HIS A 53 4.52 7.42 -2.37
N LEU A 54 5.24 8.53 -2.53
CA LEU A 54 5.89 9.19 -1.41
C LEU A 54 4.84 9.73 -0.42
N THR A 55 3.84 10.42 -0.95
CA THR A 55 2.79 10.98 -0.11
C THR A 55 1.94 9.87 0.49
N LEU A 56 1.78 8.78 -0.26
CA LEU A 56 0.99 7.64 0.19
C LEU A 56 1.75 6.86 1.26
N ARG A 57 2.97 6.45 0.93
CA ARG A 57 3.79 5.69 1.87
C ARG A 57 4.05 6.50 3.13
N GLN A 58 4.07 7.82 2.98
CA GLN A 58 4.30 8.72 4.11
C GLN A 58 3.02 8.88 4.93
N ALA A 59 1.88 8.86 4.24
CA ALA A 59 0.59 9.00 4.90
C ALA A 59 0.35 7.83 5.87
N GLY A 60 0.54 6.62 5.38
CA GLY A 60 0.35 5.45 6.22
C GLY A 60 1.44 5.30 7.27
N ASP A 61 2.67 5.59 6.87
CA ASP A 61 3.81 5.50 7.78
C ASP A 61 3.62 6.44 8.97
N ASP A 62 3.00 7.58 8.73
CA ASP A 62 2.76 8.56 9.77
C ASP A 62 1.78 8.02 10.80
N PHE A 63 0.70 7.39 10.33
CA PHE A 63 -0.30 6.82 11.21
C PHE A 63 0.25 5.62 11.96
N SER A 64 1.02 4.80 11.26
CA SER A 64 1.62 3.60 11.85
C SER A 64 2.59 3.97 12.96
N ARG A 65 3.41 5.00 12.71
CA ARG A 65 4.38 5.45 13.69
C ARG A 65 3.71 5.89 14.98
N ARG A 66 2.44 6.30 14.87
CA ARG A 66 1.68 6.74 16.04
C ARG A 66 1.04 5.55 16.75
N TYR A 67 0.62 4.56 15.98
CA TYR A 67 -0.01 3.37 16.55
C TYR A 67 0.85 2.12 16.32
N ARG A 68 2.16 2.29 16.38
CA ARG A 68 3.09 1.18 16.19
C ARG A 68 2.79 0.05 17.17
N ARG A 69 2.42 0.41 18.39
CA ARG A 69 2.11 -0.58 19.42
C ARG A 69 0.93 -1.45 19.00
N ASP A 70 -0.17 -0.81 18.64
CA ASP A 70 -1.36 -1.53 18.20
C ASP A 70 -1.06 -2.37 16.98
N PHE A 71 -0.11 -1.91 16.17
CA PHE A 71 0.29 -2.62 14.97
C PHE A 71 1.15 -3.83 15.30
N ALA A 72 2.20 -3.59 16.10
CA ALA A 72 3.10 -4.66 16.49
C ALA A 72 2.36 -5.74 17.26
N GLU A 73 1.30 -5.34 17.96
CA GLU A 73 0.50 -6.28 18.74
C GLU A 73 -0.24 -7.25 17.83
N MET A 74 -0.85 -6.72 16.78
CA MET A 74 -1.59 -7.55 15.84
C MET A 74 -0.66 -8.16 14.80
N SER A 75 0.41 -7.45 14.46
CA SER A 75 1.37 -7.92 13.48
C SER A 75 2.24 -9.04 14.06
N SER A 76 2.90 -8.75 15.18
CA SER A 76 3.77 -9.72 15.83
C SER A 76 3.00 -11.00 16.17
N GLN A 77 1.71 -10.85 16.44
CA GLN A 77 0.86 -11.99 16.77
C GLN A 77 0.11 -12.50 15.55
N LEU A 78 0.04 -11.68 14.50
CA LEU A 78 -0.65 -12.05 13.28
C LEU A 78 -0.16 -13.40 12.75
N HIS A 79 -1.02 -14.41 12.84
CA HIS A 79 -0.68 -15.75 12.36
C HIS A 79 -0.85 -15.81 10.85
N LEU A 80 0.27 -15.77 10.13
CA LEU A 80 0.25 -15.82 8.68
C LEU A 80 0.28 -17.25 8.17
N THR A 81 -0.49 -17.50 7.10
CA THR A 81 -0.56 -18.83 6.49
C THR A 81 -0.86 -18.72 5.00
N PRO A 82 -0.03 -19.33 4.14
CA PRO A 82 -0.23 -19.28 2.68
C PRO A 82 -1.49 -20.02 2.24
N PHE A 83 -2.09 -20.78 3.15
CA PHE A 83 -3.30 -21.53 2.83
C PHE A 83 -4.55 -20.68 3.00
N THR A 84 -4.54 -19.81 4.01
CA THR A 84 -5.68 -18.94 4.27
C THR A 84 -5.28 -17.47 4.30
N ALA A 85 -4.09 -17.15 3.78
CA ALA A 85 -3.61 -15.78 3.76
C ALA A 85 -4.49 -14.91 2.85
N ARG A 86 -4.82 -15.45 1.69
CA ARG A 86 -5.65 -14.72 0.73
C ARG A 86 -7.05 -14.48 1.31
N GLY A 87 -7.53 -15.45 2.09
CA GLY A 87 -8.84 -15.32 2.70
C GLY A 87 -8.86 -14.27 3.80
N ARG A 88 -7.79 -14.22 4.58
CA ARG A 88 -7.70 -13.25 5.67
C ARG A 88 -7.47 -11.85 5.11
N PHE A 89 -6.73 -11.78 4.02
CA PHE A 89 -6.43 -10.49 3.37
C PHE A 89 -7.73 -9.80 2.97
N ALA A 90 -8.69 -10.58 2.50
CA ALA A 90 -9.98 -10.05 2.10
C ALA A 90 -10.78 -9.60 3.31
N THR A 91 -10.66 -10.33 4.41
CA THR A 91 -11.36 -10.01 5.63
C THR A 91 -10.93 -8.64 6.15
N VAL A 92 -9.63 -8.39 6.10
CA VAL A 92 -9.08 -7.12 6.54
C VAL A 92 -9.44 -6.00 5.57
N VAL A 93 -9.49 -6.35 4.29
CA VAL A 93 -9.83 -5.39 3.25
C VAL A 93 -11.32 -5.07 3.28
N GLU A 94 -12.14 -6.11 3.43
CA GLU A 94 -13.59 -5.93 3.47
C GLU A 94 -13.98 -4.90 4.52
N GLU A 95 -13.33 -4.95 5.68
CA GLU A 95 -13.61 -4.00 6.75
C GLU A 95 -13.23 -2.60 6.30
N LEU A 96 -12.10 -2.52 5.59
CA LEU A 96 -11.60 -1.25 5.08
C LEU A 96 -12.64 -0.54 4.22
N PHE A 97 -13.31 -1.30 3.34
CA PHE A 97 -14.31 -0.74 2.46
C PHE A 97 -15.72 -1.19 2.82
N ARG A 98 -15.86 -1.75 4.01
CA ARG A 98 -17.16 -2.22 4.48
C ARG A 98 -18.11 -1.05 4.73
N ASP A 99 -17.61 -0.03 5.40
CA ASP A 99 -18.41 1.15 5.70
C ASP A 99 -18.13 2.28 4.71
N GLY A 100 -17.73 1.91 3.50
CA GLY A 100 -17.44 2.89 2.48
C GLY A 100 -15.95 3.06 2.26
N VAL A 101 -15.59 3.60 1.11
CA VAL A 101 -14.19 3.81 0.78
C VAL A 101 -13.81 5.29 0.87
N ASN A 102 -12.67 5.55 1.50
CA ASN A 102 -12.16 6.90 1.65
C ASN A 102 -10.64 6.87 1.66
N TRP A 103 -10.02 7.99 1.31
CA TRP A 103 -8.56 8.08 1.26
C TRP A 103 -7.93 7.46 2.51
N GLY A 104 -8.61 7.60 3.64
CA GLY A 104 -8.10 7.04 4.87
C GLY A 104 -8.04 5.54 4.83
N ARG A 105 -9.17 4.92 4.49
CA ARG A 105 -9.24 3.47 4.39
C ARG A 105 -8.20 2.97 3.39
N ILE A 106 -8.17 3.60 2.22
CA ILE A 106 -7.22 3.24 1.18
C ILE A 106 -5.81 3.16 1.76
N VAL A 107 -5.56 3.95 2.81
CA VAL A 107 -4.26 3.96 3.46
C VAL A 107 -4.03 2.65 4.21
N ALA A 108 -5.09 2.12 4.82
CA ALA A 108 -4.98 0.87 5.55
C ALA A 108 -4.72 -0.28 4.60
N PHE A 109 -5.29 -0.19 3.39
CA PHE A 109 -5.12 -1.22 2.38
C PHE A 109 -3.65 -1.39 2.03
N PHE A 110 -2.95 -0.26 1.88
CA PHE A 110 -1.54 -0.29 1.54
C PHE A 110 -0.71 -0.70 2.75
N GLU A 111 -1.05 -0.15 3.90
CA GLU A 111 -0.35 -0.46 5.14
C GLU A 111 -0.58 -1.93 5.50
N PHE A 112 -1.77 -2.42 5.19
CA PHE A 112 -2.13 -3.80 5.47
C PHE A 112 -1.20 -4.75 4.71
N GLY A 113 -1.16 -4.58 3.39
CA GLY A 113 -0.31 -5.43 2.56
C GLY A 113 1.15 -5.39 3.01
N GLY A 114 1.58 -4.23 3.49
CA GLY A 114 2.95 -4.07 3.94
C GLY A 114 3.25 -4.94 5.16
N VAL A 115 2.32 -4.94 6.11
CA VAL A 115 2.48 -5.72 7.33
C VAL A 115 2.65 -7.19 7.01
N MET A 116 1.77 -7.73 6.16
CA MET A 116 1.82 -9.12 5.76
C MET A 116 3.20 -9.47 5.19
N CYS A 117 3.70 -8.61 4.31
CA CYS A 117 5.00 -8.83 3.69
C CYS A 117 6.09 -8.91 4.74
N VAL A 118 6.02 -8.02 5.73
CA VAL A 118 7.00 -8.00 6.81
C VAL A 118 6.82 -9.19 7.75
N GLU A 119 5.58 -9.66 7.86
CA GLU A 119 5.27 -10.79 8.71
C GLU A 119 5.64 -12.11 8.04
N SER A 120 5.50 -12.15 6.72
CA SER A 120 5.82 -13.33 5.94
C SER A 120 7.31 -13.63 6.00
N VAL A 121 8.12 -12.59 5.82
CA VAL A 121 9.57 -12.74 5.86
C VAL A 121 10.04 -13.32 7.19
N ASN A 122 9.35 -12.94 8.26
CA ASN A 122 9.68 -13.42 9.60
C ASN A 122 9.49 -14.94 9.69
N ARG A 123 8.38 -15.42 9.16
CA ARG A 123 8.07 -16.85 9.19
C ARG A 123 8.68 -17.58 7.98
N GLU A 124 9.68 -16.97 7.36
CA GLU A 124 10.33 -17.57 6.20
C GLU A 124 9.34 -17.81 5.07
N MET A 125 8.48 -16.83 4.82
CA MET A 125 7.48 -16.94 3.77
C MET A 125 7.63 -15.80 2.76
N SER A 126 8.88 -15.51 2.39
CA SER A 126 9.17 -14.45 1.43
C SER A 126 8.24 -14.50 0.22
N PRO A 127 8.10 -15.69 -0.41
CA PRO A 127 7.23 -15.87 -1.58
C PRO A 127 5.88 -15.17 -1.42
N LEU A 128 5.41 -15.06 -0.18
CA LEU A 128 4.14 -14.41 0.10
C LEU A 128 4.19 -12.93 -0.23
N VAL A 129 5.35 -12.32 -0.02
CA VAL A 129 5.54 -10.90 -0.29
C VAL A 129 5.09 -10.55 -1.72
N ASP A 130 5.35 -11.46 -2.64
CA ASP A 130 4.97 -11.25 -4.04
C ASP A 130 3.48 -11.53 -4.24
N ASN A 131 2.93 -12.42 -3.43
CA ASN A 131 1.52 -12.76 -3.51
C ASN A 131 0.65 -11.68 -2.88
N ILE A 132 1.09 -11.18 -1.73
CA ILE A 132 0.35 -10.14 -1.03
C ILE A 132 0.24 -8.87 -1.88
N ALA A 133 1.38 -8.31 -2.23
CA ALA A 133 1.43 -7.10 -3.05
C ALA A 133 0.68 -7.31 -4.36
N LEU A 134 0.74 -8.52 -4.89
CA LEU A 134 0.08 -8.85 -6.14
C LEU A 134 -1.44 -8.68 -6.00
N TRP A 135 -1.98 -9.16 -4.89
CA TRP A 135 -3.40 -9.06 -4.63
C TRP A 135 -3.83 -7.61 -4.49
N MET A 136 -2.91 -6.78 -3.98
CA MET A 136 -3.18 -5.37 -3.80
C MET A 136 -3.35 -4.67 -5.14
N THR A 137 -2.44 -4.97 -6.08
CA THR A 137 -2.49 -4.38 -7.40
C THR A 137 -3.80 -4.74 -8.09
N GLU A 138 -4.19 -6.00 -7.99
CA GLU A 138 -5.43 -6.47 -8.59
C GLU A 138 -6.65 -5.84 -7.93
N TYR A 139 -6.69 -5.88 -6.60
CA TYR A 139 -7.81 -5.31 -5.86
C TYR A 139 -7.91 -3.81 -6.12
N LEU A 140 -6.78 -3.13 -6.05
CA LEU A 140 -6.74 -1.68 -6.27
C LEU A 140 -7.28 -1.33 -7.65
N ASN A 141 -6.90 -2.12 -8.65
CA ASN A 141 -7.34 -1.88 -10.02
C ASN A 141 -8.70 -2.53 -10.30
N ARG A 142 -9.11 -3.45 -9.44
CA ARG A 142 -10.38 -4.15 -9.61
C ARG A 142 -11.58 -3.33 -9.13
N HIS A 143 -11.58 -3.00 -7.84
CA HIS A 143 -12.69 -2.24 -7.26
C HIS A 143 -12.30 -0.80 -6.92
N LEU A 144 -11.10 -0.64 -6.36
CA LEU A 144 -10.62 0.68 -5.97
C LEU A 144 -10.24 1.54 -7.19
N HIS A 145 -10.28 0.94 -8.37
CA HIS A 145 -9.95 1.66 -9.59
C HIS A 145 -10.99 2.74 -9.91
N THR A 146 -12.25 2.35 -9.90
CA THR A 146 -13.34 3.30 -10.19
C THR A 146 -13.47 4.36 -9.10
N TRP A 147 -13.64 3.92 -7.86
CA TRP A 147 -13.78 4.84 -6.74
C TRP A 147 -12.72 5.94 -6.76
N ILE A 148 -11.46 5.55 -6.84
CA ILE A 148 -10.36 6.50 -6.87
C ILE A 148 -10.52 7.49 -8.03
N GLN A 149 -11.08 7.00 -9.14
CA GLN A 149 -11.28 7.85 -10.32
C GLN A 149 -12.34 8.91 -10.04
N ASP A 150 -13.24 8.63 -9.12
CA ASP A 150 -14.30 9.57 -8.77
C ASP A 150 -13.91 10.43 -7.57
N ASN A 151 -12.84 10.04 -6.89
CA ASN A 151 -12.36 10.79 -5.73
C ASN A 151 -11.17 11.66 -6.09
N GLY A 152 -11.17 12.13 -7.32
CA GLY A 152 -10.09 12.99 -7.80
C GLY A 152 -8.79 12.23 -8.00
N GLY A 153 -8.87 10.91 -8.05
CA GLY A 153 -7.68 10.10 -8.25
C GLY A 153 -6.60 10.38 -7.21
N TRP A 154 -5.45 9.76 -7.40
CA TRP A 154 -4.33 9.94 -6.48
C TRP A 154 -3.96 11.41 -6.35
N ASP A 155 -4.28 12.20 -7.38
CA ASP A 155 -3.99 13.63 -7.36
C ASP A 155 -4.64 14.29 -6.16
N ALA A 156 -5.90 13.97 -5.92
CA ALA A 156 -6.63 14.53 -4.79
C ALA A 156 -6.03 14.05 -3.47
N PHE A 157 -5.67 12.76 -3.43
CA PHE A 157 -5.07 12.18 -2.24
C PHE A 157 -3.75 12.89 -1.91
N VAL A 158 -2.95 13.11 -2.94
CA VAL A 158 -1.66 13.78 -2.79
C VAL A 158 -1.84 15.15 -2.13
N GLU A 159 -2.92 15.84 -2.50
CA GLU A 159 -3.22 17.14 -1.97
C GLU A 159 -3.67 17.03 -0.51
N LEU A 160 -4.42 15.98 -0.21
CA LEU A 160 -4.92 15.75 1.15
C LEU A 160 -3.80 15.30 2.08
N TYR A 161 -2.90 14.47 1.56
CA TYR A 161 -1.79 13.96 2.36
C TYR A 161 -0.45 14.53 1.88
N GLY A 162 -0.50 15.68 1.22
CA GLY A 162 0.71 16.30 0.73
C GLY A 162 1.75 16.50 1.82
N PRO A 163 2.93 17.06 1.47
CA PRO A 163 4.00 17.29 2.44
C PRO A 163 3.66 18.38 3.45
N SER A 164 2.91 19.38 3.01
CA SER A 164 2.52 20.48 3.87
C SER A 164 1.33 20.09 4.74
N MET A 165 0.51 19.17 4.24
CA MET A 165 -0.66 18.71 4.97
C MET A 165 -0.27 18.11 6.32
N ARG A 166 -0.36 18.94 7.36
CA ARG A 166 -0.01 18.49 8.71
C ARG A 166 -0.89 17.31 9.14
N PRO A 167 -0.48 16.59 10.20
CA PRO A 167 -1.24 15.44 10.70
C PRO A 167 -2.73 15.72 10.81
N LEU A 168 -3.48 15.32 9.80
CA LEU A 168 -4.92 15.52 9.77
C LEU A 168 -5.66 14.27 10.26
N PHE A 169 -6.98 14.28 10.14
CA PHE A 169 -7.80 13.15 10.57
C PHE A 169 -7.21 11.82 10.11
N ASP A 170 -7.53 10.76 10.86
CA ASP A 170 -7.03 9.43 10.54
C ASP A 170 -8.17 8.49 10.13
N PHE A 171 -7.81 7.27 9.76
CA PHE A 171 -8.79 6.27 9.35
C PHE A 171 -9.14 5.34 10.51
N SER A 172 -10.36 4.81 10.48
CA SER A 172 -10.81 3.88 11.52
C SER A 172 -10.05 2.56 11.43
N TRP A 173 -9.27 2.25 12.47
CA TRP A 173 -8.49 1.02 12.49
C TRP A 173 -9.37 -0.19 12.22
N LEU A 174 -8.96 -1.00 11.25
CA LEU A 174 -9.71 -2.20 10.89
C LEU A 174 -9.58 -3.27 11.98
N SER A 175 -10.19 -3.01 13.12
CA SER A 175 -10.15 -3.93 14.25
C SER A 175 -10.66 -5.31 13.85
N LEU A 176 -9.74 -6.27 13.75
CA LEU A 176 -10.11 -7.64 13.37
C LEU A 176 -9.63 -8.62 14.43
N LYS A 177 -10.53 -9.51 14.84
CA LYS A 177 -10.21 -10.52 15.85
C LYS A 177 -11.37 -11.49 16.03
N MET A 1 -19.38 2.10 -20.94
CA MET A 1 -18.66 3.37 -21.18
C MET A 1 -17.31 3.12 -21.88
N ALA A 2 -16.57 4.20 -22.12
CA ALA A 2 -15.27 4.09 -22.78
C ALA A 2 -14.43 5.33 -22.53
N HIS A 3 -13.49 5.22 -21.61
CA HIS A 3 -12.60 6.34 -21.27
C HIS A 3 -11.15 5.93 -21.37
N ALA A 4 -10.36 6.71 -22.11
CA ALA A 4 -8.94 6.43 -22.28
C ALA A 4 -8.14 7.71 -22.42
N GLY A 5 -7.28 7.98 -21.45
CA GLY A 5 -6.46 9.19 -21.49
C GLY A 5 -6.59 10.01 -20.22
N ARG A 6 -5.45 10.49 -19.71
CA ARG A 6 -5.43 11.29 -18.49
C ARG A 6 -5.96 10.50 -17.30
N THR A 7 -5.39 10.75 -16.13
CA THR A 7 -5.80 10.07 -14.91
C THR A 7 -5.74 8.55 -15.08
N GLY A 8 -4.53 8.01 -15.09
CA GLY A 8 -4.36 6.58 -15.24
C GLY A 8 -3.09 6.06 -14.59
N TYR A 9 -2.95 6.30 -13.30
CA TYR A 9 -1.78 5.87 -12.55
C TYR A 9 -1.63 4.35 -12.63
N ASP A 10 -0.54 3.84 -12.07
CA ASP A 10 -0.28 2.40 -12.07
C ASP A 10 -0.31 1.85 -10.64
N ASN A 11 -1.43 1.24 -10.27
CA ASN A 11 -1.58 0.67 -8.94
C ASN A 11 -0.53 -0.41 -8.69
N ARG A 12 -0.13 -1.09 -9.76
CA ARG A 12 0.87 -2.15 -9.66
C ARG A 12 2.21 -1.59 -9.23
N GLU A 13 2.52 -0.36 -9.67
CA GLU A 13 3.77 0.29 -9.33
C GLU A 13 3.69 0.92 -7.93
N ILE A 14 2.56 1.55 -7.65
CA ILE A 14 2.36 2.19 -6.35
C ILE A 14 2.48 1.16 -5.23
N VAL A 15 2.08 -0.06 -5.52
CA VAL A 15 2.15 -1.15 -4.56
C VAL A 15 3.58 -1.69 -4.45
N MET A 16 4.11 -2.17 -5.57
CA MET A 16 5.46 -2.71 -5.61
C MET A 16 6.46 -1.75 -4.97
N LYS A 17 6.20 -0.46 -5.10
CA LYS A 17 7.06 0.56 -4.52
C LYS A 17 6.82 0.70 -3.02
N TYR A 18 5.55 0.68 -2.64
CA TYR A 18 5.18 0.80 -1.23
C TYR A 18 5.69 -0.40 -0.44
N ILE A 19 5.71 -1.56 -1.09
CA ILE A 19 6.19 -2.78 -0.44
C ILE A 19 7.71 -2.87 -0.47
N HIS A 20 8.29 -2.60 -1.64
CA HIS A 20 9.74 -2.65 -1.80
C HIS A 20 10.43 -1.73 -0.80
N TYR A 21 9.95 -0.49 -0.71
CA TYR A 21 10.53 0.49 0.21
C TYR A 21 10.35 0.06 1.65
N LYS A 22 9.12 -0.25 2.02
CA LYS A 22 8.82 -0.69 3.39
C LYS A 22 9.60 -1.94 3.75
N LEU A 23 9.69 -2.88 2.81
CA LEU A 23 10.41 -4.12 3.03
C LEU A 23 11.89 -3.86 3.23
N SER A 24 12.42 -2.87 2.50
CA SER A 24 13.83 -2.51 2.61
C SER A 24 14.12 -1.77 3.90
N GLN A 25 13.12 -1.05 4.41
CA GLN A 25 13.28 -0.29 5.65
C GLN A 25 13.42 -1.23 6.84
N ARG A 26 12.72 -2.36 6.79
CA ARG A 26 12.78 -3.33 7.87
C ARG A 26 14.00 -4.24 7.76
N GLY A 27 14.67 -4.16 6.61
CA GLY A 27 15.86 -4.98 6.39
C GLY A 27 15.59 -6.16 5.48
N TYR A 28 14.50 -6.10 4.72
CA TYR A 28 14.14 -7.16 3.80
C TYR A 28 14.37 -6.75 2.36
N GLU A 29 14.88 -7.67 1.55
CA GLU A 29 15.16 -7.38 0.14
C GLU A 29 14.16 -8.11 -0.76
N TRP A 30 13.02 -7.48 -0.96
CA TRP A 30 11.97 -8.06 -1.81
C TRP A 30 12.28 -7.83 -3.29
N ASP A 31 12.21 -8.91 -4.07
CA ASP A 31 12.47 -8.84 -5.50
C ASP A 31 11.18 -9.01 -6.29
N ALA A 32 10.43 -7.91 -6.44
CA ALA A 32 9.17 -7.94 -7.16
C ALA A 32 9.39 -7.96 -8.67
N GLY A 33 10.20 -8.91 -9.14
CA GLY A 33 10.47 -9.02 -10.56
C GLY A 33 11.60 -8.13 -11.02
N ASP A 34 11.55 -6.85 -10.64
CA ASP A 34 12.58 -5.89 -11.02
C ASP A 34 13.98 -6.46 -10.83
N ASP A 35 14.59 -6.87 -11.94
CA ASP A 35 15.94 -7.44 -11.91
C ASP A 35 16.85 -6.72 -12.89
N VAL A 36 17.82 -5.98 -12.37
CA VAL A 36 18.76 -5.24 -13.20
C VAL A 36 20.19 -5.43 -12.71
N GLU A 37 20.78 -6.56 -13.06
CA GLU A 37 22.15 -6.86 -12.66
C GLU A 37 23.16 -6.28 -13.65
N GLU A 38 23.04 -4.99 -13.93
CA GLU A 38 23.94 -4.33 -14.87
C GLU A 38 24.45 -3.00 -14.30
N ASN A 39 24.16 -2.74 -13.02
CA ASN A 39 24.60 -1.51 -12.38
C ASN A 39 24.06 -0.28 -13.10
N ARG A 40 23.01 -0.47 -13.91
CA ARG A 40 22.43 0.64 -14.66
C ARG A 40 21.14 1.12 -14.00
N THR A 41 21.24 2.22 -13.25
CA THR A 41 20.09 2.78 -12.57
C THR A 41 19.55 4.00 -13.34
N GLU A 42 18.24 4.12 -13.41
CA GLU A 42 17.60 5.23 -14.10
C GLU A 42 17.63 6.49 -13.25
N ALA A 43 17.74 7.64 -13.91
CA ALA A 43 17.78 8.92 -13.20
C ALA A 43 16.37 9.36 -12.79
N PRO A 44 16.27 10.21 -11.76
CA PRO A 44 14.98 10.71 -11.27
C PRO A 44 14.30 11.63 -12.28
N GLU A 45 13.51 11.04 -13.17
CA GLU A 45 12.79 11.81 -14.18
C GLU A 45 11.29 11.65 -14.02
N GLY A 46 10.84 11.46 -12.80
CA GLY A 46 9.43 11.29 -12.53
C GLY A 46 9.07 11.57 -11.08
N THR A 47 9.32 12.79 -10.64
CA THR A 47 9.03 13.19 -9.26
C THR A 47 7.53 13.26 -9.02
N GLU A 48 6.79 13.65 -10.06
CA GLU A 48 5.34 13.75 -9.96
C GLU A 48 4.72 12.41 -9.61
N SER A 49 5.03 11.38 -10.39
CA SER A 49 4.51 10.05 -10.14
C SER A 49 5.06 9.50 -8.83
N GLU A 50 6.25 9.94 -8.47
CA GLU A 50 6.89 9.50 -7.23
C GLU A 50 6.14 10.06 -6.03
N VAL A 51 5.51 11.22 -6.21
CA VAL A 51 4.76 11.85 -5.14
C VAL A 51 3.61 10.95 -4.67
N VAL A 52 2.90 10.36 -5.63
CA VAL A 52 1.79 9.46 -5.29
C VAL A 52 2.28 8.33 -4.40
N HIS A 53 3.52 7.89 -4.63
CA HIS A 53 4.11 6.81 -3.87
C HIS A 53 4.75 7.36 -2.59
N LEU A 54 5.26 8.58 -2.68
CA LEU A 54 5.91 9.23 -1.53
C LEU A 54 4.87 9.68 -0.52
N THR A 55 3.97 10.57 -0.96
CA THR A 55 2.92 11.08 -0.08
C THR A 55 2.09 9.94 0.49
N LEU A 56 1.93 8.89 -0.31
CA LEU A 56 1.16 7.72 0.13
C LEU A 56 1.94 6.91 1.14
N ARG A 57 3.26 6.82 0.95
CA ARG A 57 4.12 6.08 1.86
C ARG A 57 4.20 6.77 3.21
N GLN A 58 4.41 8.08 3.18
CA GLN A 58 4.50 8.86 4.42
C GLN A 58 3.15 8.89 5.14
N ALA A 59 2.07 8.85 4.36
CA ALA A 59 0.73 8.86 4.92
C ALA A 59 0.50 7.63 5.79
N GLY A 60 0.81 6.46 5.24
CA GLY A 60 0.64 5.23 5.97
C GLY A 60 1.69 5.03 7.04
N ASP A 61 2.94 5.36 6.71
CA ASP A 61 4.04 5.23 7.65
C ASP A 61 3.78 6.05 8.91
N ASP A 62 3.25 7.25 8.73
CA ASP A 62 2.96 8.14 9.85
C ASP A 62 1.90 7.51 10.76
N PHE A 63 0.87 6.95 10.15
CA PHE A 63 -0.22 6.33 10.91
C PHE A 63 0.31 5.15 11.73
N SER A 64 1.22 4.39 11.14
CA SER A 64 1.81 3.23 11.81
C SER A 64 2.66 3.67 13.00
N ARG A 65 3.46 4.71 12.79
CA ARG A 65 4.32 5.23 13.84
C ARG A 65 3.51 5.75 15.02
N ARG A 66 2.31 6.27 14.71
CA ARG A 66 1.43 6.80 15.74
C ARG A 66 0.76 5.66 16.52
N TYR A 67 0.54 4.54 15.86
CA TYR A 67 -0.08 3.38 16.48
C TYR A 67 0.78 2.14 16.32
N ARG A 68 2.09 2.30 16.50
CA ARG A 68 3.03 1.19 16.36
C ARG A 68 2.63 0.03 17.28
N ARG A 69 2.21 0.37 18.50
CA ARG A 69 1.80 -0.65 19.46
C ARG A 69 0.62 -1.45 18.92
N ASP A 70 -0.43 -0.75 18.50
CA ASP A 70 -1.60 -1.41 17.95
C ASP A 70 -1.22 -2.27 16.75
N PHE A 71 -0.24 -1.79 15.98
CA PHE A 71 0.23 -2.50 14.81
C PHE A 71 1.01 -3.76 15.21
N ALA A 72 2.02 -3.57 16.06
CA ALA A 72 2.83 -4.68 16.53
C ALA A 72 1.99 -5.72 17.24
N GLU A 73 0.94 -5.26 17.92
CA GLU A 73 0.05 -6.14 18.65
C GLU A 73 -0.71 -7.06 17.70
N MET A 74 -1.13 -6.50 16.57
CA MET A 74 -1.86 -7.27 15.57
C MET A 74 -0.91 -8.01 14.65
N SER A 75 0.21 -7.37 14.31
CA SER A 75 1.20 -7.98 13.42
C SER A 75 1.96 -9.10 14.14
N SER A 76 2.61 -8.76 15.24
CA SER A 76 3.37 -9.74 16.01
C SER A 76 2.52 -10.95 16.37
N GLN A 77 1.22 -10.73 16.52
CA GLN A 77 0.30 -11.81 16.86
C GLN A 77 -0.41 -12.35 15.61
N LEU A 78 -0.37 -11.59 14.52
CA LEU A 78 -1.00 -11.99 13.29
C LEU A 78 -0.46 -13.33 12.79
N HIS A 79 -1.30 -14.36 12.79
CA HIS A 79 -0.90 -15.67 12.33
C HIS A 79 -0.99 -15.75 10.81
N LEU A 80 0.14 -15.60 10.14
CA LEU A 80 0.18 -15.63 8.68
C LEU A 80 0.37 -17.06 8.18
N THR A 81 -0.42 -17.42 7.16
CA THR A 81 -0.35 -18.76 6.57
C THR A 81 -0.76 -18.71 5.10
N PRO A 82 0.17 -19.05 4.18
CA PRO A 82 -0.12 -19.05 2.74
C PRO A 82 -1.38 -19.83 2.39
N PHE A 83 -1.74 -20.78 3.25
CA PHE A 83 -2.92 -21.60 3.04
C PHE A 83 -4.18 -20.73 2.94
N THR A 84 -4.52 -20.07 4.03
CA THR A 84 -5.71 -19.21 4.07
C THR A 84 -5.32 -17.73 4.12
N ALA A 85 -4.07 -17.43 3.76
CA ALA A 85 -3.60 -16.05 3.77
C ALA A 85 -4.46 -15.17 2.87
N ARG A 86 -4.73 -15.64 1.66
CA ARG A 86 -5.53 -14.89 0.70
C ARG A 86 -6.93 -14.65 1.26
N GLY A 87 -7.44 -15.61 2.01
CA GLY A 87 -8.76 -15.48 2.60
C GLY A 87 -8.82 -14.43 3.69
N ARG A 88 -7.78 -14.38 4.50
CA ARG A 88 -7.71 -13.42 5.60
C ARG A 88 -7.46 -12.02 5.06
N PHE A 89 -6.69 -11.93 3.98
CA PHE A 89 -6.38 -10.64 3.37
C PHE A 89 -7.65 -9.95 2.90
N ALA A 90 -8.59 -10.73 2.38
CA ALA A 90 -9.86 -10.20 1.90
C ALA A 90 -10.72 -9.72 3.07
N THR A 91 -10.62 -10.43 4.19
CA THR A 91 -11.38 -10.07 5.39
C THR A 91 -10.97 -8.69 5.89
N VAL A 92 -9.67 -8.42 5.87
CA VAL A 92 -9.15 -7.14 6.31
C VAL A 92 -9.48 -6.04 5.29
N VAL A 93 -9.49 -6.43 4.02
CA VAL A 93 -9.78 -5.50 2.94
C VAL A 93 -11.27 -5.20 2.85
N GLU A 94 -12.08 -6.25 2.70
CA GLU A 94 -13.52 -6.10 2.60
C GLU A 94 -14.08 -5.34 3.80
N GLU A 95 -13.39 -5.41 4.93
CA GLU A 95 -13.84 -4.71 6.12
C GLU A 95 -13.38 -3.25 6.05
N LEU A 96 -12.29 -3.01 5.33
CA LEU A 96 -11.75 -1.68 5.17
C LEU A 96 -12.70 -0.81 4.34
N PHE A 97 -13.31 -1.41 3.32
CA PHE A 97 -14.23 -0.67 2.46
C PHE A 97 -15.67 -1.15 2.63
N ARG A 98 -15.92 -1.92 3.69
CA ARG A 98 -17.25 -2.44 3.95
C ARG A 98 -18.20 -1.30 4.36
N ASP A 99 -17.70 -0.39 5.18
CA ASP A 99 -18.50 0.73 5.64
C ASP A 99 -18.21 1.98 4.80
N GLY A 100 -17.75 1.78 3.58
CA GLY A 100 -17.44 2.90 2.71
C GLY A 100 -15.96 3.05 2.44
N VAL A 101 -15.61 3.77 1.38
CA VAL A 101 -14.22 3.98 1.03
C VAL A 101 -13.80 5.43 1.27
N ASN A 102 -12.54 5.61 1.68
CA ASN A 102 -12.00 6.92 1.94
C ASN A 102 -10.47 6.91 1.84
N TRP A 103 -9.88 8.04 1.51
CA TRP A 103 -8.43 8.14 1.38
C TRP A 103 -7.73 7.51 2.57
N GLY A 104 -8.27 7.72 3.77
CA GLY A 104 -7.68 7.15 4.96
C GLY A 104 -7.78 5.63 4.96
N ARG A 105 -8.98 5.13 4.69
CA ARG A 105 -9.21 3.70 4.64
C ARG A 105 -8.29 3.06 3.61
N ILE A 106 -8.15 3.71 2.46
CA ILE A 106 -7.28 3.22 1.40
C ILE A 106 -5.85 3.05 1.93
N VAL A 107 -5.50 3.87 2.91
CA VAL A 107 -4.18 3.81 3.51
C VAL A 107 -4.00 2.49 4.25
N ALA A 108 -5.06 2.03 4.91
CA ALA A 108 -5.01 0.77 5.63
C ALA A 108 -4.74 -0.38 4.68
N PHE A 109 -5.30 -0.28 3.48
CA PHE A 109 -5.12 -1.30 2.45
C PHE A 109 -3.64 -1.45 2.10
N PHE A 110 -2.94 -0.32 1.99
CA PHE A 110 -1.52 -0.33 1.66
C PHE A 110 -0.69 -0.73 2.87
N GLU A 111 -1.04 -0.19 4.03
CA GLU A 111 -0.33 -0.51 5.26
C GLU A 111 -0.55 -1.96 5.64
N PHE A 112 -1.77 -2.45 5.43
CA PHE A 112 -2.12 -3.82 5.73
C PHE A 112 -1.24 -4.80 4.96
N GLY A 113 -1.19 -4.61 3.64
CA GLY A 113 -0.37 -5.46 2.80
C GLY A 113 1.09 -5.42 3.18
N GLY A 114 1.58 -4.24 3.53
CA GLY A 114 2.97 -4.09 3.91
C GLY A 114 3.31 -4.90 5.15
N VAL A 115 2.38 -4.96 6.09
CA VAL A 115 2.57 -5.70 7.32
C VAL A 115 2.79 -7.18 7.03
N MET A 116 1.88 -7.77 6.28
CA MET A 116 1.97 -9.19 5.91
C MET A 116 3.33 -9.50 5.29
N CYS A 117 3.79 -8.61 4.43
CA CYS A 117 5.09 -8.79 3.76
C CYS A 117 6.20 -8.87 4.78
N VAL A 118 6.19 -7.95 5.75
CA VAL A 118 7.21 -7.92 6.79
C VAL A 118 7.03 -9.09 7.76
N GLU A 119 5.77 -9.47 7.97
CA GLU A 119 5.46 -10.58 8.87
C GLU A 119 5.78 -11.92 8.20
N SER A 120 5.65 -11.96 6.88
CA SER A 120 5.92 -13.18 6.12
C SER A 120 7.40 -13.52 6.17
N VAL A 121 8.24 -12.50 5.97
CA VAL A 121 9.68 -12.69 5.99
C VAL A 121 10.15 -13.25 7.34
N ASN A 122 9.44 -12.88 8.41
CA ASN A 122 9.76 -13.34 9.74
C ASN A 122 9.72 -14.86 9.82
N ARG A 123 8.64 -15.44 9.30
CA ARG A 123 8.46 -16.89 9.32
C ARG A 123 8.99 -17.53 8.04
N GLU A 124 9.93 -16.84 7.39
CA GLU A 124 10.53 -17.36 6.16
C GLU A 124 9.46 -17.60 5.09
N MET A 125 8.57 -16.63 4.91
CA MET A 125 7.51 -16.75 3.93
C MET A 125 7.64 -15.66 2.86
N SER A 126 8.88 -15.41 2.44
CA SER A 126 9.16 -14.40 1.42
C SER A 126 8.16 -14.47 0.26
N PRO A 127 7.95 -15.66 -0.31
CA PRO A 127 7.02 -15.83 -1.43
C PRO A 127 5.70 -15.11 -1.22
N LEU A 128 5.31 -14.93 0.05
CA LEU A 128 4.07 -14.25 0.38
C LEU A 128 4.15 -12.77 0.01
N VAL A 129 5.33 -12.19 0.16
CA VAL A 129 5.55 -10.78 -0.15
C VAL A 129 5.12 -10.48 -1.59
N ASP A 130 5.29 -11.46 -2.47
CA ASP A 130 4.92 -11.29 -3.87
C ASP A 130 3.42 -11.52 -4.06
N ASN A 131 2.85 -12.39 -3.23
CA ASN A 131 1.43 -12.70 -3.31
C ASN A 131 0.60 -11.57 -2.71
N ILE A 132 1.06 -11.04 -1.57
CA ILE A 132 0.36 -9.97 -0.90
C ILE A 132 0.28 -8.73 -1.77
N ALA A 133 1.45 -8.23 -2.19
CA ALA A 133 1.50 -7.05 -3.05
C ALA A 133 0.74 -7.27 -4.34
N LEU A 134 0.79 -8.50 -4.85
CA LEU A 134 0.10 -8.85 -6.08
C LEU A 134 -1.41 -8.67 -5.91
N TRP A 135 -1.92 -9.09 -4.77
CA TRP A 135 -3.35 -8.98 -4.48
C TRP A 135 -3.76 -7.52 -4.41
N MET A 136 -2.87 -6.68 -3.90
CA MET A 136 -3.15 -5.26 -3.78
C MET A 136 -3.30 -4.63 -5.16
N THR A 137 -2.39 -4.96 -6.06
CA THR A 137 -2.43 -4.43 -7.42
C THR A 137 -3.76 -4.77 -8.08
N GLU A 138 -4.19 -6.01 -7.92
CA GLU A 138 -5.45 -6.47 -8.50
C GLU A 138 -6.65 -5.77 -7.85
N TYR A 139 -6.69 -5.77 -6.52
CA TYR A 139 -7.79 -5.15 -5.79
C TYR A 139 -7.85 -3.66 -6.11
N LEU A 140 -6.71 -2.98 -5.97
CA LEU A 140 -6.63 -1.55 -6.24
C LEU A 140 -7.14 -1.22 -7.64
N ASN A 141 -6.79 -2.06 -8.60
CA ASN A 141 -7.20 -1.87 -9.99
C ASN A 141 -8.58 -2.46 -10.27
N ARG A 142 -9.05 -3.32 -9.36
CA ARG A 142 -10.35 -3.96 -9.55
C ARG A 142 -11.50 -3.19 -8.88
N HIS A 143 -11.41 -3.02 -7.56
CA HIS A 143 -12.46 -2.34 -6.81
C HIS A 143 -12.11 -0.88 -6.50
N LEU A 144 -10.91 -0.64 -5.98
CA LEU A 144 -10.50 0.71 -5.62
C LEU A 144 -10.10 1.54 -6.83
N HIS A 145 -10.20 0.96 -8.03
CA HIS A 145 -9.84 1.68 -9.24
C HIS A 145 -10.87 2.75 -9.58
N THR A 146 -12.14 2.38 -9.51
CA THR A 146 -13.22 3.31 -9.82
C THR A 146 -13.34 4.41 -8.76
N TRP A 147 -13.57 4.00 -7.51
CA TRP A 147 -13.71 4.95 -6.41
C TRP A 147 -12.64 6.03 -6.46
N ILE A 148 -11.37 5.62 -6.50
CA ILE A 148 -10.26 6.56 -6.54
C ILE A 148 -10.42 7.53 -7.72
N GLN A 149 -10.92 7.03 -8.84
CA GLN A 149 -11.11 7.86 -10.02
C GLN A 149 -12.18 8.93 -9.77
N ASP A 150 -13.12 8.61 -8.89
CA ASP A 150 -14.19 9.54 -8.55
C ASP A 150 -13.74 10.54 -7.48
N ASN A 151 -12.67 10.21 -6.77
CA ASN A 151 -12.14 11.08 -5.73
C ASN A 151 -10.95 11.88 -6.23
N GLY A 152 -10.97 12.20 -7.51
CA GLY A 152 -9.89 12.96 -8.11
C GLY A 152 -8.61 12.16 -8.24
N GLY A 153 -8.72 10.83 -8.16
CA GLY A 153 -7.56 9.98 -8.28
C GLY A 153 -6.48 10.31 -7.27
N TRP A 154 -5.28 9.79 -7.48
CA TRP A 154 -4.15 10.04 -6.59
C TRP A 154 -3.86 11.53 -6.50
N ASP A 155 -4.18 12.26 -7.56
CA ASP A 155 -3.96 13.71 -7.59
C ASP A 155 -4.63 14.38 -6.41
N ALA A 156 -5.81 13.90 -6.06
CA ALA A 156 -6.57 14.44 -4.93
C ALA A 156 -5.95 14.03 -3.61
N PHE A 157 -5.58 12.75 -3.52
CA PHE A 157 -4.96 12.22 -2.30
C PHE A 157 -3.68 12.97 -1.99
N VAL A 158 -2.86 13.18 -3.02
CA VAL A 158 -1.59 13.90 -2.86
C VAL A 158 -1.82 15.28 -2.27
N GLU A 159 -2.86 15.95 -2.75
CA GLU A 159 -3.19 17.29 -2.28
C GLU A 159 -3.68 17.24 -0.83
N LEU A 160 -4.42 16.19 -0.51
CA LEU A 160 -4.96 16.02 0.84
C LEU A 160 -3.92 15.44 1.80
N TYR A 161 -2.94 14.74 1.26
CA TYR A 161 -1.90 14.13 2.08
C TYR A 161 -0.52 14.74 1.79
N GLY A 162 -0.51 15.88 1.11
CA GLY A 162 0.74 16.54 0.79
C GLY A 162 1.59 16.81 2.02
N PRO A 163 2.71 17.55 1.88
CA PRO A 163 3.59 17.87 2.99
C PRO A 163 3.03 18.95 3.91
N SER A 164 2.49 20.01 3.30
CA SER A 164 1.92 21.11 4.06
C SER A 164 0.61 20.70 4.74
N MET A 165 -0.09 19.75 4.13
CA MET A 165 -1.36 19.27 4.67
C MET A 165 -1.19 18.76 6.10
N ARG A 166 -1.74 19.52 7.05
CA ARG A 166 -1.65 19.15 8.46
C ARG A 166 -2.42 17.86 8.73
N PRO A 167 -2.09 17.17 9.84
CA PRO A 167 -2.75 15.91 10.21
C PRO A 167 -4.17 16.13 10.70
N LEU A 168 -5.14 15.94 9.79
CA LEU A 168 -6.55 16.10 10.14
C LEU A 168 -7.41 15.06 9.43
N PHE A 169 -6.90 13.84 9.36
CA PHE A 169 -7.63 12.75 8.71
C PHE A 169 -7.33 11.42 9.40
N ASP A 170 -8.35 10.86 10.06
CA ASP A 170 -8.20 9.60 10.77
C ASP A 170 -9.18 8.56 10.23
N PHE A 171 -8.70 7.32 10.09
CA PHE A 171 -9.52 6.23 9.58
C PHE A 171 -9.85 5.24 10.69
N SER A 172 -11.06 4.68 10.65
CA SER A 172 -11.49 3.72 11.65
C SER A 172 -10.66 2.46 11.56
N TRP A 173 -9.90 2.16 12.61
CA TRP A 173 -9.05 0.97 12.65
C TRP A 173 -9.82 -0.27 12.20
N LEU A 174 -9.13 -1.16 11.49
CA LEU A 174 -9.75 -2.39 11.00
C LEU A 174 -9.67 -3.50 12.05
N SER A 175 -10.57 -3.42 13.03
CA SER A 175 -10.62 -4.41 14.11
C SER A 175 -11.02 -5.77 13.58
N LEU A 176 -10.16 -6.76 13.78
CA LEU A 176 -10.43 -8.12 13.33
C LEU A 176 -9.90 -9.15 14.32
N LYS A 177 -10.73 -10.14 14.65
CA LYS A 177 -10.33 -11.18 15.58
C LYS A 177 -11.15 -12.45 15.35
N MET A 1 -14.12 11.11 -26.78
CA MET A 1 -12.93 11.44 -27.61
C MET A 1 -12.10 12.55 -26.98
N ALA A 2 -11.01 12.17 -26.33
CA ALA A 2 -10.14 13.15 -25.69
C ALA A 2 -8.89 12.47 -25.12
N HIS A 3 -7.73 12.85 -25.62
CA HIS A 3 -6.46 12.29 -25.17
C HIS A 3 -6.21 12.64 -23.70
N ALA A 4 -5.67 11.67 -22.96
CA ALA A 4 -5.38 11.88 -21.54
C ALA A 4 -3.88 11.80 -21.28
N GLY A 5 -3.34 12.89 -20.73
CA GLY A 5 -1.91 12.93 -20.43
C GLY A 5 -1.60 12.48 -19.02
N ARG A 6 -1.71 13.40 -18.07
CA ARG A 6 -1.44 13.08 -16.67
C ARG A 6 -2.64 12.41 -16.02
N THR A 7 -3.02 11.25 -16.55
CA THR A 7 -4.15 10.50 -16.03
C THR A 7 -3.99 9.01 -16.30
N GLY A 8 -4.08 8.20 -15.25
CA GLY A 8 -3.95 6.77 -15.41
C GLY A 8 -2.78 6.21 -14.62
N TYR A 9 -2.82 6.38 -13.31
CA TYR A 9 -1.75 5.89 -12.44
C TYR A 9 -1.71 4.36 -12.44
N ASP A 10 -0.50 3.81 -12.32
CA ASP A 10 -0.31 2.37 -12.31
C ASP A 10 -0.33 1.85 -10.87
N ASN A 11 -1.45 1.24 -10.48
CA ASN A 11 -1.59 0.69 -9.13
C ASN A 11 -0.49 -0.33 -8.85
N ARG A 12 -0.03 -1.01 -9.89
CA ARG A 12 1.02 -2.02 -9.75
C ARG A 12 2.31 -1.38 -9.22
N GLU A 13 2.69 -0.26 -9.81
CA GLU A 13 3.90 0.44 -9.39
C GLU A 13 3.72 1.06 -8.00
N ILE A 14 2.57 1.68 -7.78
CA ILE A 14 2.28 2.30 -6.50
C ILE A 14 2.40 1.29 -5.36
N VAL A 15 2.06 0.04 -5.67
CA VAL A 15 2.14 -1.03 -4.68
C VAL A 15 3.58 -1.53 -4.54
N MET A 16 4.15 -2.01 -5.64
CA MET A 16 5.51 -2.53 -5.63
C MET A 16 6.46 -1.57 -4.92
N LYS A 17 6.19 -0.27 -5.04
CA LYS A 17 7.02 0.74 -4.39
C LYS A 17 6.67 0.86 -2.91
N TYR A 18 5.37 0.78 -2.61
CA TYR A 18 4.90 0.86 -1.24
C TYR A 18 5.45 -0.28 -0.39
N ILE A 19 5.40 -1.49 -0.95
CA ILE A 19 5.90 -2.67 -0.26
C ILE A 19 7.42 -2.61 -0.10
N HIS A 20 8.10 -2.23 -1.18
CA HIS A 20 9.56 -2.12 -1.17
C HIS A 20 10.04 -1.22 -0.04
N TYR A 21 9.45 -0.04 0.06
CA TYR A 21 9.83 0.91 1.10
C TYR A 21 9.63 0.32 2.49
N LYS A 22 8.43 -0.17 2.76
CA LYS A 22 8.11 -0.77 4.05
C LYS A 22 8.96 -2.02 4.29
N LEU A 23 9.36 -2.68 3.21
CA LEU A 23 10.17 -3.89 3.31
C LEU A 23 11.64 -3.55 3.52
N SER A 24 12.05 -2.40 3.00
CA SER A 24 13.44 -1.94 3.12
C SER A 24 13.69 -1.31 4.48
N GLN A 25 12.70 -0.57 4.98
CA GLN A 25 12.81 0.10 6.27
C GLN A 25 12.97 -0.91 7.40
N ARG A 26 12.37 -2.08 7.22
CA ARG A 26 12.44 -3.13 8.24
C ARG A 26 13.72 -3.96 8.09
N GLY A 27 14.39 -3.81 6.95
CA GLY A 27 15.62 -4.54 6.72
C GLY A 27 15.43 -5.72 5.77
N TYR A 28 14.26 -5.78 5.14
CA TYR A 28 13.97 -6.86 4.19
C TYR A 28 14.22 -6.41 2.76
N GLU A 29 14.80 -7.30 1.96
CA GLU A 29 15.11 -6.99 0.57
C GLU A 29 14.18 -7.76 -0.37
N TRP A 30 13.01 -7.18 -0.63
CA TRP A 30 12.04 -7.81 -1.51
C TRP A 30 12.48 -7.73 -2.96
N ASP A 31 12.24 -8.79 -3.73
CA ASP A 31 12.62 -8.85 -5.12
C ASP A 31 11.38 -8.87 -6.01
N ALA A 32 10.78 -7.70 -6.20
CA ALA A 32 9.58 -7.59 -7.02
C ALA A 32 9.93 -7.62 -8.51
N GLY A 33 10.64 -8.68 -8.92
CA GLY A 33 11.03 -8.82 -10.31
C GLY A 33 11.86 -7.65 -10.79
N ASP A 34 12.60 -7.03 -9.89
CA ASP A 34 13.44 -5.88 -10.23
C ASP A 34 14.92 -6.22 -10.07
N ASP A 35 15.56 -6.54 -11.20
CA ASP A 35 16.98 -6.88 -11.18
C ASP A 35 17.83 -5.74 -11.72
N VAL A 36 18.33 -4.90 -10.82
CA VAL A 36 19.16 -3.76 -11.20
C VAL A 36 20.48 -3.75 -10.44
N GLU A 37 21.39 -4.63 -10.84
CA GLU A 37 22.70 -4.72 -10.19
C GLU A 37 23.64 -3.64 -10.71
N GLU A 38 23.26 -2.39 -10.51
CA GLU A 38 24.06 -1.26 -10.96
C GLU A 38 23.48 0.07 -10.45
N ASN A 39 23.92 1.16 -11.05
CA ASN A 39 23.45 2.48 -10.65
C ASN A 39 22.55 3.08 -11.73
N ARG A 40 21.85 2.23 -12.46
CA ARG A 40 20.95 2.67 -13.52
C ARG A 40 19.63 3.15 -12.94
N THR A 41 19.51 4.46 -12.74
CA THR A 41 18.30 5.05 -12.19
C THR A 41 17.43 5.62 -13.31
N GLU A 42 16.12 5.60 -13.10
CA GLU A 42 15.18 6.12 -14.10
C GLU A 42 15.35 7.62 -14.26
N ALA A 43 15.16 8.10 -15.49
CA ALA A 43 15.29 9.52 -15.79
C ALA A 43 14.09 10.31 -15.26
N PRO A 44 14.27 11.63 -15.02
CA PRO A 44 13.20 12.48 -14.51
C PRO A 44 12.10 12.70 -15.55
N GLU A 45 11.20 11.73 -15.66
CA GLU A 45 10.10 11.83 -16.62
C GLU A 45 8.76 12.01 -15.89
N GLY A 46 8.66 11.47 -14.69
CA GLY A 46 7.45 11.58 -13.92
C GLY A 46 7.69 12.14 -12.52
N THR A 47 7.97 13.44 -12.44
CA THR A 47 8.22 14.09 -11.17
C THR A 47 6.95 14.11 -10.31
N GLU A 48 5.86 14.58 -10.89
CA GLU A 48 4.59 14.64 -10.18
C GLU A 48 4.10 13.25 -9.79
N SER A 49 4.23 12.30 -10.72
CA SER A 49 3.81 10.92 -10.47
C SER A 49 4.54 10.35 -9.26
N GLU A 50 5.76 10.81 -9.03
CA GLU A 50 6.55 10.34 -7.90
C GLU A 50 5.92 10.73 -6.58
N VAL A 51 5.20 11.85 -6.57
CA VAL A 51 4.54 12.33 -5.37
C VAL A 51 3.48 11.33 -4.89
N VAL A 52 2.70 10.80 -5.82
CA VAL A 52 1.66 9.85 -5.47
C VAL A 52 2.23 8.67 -4.68
N HIS A 53 3.49 8.36 -4.93
CA HIS A 53 4.17 7.27 -4.23
C HIS A 53 4.75 7.75 -2.91
N LEU A 54 5.47 8.87 -2.97
CA LEU A 54 6.10 9.44 -1.78
C LEU A 54 5.04 9.83 -0.75
N THR A 55 4.13 10.71 -1.16
CA THR A 55 3.06 11.17 -0.27
C THR A 55 2.27 9.98 0.26
N LEU A 56 2.06 8.98 -0.58
CA LEU A 56 1.31 7.79 -0.18
C LEU A 56 2.12 6.96 0.81
N ARG A 57 3.35 6.62 0.45
CA ARG A 57 4.22 5.84 1.32
C ARG A 57 4.45 6.57 2.64
N GLN A 58 4.46 7.89 2.58
CA GLN A 58 4.66 8.71 3.76
C GLN A 58 3.38 8.79 4.59
N ALA A 59 2.24 8.74 3.91
CA ALA A 59 0.95 8.79 4.57
C ALA A 59 0.79 7.63 5.55
N GLY A 60 1.05 6.42 5.05
CA GLY A 60 0.94 5.24 5.88
C GLY A 60 2.08 5.14 6.88
N ASP A 61 3.26 5.53 6.45
CA ASP A 61 4.44 5.48 7.30
C ASP A 61 4.26 6.38 8.52
N ASP A 62 3.59 7.51 8.32
CA ASP A 62 3.34 8.46 9.40
C ASP A 62 2.40 7.85 10.44
N PHE A 63 1.34 7.20 9.96
CA PHE A 63 0.38 6.57 10.85
C PHE A 63 0.94 5.28 11.44
N SER A 64 1.83 4.63 10.69
CA SER A 64 2.44 3.39 11.12
C SER A 64 3.37 3.63 12.32
N ARG A 65 4.29 4.58 12.16
CA ARG A 65 5.23 4.92 13.21
C ARG A 65 4.50 5.37 14.48
N ARG A 66 3.35 6.01 14.29
CA ARG A 66 2.55 6.49 15.42
C ARG A 66 1.73 5.35 16.02
N TYR A 67 1.36 4.39 15.17
CA TYR A 67 0.56 3.25 15.62
C TYR A 67 1.38 1.96 15.57
N ARG A 68 2.69 2.09 15.72
CA ARG A 68 3.57 0.93 15.69
C ARG A 68 3.19 -0.07 16.78
N ARG A 69 2.71 0.44 17.91
CA ARG A 69 2.31 -0.42 19.01
C ARG A 69 1.08 -1.25 18.61
N ASP A 70 0.01 -0.57 18.23
CA ASP A 70 -1.21 -1.26 17.81
C ASP A 70 -0.92 -2.17 16.62
N PHE A 71 0.09 -1.79 15.84
CA PHE A 71 0.49 -2.59 14.68
C PHE A 71 1.20 -3.86 15.11
N ALA A 72 2.23 -3.71 15.93
CA ALA A 72 2.98 -4.86 16.42
C ALA A 72 2.09 -5.80 17.21
N GLU A 73 1.05 -5.24 17.84
CA GLU A 73 0.12 -6.02 18.63
C GLU A 73 -0.69 -6.95 17.73
N MET A 74 -1.16 -6.42 16.60
CA MET A 74 -1.96 -7.20 15.66
C MET A 74 -1.06 -8.00 14.72
N SER A 75 0.09 -7.43 14.39
CA SER A 75 1.05 -8.08 13.50
C SER A 75 1.68 -9.29 14.19
N SER A 76 2.14 -9.10 15.41
CA SER A 76 2.78 -10.17 16.17
C SER A 76 1.83 -11.35 16.34
N GLN A 77 0.60 -11.06 16.76
CA GLN A 77 -0.41 -12.10 16.96
C GLN A 77 -1.03 -12.52 15.63
N LEU A 78 -0.83 -11.71 14.60
CA LEU A 78 -1.38 -12.01 13.28
C LEU A 78 -0.91 -13.37 12.77
N HIS A 79 -1.84 -14.33 12.71
CA HIS A 79 -1.52 -15.66 12.24
C HIS A 79 -1.50 -15.71 10.71
N LEU A 80 -0.30 -15.65 10.14
CA LEU A 80 -0.15 -15.67 8.69
C LEU A 80 0.07 -17.08 8.18
N THR A 81 -0.68 -17.46 7.15
CA THR A 81 -0.56 -18.79 6.55
C THR A 81 -0.93 -18.73 5.06
N PRO A 82 -0.04 -19.23 4.19
CA PRO A 82 -0.28 -19.23 2.74
C PRO A 82 -1.50 -20.06 2.35
N PHE A 83 -1.98 -20.90 3.27
CA PHE A 83 -3.13 -21.74 3.02
C PHE A 83 -4.42 -20.93 2.95
N THR A 84 -4.60 -20.01 3.89
CA THR A 84 -5.79 -19.18 3.93
C THR A 84 -5.45 -17.70 4.08
N ALA A 85 -4.21 -17.34 3.78
CA ALA A 85 -3.78 -15.94 3.88
C ALA A 85 -4.63 -15.04 3.00
N ARG A 86 -4.91 -15.49 1.79
CA ARG A 86 -5.72 -14.72 0.86
C ARG A 86 -7.13 -14.50 1.42
N GLY A 87 -7.62 -15.48 2.15
CA GLY A 87 -8.94 -15.37 2.74
C GLY A 87 -9.01 -14.36 3.86
N ARG A 88 -7.96 -14.31 4.68
CA ARG A 88 -7.89 -13.37 5.79
C ARG A 88 -7.63 -11.96 5.28
N PHE A 89 -6.84 -11.85 4.21
CA PHE A 89 -6.52 -10.56 3.62
C PHE A 89 -7.79 -9.86 3.15
N ALA A 90 -8.72 -10.64 2.64
CA ALA A 90 -9.99 -10.10 2.17
C ALA A 90 -10.87 -9.66 3.33
N THR A 91 -10.73 -10.34 4.47
CA THR A 91 -11.50 -10.01 5.66
C THR A 91 -11.10 -8.62 6.17
N VAL A 92 -9.81 -8.33 6.13
CA VAL A 92 -9.28 -7.05 6.57
C VAL A 92 -9.61 -5.96 5.56
N VAL A 93 -9.61 -6.34 4.28
CA VAL A 93 -9.90 -5.40 3.20
C VAL A 93 -11.40 -5.13 3.12
N GLU A 94 -12.20 -6.20 3.09
CA GLU A 94 -13.64 -6.07 2.99
C GLU A 94 -14.18 -5.14 4.07
N GLU A 95 -13.59 -5.19 5.26
CA GLU A 95 -14.01 -4.34 6.36
C GLU A 95 -13.51 -2.92 6.12
N LEU A 96 -12.39 -2.81 5.43
CA LEU A 96 -11.79 -1.52 5.11
C LEU A 96 -12.70 -0.71 4.19
N PHE A 97 -13.34 -1.39 3.24
CA PHE A 97 -14.22 -0.72 2.29
C PHE A 97 -15.68 -1.14 2.46
N ARG A 98 -15.99 -1.78 3.58
CA ARG A 98 -17.34 -2.22 3.87
C ARG A 98 -18.22 -1.04 4.25
N ASP A 99 -17.66 -0.11 5.01
CA ASP A 99 -18.40 1.08 5.45
C ASP A 99 -18.15 2.25 4.51
N GLY A 100 -17.69 1.97 3.30
CA GLY A 100 -17.43 3.03 2.34
C GLY A 100 -15.95 3.32 2.20
N VAL A 101 -15.45 3.30 0.97
CA VAL A 101 -14.04 3.56 0.71
C VAL A 101 -13.71 5.03 0.98
N ASN A 102 -12.48 5.26 1.43
CA ASN A 102 -12.01 6.61 1.72
C ASN A 102 -10.49 6.67 1.66
N TRP A 103 -9.94 7.84 1.36
CA TRP A 103 -8.50 8.02 1.28
C TRP A 103 -7.79 7.41 2.49
N GLY A 104 -8.33 7.67 3.67
CA GLY A 104 -7.74 7.11 4.89
C GLY A 104 -7.80 5.60 4.88
N ARG A 105 -8.98 5.07 4.56
CA ARG A 105 -9.16 3.62 4.50
C ARG A 105 -8.16 3.01 3.54
N ILE A 106 -8.07 3.60 2.35
CA ILE A 106 -7.15 3.13 1.32
C ILE A 106 -5.74 2.98 1.91
N VAL A 107 -5.42 3.83 2.88
CA VAL A 107 -4.12 3.78 3.54
C VAL A 107 -3.97 2.47 4.31
N ALA A 108 -5.07 2.01 4.92
CA ALA A 108 -5.05 0.77 5.65
C ALA A 108 -4.80 -0.40 4.72
N PHE A 109 -5.33 -0.30 3.51
CA PHE A 109 -5.17 -1.34 2.50
C PHE A 109 -3.70 -1.46 2.10
N PHE A 110 -3.04 -0.33 1.93
CA PHE A 110 -1.64 -0.31 1.55
C PHE A 110 -0.77 -0.72 2.72
N GLU A 111 -1.12 -0.24 3.91
CA GLU A 111 -0.39 -0.57 5.12
C GLU A 111 -0.62 -2.03 5.50
N PHE A 112 -1.82 -2.51 5.20
CA PHE A 112 -2.19 -3.89 5.50
C PHE A 112 -1.27 -4.86 4.75
N GLY A 113 -1.22 -4.71 3.43
CA GLY A 113 -0.38 -5.58 2.62
C GLY A 113 1.07 -5.51 3.02
N GLY A 114 1.51 -4.32 3.43
CA GLY A 114 2.89 -4.14 3.84
C GLY A 114 3.22 -4.95 5.08
N VAL A 115 2.26 -5.03 5.99
CA VAL A 115 2.44 -5.80 7.23
C VAL A 115 2.67 -7.27 6.92
N MET A 116 1.78 -7.84 6.12
CA MET A 116 1.88 -9.25 5.74
C MET A 116 3.26 -9.56 5.19
N CYS A 117 3.78 -8.67 4.35
CA CYS A 117 5.10 -8.85 3.75
C CYS A 117 6.16 -8.94 4.84
N VAL A 118 6.13 -8.00 5.78
CA VAL A 118 7.09 -7.97 6.87
C VAL A 118 6.86 -9.14 7.82
N GLU A 119 5.61 -9.59 7.92
CA GLU A 119 5.27 -10.70 8.79
C GLU A 119 5.65 -12.03 8.14
N SER A 120 5.51 -12.09 6.82
CA SER A 120 5.86 -13.30 6.08
C SER A 120 7.34 -13.59 6.18
N VAL A 121 8.16 -12.58 5.93
CA VAL A 121 9.61 -12.73 6.00
C VAL A 121 10.04 -13.22 7.37
N ASN A 122 9.30 -12.82 8.40
CA ASN A 122 9.60 -13.22 9.77
C ASN A 122 9.44 -14.72 9.94
N ARG A 123 8.32 -15.25 9.44
CA ARG A 123 8.04 -16.68 9.55
C ARG A 123 8.67 -17.46 8.39
N GLU A 124 9.61 -16.83 7.68
CA GLU A 124 10.29 -17.48 6.57
C GLU A 124 9.34 -17.75 5.41
N MET A 125 8.50 -16.76 5.09
CA MET A 125 7.55 -16.89 3.99
C MET A 125 7.70 -15.73 3.01
N SER A 126 8.95 -15.43 2.66
CA SER A 126 9.26 -14.35 1.73
C SER A 126 8.34 -14.37 0.50
N PRO A 127 8.28 -15.51 -0.22
CA PRO A 127 7.45 -15.65 -1.41
C PRO A 127 6.06 -15.01 -1.27
N LEU A 128 5.55 -14.97 -0.04
CA LEU A 128 4.23 -14.39 0.21
C LEU A 128 4.22 -12.91 -0.15
N VAL A 129 5.37 -12.25 0.01
CA VAL A 129 5.50 -10.83 -0.30
C VAL A 129 5.04 -10.53 -1.72
N ASP A 130 5.36 -11.44 -2.63
CA ASP A 130 4.97 -11.28 -4.03
C ASP A 130 3.48 -11.54 -4.21
N ASN A 131 2.94 -12.42 -3.38
CA ASN A 131 1.52 -12.76 -3.45
C ASN A 131 0.67 -11.67 -2.81
N ILE A 132 1.11 -11.16 -1.67
CA ILE A 132 0.39 -10.11 -0.97
C ILE A 132 0.31 -8.85 -1.82
N ALA A 133 1.46 -8.30 -2.21
CA ALA A 133 1.49 -7.10 -3.03
C ALA A 133 0.75 -7.31 -4.33
N LEU A 134 0.78 -8.55 -4.84
CA LEU A 134 0.10 -8.88 -6.08
C LEU A 134 -1.40 -8.71 -5.92
N TRP A 135 -1.93 -9.18 -4.80
CA TRP A 135 -3.36 -9.08 -4.54
C TRP A 135 -3.78 -7.62 -4.41
N MET A 136 -2.88 -6.79 -3.92
CA MET A 136 -3.15 -5.37 -3.76
C MET A 136 -3.30 -4.70 -5.12
N THR A 137 -2.38 -5.01 -6.03
CA THR A 137 -2.41 -4.45 -7.37
C THR A 137 -3.71 -4.82 -8.07
N GLU A 138 -4.09 -6.09 -7.97
CA GLU A 138 -5.32 -6.57 -8.59
C GLU A 138 -6.54 -5.91 -7.96
N TYR A 139 -6.57 -5.87 -6.63
CA TYR A 139 -7.69 -5.27 -5.91
C TYR A 139 -7.77 -3.77 -6.20
N LEU A 140 -6.63 -3.09 -6.13
CA LEU A 140 -6.57 -1.66 -6.38
C LEU A 140 -7.05 -1.34 -7.79
N ASN A 141 -6.69 -2.18 -8.75
CA ASN A 141 -7.08 -1.99 -10.14
C ASN A 141 -8.46 -2.56 -10.44
N ARG A 142 -8.92 -3.48 -9.61
CA ARG A 142 -10.23 -4.11 -9.81
C ARG A 142 -11.35 -3.42 -9.04
N HIS A 143 -11.10 -3.08 -7.78
CA HIS A 143 -12.12 -2.45 -6.95
C HIS A 143 -11.84 -0.97 -6.68
N LEU A 144 -10.68 -0.69 -6.10
CA LEU A 144 -10.31 0.69 -5.76
C LEU A 144 -9.90 1.50 -6.99
N HIS A 145 -10.02 0.92 -8.18
CA HIS A 145 -9.65 1.63 -9.41
C HIS A 145 -10.69 2.69 -9.76
N THR A 146 -11.95 2.28 -9.80
CA THR A 146 -13.04 3.19 -10.13
C THR A 146 -13.24 4.23 -9.04
N TRP A 147 -13.47 3.78 -7.82
CA TRP A 147 -13.70 4.68 -6.69
C TRP A 147 -12.67 5.81 -6.66
N ILE A 148 -11.39 5.45 -6.66
CA ILE A 148 -10.31 6.44 -6.63
C ILE A 148 -10.47 7.43 -7.77
N GLN A 149 -10.91 6.95 -8.93
CA GLN A 149 -11.09 7.81 -10.10
C GLN A 149 -12.22 8.81 -9.87
N ASP A 150 -13.17 8.44 -9.01
CA ASP A 150 -14.30 9.32 -8.69
C ASP A 150 -13.98 10.23 -7.51
N ASN A 151 -12.92 9.91 -6.78
CA ASN A 151 -12.52 10.71 -5.62
C ASN A 151 -11.37 11.64 -5.97
N GLY A 152 -11.33 12.08 -7.21
CA GLY A 152 -10.28 12.97 -7.67
C GLY A 152 -8.98 12.24 -7.96
N GLY A 153 -8.98 10.92 -7.81
CA GLY A 153 -7.79 10.14 -8.07
C GLY A 153 -6.67 10.45 -7.09
N TRP A 154 -5.49 9.90 -7.35
CA TRP A 154 -4.33 10.12 -6.48
C TRP A 154 -4.05 11.61 -6.31
N ASP A 155 -4.42 12.40 -7.31
CA ASP A 155 -4.22 13.85 -7.28
C ASP A 155 -4.85 14.44 -6.02
N ALA A 156 -6.07 14.00 -5.71
CA ALA A 156 -6.78 14.48 -4.54
C ALA A 156 -6.11 14.01 -3.26
N PHE A 157 -5.69 12.74 -3.26
CA PHE A 157 -5.01 12.16 -2.10
C PHE A 157 -3.75 12.94 -1.77
N VAL A 158 -2.93 13.19 -2.80
CA VAL A 158 -1.70 13.93 -2.62
C VAL A 158 -1.94 15.27 -1.94
N GLU A 159 -3.07 15.90 -2.27
CA GLU A 159 -3.44 17.18 -1.68
C GLU A 159 -3.80 17.01 -0.21
N LEU A 160 -4.45 15.90 0.11
CA LEU A 160 -4.86 15.62 1.48
C LEU A 160 -3.69 15.12 2.34
N TYR A 161 -2.80 14.35 1.72
CA TYR A 161 -1.65 13.80 2.43
C TYR A 161 -0.35 14.44 1.96
N GLY A 162 -0.45 15.63 1.36
CA GLY A 162 0.73 16.32 0.88
C GLY A 162 1.77 16.50 1.95
N PRO A 163 2.92 17.12 1.63
CA PRO A 163 4.01 17.34 2.59
C PRO A 163 3.63 18.33 3.68
N SER A 164 2.93 19.39 3.30
CA SER A 164 2.50 20.41 4.25
C SER A 164 1.33 19.91 5.09
N MET A 165 0.53 19.02 4.51
CA MET A 165 -0.63 18.47 5.20
C MET A 165 -0.21 17.79 6.51
N ARG A 166 -0.39 18.50 7.62
CA ARG A 166 -0.04 17.95 8.92
C ARG A 166 -0.98 16.81 9.31
N PRO A 167 -0.61 16.02 10.33
CA PRO A 167 -1.42 14.89 10.79
C PRO A 167 -2.89 15.27 10.95
N LEU A 168 -3.68 15.01 9.91
CA LEU A 168 -5.10 15.33 9.94
C LEU A 168 -5.92 14.12 10.41
N PHE A 169 -7.23 14.21 10.27
CA PHE A 169 -8.13 13.13 10.68
C PHE A 169 -7.62 11.77 10.20
N ASP A 170 -7.39 10.86 11.14
CA ASP A 170 -6.90 9.53 10.81
C ASP A 170 -8.04 8.64 10.33
N PHE A 171 -7.71 7.41 9.95
CA PHE A 171 -8.71 6.46 9.46
C PHE A 171 -9.13 5.51 10.57
N SER A 172 -10.37 5.03 10.51
CA SER A 172 -10.88 4.10 11.51
C SER A 172 -10.14 2.77 11.43
N TRP A 173 -9.35 2.47 12.45
CA TRP A 173 -8.60 1.22 12.49
C TRP A 173 -9.48 0.02 12.18
N LEU A 174 -8.95 -0.91 11.40
CA LEU A 174 -9.69 -2.11 11.02
C LEU A 174 -9.61 -3.17 12.12
N SER A 175 -10.42 -3.00 13.15
CA SER A 175 -10.44 -3.94 14.26
C SER A 175 -10.95 -5.31 13.83
N LEU A 176 -10.08 -6.32 13.92
CA LEU A 176 -10.45 -7.67 13.53
C LEU A 176 -9.93 -8.68 14.55
N LYS A 177 -10.50 -9.88 14.51
CA LYS A 177 -10.10 -10.94 15.43
C LYS A 177 -10.77 -12.26 15.08
N MET A 1 6.19 13.22 -25.26
CA MET A 1 6.63 14.02 -26.44
C MET A 1 5.60 13.97 -27.56
N ALA A 2 5.43 12.80 -28.15
CA ALA A 2 4.47 12.63 -29.24
C ALA A 2 3.54 11.45 -28.97
N HIS A 3 4.13 10.29 -28.66
CA HIS A 3 3.35 9.09 -28.38
C HIS A 3 3.89 8.37 -27.17
N ALA A 4 3.27 8.58 -26.02
CA ALA A 4 3.70 7.95 -24.78
C ALA A 4 2.50 7.61 -23.89
N GLY A 5 2.78 7.09 -22.70
CA GLY A 5 1.72 6.73 -21.78
C GLY A 5 1.61 7.69 -20.61
N ARG A 6 1.41 8.97 -20.92
CA ARG A 6 1.28 10.00 -19.88
C ARG A 6 0.12 9.69 -18.96
N THR A 7 0.25 10.11 -17.70
CA THR A 7 -0.79 9.88 -16.70
C THR A 7 -1.13 8.40 -16.58
N GLY A 8 -2.15 8.09 -15.81
CA GLY A 8 -2.55 6.71 -15.62
C GLY A 8 -1.77 6.02 -14.53
N TYR A 9 -1.99 6.43 -13.28
CA TYR A 9 -1.30 5.83 -12.15
C TYR A 9 -1.58 4.34 -12.06
N ASP A 10 -0.59 3.53 -12.41
CA ASP A 10 -0.74 2.07 -12.36
C ASP A 10 -0.72 1.57 -10.93
N ASN A 11 -1.85 1.02 -10.48
CA ASN A 11 -1.97 0.50 -9.13
C ASN A 11 -0.94 -0.59 -8.87
N ARG A 12 -0.55 -1.31 -9.93
CA ARG A 12 0.42 -2.38 -9.82
C ARG A 12 1.79 -1.84 -9.44
N GLU A 13 2.08 -0.61 -9.87
CA GLU A 13 3.36 0.02 -9.58
C GLU A 13 3.33 0.69 -8.20
N ILE A 14 2.23 1.37 -7.90
CA ILE A 14 2.09 2.04 -6.61
C ILE A 14 2.24 1.05 -5.47
N VAL A 15 1.81 -0.18 -5.71
CA VAL A 15 1.90 -1.24 -4.71
C VAL A 15 3.34 -1.76 -4.62
N MET A 16 3.85 -2.29 -5.73
CA MET A 16 5.20 -2.83 -5.77
C MET A 16 6.21 -1.85 -5.16
N LYS A 17 5.91 -0.56 -5.28
CA LYS A 17 6.78 0.47 -4.74
C LYS A 17 6.50 0.69 -3.25
N TYR A 18 5.21 0.69 -2.90
CA TYR A 18 4.81 0.88 -1.51
C TYR A 18 5.36 -0.24 -0.63
N ILE A 19 5.40 -1.45 -1.19
CA ILE A 19 5.90 -2.61 -0.45
C ILE A 19 7.42 -2.60 -0.39
N HIS A 20 8.07 -2.37 -1.53
CA HIS A 20 9.52 -2.33 -1.61
C HIS A 20 10.08 -1.27 -0.66
N TYR A 21 9.33 -0.20 -0.47
CA TYR A 21 9.75 0.89 0.41
C TYR A 21 9.64 0.47 1.88
N LYS A 22 8.46 0.04 2.28
CA LYS A 22 8.22 -0.39 3.65
C LYS A 22 9.11 -1.59 3.99
N LEU A 23 9.31 -2.45 3.01
CA LEU A 23 10.14 -3.64 3.20
C LEU A 23 11.60 -3.26 3.39
N SER A 24 12.03 -2.20 2.71
CA SER A 24 13.40 -1.73 2.81
C SER A 24 13.62 -0.97 4.11
N GLN A 25 12.57 -0.33 4.59
CA GLN A 25 12.65 0.44 5.84
C GLN A 25 12.84 -0.47 7.04
N ARG A 26 12.19 -1.64 7.00
CA ARG A 26 12.29 -2.60 8.09
C ARG A 26 13.57 -3.42 8.00
N GLY A 27 14.33 -3.25 6.91
CA GLY A 27 15.56 -3.98 6.74
C GLY A 27 15.44 -5.13 5.76
N TYR A 28 14.24 -5.31 5.19
CA TYR A 28 14.01 -6.38 4.23
C TYR A 28 14.27 -5.90 2.81
N GLU A 29 14.91 -6.76 2.02
CA GLU A 29 15.22 -6.42 0.63
C GLU A 29 14.36 -7.22 -0.33
N TRP A 30 13.16 -6.71 -0.60
CA TRP A 30 12.24 -7.39 -1.51
C TRP A 30 12.68 -7.21 -2.96
N ASP A 31 12.54 -8.27 -3.74
CA ASP A 31 12.91 -8.24 -5.15
C ASP A 31 11.69 -8.43 -6.04
N ALA A 32 10.89 -7.39 -6.18
CA ALA A 32 9.68 -7.45 -7.00
C ALA A 32 10.03 -7.35 -8.48
N GLY A 33 10.91 -8.23 -8.94
CA GLY A 33 11.31 -8.23 -10.33
C GLY A 33 12.10 -6.99 -10.71
N ASP A 34 13.03 -6.59 -9.85
CA ASP A 34 13.86 -5.41 -10.09
C ASP A 34 15.33 -5.79 -10.19
N ASP A 35 15.60 -7.00 -10.66
CA ASP A 35 16.97 -7.48 -10.80
C ASP A 35 17.47 -7.28 -12.22
N VAL A 36 18.08 -6.13 -12.47
CA VAL A 36 18.61 -5.82 -13.81
C VAL A 36 20.05 -5.33 -13.72
N GLU A 37 20.98 -6.26 -13.55
CA GLU A 37 22.40 -5.93 -13.47
C GLU A 37 23.03 -5.91 -14.85
N GLU A 38 22.44 -5.14 -15.76
CA GLU A 38 22.95 -5.03 -17.12
C GLU A 38 23.21 -3.58 -17.49
N ASN A 39 23.63 -2.79 -16.51
CA ASN A 39 23.91 -1.37 -16.73
C ASN A 39 22.66 -0.64 -17.22
N ARG A 40 21.50 -1.10 -16.77
CA ARG A 40 20.23 -0.49 -17.16
C ARG A 40 19.76 0.49 -16.10
N THR A 41 20.35 1.68 -16.09
CA THR A 41 19.99 2.71 -15.12
C THR A 41 18.60 3.27 -15.42
N GLU A 42 17.75 3.29 -14.40
CA GLU A 42 16.39 3.79 -14.55
C GLU A 42 16.27 5.20 -13.97
N ALA A 43 16.72 6.18 -14.75
CA ALA A 43 16.67 7.57 -14.33
C ALA A 43 15.24 7.98 -13.95
N PRO A 44 15.11 9.01 -13.09
CA PRO A 44 13.80 9.50 -12.65
C PRO A 44 13.01 10.15 -13.77
N GLU A 45 12.35 9.32 -14.58
CA GLU A 45 11.56 9.81 -15.70
C GLU A 45 10.10 9.96 -15.31
N GLY A 46 9.86 10.54 -14.12
CA GLY A 46 8.51 10.73 -13.65
C GLY A 46 8.45 11.08 -12.18
N THR A 47 8.84 12.31 -11.84
CA THR A 47 8.84 12.76 -10.46
C THR A 47 7.42 12.82 -9.91
N GLU A 48 6.47 13.17 -10.76
CA GLU A 48 5.07 13.26 -10.37
C GLU A 48 4.57 11.92 -9.85
N SER A 49 4.76 10.87 -10.64
CA SER A 49 4.32 9.54 -10.26
C SER A 49 5.00 9.09 -8.96
N GLU A 50 6.22 9.58 -8.74
CA GLU A 50 6.97 9.24 -7.54
C GLU A 50 6.27 9.79 -6.29
N VAL A 51 5.60 10.93 -6.45
CA VAL A 51 4.91 11.56 -5.33
C VAL A 51 3.77 10.67 -4.83
N VAL A 52 2.95 10.17 -5.75
CA VAL A 52 1.83 9.30 -5.39
C VAL A 52 2.32 8.14 -4.54
N HIS A 53 3.53 7.69 -4.79
CA HIS A 53 4.11 6.58 -4.04
C HIS A 53 4.79 7.09 -2.77
N LEU A 54 5.37 8.28 -2.86
CA LEU A 54 6.06 8.89 -1.72
C LEU A 54 5.05 9.36 -0.67
N THR A 55 4.14 10.25 -1.09
CA THR A 55 3.12 10.78 -0.20
C THR A 55 2.29 9.65 0.40
N LEU A 56 2.07 8.60 -0.38
CA LEU A 56 1.28 7.45 0.07
C LEU A 56 2.05 6.65 1.11
N ARG A 57 3.27 6.26 0.78
CA ARG A 57 4.09 5.48 1.71
C ARG A 57 4.34 6.26 3.00
N GLN A 58 4.32 7.58 2.90
CA GLN A 58 4.54 8.44 4.06
C GLN A 58 3.26 8.59 4.87
N ALA A 59 2.12 8.56 4.18
CA ALA A 59 0.83 8.69 4.83
C ALA A 59 0.58 7.52 5.78
N GLY A 60 0.79 6.31 5.28
CA GLY A 60 0.59 5.12 6.10
C GLY A 60 1.69 4.94 7.13
N ASP A 61 2.92 5.22 6.73
CA ASP A 61 4.06 5.08 7.62
C ASP A 61 3.91 5.98 8.84
N ASP A 62 3.50 7.23 8.59
CA ASP A 62 3.30 8.19 9.68
C ASP A 62 2.26 7.69 10.66
N PHE A 63 1.19 7.10 10.14
CA PHE A 63 0.12 6.57 10.97
C PHE A 63 0.54 5.27 11.66
N SER A 64 1.36 4.48 10.96
CA SER A 64 1.84 3.21 11.50
C SER A 64 2.73 3.45 12.71
N ARG A 65 3.49 4.53 12.68
CA ARG A 65 4.39 4.87 13.77
C ARG A 65 3.62 5.38 14.98
N ARG A 66 2.44 5.95 14.73
CA ARG A 66 1.61 6.50 15.79
C ARG A 66 0.86 5.38 16.52
N TYR A 67 0.59 4.28 15.81
CA TYR A 67 -0.11 3.15 16.39
C TYR A 67 0.72 1.88 16.31
N ARG A 68 2.03 2.02 16.52
CA ARG A 68 2.93 0.87 16.47
C ARG A 68 2.50 -0.19 17.47
N ARG A 69 1.93 0.24 18.58
CA ARG A 69 1.50 -0.69 19.63
C ARG A 69 0.35 -1.55 19.11
N ASP A 70 -0.74 -0.91 18.69
CA ASP A 70 -1.90 -1.62 18.17
C ASP A 70 -1.51 -2.47 16.97
N PHE A 71 -0.52 -2.00 16.22
CA PHE A 71 -0.04 -2.71 15.04
C PHE A 71 0.80 -3.91 15.45
N ALA A 72 1.76 -3.68 16.34
CA ALA A 72 2.63 -4.76 16.81
C ALA A 72 1.82 -5.85 17.49
N GLU A 73 0.73 -5.46 18.15
CA GLU A 73 -0.13 -6.41 18.83
C GLU A 73 -0.78 -7.38 17.85
N MET A 74 -1.26 -6.84 16.74
CA MET A 74 -1.90 -7.66 15.71
C MET A 74 -0.87 -8.29 14.78
N SER A 75 0.20 -7.56 14.51
CA SER A 75 1.25 -8.04 13.62
C SER A 75 1.94 -9.27 14.22
N SER A 76 2.45 -9.13 15.44
CA SER A 76 3.14 -10.22 16.11
C SER A 76 2.22 -11.42 16.30
N GLN A 77 0.98 -11.15 16.73
CA GLN A 77 0.00 -12.21 16.96
C GLN A 77 -0.62 -12.68 15.64
N LEU A 78 -0.41 -11.91 14.57
CA LEU A 78 -0.95 -12.26 13.26
C LEU A 78 -0.39 -13.59 12.77
N HIS A 79 -1.27 -14.56 12.56
CA HIS A 79 -0.85 -15.87 12.08
C HIS A 79 -0.91 -15.91 10.55
N LEU A 80 0.25 -15.74 9.92
CA LEU A 80 0.33 -15.74 8.47
C LEU A 80 0.56 -17.15 7.91
N THR A 81 -0.17 -17.49 6.86
CA THR A 81 -0.05 -18.79 6.22
C THR A 81 -0.36 -18.68 4.73
N PRO A 82 0.63 -18.94 3.85
CA PRO A 82 0.45 -18.86 2.40
C PRO A 82 -0.64 -19.81 1.89
N PHE A 83 -0.98 -20.79 2.72
CA PHE A 83 -2.00 -21.77 2.35
C PHE A 83 -3.36 -21.09 2.12
N THR A 84 -3.78 -20.27 3.09
CA THR A 84 -5.07 -19.58 2.99
C THR A 84 -4.94 -18.11 3.35
N ALA A 85 -3.71 -17.59 3.33
CA ALA A 85 -3.46 -16.19 3.66
C ALA A 85 -4.33 -15.26 2.83
N ARG A 86 -4.70 -15.73 1.63
CA ARG A 86 -5.54 -14.94 0.73
C ARG A 86 -6.92 -14.70 1.32
N GLY A 87 -7.41 -15.69 2.08
CA GLY A 87 -8.72 -15.56 2.69
C GLY A 87 -8.76 -14.52 3.78
N ARG A 88 -7.70 -14.47 4.60
CA ARG A 88 -7.62 -13.51 5.69
C ARG A 88 -7.40 -12.10 5.15
N PHE A 89 -6.65 -12.00 4.06
CA PHE A 89 -6.36 -10.71 3.43
C PHE A 89 -7.66 -10.03 3.01
N ALA A 90 -8.63 -10.82 2.54
CA ALA A 90 -9.90 -10.29 2.11
C ALA A 90 -10.74 -9.84 3.30
N THR A 91 -10.57 -10.51 4.43
CA THR A 91 -11.30 -10.17 5.65
C THR A 91 -10.89 -8.78 6.13
N VAL A 92 -9.60 -8.49 6.04
CA VAL A 92 -9.06 -7.20 6.47
C VAL A 92 -9.44 -6.12 5.47
N VAL A 93 -9.49 -6.50 4.19
CA VAL A 93 -9.84 -5.57 3.13
C VAL A 93 -11.34 -5.30 3.09
N GLU A 94 -12.12 -6.38 2.97
CA GLU A 94 -13.57 -6.26 2.92
C GLU A 94 -14.11 -5.42 4.08
N GLU A 95 -13.44 -5.50 5.22
CA GLU A 95 -13.85 -4.73 6.38
C GLU A 95 -13.43 -3.27 6.21
N LEU A 96 -12.31 -3.08 5.52
CA LEU A 96 -11.80 -1.73 5.26
C LEU A 96 -12.77 -0.95 4.38
N PHE A 97 -13.32 -1.61 3.37
CA PHE A 97 -14.26 -0.96 2.46
C PHE A 97 -15.68 -1.45 2.67
N ARG A 98 -15.91 -2.14 3.78
CA ARG A 98 -17.24 -2.66 4.09
C ARG A 98 -18.22 -1.51 4.32
N ASP A 99 -17.77 -0.48 5.03
CA ASP A 99 -18.61 0.67 5.33
C ASP A 99 -18.29 1.84 4.39
N GLY A 100 -17.81 1.52 3.19
CA GLY A 100 -17.46 2.55 2.23
C GLY A 100 -15.97 2.72 2.06
N VAL A 101 -15.58 3.53 1.08
CA VAL A 101 -14.17 3.77 0.81
C VAL A 101 -13.79 5.22 1.09
N ASN A 102 -12.56 5.42 1.53
CA ASN A 102 -12.06 6.76 1.83
C ASN A 102 -10.53 6.77 1.80
N TRP A 103 -9.95 7.92 1.50
CA TRP A 103 -8.50 8.06 1.44
C TRP A 103 -7.83 7.41 2.66
N GLY A 104 -8.46 7.57 3.81
CA GLY A 104 -7.92 6.99 5.03
C GLY A 104 -7.98 5.48 5.00
N ARG A 105 -9.15 4.94 4.69
CA ARG A 105 -9.33 3.49 4.60
C ARG A 105 -8.33 2.91 3.62
N ILE A 106 -8.18 3.57 2.47
CA ILE A 106 -7.25 3.12 1.45
C ILE A 106 -5.86 2.97 2.04
N VAL A 107 -5.54 3.82 3.03
CA VAL A 107 -4.25 3.77 3.68
C VAL A 107 -4.07 2.44 4.41
N ALA A 108 -5.15 1.95 5.01
CA ALA A 108 -5.10 0.68 5.71
C ALA A 108 -4.84 -0.46 4.74
N PHE A 109 -5.40 -0.33 3.53
CA PHE A 109 -5.22 -1.34 2.50
C PHE A 109 -3.75 -1.47 2.13
N PHE A 110 -3.07 -0.34 1.99
CA PHE A 110 -1.65 -0.33 1.64
C PHE A 110 -0.82 -0.76 2.83
N GLU A 111 -1.18 -0.26 4.01
CA GLU A 111 -0.47 -0.60 5.24
C GLU A 111 -0.67 -2.08 5.56
N PHE A 112 -1.86 -2.58 5.23
CA PHE A 112 -2.20 -3.98 5.47
C PHE A 112 -1.23 -4.89 4.71
N GLY A 113 -1.14 -4.68 3.40
CA GLY A 113 -0.26 -5.49 2.58
C GLY A 113 1.19 -5.41 3.04
N GLY A 114 1.58 -4.24 3.54
CA GLY A 114 2.94 -4.06 4.01
C GLY A 114 3.23 -4.90 5.24
N VAL A 115 2.26 -4.97 6.14
CA VAL A 115 2.41 -5.75 7.37
C VAL A 115 2.68 -7.22 7.06
N MET A 116 1.84 -7.81 6.22
CA MET A 116 1.99 -9.21 5.83
C MET A 116 3.38 -9.46 5.27
N CYS A 117 3.83 -8.57 4.39
CA CYS A 117 5.15 -8.71 3.78
C CYS A 117 6.24 -8.70 4.85
N VAL A 118 6.10 -7.82 5.83
CA VAL A 118 7.07 -7.73 6.91
C VAL A 118 6.91 -8.88 7.90
N GLU A 119 5.67 -9.36 8.04
CA GLU A 119 5.37 -10.46 8.93
C GLU A 119 5.75 -11.79 8.29
N SER A 120 5.67 -11.85 6.97
CA SER A 120 6.01 -13.06 6.23
C SER A 120 7.50 -13.32 6.27
N VAL A 121 8.29 -12.27 6.09
CA VAL A 121 9.74 -12.38 6.11
C VAL A 121 10.22 -12.91 7.46
N ASN A 122 9.50 -12.54 8.51
CA ASN A 122 9.84 -12.97 9.87
C ASN A 122 9.76 -14.49 9.98
N ARG A 123 8.69 -15.06 9.44
CA ARG A 123 8.48 -16.50 9.49
C ARG A 123 9.12 -17.20 8.29
N GLU A 124 10.07 -16.52 7.64
CA GLU A 124 10.76 -17.09 6.48
C GLU A 124 9.79 -17.36 5.34
N MET A 125 8.93 -16.39 5.06
CA MET A 125 7.94 -16.53 4.00
C MET A 125 8.03 -15.35 3.04
N SER A 126 9.23 -14.99 2.65
CA SER A 126 9.47 -13.88 1.73
C SER A 126 8.53 -13.94 0.52
N PRO A 127 8.44 -15.10 -0.15
CA PRO A 127 7.58 -15.28 -1.32
C PRO A 127 6.21 -14.64 -1.15
N LEU A 128 5.73 -14.56 0.09
CA LEU A 128 4.43 -13.98 0.38
C LEU A 128 4.41 -12.49 0.00
N VAL A 129 5.57 -11.85 0.10
CA VAL A 129 5.68 -10.44 -0.23
C VAL A 129 5.20 -10.16 -1.65
N ASP A 130 5.41 -11.13 -2.53
CA ASP A 130 4.99 -10.99 -3.92
C ASP A 130 3.52 -11.33 -4.08
N ASN A 131 3.04 -12.25 -3.25
CA ASN A 131 1.64 -12.68 -3.29
C ASN A 131 0.73 -11.61 -2.69
N ILE A 132 1.16 -11.03 -1.57
CA ILE A 132 0.38 -9.99 -0.91
C ILE A 132 0.23 -8.77 -1.80
N ALA A 133 1.35 -8.24 -2.27
CA ALA A 133 1.35 -7.07 -3.14
C ALA A 133 0.51 -7.32 -4.39
N LEU A 134 0.60 -8.53 -4.93
CA LEU A 134 -0.14 -8.91 -6.12
C LEU A 134 -1.64 -8.78 -5.89
N TRP A 135 -2.09 -9.21 -4.72
CA TRP A 135 -3.49 -9.14 -4.36
C TRP A 135 -3.96 -7.70 -4.26
N MET A 136 -3.08 -6.83 -3.78
CA MET A 136 -3.40 -5.42 -3.64
C MET A 136 -3.61 -4.78 -5.00
N THR A 137 -2.74 -5.12 -5.95
CA THR A 137 -2.84 -4.58 -7.30
C THR A 137 -4.20 -4.92 -7.92
N GLU A 138 -4.63 -6.16 -7.72
CA GLU A 138 -5.90 -6.63 -8.24
C GLU A 138 -7.07 -5.85 -7.63
N TYR A 139 -7.12 -5.81 -6.31
CA TYR A 139 -8.19 -5.12 -5.62
C TYR A 139 -8.18 -3.62 -5.95
N LEU A 140 -7.00 -3.03 -5.93
CA LEU A 140 -6.86 -1.61 -6.24
C LEU A 140 -7.41 -1.28 -7.61
N ASN A 141 -7.16 -2.16 -8.58
CA ASN A 141 -7.62 -1.96 -9.95
C ASN A 141 -9.05 -2.47 -10.14
N ARG A 142 -9.54 -3.28 -9.20
CA ARG A 142 -10.87 -3.85 -9.31
C ARG A 142 -11.94 -2.94 -8.70
N HIS A 143 -11.82 -2.65 -7.40
CA HIS A 143 -12.80 -1.83 -6.71
C HIS A 143 -12.28 -0.42 -6.43
N LEU A 144 -11.06 -0.32 -5.94
CA LEU A 144 -10.47 0.97 -5.61
C LEU A 144 -10.03 1.74 -6.86
N HIS A 145 -10.20 1.13 -8.03
CA HIS A 145 -9.82 1.78 -9.28
C HIS A 145 -10.78 2.92 -9.61
N THR A 146 -12.07 2.62 -9.68
CA THR A 146 -13.07 3.62 -10.01
C THR A 146 -13.22 4.65 -8.89
N TRP A 147 -13.55 4.17 -7.70
CA TRP A 147 -13.73 5.04 -6.54
C TRP A 147 -12.65 6.11 -6.47
N ILE A 148 -11.40 5.71 -6.61
CA ILE A 148 -10.27 6.64 -6.56
C ILE A 148 -10.38 7.68 -7.67
N GLN A 149 -10.85 7.25 -8.85
CA GLN A 149 -11.01 8.14 -9.98
C GLN A 149 -12.05 9.21 -9.69
N ASP A 150 -13.05 8.86 -8.88
CA ASP A 150 -14.11 9.78 -8.53
C ASP A 150 -13.68 10.71 -7.38
N ASN A 151 -12.63 10.33 -6.68
CA ASN A 151 -12.13 11.13 -5.56
C ASN A 151 -10.91 11.95 -6.00
N GLY A 152 -10.92 12.34 -7.26
CA GLY A 152 -9.81 13.13 -7.78
C GLY A 152 -8.55 12.32 -7.98
N GLY A 153 -8.69 10.99 -7.96
CA GLY A 153 -7.54 10.14 -8.14
C GLY A 153 -6.42 10.42 -7.14
N TRP A 154 -5.25 9.86 -7.40
CA TRP A 154 -4.10 10.06 -6.53
C TRP A 154 -3.74 11.55 -6.44
N ASP A 155 -4.10 12.30 -7.47
CA ASP A 155 -3.82 13.74 -7.50
C ASP A 155 -4.43 14.43 -6.29
N ALA A 156 -5.64 14.01 -5.92
CA ALA A 156 -6.32 14.58 -4.77
C ALA A 156 -5.69 14.12 -3.46
N PHE A 157 -5.38 12.82 -3.40
CA PHE A 157 -4.76 12.24 -2.22
C PHE A 157 -3.41 12.92 -1.94
N VAL A 158 -2.65 13.15 -3.00
CA VAL A 158 -1.35 13.80 -2.87
C VAL A 158 -1.49 15.19 -2.26
N GLU A 159 -2.52 15.91 -2.68
CA GLU A 159 -2.78 17.25 -2.18
C GLU A 159 -3.25 17.20 -0.72
N LEU A 160 -4.01 16.16 -0.39
CA LEU A 160 -4.53 15.99 0.96
C LEU A 160 -3.47 15.42 1.90
N TYR A 161 -2.61 14.55 1.37
CA TYR A 161 -1.56 13.94 2.19
C TYR A 161 -0.18 14.46 1.80
N GLY A 162 -0.13 15.60 1.11
CA GLY A 162 1.13 16.17 0.70
C GLY A 162 2.14 16.27 1.84
N PRO A 163 3.37 16.70 1.55
CA PRO A 163 4.42 16.82 2.57
C PRO A 163 4.12 17.92 3.58
N SER A 164 3.80 19.12 3.07
CA SER A 164 3.49 20.25 3.93
C SER A 164 2.15 20.06 4.63
N MET A 165 1.26 19.29 4.00
CA MET A 165 -0.06 19.03 4.57
C MET A 165 0.06 18.38 5.94
N ARG A 166 -0.27 19.15 6.98
CA ARG A 166 -0.21 18.63 8.35
C ARG A 166 -1.23 17.53 8.57
N PRO A 167 -0.85 16.47 9.31
CA PRO A 167 -1.75 15.35 9.59
C PRO A 167 -3.08 15.80 10.18
N LEU A 168 -4.16 15.62 9.42
CA LEU A 168 -5.49 16.01 9.88
C LEU A 168 -6.55 15.06 9.33
N PHE A 169 -6.23 13.77 9.29
CA PHE A 169 -7.16 12.77 8.78
C PHE A 169 -6.92 11.43 9.47
N ASP A 170 -7.97 10.87 10.05
CA ASP A 170 -7.88 9.58 10.74
C ASP A 170 -8.88 8.58 10.17
N PHE A 171 -8.49 7.31 10.17
CA PHE A 171 -9.35 6.26 9.65
C PHE A 171 -9.71 5.25 10.75
N SER A 172 -10.92 4.71 10.69
CA SER A 172 -11.36 3.73 11.68
C SER A 172 -10.54 2.45 11.58
N TRP A 173 -9.69 2.20 12.57
CA TRP A 173 -8.85 1.02 12.59
C TRP A 173 -9.66 -0.24 12.31
N LEU A 174 -9.10 -1.14 11.50
CA LEU A 174 -9.75 -2.39 11.15
C LEU A 174 -9.58 -3.44 12.24
N SER A 175 -10.35 -3.28 13.32
CA SER A 175 -10.27 -4.21 14.45
C SER A 175 -10.79 -5.59 14.05
N LEU A 176 -9.86 -6.51 13.82
CA LEU A 176 -10.21 -7.87 13.44
C LEU A 176 -9.68 -8.88 14.45
N LYS A 177 -10.57 -9.46 15.24
CA LYS A 177 -10.19 -10.44 16.24
C LYS A 177 -10.31 -11.86 15.69
N MET A 1 -6.69 19.81 -24.08
CA MET A 1 -6.53 19.55 -22.63
C MET A 1 -6.97 18.14 -22.26
N ALA A 2 -7.94 17.62 -23.01
CA ALA A 2 -8.45 16.28 -22.77
C ALA A 2 -7.47 15.21 -23.25
N HIS A 3 -7.21 14.23 -22.40
CA HIS A 3 -6.28 13.15 -22.75
C HIS A 3 -4.89 13.70 -23.03
N ALA A 4 -4.47 14.68 -22.24
CA ALA A 4 -3.16 15.30 -22.41
C ALA A 4 -2.32 15.16 -21.14
N GLY A 5 -2.41 13.99 -20.52
CA GLY A 5 -1.65 13.76 -19.30
C GLY A 5 -2.53 13.79 -18.05
N ARG A 6 -3.70 13.18 -18.15
CA ARG A 6 -4.64 13.13 -17.03
C ARG A 6 -4.27 12.03 -16.06
N THR A 7 -5.18 11.73 -15.14
CA THR A 7 -4.96 10.69 -14.14
C THR A 7 -4.79 9.33 -14.80
N GLY A 8 -3.62 8.73 -14.63
CA GLY A 8 -3.35 7.43 -15.21
C GLY A 8 -2.26 6.68 -14.47
N TYR A 9 -2.44 6.53 -13.16
CA TYR A 9 -1.47 5.82 -12.33
C TYR A 9 -1.69 4.32 -12.39
N ASP A 10 -0.62 3.56 -12.10
CA ASP A 10 -0.69 2.11 -12.11
C ASP A 10 -0.62 1.55 -10.70
N ASN A 11 -1.74 1.03 -10.22
CA ASN A 11 -1.81 0.47 -8.88
C ASN A 11 -0.77 -0.63 -8.68
N ARG A 12 -0.41 -1.30 -9.78
CA ARG A 12 0.57 -2.36 -9.73
C ARG A 12 1.94 -1.83 -9.35
N GLU A 13 2.22 -0.59 -9.76
CA GLU A 13 3.50 0.04 -9.45
C GLU A 13 3.47 0.69 -8.07
N ILE A 14 2.37 1.38 -7.77
CA ILE A 14 2.23 2.03 -6.48
C ILE A 14 2.34 1.01 -5.35
N VAL A 15 1.89 -0.21 -5.62
CA VAL A 15 1.94 -1.28 -4.64
C VAL A 15 3.36 -1.83 -4.53
N MET A 16 3.89 -2.33 -5.64
CA MET A 16 5.24 -2.89 -5.67
C MET A 16 6.25 -1.92 -5.07
N LYS A 17 5.99 -0.62 -5.24
CA LYS A 17 6.87 0.41 -4.71
C LYS A 17 6.63 0.61 -3.22
N TYR A 18 5.36 0.63 -2.83
CA TYR A 18 4.99 0.82 -1.43
C TYR A 18 5.49 -0.35 -0.59
N ILE A 19 5.42 -1.55 -1.15
CA ILE A 19 5.87 -2.75 -0.46
C ILE A 19 7.39 -2.78 -0.34
N HIS A 20 8.07 -2.48 -1.45
CA HIS A 20 9.53 -2.47 -1.49
C HIS A 20 10.09 -1.52 -0.43
N TYR A 21 9.47 -0.34 -0.31
CA TYR A 21 9.91 0.65 0.67
C TYR A 21 9.71 0.15 2.09
N LYS A 22 8.47 -0.18 2.43
CA LYS A 22 8.14 -0.66 3.77
C LYS A 22 8.94 -1.92 4.10
N LEU A 23 9.28 -2.69 3.07
CA LEU A 23 10.04 -3.92 3.26
C LEU A 23 11.51 -3.60 3.56
N SER A 24 12.03 -2.58 2.91
CA SER A 24 13.42 -2.18 3.11
C SER A 24 13.60 -1.49 4.46
N GLN A 25 12.52 -0.89 4.96
CA GLN A 25 12.56 -0.18 6.24
C GLN A 25 12.80 -1.17 7.39
N ARG A 26 12.15 -2.32 7.33
CA ARG A 26 12.29 -3.33 8.36
C ARG A 26 13.58 -4.14 8.18
N GLY A 27 14.24 -3.94 7.04
CA GLY A 27 15.48 -4.65 6.77
C GLY A 27 15.29 -5.79 5.78
N TYR A 28 14.19 -5.76 5.03
CA TYR A 28 13.90 -6.80 4.06
C TYR A 28 14.16 -6.30 2.65
N GLU A 29 14.75 -7.16 1.82
CA GLU A 29 15.05 -6.81 0.44
C GLU A 29 14.17 -7.59 -0.52
N TRP A 30 12.98 -7.07 -0.78
CA TRP A 30 12.03 -7.72 -1.68
C TRP A 30 12.42 -7.47 -3.13
N ASP A 31 12.71 -8.56 -3.86
CA ASP A 31 13.10 -8.45 -5.25
C ASP A 31 11.87 -8.48 -6.15
N ALA A 32 11.15 -7.37 -6.20
CA ALA A 32 9.95 -7.26 -7.02
C ALA A 32 10.31 -7.19 -8.50
N GLY A 33 11.14 -8.13 -8.95
CA GLY A 33 11.55 -8.15 -10.35
C GLY A 33 12.06 -6.80 -10.83
N ASP A 34 12.57 -6.00 -9.90
CA ASP A 34 13.08 -4.68 -10.24
C ASP A 34 14.46 -4.77 -10.91
N ASP A 35 15.10 -5.93 -10.80
CA ASP A 35 16.42 -6.14 -11.40
C ASP A 35 16.41 -5.78 -12.87
N VAL A 36 16.81 -4.55 -13.19
CA VAL A 36 16.85 -4.08 -14.57
C VAL A 36 18.21 -3.49 -14.91
N GLU A 37 19.19 -4.36 -15.12
CA GLU A 37 20.54 -3.91 -15.45
C GLU A 37 20.69 -3.71 -16.95
N GLU A 38 19.83 -2.88 -17.53
CA GLU A 38 19.87 -2.60 -18.96
C GLU A 38 19.90 -1.09 -19.21
N ASN A 39 20.62 -0.37 -18.36
CA ASN A 39 20.74 1.08 -18.49
C ASN A 39 19.39 1.77 -18.31
N ARG A 40 18.47 1.10 -17.61
CA ARG A 40 17.15 1.65 -17.36
C ARG A 40 17.08 2.29 -15.98
N THR A 41 17.84 3.35 -15.78
CA THR A 41 17.86 4.05 -14.50
C THR A 41 16.58 4.85 -14.29
N GLU A 42 16.20 5.03 -13.04
CA GLU A 42 14.99 5.78 -12.72
C GLU A 42 15.30 7.25 -12.52
N ALA A 43 15.97 7.85 -13.51
CA ALA A 43 16.32 9.26 -13.46
C ALA A 43 15.09 10.14 -13.34
N PRO A 44 15.25 11.39 -12.87
CA PRO A 44 14.14 12.33 -12.71
C PRO A 44 13.33 12.49 -13.99
N GLU A 45 12.32 11.63 -14.16
CA GLU A 45 11.47 11.68 -15.34
C GLU A 45 10.01 11.82 -14.96
N GLY A 46 9.76 12.53 -13.84
CA GLY A 46 8.40 12.73 -13.38
C GLY A 46 8.33 12.88 -11.87
N THR A 47 8.48 14.10 -11.40
CA THR A 47 8.42 14.39 -9.97
C THR A 47 7.01 14.18 -9.43
N GLU A 48 6.01 14.51 -10.25
CA GLU A 48 4.62 14.36 -9.84
C GLU A 48 4.29 12.90 -9.54
N SER A 49 4.75 12.00 -10.41
CA SER A 49 4.52 10.58 -10.22
C SER A 49 5.22 10.07 -8.97
N GLU A 50 6.42 10.58 -8.73
CA GLU A 50 7.20 10.19 -7.56
C GLU A 50 6.49 10.61 -6.27
N VAL A 51 5.66 11.65 -6.38
CA VAL A 51 4.93 12.15 -5.21
C VAL A 51 3.88 11.15 -4.75
N VAL A 52 3.09 10.61 -5.68
CA VAL A 52 2.06 9.64 -5.33
C VAL A 52 2.65 8.48 -4.55
N HIS A 53 3.92 8.17 -4.81
CA HIS A 53 4.61 7.09 -4.12
C HIS A 53 5.22 7.58 -2.82
N LEU A 54 5.61 8.86 -2.80
CA LEU A 54 6.21 9.46 -1.61
C LEU A 54 5.14 9.86 -0.60
N THR A 55 4.25 10.75 -1.01
CA THR A 55 3.18 11.21 -0.15
C THR A 55 2.37 10.04 0.39
N LEU A 56 2.24 9.00 -0.42
CA LEU A 56 1.49 7.81 -0.02
C LEU A 56 2.26 7.03 1.04
N ARG A 57 3.59 7.09 0.96
CA ARG A 57 4.44 6.40 1.92
C ARG A 57 4.46 7.15 3.25
N GLN A 58 4.38 8.47 3.18
CA GLN A 58 4.39 9.31 4.36
C GLN A 58 3.04 9.25 5.07
N ALA A 59 1.98 9.09 4.30
CA ALA A 59 0.62 9.02 4.85
C ALA A 59 0.47 7.77 5.70
N GLY A 60 1.01 6.65 5.22
CA GLY A 60 0.91 5.41 5.96
C GLY A 60 1.94 5.31 7.07
N ASP A 61 3.12 5.87 6.83
CA ASP A 61 4.19 5.86 7.81
C ASP A 61 3.81 6.69 9.03
N ASP A 62 3.28 7.88 8.80
CA ASP A 62 2.87 8.76 9.88
C ASP A 62 1.75 8.13 10.70
N PHE A 63 0.82 7.48 10.02
CA PHE A 63 -0.30 6.81 10.68
C PHE A 63 0.17 5.59 11.46
N SER A 64 1.19 4.92 10.93
CA SER A 64 1.74 3.74 11.58
C SER A 64 2.49 4.11 12.86
N ARG A 65 3.30 5.16 12.77
CA ARG A 65 4.08 5.63 13.92
C ARG A 65 3.16 5.98 15.10
N ARG A 66 1.92 6.28 14.80
CA ARG A 66 0.95 6.63 15.83
C ARG A 66 0.32 5.39 16.45
N TYR A 67 0.21 4.32 15.65
CA TYR A 67 -0.38 3.07 16.12
C TYR A 67 0.58 1.91 15.93
N ARG A 68 1.87 2.18 16.07
CA ARG A 68 2.88 1.14 15.91
C ARG A 68 2.67 0.01 16.92
N ARG A 69 2.20 0.36 18.11
CA ARG A 69 1.95 -0.62 19.15
C ARG A 69 0.85 -1.59 18.71
N ASP A 70 -0.28 -1.04 18.30
CA ASP A 70 -1.39 -1.87 17.84
C ASP A 70 -0.97 -2.69 16.64
N PHE A 71 -0.10 -2.11 15.82
CA PHE A 71 0.41 -2.79 14.62
C PHE A 71 1.28 -3.96 15.02
N ALA A 72 2.28 -3.71 15.86
CA ALA A 72 3.18 -4.75 16.31
C ALA A 72 2.42 -5.85 17.04
N GLU A 73 1.40 -5.44 17.79
CA GLU A 73 0.59 -6.38 18.54
C GLU A 73 -0.16 -7.33 17.62
N MET A 74 -0.72 -6.78 16.53
CA MET A 74 -1.46 -7.60 15.58
C MET A 74 -0.53 -8.28 14.58
N SER A 75 0.52 -7.58 14.17
CA SER A 75 1.48 -8.13 13.21
C SER A 75 2.36 -9.20 13.84
N SER A 76 3.04 -8.84 14.92
CA SER A 76 3.93 -9.76 15.63
C SER A 76 3.20 -11.05 15.99
N GLN A 77 1.95 -10.92 16.40
CA GLN A 77 1.14 -12.08 16.77
C GLN A 77 0.40 -12.65 15.57
N LEU A 78 0.27 -11.84 14.51
CA LEU A 78 -0.43 -12.27 13.30
C LEU A 78 0.09 -13.62 12.80
N HIS A 79 -0.80 -14.59 12.72
CA HIS A 79 -0.44 -15.91 12.23
C HIS A 79 -0.53 -15.93 10.71
N LEU A 80 0.62 -15.79 10.04
CA LEU A 80 0.65 -15.77 8.59
C LEU A 80 0.77 -17.18 8.01
N THR A 81 -0.10 -17.46 7.03
CA THR A 81 -0.11 -18.75 6.37
C THR A 81 -0.62 -18.62 4.94
N PRO A 82 0.21 -18.95 3.94
CA PRO A 82 -0.19 -18.85 2.53
C PRO A 82 -1.38 -19.73 2.19
N PHE A 83 -1.69 -20.68 3.07
CA PHE A 83 -2.81 -21.58 2.85
C PHE A 83 -4.15 -20.89 3.08
N THR A 84 -4.20 -20.00 4.07
CA THR A 84 -5.44 -19.29 4.39
C THR A 84 -5.19 -17.79 4.58
N ALA A 85 -4.05 -17.31 4.10
CA ALA A 85 -3.72 -15.89 4.22
C ALA A 85 -4.61 -15.04 3.32
N ARG A 86 -4.97 -15.59 2.17
CA ARG A 86 -5.82 -14.88 1.21
C ARG A 86 -7.20 -14.62 1.82
N GLY A 87 -7.71 -15.60 2.56
CA GLY A 87 -9.02 -15.46 3.17
C GLY A 87 -9.03 -14.42 4.28
N ARG A 88 -7.94 -14.36 5.04
CA ARG A 88 -7.83 -13.41 6.13
C ARG A 88 -7.58 -12.00 5.58
N PHE A 89 -6.82 -11.92 4.50
CA PHE A 89 -6.51 -10.63 3.88
C PHE A 89 -7.78 -9.96 3.38
N ALA A 90 -8.70 -10.77 2.84
CA ALA A 90 -9.96 -10.26 2.32
C ALA A 90 -10.84 -9.73 3.46
N THR A 91 -10.77 -10.41 4.60
CA THR A 91 -11.55 -10.01 5.77
C THR A 91 -11.16 -8.61 6.22
N VAL A 92 -9.86 -8.34 6.21
CA VAL A 92 -9.35 -7.03 6.61
C VAL A 92 -9.67 -5.98 5.55
N VAL A 93 -9.69 -6.42 4.29
CA VAL A 93 -9.99 -5.53 3.18
C VAL A 93 -11.48 -5.24 3.10
N GLU A 94 -12.29 -6.28 3.04
CA GLU A 94 -13.74 -6.14 2.96
C GLU A 94 -14.27 -5.26 4.08
N GLU A 95 -13.60 -5.31 5.23
CA GLU A 95 -14.01 -4.49 6.36
C GLU A 95 -13.55 -3.05 6.16
N LEU A 96 -12.45 -2.90 5.43
CA LEU A 96 -11.90 -1.58 5.13
C LEU A 96 -12.86 -0.78 4.25
N PHE A 97 -13.43 -1.44 3.25
CA PHE A 97 -14.34 -0.79 2.33
C PHE A 97 -15.78 -1.26 2.54
N ARG A 98 -16.02 -1.95 3.65
CA ARG A 98 -17.35 -2.45 3.97
C ARG A 98 -18.33 -1.29 4.13
N ASP A 99 -17.91 -0.25 4.84
CA ASP A 99 -18.75 0.92 5.07
C ASP A 99 -18.38 2.04 4.10
N GLY A 100 -17.88 1.66 2.93
CA GLY A 100 -17.49 2.65 1.94
C GLY A 100 -15.98 2.81 1.83
N VAL A 101 -15.53 3.54 0.81
CA VAL A 101 -14.12 3.76 0.62
C VAL A 101 -13.73 5.20 0.89
N ASN A 102 -12.50 5.41 1.32
CA ASN A 102 -11.99 6.75 1.63
C ASN A 102 -10.47 6.76 1.60
N TRP A 103 -9.90 7.92 1.31
CA TRP A 103 -8.44 8.06 1.23
C TRP A 103 -7.77 7.42 2.45
N GLY A 104 -8.31 7.68 3.63
CA GLY A 104 -7.75 7.09 4.83
C GLY A 104 -7.84 5.58 4.82
N ARG A 105 -9.03 5.07 4.52
CA ARG A 105 -9.24 3.64 4.46
C ARG A 105 -8.27 3.00 3.47
N ILE A 106 -8.11 3.64 2.31
CA ILE A 106 -7.20 3.15 1.30
C ILE A 106 -5.79 2.99 1.87
N VAL A 107 -5.46 3.83 2.84
CA VAL A 107 -4.16 3.76 3.48
C VAL A 107 -4.01 2.46 4.26
N ALA A 108 -5.11 2.01 4.87
CA ALA A 108 -5.09 0.77 5.62
C ALA A 108 -4.82 -0.42 4.69
N PHE A 109 -5.34 -0.31 3.47
CA PHE A 109 -5.15 -1.36 2.48
C PHE A 109 -3.68 -1.49 2.10
N PHE A 110 -3.02 -0.35 1.94
CA PHE A 110 -1.61 -0.33 1.59
C PHE A 110 -0.75 -0.66 2.80
N GLU A 111 -1.13 -0.14 3.96
CA GLU A 111 -0.41 -0.39 5.18
C GLU A 111 -0.56 -1.86 5.60
N PHE A 112 -1.78 -2.37 5.46
CA PHE A 112 -2.07 -3.76 5.79
C PHE A 112 -1.21 -4.70 4.94
N GLY A 113 -1.29 -4.54 3.63
CA GLY A 113 -0.52 -5.37 2.72
C GLY A 113 0.95 -5.38 3.06
N GLY A 114 1.47 -4.23 3.50
CA GLY A 114 2.87 -4.15 3.84
C GLY A 114 3.21 -5.01 5.04
N VAL A 115 2.27 -5.09 5.99
CA VAL A 115 2.47 -5.91 7.18
C VAL A 115 2.63 -7.37 6.81
N MET A 116 1.71 -7.88 6.00
CA MET A 116 1.75 -9.27 5.56
C MET A 116 3.14 -9.62 5.01
N CYS A 117 3.69 -8.70 4.23
CA CYS A 117 5.02 -8.89 3.64
C CYS A 117 6.08 -9.01 4.73
N VAL A 118 6.08 -8.05 5.64
CA VAL A 118 7.05 -8.03 6.73
C VAL A 118 6.83 -9.21 7.68
N GLU A 119 5.59 -9.66 7.78
CA GLU A 119 5.26 -10.79 8.64
C GLU A 119 5.62 -12.11 7.98
N SER A 120 5.55 -12.14 6.66
CA SER A 120 5.87 -13.34 5.90
C SER A 120 7.37 -13.64 5.98
N VAL A 121 8.18 -12.60 5.83
CA VAL A 121 9.62 -12.74 5.88
C VAL A 121 10.06 -13.31 7.22
N ASN A 122 9.34 -12.95 8.27
CA ASN A 122 9.65 -13.43 9.62
C ASN A 122 9.46 -14.94 9.72
N ARG A 123 8.36 -15.42 9.16
CA ARG A 123 8.05 -16.85 9.18
C ARG A 123 8.74 -17.60 8.03
N GLU A 124 9.71 -16.93 7.38
CA GLU A 124 10.42 -17.55 6.27
C GLU A 124 9.49 -17.85 5.10
N MET A 125 8.65 -16.87 4.76
CA MET A 125 7.71 -17.01 3.66
C MET A 125 7.80 -15.82 2.71
N SER A 126 9.02 -15.47 2.35
CA SER A 126 9.28 -14.35 1.44
C SER A 126 8.30 -14.34 0.27
N PRO A 127 8.14 -15.48 -0.43
CA PRO A 127 7.23 -15.58 -1.57
C PRO A 127 5.89 -14.89 -1.34
N LEU A 128 5.46 -14.83 -0.09
CA LEU A 128 4.19 -14.20 0.26
C LEU A 128 4.22 -12.71 -0.10
N VAL A 129 5.41 -12.11 0.02
CA VAL A 129 5.57 -10.69 -0.29
C VAL A 129 5.06 -10.37 -1.69
N ASP A 130 5.24 -11.30 -2.62
CA ASP A 130 4.79 -11.13 -4.00
C ASP A 130 3.31 -11.46 -4.12
N ASN A 131 2.85 -12.39 -3.30
CA ASN A 131 1.46 -12.80 -3.31
C ASN A 131 0.57 -11.72 -2.70
N ILE A 132 1.02 -11.15 -1.58
CA ILE A 132 0.28 -10.10 -0.90
C ILE A 132 0.15 -8.87 -1.78
N ALA A 133 1.30 -8.36 -2.23
CA ALA A 133 1.33 -7.18 -3.09
C ALA A 133 0.54 -7.42 -4.37
N LEU A 134 0.53 -8.67 -4.83
CA LEU A 134 -0.18 -9.05 -6.04
C LEU A 134 -1.68 -8.86 -5.85
N TRP A 135 -2.18 -9.30 -4.71
CA TRP A 135 -3.61 -9.17 -4.40
C TRP A 135 -4.02 -7.70 -4.32
N MET A 136 -3.09 -6.87 -3.86
CA MET A 136 -3.34 -5.44 -3.73
C MET A 136 -3.53 -4.82 -5.11
N THR A 137 -2.65 -5.16 -6.03
CA THR A 137 -2.72 -4.63 -7.38
C THR A 137 -4.05 -4.98 -8.02
N GLU A 138 -4.46 -6.23 -7.87
CA GLU A 138 -5.73 -6.69 -8.43
C GLU A 138 -6.90 -5.97 -7.79
N TYR A 139 -6.91 -5.90 -6.46
CA TYR A 139 -7.99 -5.24 -5.74
C TYR A 139 -8.00 -3.74 -6.04
N LEU A 140 -6.84 -3.11 -5.93
CA LEU A 140 -6.70 -1.68 -6.19
C LEU A 140 -7.15 -1.34 -7.61
N ASN A 141 -6.84 -2.23 -8.55
CA ASN A 141 -7.19 -2.02 -9.96
C ASN A 141 -8.61 -2.50 -10.27
N ARG A 142 -9.19 -3.30 -9.37
CA ARG A 142 -10.53 -3.83 -9.60
C ARG A 142 -11.61 -2.97 -8.95
N HIS A 143 -11.54 -2.81 -7.63
CA HIS A 143 -12.54 -2.03 -6.91
C HIS A 143 -12.07 -0.61 -6.59
N LEU A 144 -10.88 -0.49 -6.02
CA LEU A 144 -10.34 0.82 -5.66
C LEU A 144 -9.91 1.64 -6.88
N HIS A 145 -10.00 1.05 -8.07
CA HIS A 145 -9.61 1.74 -9.29
C HIS A 145 -10.63 2.82 -9.65
N THR A 146 -11.88 2.43 -9.80
CA THR A 146 -12.94 3.38 -10.15
C THR A 146 -13.15 4.42 -9.06
N TRP A 147 -13.35 3.96 -7.83
CA TRP A 147 -13.57 4.86 -6.69
C TRP A 147 -12.51 5.96 -6.65
N ILE A 148 -11.24 5.57 -6.62
CA ILE A 148 -10.14 6.53 -6.58
C ILE A 148 -10.24 7.53 -7.74
N GLN A 149 -10.72 7.07 -8.88
CA GLN A 149 -10.85 7.92 -10.05
C GLN A 149 -11.92 9.00 -9.82
N ASP A 150 -12.89 8.68 -8.97
CA ASP A 150 -13.96 9.63 -8.66
C ASP A 150 -13.55 10.57 -7.53
N ASN A 151 -12.52 10.22 -6.80
CA ASN A 151 -12.03 11.04 -5.70
C ASN A 151 -10.82 11.86 -6.12
N GLY A 152 -10.79 12.23 -7.38
CA GLY A 152 -9.68 13.01 -7.90
C GLY A 152 -8.41 12.21 -8.05
N GLY A 153 -8.53 10.88 -7.98
CA GLY A 153 -7.36 10.02 -8.10
C GLY A 153 -6.28 10.36 -7.09
N TRP A 154 -5.09 9.79 -7.29
CA TRP A 154 -3.97 10.03 -6.40
C TRP A 154 -3.68 11.53 -6.27
N ASP A 155 -4.06 12.29 -7.29
CA ASP A 155 -3.86 13.74 -7.29
C ASP A 155 -4.49 14.37 -6.06
N ALA A 156 -5.75 14.00 -5.80
CA ALA A 156 -6.47 14.53 -4.64
C ALA A 156 -5.83 14.06 -3.35
N PHE A 157 -5.41 12.79 -3.32
CA PHE A 157 -4.77 12.22 -2.15
C PHE A 157 -3.48 12.96 -1.83
N VAL A 158 -2.68 13.21 -2.87
CA VAL A 158 -1.42 13.92 -2.72
C VAL A 158 -1.64 15.29 -2.08
N GLU A 159 -2.73 15.94 -2.46
CA GLU A 159 -3.06 17.25 -1.93
C GLU A 159 -3.55 17.14 -0.49
N LEU A 160 -4.28 16.07 -0.20
CA LEU A 160 -4.83 15.83 1.13
C LEU A 160 -3.75 15.31 2.08
N TYR A 161 -2.79 14.57 1.54
CA TYR A 161 -1.71 14.01 2.36
C TYR A 161 -0.36 14.58 1.96
N GLY A 162 -0.37 15.75 1.31
CA GLY A 162 0.87 16.37 0.89
C GLY A 162 1.82 16.61 2.05
N PRO A 163 2.96 17.28 1.81
CA PRO A 163 3.95 17.57 2.85
C PRO A 163 3.44 18.57 3.87
N SER A 164 2.85 19.67 3.39
CA SER A 164 2.33 20.70 4.26
C SER A 164 1.12 20.19 5.04
N MET A 165 0.40 19.24 4.46
CA MET A 165 -0.78 18.67 5.11
C MET A 165 -0.42 18.04 6.45
N ARG A 166 -0.58 18.81 7.52
CA ARG A 166 -0.27 18.33 8.86
C ARG A 166 -1.20 17.19 9.25
N PRO A 167 -0.86 16.43 10.30
CA PRO A 167 -1.67 15.31 10.79
C PRO A 167 -3.15 15.67 10.88
N LEU A 168 -3.90 15.35 9.84
CA LEU A 168 -5.33 15.64 9.79
C LEU A 168 -6.15 14.41 10.18
N PHE A 169 -7.46 14.46 9.90
CA PHE A 169 -8.34 13.34 10.22
C PHE A 169 -7.75 12.01 9.78
N ASP A 170 -7.74 11.04 10.68
CA ASP A 170 -7.20 9.72 10.38
C ASP A 170 -8.31 8.74 10.03
N PHE A 171 -7.93 7.51 9.70
CA PHE A 171 -8.91 6.48 9.34
C PHE A 171 -9.18 5.57 10.52
N SER A 172 -10.40 5.04 10.59
CA SER A 172 -10.78 4.14 11.67
C SER A 172 -10.05 2.81 11.54
N TRP A 173 -9.23 2.48 12.54
CA TRP A 173 -8.47 1.23 12.52
C TRP A 173 -9.38 0.04 12.23
N LEU A 174 -8.89 -0.89 11.40
CA LEU A 174 -9.65 -2.07 11.04
C LEU A 174 -9.55 -3.14 12.13
N SER A 175 -10.31 -2.93 13.20
CA SER A 175 -10.32 -3.87 14.33
C SER A 175 -10.87 -5.22 13.90
N LEU A 176 -10.04 -6.25 14.00
CA LEU A 176 -10.45 -7.60 13.62
C LEU A 176 -9.97 -8.62 14.65
N LYS A 177 -10.91 -9.23 15.36
CA LYS A 177 -10.58 -10.24 16.37
C LYS A 177 -11.38 -11.52 16.15
N MET A 1 4.57 13.45 -30.55
CA MET A 1 5.89 13.82 -29.99
C MET A 1 6.02 13.39 -28.53
N ALA A 2 4.88 13.34 -27.83
CA ALA A 2 4.87 12.94 -26.43
C ALA A 2 4.04 11.69 -26.23
N HIS A 3 4.40 10.90 -25.22
CA HIS A 3 3.68 9.67 -24.92
C HIS A 3 3.55 9.46 -23.42
N ALA A 4 3.29 10.55 -22.69
CA ALA A 4 3.15 10.48 -21.25
C ALA A 4 1.69 10.62 -20.83
N GLY A 5 1.14 9.52 -20.31
CA GLY A 5 -0.26 9.52 -19.88
C GLY A 5 -0.45 10.23 -18.56
N ARG A 6 -1.62 10.85 -18.39
CA ARG A 6 -1.93 11.57 -17.15
C ARG A 6 -3.12 10.94 -16.45
N THR A 7 -3.17 11.08 -15.13
CA THR A 7 -4.26 10.53 -14.33
C THR A 7 -4.42 9.03 -14.58
N GLY A 8 -3.31 8.38 -14.92
CA GLY A 8 -3.34 6.94 -15.17
C GLY A 8 -2.27 6.19 -14.39
N TYR A 9 -2.19 6.45 -13.10
CA TYR A 9 -1.21 5.79 -12.24
C TYR A 9 -1.42 4.28 -12.23
N ASP A 10 -0.32 3.55 -12.11
CA ASP A 10 -0.38 2.09 -12.10
C ASP A 10 -0.44 1.57 -10.66
N ASN A 11 -1.58 1.02 -10.28
CA ASN A 11 -1.76 0.49 -8.93
C ASN A 11 -0.77 -0.65 -8.66
N ARG A 12 -0.39 -1.36 -9.71
CA ARG A 12 0.56 -2.46 -9.60
C ARG A 12 1.92 -1.95 -9.16
N GLU A 13 2.33 -0.83 -9.72
CA GLU A 13 3.63 -0.24 -9.39
C GLU A 13 3.59 0.41 -8.00
N ILE A 14 2.54 1.17 -7.74
CA ILE A 14 2.39 1.83 -6.45
C ILE A 14 2.48 0.83 -5.30
N VAL A 15 1.96 -0.37 -5.54
CA VAL A 15 1.98 -1.44 -4.55
C VAL A 15 3.39 -2.02 -4.41
N MET A 16 3.91 -2.52 -5.53
CA MET A 16 5.25 -3.11 -5.55
C MET A 16 6.28 -2.16 -4.93
N LYS A 17 6.00 -0.86 -5.02
CA LYS A 17 6.89 0.15 -4.48
C LYS A 17 6.71 0.28 -2.97
N TYR A 18 5.47 0.46 -2.53
CA TYR A 18 5.17 0.59 -1.12
C TYR A 18 5.64 -0.64 -0.34
N ILE A 19 5.41 -1.81 -0.92
CA ILE A 19 5.81 -3.06 -0.29
C ILE A 19 7.33 -3.16 -0.20
N HIS A 20 8.02 -2.76 -1.26
CA HIS A 20 9.47 -2.79 -1.29
C HIS A 20 10.06 -1.84 -0.25
N TYR A 21 9.40 -0.71 -0.04
CA TYR A 21 9.86 0.28 0.93
C TYR A 21 9.76 -0.27 2.36
N LYS A 22 8.54 -0.56 2.78
CA LYS A 22 8.30 -1.08 4.12
C LYS A 22 9.11 -2.36 4.37
N LEU A 23 9.39 -3.09 3.28
CA LEU A 23 10.15 -4.33 3.38
C LEU A 23 11.62 -4.04 3.65
N SER A 24 12.15 -3.02 2.99
CA SER A 24 13.55 -2.65 3.16
C SER A 24 13.77 -1.96 4.51
N GLN A 25 12.73 -1.31 5.01
CA GLN A 25 12.81 -0.62 6.29
C GLN A 25 12.99 -1.61 7.44
N ARG A 26 12.33 -2.76 7.32
CA ARG A 26 12.42 -3.79 8.35
C ARG A 26 13.66 -4.65 8.18
N GLY A 27 14.36 -4.48 7.05
CA GLY A 27 15.56 -5.26 6.81
C GLY A 27 15.34 -6.38 5.81
N TYR A 28 14.27 -6.27 5.02
CA TYR A 28 13.96 -7.29 4.02
C TYR A 28 14.22 -6.76 2.61
N GLU A 29 14.80 -7.61 1.77
CA GLU A 29 15.09 -7.23 0.40
C GLU A 29 14.17 -7.94 -0.59
N TRP A 30 12.99 -7.39 -0.80
CA TRP A 30 12.02 -7.97 -1.72
C TRP A 30 12.43 -7.70 -3.17
N ASP A 31 12.41 -8.76 -3.99
CA ASP A 31 12.77 -8.63 -5.39
C ASP A 31 11.54 -8.81 -6.27
N ALA A 32 10.77 -7.74 -6.42
CA ALA A 32 9.57 -7.77 -7.24
C ALA A 32 9.92 -7.70 -8.73
N GLY A 33 10.78 -8.62 -9.18
CA GLY A 33 11.17 -8.66 -10.57
C GLY A 33 11.73 -7.32 -11.04
N ASP A 34 12.24 -6.53 -10.11
CA ASP A 34 12.81 -5.22 -10.43
C ASP A 34 14.11 -5.36 -11.19
N ASP A 35 14.03 -5.91 -12.40
CA ASP A 35 15.21 -6.10 -13.24
C ASP A 35 15.69 -4.76 -13.82
N VAL A 36 16.99 -4.57 -13.85
CA VAL A 36 17.58 -3.34 -14.38
C VAL A 36 18.59 -3.64 -15.47
N GLU A 37 18.09 -4.00 -16.66
CA GLU A 37 18.96 -4.30 -17.78
C GLU A 37 19.33 -3.03 -18.53
N GLU A 38 19.87 -2.05 -17.81
CA GLU A 38 20.27 -0.78 -18.40
C GLU A 38 20.90 0.14 -17.35
N ASN A 39 20.95 1.42 -17.65
CA ASN A 39 21.54 2.40 -16.73
C ASN A 39 20.46 3.05 -15.86
N ARG A 40 19.24 3.10 -16.37
CA ARG A 40 18.12 3.69 -15.65
C ARG A 40 18.44 5.13 -15.22
N THR A 41 19.11 5.86 -16.11
CA THR A 41 19.48 7.23 -15.82
C THR A 41 18.56 8.21 -16.56
N GLU A 42 17.69 8.88 -15.81
CA GLU A 42 16.75 9.83 -16.40
C GLU A 42 16.72 11.13 -15.60
N ALA A 43 16.57 12.24 -16.30
CA ALA A 43 16.52 13.55 -15.65
C ALA A 43 15.17 13.76 -14.95
N PRO A 44 15.10 14.76 -14.05
CA PRO A 44 13.87 15.07 -13.31
C PRO A 44 12.77 15.60 -14.22
N GLU A 45 12.05 14.69 -14.88
CA GLU A 45 10.97 15.08 -15.78
C GLU A 45 9.61 14.64 -15.24
N GLY A 46 9.62 13.70 -14.30
CA GLY A 46 8.38 13.20 -13.73
C GLY A 46 8.41 13.15 -12.21
N THR A 47 8.27 14.31 -11.58
CA THR A 47 8.28 14.40 -10.12
C THR A 47 6.88 14.21 -9.55
N GLU A 48 5.87 14.59 -10.32
CA GLU A 48 4.49 14.47 -9.89
C GLU A 48 4.14 13.03 -9.54
N SER A 49 4.57 12.10 -10.40
CA SER A 49 4.31 10.68 -10.17
C SER A 49 5.01 10.20 -8.91
N GLU A 50 6.21 10.69 -8.68
CA GLU A 50 6.98 10.31 -7.51
C GLU A 50 6.30 10.77 -6.23
N VAL A 51 5.49 11.82 -6.34
CA VAL A 51 4.77 12.35 -5.18
C VAL A 51 3.71 11.36 -4.69
N VAL A 52 2.94 10.80 -5.62
CA VAL A 52 1.90 9.84 -5.26
C VAL A 52 2.47 8.74 -4.36
N HIS A 53 3.72 8.38 -4.60
CA HIS A 53 4.39 7.36 -3.82
C HIS A 53 4.99 7.96 -2.56
N LEU A 54 5.39 9.22 -2.64
CA LEU A 54 6.00 9.92 -1.51
C LEU A 54 4.93 10.30 -0.49
N THR A 55 3.96 11.10 -0.92
CA THR A 55 2.88 11.53 -0.05
C THR A 55 2.15 10.33 0.54
N LEU A 56 2.07 9.25 -0.23
CA LEU A 56 1.41 8.03 0.21
C LEU A 56 2.25 7.33 1.27
N ARG A 57 3.57 7.47 1.16
CA ARG A 57 4.48 6.85 2.12
C ARG A 57 4.47 7.61 3.44
N GLN A 58 4.44 8.93 3.36
CA GLN A 58 4.42 9.77 4.54
C GLN A 58 3.08 9.66 5.25
N ALA A 59 2.02 9.45 4.48
CA ALA A 59 0.68 9.32 5.04
C ALA A 59 0.51 7.95 5.71
N GLY A 60 1.16 6.94 5.15
CA GLY A 60 1.08 5.61 5.70
C GLY A 60 2.02 5.41 6.87
N ASP A 61 3.21 6.00 6.77
CA ASP A 61 4.21 5.89 7.84
C ASP A 61 3.73 6.60 9.10
N ASP A 62 3.21 7.82 8.93
CA ASP A 62 2.70 8.60 10.06
C ASP A 62 1.53 7.88 10.72
N PHE A 63 0.69 7.27 9.90
CA PHE A 63 -0.47 6.55 10.42
C PHE A 63 -0.03 5.39 11.31
N SER A 64 1.02 4.69 10.89
CA SER A 64 1.54 3.56 11.66
C SER A 64 2.33 4.05 12.87
N ARG A 65 3.17 5.06 12.65
CA ARG A 65 3.99 5.61 13.72
C ARG A 65 3.12 6.11 14.87
N ARG A 66 1.91 6.55 14.55
CA ARG A 66 0.98 7.06 15.55
C ARG A 66 0.41 5.92 16.39
N TYR A 67 0.29 4.74 15.79
CA TYR A 67 -0.24 3.58 16.49
C TYR A 67 0.60 2.34 16.22
N ARG A 68 1.92 2.49 16.32
CA ARG A 68 2.84 1.39 16.08
C ARG A 68 2.54 0.22 17.01
N ARG A 69 2.24 0.53 18.26
CA ARG A 69 1.92 -0.50 19.25
C ARG A 69 0.76 -1.35 18.78
N ASP A 70 -0.32 -0.70 18.35
CA ASP A 70 -1.49 -1.41 17.86
C ASP A 70 -1.12 -2.32 16.69
N PHE A 71 -0.16 -1.86 15.90
CA PHE A 71 0.31 -2.62 14.75
C PHE A 71 1.09 -3.85 15.20
N ALA A 72 2.15 -3.61 15.98
CA ALA A 72 2.97 -4.71 16.48
C ALA A 72 2.13 -5.72 17.24
N GLU A 73 1.07 -5.24 17.88
CA GLU A 73 0.18 -6.09 18.65
C GLU A 73 -0.49 -7.11 17.73
N MET A 74 -0.98 -6.65 16.58
CA MET A 74 -1.64 -7.53 15.63
C MET A 74 -0.63 -8.23 14.74
N SER A 75 0.43 -7.51 14.36
CA SER A 75 1.47 -8.06 13.49
C SER A 75 2.29 -9.13 14.22
N SER A 76 2.84 -8.77 15.37
CA SER A 76 3.65 -9.70 16.16
C SER A 76 2.86 -10.98 16.48
N GLN A 77 1.59 -10.81 16.80
CA GLN A 77 0.73 -11.94 17.12
C GLN A 77 0.08 -12.53 15.86
N LEU A 78 0.11 -11.77 14.77
CA LEU A 78 -0.48 -12.20 13.52
C LEU A 78 0.07 -13.56 13.08
N HIS A 79 -0.82 -14.44 12.64
CA HIS A 79 -0.43 -15.75 12.17
C HIS A 79 -0.49 -15.80 10.65
N LEU A 80 0.66 -15.66 10.01
CA LEU A 80 0.71 -15.67 8.55
C LEU A 80 0.87 -17.08 8.00
N THR A 81 0.01 -17.42 7.05
CA THR A 81 0.03 -18.74 6.42
C THR A 81 -0.50 -18.66 5.00
N PRO A 82 0.32 -19.05 4.00
CA PRO A 82 -0.09 -19.01 2.59
C PRO A 82 -1.31 -19.90 2.32
N PHE A 83 -1.60 -20.80 3.24
CA PHE A 83 -2.73 -21.71 3.10
C PHE A 83 -4.06 -20.95 3.07
N THR A 84 -4.24 -20.03 4.01
CA THR A 84 -5.47 -19.25 4.09
C THR A 84 -5.19 -17.77 4.29
N ALA A 85 -3.95 -17.34 4.04
CA ALA A 85 -3.59 -15.93 4.20
C ALA A 85 -4.43 -15.04 3.29
N ARG A 86 -4.77 -15.55 2.12
CA ARG A 86 -5.58 -14.80 1.16
C ARG A 86 -6.94 -14.45 1.74
N GLY A 87 -7.57 -15.44 2.40
CA GLY A 87 -8.87 -15.22 2.99
C GLY A 87 -8.84 -14.18 4.10
N ARG A 88 -7.77 -14.20 4.89
CA ARG A 88 -7.62 -13.25 5.98
C ARG A 88 -7.39 -11.84 5.45
N PHE A 89 -6.63 -11.74 4.36
CA PHE A 89 -6.34 -10.45 3.75
C PHE A 89 -7.64 -9.78 3.30
N ALA A 90 -8.47 -10.54 2.59
CA ALA A 90 -9.73 -10.02 2.10
C ALA A 90 -10.62 -9.55 3.24
N THR A 91 -10.56 -10.28 4.35
CA THR A 91 -11.36 -9.94 5.53
C THR A 91 -10.98 -8.54 6.03
N VAL A 92 -9.68 -8.28 6.08
CA VAL A 92 -9.17 -6.99 6.54
C VAL A 92 -9.37 -5.93 5.47
N VAL A 93 -9.20 -6.33 4.21
CA VAL A 93 -9.35 -5.41 3.09
C VAL A 93 -10.83 -5.09 2.84
N GLU A 94 -11.61 -6.12 2.56
CA GLU A 94 -13.03 -5.94 2.28
C GLU A 94 -13.73 -5.19 3.40
N GLU A 95 -13.22 -5.30 4.62
CA GLU A 95 -13.81 -4.60 5.75
C GLU A 95 -13.37 -3.13 5.74
N LEU A 96 -12.21 -2.89 5.17
CA LEU A 96 -11.66 -1.55 5.07
C LEU A 96 -12.53 -0.67 4.18
N PHE A 97 -13.08 -1.28 3.13
CA PHE A 97 -13.94 -0.56 2.20
C PHE A 97 -15.40 -0.97 2.34
N ARG A 98 -15.71 -1.67 3.43
CA ARG A 98 -17.07 -2.12 3.70
C ARG A 98 -17.96 -0.94 4.10
N ASP A 99 -17.40 -0.03 4.89
CA ASP A 99 -18.14 1.14 5.36
C ASP A 99 -17.91 2.33 4.43
N GLY A 100 -17.43 2.07 3.21
CA GLY A 100 -17.18 3.13 2.26
C GLY A 100 -15.71 3.43 2.09
N VAL A 101 -15.27 3.49 0.84
CA VAL A 101 -13.86 3.77 0.55
C VAL A 101 -13.50 5.20 0.89
N ASN A 102 -12.27 5.39 1.38
CA ASN A 102 -11.78 6.71 1.74
C ASN A 102 -10.26 6.74 1.70
N TRP A 103 -9.70 7.90 1.39
CA TRP A 103 -8.25 8.05 1.32
C TRP A 103 -7.57 7.45 2.55
N GLY A 104 -8.14 7.72 3.72
CA GLY A 104 -7.59 7.18 4.94
C GLY A 104 -7.66 5.67 4.95
N ARG A 105 -8.82 5.13 4.59
CA ARG A 105 -9.01 3.69 4.52
C ARG A 105 -8.00 3.08 3.57
N ILE A 106 -7.87 3.68 2.39
CA ILE A 106 -6.92 3.21 1.40
C ILE A 106 -5.52 3.08 2.01
N VAL A 107 -5.25 3.91 3.02
CA VAL A 107 -3.96 3.88 3.69
C VAL A 107 -3.81 2.57 4.48
N ALA A 108 -4.89 2.11 5.10
CA ALA A 108 -4.86 0.87 5.85
C ALA A 108 -4.65 -0.31 4.92
N PHE A 109 -5.25 -0.21 3.73
CA PHE A 109 -5.14 -1.26 2.72
C PHE A 109 -3.69 -1.44 2.30
N PHE A 110 -2.98 -0.33 2.13
CA PHE A 110 -1.57 -0.38 1.72
C PHE A 110 -0.68 -0.73 2.90
N GLU A 111 -0.98 -0.16 4.07
CA GLU A 111 -0.20 -0.42 5.26
C GLU A 111 -0.34 -1.88 5.68
N PHE A 112 -1.58 -2.37 5.62
CA PHE A 112 -1.87 -3.75 5.97
C PHE A 112 -1.09 -4.73 5.10
N GLY A 113 -1.16 -4.52 3.78
CA GLY A 113 -0.45 -5.38 2.87
C GLY A 113 1.04 -5.45 3.14
N GLY A 114 1.60 -4.34 3.61
CA GLY A 114 3.02 -4.30 3.93
C GLY A 114 3.37 -5.19 5.10
N VAL A 115 2.49 -5.21 6.10
CA VAL A 115 2.69 -6.03 7.28
C VAL A 115 2.77 -7.51 6.90
N MET A 116 1.82 -7.94 6.08
CA MET A 116 1.77 -9.33 5.62
C MET A 116 3.13 -9.76 5.07
N CYS A 117 3.73 -8.88 4.27
CA CYS A 117 5.03 -9.15 3.67
C CYS A 117 6.11 -9.29 4.74
N VAL A 118 6.16 -8.32 5.64
CA VAL A 118 7.15 -8.33 6.71
C VAL A 118 6.97 -9.54 7.62
N GLU A 119 5.71 -9.93 7.82
CA GLU A 119 5.40 -11.07 8.67
C GLU A 119 5.75 -12.38 7.95
N SER A 120 5.63 -12.37 6.63
CA SER A 120 5.95 -13.55 5.83
C SER A 120 7.44 -13.84 5.85
N VAL A 121 8.24 -12.81 5.56
CA VAL A 121 9.68 -12.95 5.56
C VAL A 121 10.19 -13.43 6.92
N ASN A 122 9.48 -13.03 7.97
CA ASN A 122 9.84 -13.42 9.32
C ASN A 122 9.83 -14.94 9.48
N ARG A 123 8.76 -15.56 9.00
CA ARG A 123 8.61 -17.01 9.08
C ARG A 123 9.16 -17.70 7.83
N GLU A 124 10.06 -17.03 7.13
CA GLU A 124 10.65 -17.58 5.91
C GLU A 124 9.60 -17.85 4.84
N MET A 125 8.74 -16.87 4.62
CA MET A 125 7.69 -17.00 3.62
C MET A 125 7.76 -15.85 2.61
N SER A 126 8.97 -15.56 2.15
CA SER A 126 9.20 -14.48 1.18
C SER A 126 8.21 -14.55 0.02
N PRO A 127 8.05 -15.73 -0.60
CA PRO A 127 7.13 -15.92 -1.73
C PRO A 127 5.79 -15.21 -1.53
N LEU A 128 5.38 -15.09 -0.27
CA LEU A 128 4.12 -14.42 0.04
C LEU A 128 4.15 -12.95 -0.36
N VAL A 129 5.31 -12.32 -0.17
CA VAL A 129 5.48 -10.91 -0.51
C VAL A 129 5.01 -10.64 -1.94
N ASP A 130 5.17 -11.63 -2.81
CA ASP A 130 4.75 -11.49 -4.20
C ASP A 130 3.25 -11.75 -4.34
N ASN A 131 2.72 -12.60 -3.47
CA ASN A 131 1.30 -12.92 -3.48
C ASN A 131 0.49 -11.82 -2.83
N ILE A 132 0.97 -11.31 -1.69
CA ILE A 132 0.28 -10.25 -0.98
C ILE A 132 0.19 -8.99 -1.83
N ALA A 133 1.33 -8.49 -2.28
CA ALA A 133 1.37 -7.30 -3.12
C ALA A 133 0.56 -7.51 -4.39
N LEU A 134 0.52 -8.76 -4.86
CA LEU A 134 -0.22 -9.10 -6.06
C LEU A 134 -1.72 -8.92 -5.83
N TRP A 135 -2.20 -9.39 -4.68
CA TRP A 135 -3.62 -9.27 -4.36
C TRP A 135 -4.01 -7.81 -4.23
N MET A 136 -3.11 -6.99 -3.69
CA MET A 136 -3.36 -5.58 -3.52
C MET A 136 -3.54 -4.90 -4.88
N THR A 137 -2.66 -5.23 -5.82
CA THR A 137 -2.72 -4.65 -7.14
C THR A 137 -4.08 -4.93 -7.79
N GLU A 138 -4.55 -6.16 -7.66
CA GLU A 138 -5.83 -6.56 -8.22
C GLU A 138 -6.97 -5.78 -7.56
N TYR A 139 -6.98 -5.78 -6.23
CA TYR A 139 -8.02 -5.06 -5.48
C TYR A 139 -8.01 -3.58 -5.80
N LEU A 140 -6.83 -3.05 -6.11
CA LEU A 140 -6.69 -1.63 -6.42
C LEU A 140 -7.27 -1.31 -7.80
N ASN A 141 -6.95 -2.16 -8.78
CA ASN A 141 -7.42 -1.96 -10.15
C ASN A 141 -8.82 -2.54 -10.36
N ARG A 142 -9.28 -3.37 -9.42
CA ARG A 142 -10.59 -4.00 -9.55
C ARG A 142 -11.70 -3.19 -8.87
N HIS A 143 -11.50 -2.83 -7.61
CA HIS A 143 -12.51 -2.08 -6.86
C HIS A 143 -12.08 -0.63 -6.58
N LEU A 144 -10.84 -0.46 -6.13
CA LEU A 144 -10.34 0.87 -5.82
C LEU A 144 -9.95 1.66 -7.07
N HIS A 145 -10.15 1.08 -8.24
CA HIS A 145 -9.82 1.74 -9.49
C HIS A 145 -10.81 2.85 -9.82
N THR A 146 -12.09 2.51 -9.88
CA THR A 146 -13.13 3.48 -10.19
C THR A 146 -13.26 4.53 -9.11
N TRP A 147 -13.48 4.08 -7.87
CA TRP A 147 -13.62 4.99 -6.74
C TRP A 147 -12.54 6.06 -6.73
N ILE A 148 -11.28 5.63 -6.75
CA ILE A 148 -10.17 6.57 -6.74
C ILE A 148 -10.27 7.56 -7.90
N GLN A 149 -10.73 7.08 -9.04
CA GLN A 149 -10.88 7.93 -10.22
C GLN A 149 -11.91 9.02 -9.97
N ASP A 150 -12.97 8.67 -9.24
CA ASP A 150 -14.03 9.62 -8.93
C ASP A 150 -13.64 10.54 -7.77
N ASN A 151 -12.59 10.16 -7.05
CA ASN A 151 -12.12 10.97 -5.91
C ASN A 151 -10.91 11.79 -6.30
N GLY A 152 -10.87 12.20 -7.56
CA GLY A 152 -9.76 13.00 -8.06
C GLY A 152 -8.47 12.20 -8.19
N GLY A 153 -8.58 10.87 -8.17
CA GLY A 153 -7.42 10.02 -8.28
C GLY A 153 -6.36 10.34 -7.25
N TRP A 154 -5.15 9.82 -7.46
CA TRP A 154 -4.05 10.04 -6.54
C TRP A 154 -3.76 11.53 -6.39
N ASP A 155 -4.10 12.31 -7.42
CA ASP A 155 -3.89 13.75 -7.39
C ASP A 155 -4.59 14.37 -6.19
N ALA A 156 -5.84 13.98 -5.98
CA ALA A 156 -6.63 14.48 -4.85
C ALA A 156 -6.01 14.04 -3.53
N PHE A 157 -5.57 12.79 -3.47
CA PHE A 157 -4.95 12.24 -2.27
C PHE A 157 -3.68 13.02 -1.94
N VAL A 158 -2.88 13.31 -2.96
CA VAL A 158 -1.65 14.05 -2.78
C VAL A 158 -1.92 15.41 -2.16
N GLU A 159 -3.01 16.04 -2.59
CA GLU A 159 -3.39 17.34 -2.08
C GLU A 159 -3.99 17.22 -0.69
N LEU A 160 -4.74 16.14 -0.47
CA LEU A 160 -5.38 15.90 0.81
C LEU A 160 -4.38 15.40 1.86
N TYR A 161 -3.31 14.75 1.39
CA TYR A 161 -2.28 14.23 2.30
C TYR A 161 -0.90 14.80 1.95
N GLY A 162 -0.89 15.94 1.26
CA GLY A 162 0.37 16.56 0.90
C GLY A 162 1.23 16.89 2.09
N PRO A 163 2.39 17.53 1.89
CA PRO A 163 3.30 17.90 2.97
C PRO A 163 2.74 19.01 3.86
N SER A 164 2.10 20.00 3.23
CA SER A 164 1.52 21.11 3.96
C SER A 164 0.29 20.66 4.75
N MET A 165 -0.40 19.65 4.24
CA MET A 165 -1.60 19.14 4.90
C MET A 165 -1.27 18.66 6.31
N ARG A 166 -1.73 19.41 7.30
CA ARG A 166 -1.48 19.06 8.70
C ARG A 166 -2.13 17.71 9.05
N PRO A 167 -1.39 16.83 9.76
CA PRO A 167 -1.92 15.52 10.15
C PRO A 167 -3.24 15.62 10.91
N LEU A 168 -4.35 15.56 10.18
CA LEU A 168 -5.66 15.65 10.79
C LEU A 168 -6.65 14.70 10.11
N PHE A 169 -6.16 13.51 9.77
CA PHE A 169 -7.00 12.51 9.11
C PHE A 169 -6.94 11.18 9.86
N ASP A 170 -8.00 10.89 10.61
CA ASP A 170 -8.09 9.65 11.38
C ASP A 170 -9.00 8.64 10.68
N PHE A 171 -8.60 7.38 10.72
CA PHE A 171 -9.39 6.32 10.11
C PHE A 171 -9.78 5.26 11.14
N SER A 172 -10.98 4.73 11.02
CA SER A 172 -11.47 3.71 11.94
C SER A 172 -10.64 2.43 11.79
N TRP A 173 -9.82 2.14 12.80
CA TRP A 173 -8.98 0.95 12.78
C TRP A 173 -9.77 -0.28 12.39
N LEU A 174 -9.21 -1.08 11.48
CA LEU A 174 -9.86 -2.29 11.01
C LEU A 174 -9.78 -3.39 12.06
N SER A 175 -10.56 -3.23 13.12
CA SER A 175 -10.58 -4.20 14.22
C SER A 175 -11.00 -5.57 13.73
N LEU A 176 -10.09 -6.53 13.81
CA LEU A 176 -10.36 -7.89 13.37
C LEU A 176 -9.70 -8.91 14.29
N LYS A 177 -10.52 -9.74 14.94
CA LYS A 177 -10.03 -10.76 15.84
C LYS A 177 -11.15 -11.69 16.30
N MET A 1 0.15 8.38 -29.25
CA MET A 1 0.58 9.80 -29.11
C MET A 1 -0.39 10.75 -29.82
N ALA A 2 -1.65 10.35 -29.89
CA ALA A 2 -2.67 11.16 -30.55
C ALA A 2 -3.77 11.54 -29.57
N HIS A 3 -4.20 10.59 -28.75
CA HIS A 3 -5.24 10.82 -27.77
C HIS A 3 -4.75 10.51 -26.36
N ALA A 4 -4.76 11.53 -25.50
CA ALA A 4 -4.32 11.38 -24.12
C ALA A 4 -5.49 11.46 -23.15
N GLY A 5 -6.00 10.31 -22.74
CA GLY A 5 -7.12 10.28 -21.82
C GLY A 5 -6.74 10.72 -20.41
N ARG A 6 -5.44 10.70 -20.12
CA ARG A 6 -4.94 11.11 -18.81
C ARG A 6 -5.75 10.48 -17.68
N THR A 7 -5.50 10.94 -16.45
CA THR A 7 -6.22 10.42 -15.28
C THR A 7 -6.21 8.89 -15.26
N GLY A 8 -5.02 8.32 -15.06
CA GLY A 8 -4.90 6.88 -15.02
C GLY A 8 -3.59 6.43 -14.41
N TYR A 9 -3.59 6.19 -13.10
CA TYR A 9 -2.39 5.75 -12.40
C TYR A 9 -2.28 4.23 -12.42
N ASP A 10 -1.09 3.73 -12.12
CA ASP A 10 -0.84 2.29 -12.10
C ASP A 10 -0.83 1.75 -10.67
N ASN A 11 -1.91 1.09 -10.28
CA ASN A 11 -2.01 0.52 -8.93
C ASN A 11 -1.00 -0.59 -8.73
N ARG A 12 -0.63 -1.26 -9.82
CA ARG A 12 0.33 -2.36 -9.77
C ARG A 12 1.72 -1.85 -9.38
N GLU A 13 2.00 -0.60 -9.76
CA GLU A 13 3.30 0.00 -9.45
C GLU A 13 3.30 0.62 -8.07
N ILE A 14 2.22 1.33 -7.73
CA ILE A 14 2.11 1.96 -6.42
C ILE A 14 2.27 0.93 -5.31
N VAL A 15 1.83 -0.29 -5.59
CA VAL A 15 1.92 -1.38 -4.62
C VAL A 15 3.34 -1.94 -4.58
N MET A 16 3.79 -2.47 -5.72
CA MET A 16 5.14 -3.04 -5.81
C MET A 16 6.19 -2.07 -5.28
N LYS A 17 5.88 -0.78 -5.36
CA LYS A 17 6.79 0.26 -4.88
C LYS A 17 6.60 0.50 -3.39
N TYR A 18 5.34 0.57 -2.97
CA TYR A 18 5.02 0.80 -1.56
C TYR A 18 5.58 -0.33 -0.69
N ILE A 19 5.48 -1.55 -1.19
CA ILE A 19 5.98 -2.72 -0.48
C ILE A 19 7.50 -2.73 -0.45
N HIS A 20 8.12 -2.40 -1.57
CA HIS A 20 9.57 -2.38 -1.68
C HIS A 20 10.17 -1.43 -0.66
N TYR A 21 9.60 -0.24 -0.54
CA TYR A 21 10.09 0.77 0.40
C TYR A 21 9.88 0.30 1.84
N LYS A 22 8.65 -0.07 2.17
CA LYS A 22 8.31 -0.54 3.51
C LYS A 22 9.17 -1.74 3.88
N LEU A 23 9.42 -2.61 2.92
CA LEU A 23 10.23 -3.80 3.15
C LEU A 23 11.69 -3.43 3.38
N SER A 24 12.12 -2.34 2.76
CA SER A 24 13.50 -1.87 2.90
C SER A 24 13.69 -1.16 4.24
N GLN A 25 12.63 -0.55 4.75
CA GLN A 25 12.68 0.18 6.00
C GLN A 25 12.87 -0.78 7.18
N ARG A 26 12.25 -1.95 7.08
CA ARG A 26 12.35 -2.96 8.14
C ARG A 26 13.65 -3.74 8.04
N GLY A 27 14.36 -3.58 6.93
CA GLY A 27 15.61 -4.27 6.74
C GLY A 27 15.49 -5.44 5.77
N TYR A 28 14.41 -5.46 5.01
CA TYR A 28 14.19 -6.53 4.04
C TYR A 28 14.42 -6.04 2.62
N GLU A 29 15.08 -6.87 1.81
CA GLU A 29 15.37 -6.51 0.43
C GLU A 29 14.49 -7.31 -0.52
N TRP A 30 13.27 -6.84 -0.74
CA TRP A 30 12.34 -7.50 -1.63
C TRP A 30 12.78 -7.39 -3.09
N ASP A 31 12.64 -8.48 -3.84
CA ASP A 31 13.03 -8.50 -5.24
C ASP A 31 11.80 -8.66 -6.13
N ALA A 32 11.08 -7.57 -6.34
CA ALA A 32 9.89 -7.58 -7.17
C ALA A 32 10.25 -7.60 -8.66
N GLY A 33 11.07 -8.58 -9.05
CA GLY A 33 11.48 -8.69 -10.44
C GLY A 33 12.20 -7.45 -10.92
N ASP A 34 12.72 -6.65 -9.99
CA ASP A 34 13.42 -5.43 -10.34
C ASP A 34 14.85 -5.73 -10.82
N ASP A 35 14.94 -6.49 -11.92
CA ASP A 35 16.23 -6.84 -12.48
C ASP A 35 16.66 -5.85 -13.55
N VAL A 36 17.74 -5.12 -13.29
CA VAL A 36 18.25 -4.13 -14.24
C VAL A 36 19.49 -4.65 -14.95
N GLU A 37 19.49 -5.96 -15.24
CA GLU A 37 20.61 -6.60 -15.92
C GLU A 37 21.96 -6.05 -15.45
N GLU A 38 22.02 -5.74 -14.16
CA GLU A 38 23.24 -5.21 -13.56
C GLU A 38 23.69 -3.94 -14.29
N ASN A 39 23.00 -2.83 -14.03
CA ASN A 39 23.32 -1.56 -14.65
C ASN A 39 23.05 -0.40 -13.70
N ARG A 40 21.88 -0.43 -13.07
CA ARG A 40 21.50 0.62 -12.13
C ARG A 40 21.39 1.97 -12.83
N THR A 41 20.85 1.95 -14.05
CA THR A 41 20.68 3.16 -14.83
C THR A 41 19.23 3.64 -14.77
N GLU A 42 19.00 4.73 -14.05
CA GLU A 42 17.66 5.29 -13.92
C GLU A 42 17.64 6.76 -14.34
N ALA A 43 16.80 7.07 -15.33
CA ALA A 43 16.69 8.44 -15.82
C ALA A 43 15.49 9.14 -15.22
N PRO A 44 15.53 10.49 -15.13
CA PRO A 44 14.44 11.28 -14.56
C PRO A 44 13.20 11.27 -15.45
N GLU A 45 12.43 10.18 -15.34
CA GLU A 45 11.20 10.05 -16.13
C GLU A 45 10.01 9.74 -15.23
N GLY A 46 9.53 10.77 -14.53
CA GLY A 46 8.39 10.60 -13.65
C GLY A 46 8.61 11.25 -12.29
N THR A 47 8.20 12.51 -12.19
CA THR A 47 8.35 13.26 -10.94
C THR A 47 7.05 13.25 -10.14
N GLU A 48 5.94 13.46 -10.83
CA GLU A 48 4.63 13.48 -10.19
C GLU A 48 4.22 12.08 -9.75
N SER A 49 4.42 11.10 -10.62
CA SER A 49 4.08 9.71 -10.32
C SER A 49 4.84 9.23 -9.09
N GLU A 50 6.07 9.70 -8.93
CA GLU A 50 6.90 9.31 -7.79
C GLU A 50 6.28 9.78 -6.48
N VAL A 51 5.61 10.92 -6.54
CA VAL A 51 4.97 11.48 -5.35
C VAL A 51 3.85 10.57 -4.85
N VAL A 52 2.98 10.13 -5.75
CA VAL A 52 1.88 9.25 -5.37
C VAL A 52 2.38 8.06 -4.58
N HIS A 53 3.60 7.62 -4.87
CA HIS A 53 4.21 6.49 -4.18
C HIS A 53 4.90 6.95 -2.91
N LEU A 54 5.43 8.17 -2.93
CA LEU A 54 6.12 8.73 -1.78
C LEU A 54 5.13 9.23 -0.74
N THR A 55 4.29 10.18 -1.13
CA THR A 55 3.29 10.73 -0.22
C THR A 55 2.40 9.63 0.35
N LEU A 56 2.15 8.61 -0.46
CA LEU A 56 1.33 7.49 -0.03
C LEU A 56 2.06 6.63 0.99
N ARG A 57 3.37 6.53 0.83
CA ARG A 57 4.21 5.75 1.73
C ARG A 57 4.34 6.44 3.08
N GLN A 58 4.47 7.78 3.04
CA GLN A 58 4.60 8.56 4.27
C GLN A 58 3.27 8.64 5.00
N ALA A 59 2.18 8.60 4.24
CA ALA A 59 0.85 8.67 4.82
C ALA A 59 0.58 7.46 5.72
N GLY A 60 0.95 6.29 5.23
CA GLY A 60 0.75 5.07 5.99
C GLY A 60 1.79 4.89 7.09
N ASP A 61 3.03 5.20 6.77
CA ASP A 61 4.13 5.07 7.73
C ASP A 61 3.88 5.98 8.94
N ASP A 62 3.46 7.21 8.66
CA ASP A 62 3.19 8.17 9.72
C ASP A 62 2.09 7.67 10.66
N PHE A 63 1.03 7.12 10.06
CA PHE A 63 -0.09 6.60 10.83
C PHE A 63 0.36 5.42 11.70
N SER A 64 1.24 4.59 11.15
CA SER A 64 1.75 3.43 11.87
C SER A 64 2.44 3.84 13.16
N ARG A 65 3.34 4.81 13.06
CA ARG A 65 4.08 5.30 14.22
C ARG A 65 3.13 5.84 15.28
N ARG A 66 1.96 6.30 14.84
CA ARG A 66 0.96 6.84 15.75
C ARG A 66 0.17 5.73 16.44
N TYR A 67 0.03 4.60 15.76
CA TYR A 67 -0.70 3.46 16.30
C TYR A 67 0.13 2.18 16.23
N ARG A 68 1.42 2.32 16.51
CA ARG A 68 2.33 1.17 16.49
C ARG A 68 1.87 0.09 17.46
N ARG A 69 1.38 0.52 18.62
CA ARG A 69 0.91 -0.42 19.64
C ARG A 69 -0.20 -1.29 19.10
N ASP A 70 -1.22 -0.66 18.52
CA ASP A 70 -2.35 -1.39 17.95
C ASP A 70 -1.88 -2.33 16.85
N PHE A 71 -0.83 -1.92 16.14
CA PHE A 71 -0.27 -2.72 15.06
C PHE A 71 0.48 -3.92 15.61
N ALA A 72 1.39 -3.66 16.54
CA ALA A 72 2.18 -4.73 17.14
C ALA A 72 1.28 -5.80 17.77
N GLU A 73 0.16 -5.36 18.34
CA GLU A 73 -0.77 -6.28 18.97
C GLU A 73 -1.34 -7.26 17.95
N MET A 74 -1.73 -6.75 16.79
CA MET A 74 -2.31 -7.60 15.74
C MET A 74 -1.20 -8.26 14.91
N SER A 75 -0.11 -7.54 14.69
CA SER A 75 1.00 -8.06 13.89
C SER A 75 1.77 -9.13 14.66
N SER A 76 2.20 -8.80 15.87
CA SER A 76 2.96 -9.73 16.69
C SER A 76 2.20 -11.04 16.91
N GLN A 77 0.88 -10.95 16.93
CA GLN A 77 0.04 -12.13 17.13
C GLN A 77 -0.53 -12.64 15.81
N LEU A 78 -0.44 -11.83 14.76
CA LEU A 78 -0.94 -12.21 13.45
C LEU A 78 -0.32 -13.53 12.97
N HIS A 79 -1.17 -14.53 12.76
CA HIS A 79 -0.71 -15.83 12.28
C HIS A 79 -0.74 -15.86 10.76
N LEU A 80 0.41 -15.69 10.14
CA LEU A 80 0.52 -15.68 8.69
C LEU A 80 0.73 -17.09 8.14
N THR A 81 -0.04 -17.42 7.11
CA THR A 81 0.05 -18.73 6.46
C THR A 81 -0.30 -18.62 4.98
N PRO A 82 0.62 -19.01 4.08
CA PRO A 82 0.39 -18.94 2.64
C PRO A 82 -0.78 -19.81 2.18
N PHE A 83 -1.26 -20.68 3.06
CA PHE A 83 -2.37 -21.57 2.74
C PHE A 83 -3.72 -20.89 2.97
N THR A 84 -3.81 -20.04 3.98
CA THR A 84 -5.06 -19.36 4.30
C THR A 84 -4.86 -17.87 4.54
N ALA A 85 -3.73 -17.31 4.12
CA ALA A 85 -3.47 -15.89 4.31
C ALA A 85 -4.33 -15.05 3.40
N ARG A 86 -4.64 -15.58 2.22
CA ARG A 86 -5.46 -14.86 1.25
C ARG A 86 -6.87 -14.64 1.80
N GLY A 87 -7.47 -15.70 2.32
CA GLY A 87 -8.81 -15.59 2.88
C GLY A 87 -8.89 -14.60 4.02
N ARG A 88 -7.81 -14.52 4.80
CA ARG A 88 -7.76 -13.60 5.93
C ARG A 88 -7.55 -12.17 5.45
N PHE A 89 -6.82 -12.02 4.34
CA PHE A 89 -6.54 -10.72 3.77
C PHE A 89 -7.84 -10.05 3.30
N ALA A 90 -8.70 -10.83 2.67
CA ALA A 90 -9.98 -10.32 2.19
C ALA A 90 -10.84 -9.83 3.34
N THR A 91 -10.72 -10.49 4.48
CA THR A 91 -11.49 -10.12 5.67
C THR A 91 -11.10 -8.72 6.14
N VAL A 92 -9.80 -8.45 6.10
CA VAL A 92 -9.28 -7.14 6.51
C VAL A 92 -9.59 -6.08 5.47
N VAL A 93 -9.60 -6.49 4.21
CA VAL A 93 -9.89 -5.57 3.11
C VAL A 93 -11.39 -5.31 3.00
N GLU A 94 -12.16 -6.38 2.86
CA GLU A 94 -13.60 -6.27 2.75
C GLU A 94 -14.20 -5.43 3.87
N GLU A 95 -13.55 -5.45 5.03
CA GLU A 95 -14.01 -4.67 6.17
C GLU A 95 -13.56 -3.22 6.00
N LEU A 96 -12.42 -3.04 5.35
CA LEU A 96 -11.88 -1.71 5.10
C LEU A 96 -12.78 -0.91 4.18
N PHE A 97 -13.38 -1.59 3.20
CA PHE A 97 -14.26 -0.94 2.24
C PHE A 97 -15.70 -1.44 2.35
N ARG A 98 -16.01 -2.14 3.44
CA ARG A 98 -17.35 -2.66 3.65
C ARG A 98 -18.36 -1.53 3.83
N ASP A 99 -18.09 -0.66 4.80
CA ASP A 99 -18.97 0.47 5.07
C ASP A 99 -18.81 1.56 4.03
N GLY A 100 -17.60 1.66 3.47
CA GLY A 100 -17.34 2.67 2.46
C GLY A 100 -15.85 2.91 2.27
N VAL A 101 -15.49 3.49 1.13
CA VAL A 101 -14.09 3.77 0.83
C VAL A 101 -13.73 5.20 1.17
N ASN A 102 -12.49 5.39 1.65
CA ASN A 102 -12.01 6.72 2.01
C ASN A 102 -10.49 6.75 1.96
N TRP A 103 -9.92 7.93 1.70
CA TRP A 103 -8.47 8.08 1.63
C TRP A 103 -7.79 7.41 2.82
N GLY A 104 -8.39 7.56 4.00
CA GLY A 104 -7.82 6.94 5.19
C GLY A 104 -7.89 5.43 5.11
N ARG A 105 -9.06 4.91 4.77
CA ARG A 105 -9.26 3.48 4.65
C ARG A 105 -8.28 2.89 3.64
N ILE A 106 -8.15 3.58 2.50
CA ILE A 106 -7.23 3.14 1.46
C ILE A 106 -5.81 3.01 2.01
N VAL A 107 -5.48 3.84 3.00
CA VAL A 107 -4.17 3.80 3.62
C VAL A 107 -3.97 2.49 4.36
N ALA A 108 -5.03 1.98 4.96
CA ALA A 108 -4.96 0.72 5.68
C ALA A 108 -4.71 -0.43 4.72
N PHE A 109 -5.31 -0.33 3.54
CA PHE A 109 -5.15 -1.36 2.51
C PHE A 109 -3.68 -1.53 2.13
N PHE A 110 -2.99 -0.41 1.99
CA PHE A 110 -1.57 -0.43 1.62
C PHE A 110 -0.72 -0.83 2.82
N GLU A 111 -1.03 -0.26 3.99
CA GLU A 111 -0.30 -0.58 5.20
C GLU A 111 -0.53 -2.02 5.60
N PHE A 112 -1.73 -2.52 5.32
CA PHE A 112 -2.10 -3.89 5.63
C PHE A 112 -1.20 -4.87 4.89
N GLY A 113 -1.18 -4.75 3.57
CA GLY A 113 -0.37 -5.63 2.75
C GLY A 113 1.11 -5.54 3.11
N GLY A 114 1.55 -4.36 3.53
CA GLY A 114 2.93 -4.17 3.90
C GLY A 114 3.29 -4.93 5.16
N VAL A 115 2.31 -5.10 6.04
CA VAL A 115 2.52 -5.81 7.30
C VAL A 115 2.85 -7.28 7.03
N MET A 116 1.94 -7.97 6.35
CA MET A 116 2.14 -9.38 6.04
C MET A 116 3.51 -9.61 5.40
N CYS A 117 3.90 -8.69 4.51
CA CYS A 117 5.19 -8.79 3.82
C CYS A 117 6.34 -8.82 4.84
N VAL A 118 6.28 -7.92 5.82
CA VAL A 118 7.32 -7.85 6.84
C VAL A 118 7.21 -9.03 7.80
N GLU A 119 5.99 -9.52 7.99
CA GLU A 119 5.76 -10.65 8.89
C GLU A 119 6.10 -11.96 8.21
N SER A 120 5.95 -12.00 6.88
CA SER A 120 6.26 -13.20 6.11
C SER A 120 7.75 -13.45 6.08
N VAL A 121 8.52 -12.39 5.87
CA VAL A 121 9.97 -12.48 5.82
C VAL A 121 10.52 -13.06 7.12
N ASN A 122 9.86 -12.73 8.23
CA ASN A 122 10.27 -13.22 9.53
C ASN A 122 10.04 -14.73 9.64
N ARG A 123 8.86 -15.18 9.21
CA ARG A 123 8.51 -16.59 9.25
C ARG A 123 9.21 -17.36 8.13
N GLU A 124 9.94 -16.66 7.28
CA GLU A 124 10.67 -17.28 6.16
C GLU A 124 9.73 -17.63 5.01
N MET A 125 8.76 -16.76 4.76
CA MET A 125 7.81 -16.97 3.68
C MET A 125 7.86 -15.82 2.68
N SER A 126 9.08 -15.39 2.35
CA SER A 126 9.30 -14.28 1.43
C SER A 126 8.37 -14.36 0.21
N PRO A 127 8.30 -15.53 -0.45
CA PRO A 127 7.45 -15.72 -1.63
C PRO A 127 6.07 -15.08 -1.48
N LEU A 128 5.59 -14.99 -0.24
CA LEU A 128 4.29 -14.39 0.03
C LEU A 128 4.29 -12.90 -0.32
N VAL A 129 5.40 -12.23 -0.02
CA VAL A 129 5.53 -10.81 -0.30
C VAL A 129 5.11 -10.49 -1.75
N ASP A 130 5.37 -11.43 -2.64
CA ASP A 130 5.01 -11.26 -4.04
C ASP A 130 3.52 -11.53 -4.26
N ASN A 131 2.97 -12.43 -3.46
CA ASN A 131 1.56 -12.77 -3.55
C ASN A 131 0.69 -11.70 -2.90
N ILE A 132 1.15 -11.20 -1.75
CA ILE A 132 0.41 -10.17 -1.02
C ILE A 132 0.25 -8.92 -1.88
N ALA A 133 1.36 -8.39 -2.36
CA ALA A 133 1.34 -7.20 -3.19
C ALA A 133 0.50 -7.43 -4.45
N LEU A 134 0.53 -8.66 -4.95
CA LEU A 134 -0.24 -9.01 -6.14
C LEU A 134 -1.74 -8.87 -5.89
N TRP A 135 -2.17 -9.28 -4.70
CA TRP A 135 -3.57 -9.19 -4.34
C TRP A 135 -4.02 -7.75 -4.25
N MET A 136 -3.12 -6.88 -3.79
CA MET A 136 -3.41 -5.46 -3.66
C MET A 136 -3.65 -4.84 -5.03
N THR A 137 -2.77 -5.15 -5.98
CA THR A 137 -2.90 -4.63 -7.33
C THR A 137 -4.26 -4.99 -7.92
N GLU A 138 -4.68 -6.23 -7.72
CA GLU A 138 -5.97 -6.69 -8.23
C GLU A 138 -7.12 -5.92 -7.60
N TYR A 139 -7.16 -5.86 -6.28
CA TYR A 139 -8.21 -5.15 -5.58
C TYR A 139 -8.18 -3.66 -5.89
N LEU A 140 -6.99 -3.08 -5.83
CA LEU A 140 -6.81 -1.66 -6.12
C LEU A 140 -7.35 -1.31 -7.50
N ASN A 141 -7.09 -2.19 -8.46
CA ASN A 141 -7.54 -1.98 -9.83
C ASN A 141 -8.97 -2.48 -10.03
N ARG A 142 -9.46 -3.29 -9.10
CA ARG A 142 -10.80 -3.85 -9.19
C ARG A 142 -11.88 -2.87 -8.74
N HIS A 143 -11.81 -2.44 -7.49
CA HIS A 143 -12.81 -1.53 -6.94
C HIS A 143 -12.23 -0.16 -6.57
N LEU A 144 -11.01 -0.16 -6.05
CA LEU A 144 -10.36 1.08 -5.64
C LEU A 144 -9.92 1.92 -6.86
N HIS A 145 -10.07 1.36 -8.05
CA HIS A 145 -9.68 2.07 -9.27
C HIS A 145 -10.66 3.19 -9.60
N THR A 146 -11.94 2.83 -9.71
CA THR A 146 -12.98 3.80 -10.03
C THR A 146 -13.17 4.81 -8.90
N TRP A 147 -13.46 4.30 -7.71
CA TRP A 147 -13.67 5.15 -6.53
C TRP A 147 -12.61 6.24 -6.43
N ILE A 148 -11.35 5.83 -6.41
CA ILE A 148 -10.24 6.77 -6.31
C ILE A 148 -10.30 7.82 -7.42
N GLN A 149 -10.73 7.40 -8.61
CA GLN A 149 -10.84 8.30 -9.75
C GLN A 149 -11.91 9.36 -9.51
N ASP A 150 -12.93 8.98 -8.72
CA ASP A 150 -14.02 9.89 -8.41
C ASP A 150 -13.66 10.81 -7.25
N ASN A 151 -12.62 10.45 -6.51
CA ASN A 151 -12.18 11.25 -5.37
C ASN A 151 -10.96 12.08 -5.74
N GLY A 152 -10.90 12.49 -7.00
CA GLY A 152 -9.79 13.29 -7.48
C GLY A 152 -8.54 12.47 -7.73
N GLY A 153 -8.68 11.15 -7.74
CA GLY A 153 -7.54 10.27 -7.98
C GLY A 153 -6.40 10.54 -7.01
N TRP A 154 -5.25 9.95 -7.30
CA TRP A 154 -4.08 10.12 -6.46
C TRP A 154 -3.68 11.60 -6.37
N ASP A 155 -4.00 12.35 -7.42
CA ASP A 155 -3.68 13.78 -7.47
C ASP A 155 -4.27 14.49 -6.25
N ALA A 156 -5.50 14.13 -5.90
CA ALA A 156 -6.17 14.72 -4.75
C ALA A 156 -5.50 14.28 -3.45
N PHE A 157 -5.20 13.00 -3.36
CA PHE A 157 -4.55 12.44 -2.17
C PHE A 157 -3.19 13.09 -1.97
N VAL A 158 -2.45 13.25 -3.06
CA VAL A 158 -1.12 13.85 -3.01
C VAL A 158 -1.20 15.26 -2.43
N GLU A 159 -2.28 15.96 -2.75
CA GLU A 159 -2.48 17.32 -2.25
C GLU A 159 -2.94 17.30 -0.80
N LEU A 160 -3.75 16.30 -0.46
CA LEU A 160 -4.27 16.15 0.90
C LEU A 160 -3.13 15.97 1.90
N TYR A 161 -2.20 15.07 1.60
CA TYR A 161 -1.08 14.80 2.48
C TYR A 161 0.14 15.64 2.09
N GLY A 162 0.38 15.72 0.78
CA GLY A 162 1.50 16.50 0.26
C GLY A 162 2.78 16.32 1.07
N PRO A 163 3.80 17.17 0.81
CA PRO A 163 5.08 17.10 1.52
C PRO A 163 5.00 17.72 2.90
N SER A 164 4.29 18.84 3.00
CA SER A 164 4.14 19.54 4.27
C SER A 164 2.72 19.39 4.83
N MET A 165 1.75 19.24 3.93
CA MET A 165 0.36 19.08 4.34
C MET A 165 0.22 18.05 5.47
N ARG A 166 0.11 18.55 6.70
CA ARG A 166 -0.02 17.68 7.86
C ARG A 166 -1.12 16.63 7.66
N PRO A 167 -0.97 15.45 8.28
CA PRO A 167 -1.95 14.37 8.17
C PRO A 167 -3.23 14.65 8.96
N LEU A 168 -4.24 15.15 8.27
CA LEU A 168 -5.51 15.47 8.91
C LEU A 168 -6.62 14.56 8.38
N PHE A 169 -6.41 13.25 8.49
CA PHE A 169 -7.39 12.27 8.03
C PHE A 169 -7.29 10.98 8.83
N ASP A 170 -8.29 10.73 9.67
CA ASP A 170 -8.31 9.54 10.50
C ASP A 170 -9.26 8.50 9.91
N PHE A 171 -8.87 7.22 10.03
CA PHE A 171 -9.68 6.12 9.51
C PHE A 171 -10.03 5.15 10.62
N SER A 172 -11.24 4.60 10.57
CA SER A 172 -11.68 3.63 11.58
C SER A 172 -10.86 2.36 11.49
N TRP A 173 -10.04 2.11 12.52
CA TRP A 173 -9.19 0.93 12.55
C TRP A 173 -9.97 -0.34 12.19
N LEU A 174 -9.32 -1.23 11.47
CA LEU A 174 -9.95 -2.48 11.06
C LEU A 174 -9.74 -3.57 12.11
N SER A 175 -10.53 -3.49 13.18
CA SER A 175 -10.43 -4.45 14.28
C SER A 175 -10.80 -5.86 13.82
N LEU A 176 -9.80 -6.73 13.73
CA LEU A 176 -10.00 -8.10 13.31
C LEU A 176 -9.22 -9.07 14.18
N LYS A 177 -9.86 -10.15 14.60
CA LYS A 177 -9.21 -11.16 15.44
C LYS A 177 -9.49 -12.56 14.92
N MET A 1 -13.99 7.40 -23.27
CA MET A 1 -12.69 7.98 -23.69
C MET A 1 -11.52 7.32 -22.97
N ALA A 2 -10.31 7.63 -23.41
CA ALA A 2 -9.11 7.07 -22.79
C ALA A 2 -8.21 8.17 -22.24
N HIS A 3 -7.89 8.06 -20.95
CA HIS A 3 -7.03 9.04 -20.30
C HIS A 3 -7.67 10.43 -20.36
N ALA A 4 -8.54 10.72 -19.40
CA ALA A 4 -9.21 12.01 -19.34
C ALA A 4 -9.37 12.49 -17.89
N GLY A 5 -8.65 13.55 -17.55
CA GLY A 5 -8.72 14.08 -16.19
C GLY A 5 -7.43 13.90 -15.43
N ARG A 6 -6.30 14.01 -16.13
CA ARG A 6 -4.98 13.86 -15.52
C ARG A 6 -4.94 12.65 -14.60
N THR A 7 -5.56 11.55 -15.04
CA THR A 7 -5.59 10.33 -14.25
C THR A 7 -4.96 9.17 -15.04
N GLY A 8 -4.94 8.00 -14.42
CA GLY A 8 -4.36 6.83 -15.07
C GLY A 8 -3.04 6.41 -14.45
N TYR A 9 -3.04 6.23 -13.13
CA TYR A 9 -1.83 5.83 -12.41
C TYR A 9 -1.66 4.31 -12.45
N ASP A 10 -0.44 3.85 -12.14
CA ASP A 10 -0.15 2.43 -12.13
C ASP A 10 -0.30 1.85 -10.72
N ASN A 11 -1.44 1.23 -10.47
CA ASN A 11 -1.72 0.63 -9.17
C ASN A 11 -0.67 -0.43 -8.83
N ARG A 12 -0.14 -1.08 -9.85
CA ARG A 12 0.86 -2.12 -9.66
C ARG A 12 2.17 -1.51 -9.17
N GLU A 13 2.48 -0.31 -9.65
CA GLU A 13 3.71 0.37 -9.25
C GLU A 13 3.55 1.01 -7.88
N ILE A 14 2.41 1.65 -7.64
CA ILE A 14 2.14 2.29 -6.37
C ILE A 14 2.24 1.28 -5.22
N VAL A 15 1.88 0.04 -5.51
CA VAL A 15 1.93 -1.03 -4.52
C VAL A 15 3.37 -1.51 -4.32
N MET A 16 3.99 -1.97 -5.40
CA MET A 16 5.37 -2.46 -5.34
C MET A 16 6.27 -1.48 -4.60
N LYS A 17 6.15 -0.20 -4.92
CA LYS A 17 6.95 0.83 -4.27
C LYS A 17 6.65 0.89 -2.78
N TYR A 18 5.36 0.87 -2.44
CA TYR A 18 4.94 0.92 -1.04
C TYR A 18 5.48 -0.28 -0.27
N ILE A 19 5.44 -1.44 -0.91
CA ILE A 19 5.94 -2.67 -0.29
C ILE A 19 7.46 -2.70 -0.24
N HIS A 20 8.08 -2.32 -1.36
CA HIS A 20 9.54 -2.29 -1.43
C HIS A 20 10.14 -1.33 -0.41
N TYR A 21 9.47 -0.21 -0.20
CA TYR A 21 9.94 0.79 0.75
C TYR A 21 9.79 0.29 2.19
N LYS A 22 8.56 0.00 2.59
CA LYS A 22 8.28 -0.49 3.94
C LYS A 22 9.15 -1.71 4.26
N LEU A 23 9.33 -2.57 3.29
CA LEU A 23 10.13 -3.78 3.47
C LEU A 23 11.59 -3.43 3.75
N SER A 24 12.03 -2.29 3.22
CA SER A 24 13.40 -1.84 3.42
C SER A 24 13.57 -1.17 4.79
N GLN A 25 12.49 -0.56 5.27
CA GLN A 25 12.51 0.11 6.57
C GLN A 25 12.58 -0.89 7.71
N ARG A 26 11.98 -2.06 7.50
CA ARG A 26 11.98 -3.12 8.52
C ARG A 26 13.27 -3.92 8.48
N GLY A 27 14.05 -3.76 7.41
CA GLY A 27 15.30 -4.48 7.29
C GLY A 27 15.20 -5.64 6.30
N TYR A 28 14.18 -5.60 5.45
CA TYR A 28 13.99 -6.65 4.45
C TYR A 28 14.30 -6.14 3.05
N GLU A 29 14.90 -6.99 2.23
CA GLU A 29 15.25 -6.62 0.87
C GLU A 29 14.38 -7.37 -0.14
N TRP A 30 13.20 -6.82 -0.41
CA TRP A 30 12.28 -7.43 -1.37
C TRP A 30 12.75 -7.21 -2.80
N ASP A 31 12.58 -8.22 -3.64
CA ASP A 31 12.98 -8.13 -5.03
C ASP A 31 11.79 -8.33 -5.95
N ALA A 32 10.97 -7.30 -6.10
CA ALA A 32 9.79 -7.35 -6.95
C ALA A 32 10.17 -7.20 -8.42
N GLY A 33 11.07 -8.06 -8.88
CA GLY A 33 11.50 -8.00 -10.26
C GLY A 33 12.21 -6.71 -10.60
N ASP A 34 12.84 -6.11 -9.60
CA ASP A 34 13.54 -4.84 -9.81
C ASP A 34 15.06 -5.06 -9.79
N ASP A 35 15.60 -5.47 -10.94
CA ASP A 35 17.03 -5.73 -11.06
C ASP A 35 17.65 -4.80 -12.11
N VAL A 36 18.60 -3.98 -11.67
CA VAL A 36 19.26 -3.04 -12.57
C VAL A 36 20.77 -3.29 -12.60
N GLU A 37 21.18 -4.38 -13.25
CA GLU A 37 22.59 -4.72 -13.34
C GLU A 37 23.16 -4.27 -14.68
N GLU A 38 22.72 -3.11 -15.14
CA GLU A 38 23.18 -2.55 -16.40
C GLU A 38 22.53 -1.20 -16.68
N ASN A 39 23.35 -0.16 -16.77
CA ASN A 39 22.86 1.19 -17.03
C ASN A 39 21.98 1.67 -15.88
N ARG A 40 22.62 2.25 -14.86
CA ARG A 40 21.92 2.76 -13.70
C ARG A 40 21.04 3.95 -14.08
N THR A 41 19.80 3.66 -14.49
CA THR A 41 18.86 4.70 -14.88
C THR A 41 18.38 5.48 -13.67
N GLU A 42 18.64 6.78 -13.67
CA GLU A 42 18.23 7.65 -12.57
C GLU A 42 17.85 9.03 -13.07
N ALA A 43 17.16 9.07 -14.20
CA ALA A 43 16.73 10.34 -14.80
C ALA A 43 15.31 10.69 -14.38
N PRO A 44 14.99 11.99 -14.28
CA PRO A 44 13.66 12.45 -13.89
C PRO A 44 12.61 12.20 -14.98
N GLU A 45 11.91 11.08 -14.87
CA GLU A 45 10.88 10.73 -15.85
C GLU A 45 9.49 10.81 -15.23
N GLY A 46 9.30 11.81 -14.36
CA GLY A 46 8.01 11.98 -13.72
C GLY A 46 8.14 12.17 -12.22
N THR A 47 8.33 13.41 -11.79
CA THR A 47 8.47 13.71 -10.37
C THR A 47 7.10 13.79 -9.69
N GLU A 48 6.12 14.32 -10.41
CA GLU A 48 4.77 14.45 -9.88
C GLU A 48 4.17 13.08 -9.57
N SER A 49 4.32 12.14 -10.50
CA SER A 49 3.80 10.79 -10.31
C SER A 49 4.50 10.11 -9.13
N GLU A 50 5.74 10.49 -8.88
CA GLU A 50 6.51 9.93 -7.77
C GLU A 50 5.87 10.30 -6.43
N VAL A 51 5.23 11.46 -6.39
CA VAL A 51 4.59 11.93 -5.16
C VAL A 51 3.51 10.95 -4.72
N VAL A 52 2.72 10.47 -5.67
CA VAL A 52 1.65 9.51 -5.35
C VAL A 52 2.21 8.31 -4.59
N HIS A 53 3.47 7.99 -4.85
CA HIS A 53 4.11 6.86 -4.19
C HIS A 53 4.72 7.28 -2.86
N LEU A 54 5.23 8.51 -2.81
CA LEU A 54 5.84 9.04 -1.60
C LEU A 54 4.79 9.48 -0.60
N THR A 55 3.94 10.44 -1.00
CA THR A 55 2.89 10.95 -0.14
C THR A 55 2.01 9.81 0.38
N LEU A 56 1.83 8.79 -0.46
CA LEU A 56 1.02 7.64 -0.09
C LEU A 56 1.77 6.74 0.90
N ARG A 57 3.07 6.59 0.67
CA ARG A 57 3.90 5.76 1.53
C ARG A 57 4.13 6.45 2.87
N GLN A 58 4.26 7.77 2.84
CA GLN A 58 4.48 8.55 4.05
C GLN A 58 3.18 8.68 4.85
N ALA A 59 2.06 8.70 4.15
CA ALA A 59 0.76 8.82 4.79
C ALA A 59 0.50 7.63 5.72
N GLY A 60 0.63 6.43 5.19
CA GLY A 60 0.41 5.24 5.98
C GLY A 60 1.54 4.99 6.97
N ASP A 61 2.77 5.24 6.54
CA ASP A 61 3.93 5.04 7.39
C ASP A 61 3.84 5.88 8.65
N ASP A 62 3.28 7.08 8.52
CA ASP A 62 3.12 7.98 9.67
C ASP A 62 2.10 7.42 10.65
N PHE A 63 1.00 6.92 10.13
CA PHE A 63 -0.06 6.35 10.96
C PHE A 63 0.45 5.11 11.69
N SER A 64 1.28 4.33 11.02
CA SER A 64 1.83 3.11 11.61
C SER A 64 2.81 3.44 12.74
N ARG A 65 3.72 4.37 12.48
CA ARG A 65 4.70 4.78 13.46
C ARG A 65 4.04 5.41 14.68
N ARG A 66 2.82 5.92 14.49
CA ARG A 66 2.07 6.56 15.57
C ARG A 66 1.54 5.52 16.54
N TYR A 67 1.25 4.32 16.04
CA TYR A 67 0.73 3.25 16.87
C TYR A 67 1.41 1.92 16.55
N ARG A 68 2.74 1.94 16.51
CA ARG A 68 3.50 0.72 16.22
C ARG A 68 3.15 -0.40 17.20
N ARG A 69 2.86 -0.02 18.44
CA ARG A 69 2.50 -0.99 19.46
C ARG A 69 1.26 -1.79 19.05
N ASP A 70 0.21 -1.09 18.65
CA ASP A 70 -1.02 -1.73 18.23
C ASP A 70 -0.77 -2.63 17.02
N PHE A 71 0.17 -2.22 16.18
CA PHE A 71 0.52 -2.98 14.99
C PHE A 71 1.27 -4.25 15.36
N ALA A 72 2.30 -4.11 16.19
CA ALA A 72 3.09 -5.25 16.62
C ALA A 72 2.23 -6.26 17.36
N GLU A 73 1.22 -5.76 18.05
CA GLU A 73 0.30 -6.63 18.80
C GLU A 73 -0.46 -7.55 17.86
N MET A 74 -0.94 -7.00 16.76
CA MET A 74 -1.68 -7.78 15.78
C MET A 74 -0.73 -8.50 14.82
N SER A 75 0.35 -7.83 14.46
CA SER A 75 1.34 -8.40 13.55
C SER A 75 2.08 -9.57 14.20
N SER A 76 2.55 -9.37 15.43
CA SER A 76 3.27 -10.40 16.15
C SER A 76 2.37 -11.63 16.35
N GLN A 77 1.13 -11.39 16.76
CA GLN A 77 0.18 -12.47 16.99
C GLN A 77 -0.47 -12.93 15.68
N LEU A 78 -0.34 -12.10 14.64
CA LEU A 78 -0.92 -12.41 13.35
C LEU A 78 -0.48 -13.79 12.86
N HIS A 79 -1.43 -14.65 12.54
CA HIS A 79 -1.14 -15.98 12.05
C HIS A 79 -1.03 -15.97 10.53
N LEU A 80 0.20 -15.95 10.03
CA LEU A 80 0.43 -15.93 8.59
C LEU A 80 0.60 -17.33 8.04
N THR A 81 -0.14 -17.63 6.98
CA THR A 81 -0.09 -18.94 6.35
C THR A 81 -0.43 -18.84 4.86
N PRO A 82 0.54 -19.10 3.97
CA PRO A 82 0.32 -19.03 2.51
C PRO A 82 -0.84 -19.92 2.06
N PHE A 83 -1.22 -20.88 2.90
CA PHE A 83 -2.30 -21.80 2.57
C PHE A 83 -3.64 -21.08 2.47
N THR A 84 -3.96 -20.27 3.48
CA THR A 84 -5.23 -19.54 3.49
C THR A 84 -5.05 -18.07 3.87
N ALA A 85 -3.82 -17.58 3.78
CA ALA A 85 -3.53 -16.18 4.11
C ALA A 85 -4.38 -15.24 3.25
N ARG A 86 -4.60 -15.63 1.99
CA ARG A 86 -5.39 -14.82 1.07
C ARG A 86 -6.80 -14.59 1.62
N GLY A 87 -7.30 -15.56 2.38
CA GLY A 87 -8.63 -15.44 2.94
C GLY A 87 -8.71 -14.38 4.02
N ARG A 88 -7.72 -14.37 4.92
CA ARG A 88 -7.69 -13.41 6.00
C ARG A 88 -7.48 -12.00 5.45
N PHE A 89 -6.76 -11.89 4.34
CA PHE A 89 -6.49 -10.61 3.72
C PHE A 89 -7.80 -9.92 3.32
N ALA A 90 -8.68 -10.67 2.70
CA ALA A 90 -9.98 -10.14 2.27
C ALA A 90 -10.79 -9.68 3.47
N THR A 91 -10.71 -10.44 4.55
CA THR A 91 -11.44 -10.12 5.79
C THR A 91 -11.05 -8.72 6.27
N VAL A 92 -9.75 -8.44 6.26
CA VAL A 92 -9.24 -7.15 6.70
C VAL A 92 -9.62 -6.06 5.69
N VAL A 93 -9.61 -6.42 4.42
CA VAL A 93 -9.97 -5.48 3.36
C VAL A 93 -11.46 -5.19 3.38
N GLU A 94 -12.26 -6.21 3.68
CA GLU A 94 -13.71 -6.06 3.73
C GLU A 94 -14.10 -4.97 4.72
N GLU A 95 -13.51 -5.00 5.91
CA GLU A 95 -13.81 -4.00 6.93
C GLU A 95 -13.37 -2.62 6.45
N LEU A 96 -12.29 -2.60 5.66
CA LEU A 96 -11.75 -1.36 5.13
C LEU A 96 -12.75 -0.66 4.22
N PHE A 97 -13.50 -1.43 3.44
CA PHE A 97 -14.48 -0.87 2.52
C PHE A 97 -15.90 -1.32 2.84
N ARG A 98 -16.09 -1.87 4.03
CA ARG A 98 -17.40 -2.34 4.45
C ARG A 98 -18.34 -1.16 4.72
N ASP A 99 -17.82 -0.15 5.42
CA ASP A 99 -18.61 1.03 5.73
C ASP A 99 -18.33 2.16 4.75
N GLY A 100 -17.91 1.80 3.54
CA GLY A 100 -17.62 2.79 2.53
C GLY A 100 -16.13 3.05 2.41
N VAL A 101 -15.69 3.42 1.21
CA VAL A 101 -14.28 3.70 0.96
C VAL A 101 -13.97 5.18 1.11
N ASN A 102 -12.70 5.46 1.39
CA ASN A 102 -12.24 6.84 1.56
C ASN A 102 -10.72 6.85 1.62
N TRP A 103 -10.12 8.00 1.31
CA TRP A 103 -8.67 8.13 1.33
C TRP A 103 -8.06 7.52 2.59
N GLY A 104 -8.81 7.57 3.69
CA GLY A 104 -8.33 7.00 4.94
C GLY A 104 -8.25 5.48 4.87
N ARG A 105 -9.34 4.86 4.46
CA ARG A 105 -9.39 3.41 4.32
C ARG A 105 -8.32 2.93 3.35
N ILE A 106 -8.26 3.59 2.19
CA ILE A 106 -7.27 3.23 1.17
C ILE A 106 -5.87 3.17 1.78
N VAL A 107 -5.64 4.01 2.79
CA VAL A 107 -4.34 4.04 3.47
C VAL A 107 -4.10 2.74 4.21
N ALA A 108 -5.15 2.20 4.85
CA ALA A 108 -5.04 0.95 5.58
C ALA A 108 -4.77 -0.19 4.61
N PHE A 109 -5.35 -0.10 3.42
CA PHE A 109 -5.18 -1.12 2.40
C PHE A 109 -3.71 -1.29 2.05
N PHE A 110 -3.01 -0.17 1.92
CA PHE A 110 -1.58 -0.19 1.59
C PHE A 110 -0.77 -0.61 2.82
N GLU A 111 -1.10 -0.02 3.97
CA GLU A 111 -0.42 -0.33 5.21
C GLU A 111 -0.61 -1.80 5.58
N PHE A 112 -1.75 -2.33 5.18
CA PHE A 112 -2.08 -3.73 5.44
C PHE A 112 -1.13 -4.66 4.71
N GLY A 113 -1.11 -4.55 3.38
CA GLY A 113 -0.24 -5.37 2.58
C GLY A 113 1.21 -5.31 3.02
N GLY A 114 1.58 -4.19 3.64
CA GLY A 114 2.95 -4.03 4.11
C GLY A 114 3.22 -4.89 5.32
N VAL A 115 2.22 -5.03 6.18
CA VAL A 115 2.36 -5.84 7.39
C VAL A 115 2.57 -7.31 7.04
N MET A 116 1.72 -7.82 6.16
CA MET A 116 1.81 -9.21 5.71
C MET A 116 3.21 -9.51 5.18
N CYS A 117 3.71 -8.62 4.33
CA CYS A 117 5.03 -8.79 3.73
C CYS A 117 6.10 -8.89 4.81
N VAL A 118 5.99 -8.05 5.84
CA VAL A 118 6.95 -8.04 6.93
C VAL A 118 6.72 -9.24 7.85
N GLU A 119 5.49 -9.73 7.88
CA GLU A 119 5.15 -10.88 8.73
C GLU A 119 5.57 -12.18 8.05
N SER A 120 5.51 -12.22 6.73
CA SER A 120 5.89 -13.40 5.97
C SER A 120 7.38 -13.67 6.10
N VAL A 121 8.18 -12.61 5.95
CA VAL A 121 9.63 -12.73 6.05
C VAL A 121 10.04 -13.29 7.40
N ASN A 122 9.25 -12.97 8.43
CA ASN A 122 9.53 -13.46 9.78
C ASN A 122 9.26 -14.95 9.89
N ARG A 123 8.13 -15.38 9.34
CA ARG A 123 7.75 -16.79 9.37
C ARG A 123 8.44 -17.61 8.28
N GLU A 124 9.39 -16.98 7.58
CA GLU A 124 10.13 -17.67 6.51
C GLU A 124 9.24 -17.90 5.30
N MET A 125 8.44 -16.89 4.95
CA MET A 125 7.55 -16.98 3.80
C MET A 125 7.72 -15.78 2.88
N SER A 126 8.97 -15.45 2.57
CA SER A 126 9.29 -14.31 1.71
C SER A 126 8.42 -14.30 0.46
N PRO A 127 8.32 -15.45 -0.25
CA PRO A 127 7.52 -15.55 -1.48
C PRO A 127 6.16 -14.86 -1.36
N LEU A 128 5.62 -14.82 -0.14
CA LEU A 128 4.33 -14.19 0.09
C LEU A 128 4.37 -12.71 -0.26
N VAL A 129 5.51 -12.07 0.00
CA VAL A 129 5.69 -10.65 -0.29
C VAL A 129 5.26 -10.33 -1.72
N ASP A 130 5.47 -11.28 -2.62
CA ASP A 130 5.11 -11.09 -4.02
C ASP A 130 3.62 -11.39 -4.24
N ASN A 131 3.09 -12.33 -3.46
CA ASN A 131 1.69 -12.70 -3.57
C ASN A 131 0.79 -11.65 -2.92
N ILE A 132 1.24 -11.11 -1.78
CA ILE A 132 0.47 -10.10 -1.07
C ILE A 132 0.33 -8.83 -1.90
N ALA A 133 1.47 -8.25 -2.26
CA ALA A 133 1.48 -7.02 -3.06
C ALA A 133 0.69 -7.22 -4.35
N LEU A 134 0.69 -8.45 -4.86
CA LEU A 134 -0.02 -8.77 -6.08
C LEU A 134 -1.52 -8.59 -5.89
N TRP A 135 -2.03 -9.10 -4.78
CA TRP A 135 -3.46 -8.98 -4.47
C TRP A 135 -3.87 -7.52 -4.39
N MET A 136 -3.01 -6.70 -3.80
CA MET A 136 -3.28 -5.28 -3.66
C MET A 136 -3.45 -4.63 -5.02
N THR A 137 -2.52 -4.94 -5.93
CA THR A 137 -2.56 -4.38 -7.27
C THR A 137 -3.90 -4.69 -7.94
N GLU A 138 -4.33 -5.95 -7.82
CA GLU A 138 -5.59 -6.38 -8.40
C GLU A 138 -6.78 -5.62 -7.80
N TYR A 139 -6.85 -5.57 -6.48
CA TYR A 139 -7.94 -4.87 -5.80
C TYR A 139 -7.90 -3.38 -6.11
N LEU A 140 -6.73 -2.87 -6.45
CA LEU A 140 -6.56 -1.46 -6.75
C LEU A 140 -7.08 -1.12 -8.15
N ASN A 141 -6.75 -1.96 -9.12
CA ASN A 141 -7.18 -1.75 -10.51
C ASN A 141 -8.57 -2.30 -10.78
N ARG A 142 -8.84 -3.47 -10.23
CA ARG A 142 -10.11 -4.14 -10.43
C ARG A 142 -11.29 -3.41 -9.77
N HIS A 143 -11.13 -3.01 -8.51
CA HIS A 143 -12.23 -2.36 -7.80
C HIS A 143 -11.94 -0.91 -7.41
N LEU A 144 -10.89 -0.69 -6.65
CA LEU A 144 -10.54 0.66 -6.17
C LEU A 144 -10.14 1.61 -7.30
N HIS A 145 -9.98 1.08 -8.51
CA HIS A 145 -9.60 1.90 -9.65
C HIS A 145 -10.64 2.98 -9.93
N THR A 146 -11.88 2.56 -10.09
CA THR A 146 -12.95 3.49 -10.39
C THR A 146 -13.21 4.45 -9.23
N TRP A 147 -13.48 3.89 -8.06
CA TRP A 147 -13.74 4.70 -6.88
C TRP A 147 -12.73 5.85 -6.73
N ILE A 148 -11.46 5.52 -6.87
CA ILE A 148 -10.40 6.51 -6.76
C ILE A 148 -10.53 7.59 -7.84
N GLN A 149 -11.01 7.18 -9.02
CA GLN A 149 -11.19 8.10 -10.13
C GLN A 149 -12.27 9.14 -9.81
N ASP A 150 -13.23 8.73 -9.00
CA ASP A 150 -14.33 9.62 -8.62
C ASP A 150 -13.93 10.53 -7.46
N ASN A 151 -12.87 10.16 -6.75
CA ASN A 151 -12.38 10.95 -5.63
C ASN A 151 -11.19 11.80 -6.03
N GLY A 152 -11.19 12.23 -7.29
CA GLY A 152 -10.11 13.05 -7.79
C GLY A 152 -8.83 12.28 -8.02
N GLY A 153 -8.92 10.95 -7.98
CA GLY A 153 -7.75 10.12 -8.18
C GLY A 153 -6.64 10.41 -7.19
N TRP A 154 -5.45 9.87 -7.46
CA TRP A 154 -4.31 10.08 -6.58
C TRP A 154 -3.99 11.56 -6.44
N ASP A 155 -4.32 12.33 -7.48
CA ASP A 155 -4.07 13.78 -7.46
C ASP A 155 -4.74 14.42 -6.26
N ALA A 156 -5.93 13.92 -5.91
CA ALA A 156 -6.67 14.44 -4.77
C ALA A 156 -6.01 14.01 -3.46
N PHE A 157 -5.64 12.73 -3.39
CA PHE A 157 -4.99 12.21 -2.20
C PHE A 157 -3.70 12.95 -1.91
N VAL A 158 -2.91 13.18 -2.95
CA VAL A 158 -1.64 13.90 -2.81
C VAL A 158 -1.86 15.28 -2.18
N GLU A 159 -2.95 15.93 -2.59
CA GLU A 159 -3.27 17.25 -2.06
C GLU A 159 -3.58 17.17 -0.57
N LEU A 160 -4.20 16.07 -0.16
CA LEU A 160 -4.55 15.88 1.24
C LEU A 160 -3.33 15.53 2.09
N TYR A 161 -2.57 14.52 1.65
CA TYR A 161 -1.38 14.10 2.38
C TYR A 161 -0.12 14.73 1.80
N GLY A 162 -0.28 15.88 1.13
CA GLY A 162 0.85 16.57 0.54
C GLY A 162 1.98 16.78 1.54
N PRO A 163 3.10 17.39 1.10
CA PRO A 163 4.25 17.65 1.98
C PRO A 163 3.94 18.67 3.07
N SER A 164 3.37 19.80 2.66
CA SER A 164 3.03 20.86 3.60
C SER A 164 1.82 20.47 4.46
N MET A 165 0.98 19.59 3.91
CA MET A 165 -0.20 19.13 4.61
C MET A 165 0.17 18.22 5.79
N ARG A 166 0.18 18.78 6.99
CA ARG A 166 0.52 18.03 8.19
C ARG A 166 -0.38 16.80 8.32
N PRO A 167 -0.10 15.94 9.33
CA PRO A 167 -0.88 14.73 9.57
C PRO A 167 -2.38 15.00 9.59
N LEU A 168 -3.04 14.76 8.46
CA LEU A 168 -4.48 14.97 8.35
C LEU A 168 -5.25 13.99 9.23
N PHE A 169 -6.56 13.96 9.06
CA PHE A 169 -7.41 13.07 9.83
C PHE A 169 -7.02 11.61 9.62
N ASP A 170 -6.94 10.85 10.72
CA ASP A 170 -6.57 9.45 10.65
C ASP A 170 -7.76 8.59 10.20
N PHE A 171 -7.48 7.33 9.88
CA PHE A 171 -8.52 6.42 9.43
C PHE A 171 -8.96 5.50 10.57
N SER A 172 -10.21 5.06 10.52
CA SER A 172 -10.74 4.17 11.54
C SER A 172 -10.06 2.81 11.48
N TRP A 173 -9.41 2.43 12.58
CA TRP A 173 -8.69 1.15 12.65
C TRP A 173 -9.61 0.00 12.26
N LEU A 174 -9.06 -0.96 11.51
CA LEU A 174 -9.82 -2.12 11.07
C LEU A 174 -9.78 -3.23 12.11
N SER A 175 -10.57 -3.07 13.17
CA SER A 175 -10.61 -4.05 14.24
C SER A 175 -11.04 -5.42 13.71
N LEU A 176 -10.20 -6.42 13.94
CA LEU A 176 -10.48 -7.78 13.50
C LEU A 176 -9.98 -8.80 14.50
N LYS A 177 -10.89 -9.64 14.99
CA LYS A 177 -10.54 -10.66 15.97
C LYS A 177 -9.99 -10.03 17.24
N MET A 1 7.87 8.41 -31.69
CA MET A 1 7.43 7.35 -30.75
C MET A 1 7.30 7.89 -29.34
N ALA A 2 6.08 7.93 -28.83
CA ALA A 2 5.81 8.43 -27.48
C ALA A 2 5.60 7.28 -26.51
N HIS A 3 4.88 6.25 -26.96
CA HIS A 3 4.62 5.08 -26.13
C HIS A 3 3.84 5.49 -24.87
N ALA A 4 3.55 4.51 -24.02
CA ALA A 4 2.82 4.76 -22.79
C ALA A 4 3.76 4.99 -21.62
N GLY A 5 3.20 5.05 -20.42
CA GLY A 5 4.01 5.27 -19.22
C GLY A 5 3.46 6.38 -18.34
N ARG A 6 3.50 7.61 -18.84
CA ARG A 6 3.01 8.75 -18.09
C ARG A 6 1.49 8.84 -18.17
N THR A 7 0.93 9.82 -17.47
CA THR A 7 -0.53 10.00 -17.45
C THR A 7 -1.25 8.73 -17.03
N GLY A 8 -1.68 8.69 -15.77
CA GLY A 8 -2.38 7.53 -15.27
C GLY A 8 -1.53 6.70 -14.32
N TYR A 9 -1.74 6.90 -13.02
CA TYR A 9 -0.99 6.18 -12.01
C TYR A 9 -1.35 4.70 -12.01
N ASP A 10 -0.35 3.85 -12.23
CA ASP A 10 -0.57 2.40 -12.26
C ASP A 10 -0.57 1.84 -10.85
N ASN A 11 -1.74 1.39 -10.39
CA ASN A 11 -1.89 0.82 -9.06
C ASN A 11 -0.83 -0.26 -8.81
N ARG A 12 -0.38 -0.90 -9.88
CA ARG A 12 0.62 -1.94 -9.78
C ARG A 12 1.95 -1.36 -9.32
N GLU A 13 2.46 -0.39 -10.08
CA GLU A 13 3.73 0.25 -9.74
C GLU A 13 3.69 0.85 -8.34
N ILE A 14 2.56 1.46 -8.01
CA ILE A 14 2.41 2.08 -6.69
C ILE A 14 2.58 1.04 -5.59
N VAL A 15 2.18 -0.19 -5.87
CA VAL A 15 2.30 -1.29 -4.92
C VAL A 15 3.72 -1.86 -4.91
N MET A 16 4.18 -2.31 -6.07
CA MET A 16 5.51 -2.88 -6.19
C MET A 16 6.56 -1.98 -5.53
N LYS A 17 6.30 -0.68 -5.54
CA LYS A 17 7.21 0.29 -4.95
C LYS A 17 6.96 0.44 -3.46
N TYR A 18 5.69 0.63 -3.09
CA TYR A 18 5.31 0.79 -1.69
C TYR A 18 5.81 -0.38 -0.85
N ILE A 19 5.62 -1.59 -1.36
CA ILE A 19 6.04 -2.80 -0.67
C ILE A 19 7.57 -2.88 -0.61
N HIS A 20 8.21 -2.64 -1.74
CA HIS A 20 9.67 -2.69 -1.81
C HIS A 20 10.31 -1.73 -0.82
N TYR A 21 9.70 -0.55 -0.67
CA TYR A 21 10.21 0.45 0.25
C TYR A 21 10.06 -0.01 1.69
N LYS A 22 8.83 -0.34 2.08
CA LYS A 22 8.56 -0.80 3.44
C LYS A 22 9.33 -2.07 3.76
N LEU A 23 9.53 -2.90 2.73
CA LEU A 23 10.26 -4.16 2.91
C LEU A 23 11.75 -3.90 3.14
N SER A 24 12.25 -2.81 2.57
CA SER A 24 13.65 -2.44 2.72
C SER A 24 13.90 -1.77 4.06
N GLN A 25 12.89 -1.08 4.58
CA GLN A 25 12.99 -0.39 5.85
C GLN A 25 13.28 -1.37 6.99
N ARG A 26 12.72 -2.58 6.87
CA ARG A 26 12.91 -3.60 7.89
C ARG A 26 14.16 -4.43 7.59
N GLY A 27 14.66 -4.34 6.36
CA GLY A 27 15.84 -5.09 5.98
C GLY A 27 15.52 -6.30 5.13
N TYR A 28 14.37 -6.27 4.47
CA TYR A 28 13.94 -7.37 3.62
C TYR A 28 14.17 -7.03 2.14
N GLU A 29 14.65 -8.02 1.39
CA GLU A 29 14.91 -7.82 -0.04
C GLU A 29 13.87 -8.56 -0.87
N TRP A 30 12.74 -7.91 -1.10
CA TRP A 30 11.66 -8.50 -1.89
C TRP A 30 12.06 -8.61 -3.36
N ASP A 31 11.72 -9.75 -3.97
CA ASP A 31 12.05 -9.99 -5.37
C ASP A 31 10.79 -9.95 -6.23
N ALA A 32 10.34 -8.75 -6.56
CA ALA A 32 9.14 -8.57 -7.37
C ALA A 32 9.43 -8.87 -8.84
N GLY A 33 9.95 -10.06 -9.10
CA GLY A 33 10.27 -10.46 -10.47
C GLY A 33 11.45 -9.69 -11.04
N ASP A 34 11.23 -8.42 -11.34
CA ASP A 34 12.28 -7.58 -11.90
C ASP A 34 13.35 -7.27 -10.85
N ASP A 35 14.51 -7.88 -11.00
CA ASP A 35 15.61 -7.67 -10.06
C ASP A 35 16.76 -6.93 -10.73
N VAL A 36 16.46 -5.76 -11.29
CA VAL A 36 17.46 -4.96 -11.97
C VAL A 36 17.44 -3.51 -11.46
N GLU A 37 18.01 -3.29 -10.28
CA GLU A 37 18.06 -1.96 -9.70
C GLU A 37 19.19 -1.14 -10.31
N GLU A 38 19.11 -0.92 -11.62
CA GLU A 38 20.13 -0.15 -12.33
C GLU A 38 19.49 0.90 -13.24
N ASN A 39 18.32 1.38 -12.84
CA ASN A 39 17.60 2.38 -13.61
C ASN A 39 17.00 3.45 -12.70
N ARG A 40 17.81 3.96 -11.78
CA ARG A 40 17.36 4.99 -10.85
C ARG A 40 17.79 6.37 -11.31
N THR A 41 17.06 6.93 -12.27
CA THR A 41 17.37 8.25 -12.81
C THR A 41 16.47 9.31 -12.18
N GLU A 42 17.09 10.21 -11.41
CA GLU A 42 16.34 11.28 -10.74
C GLU A 42 16.29 12.53 -11.62
N ALA A 43 15.89 12.35 -12.88
CA ALA A 43 15.80 13.47 -13.82
C ALA A 43 14.36 13.96 -13.94
N PRO A 44 14.16 15.16 -14.52
CA PRO A 44 12.83 15.74 -14.70
C PRO A 44 11.99 14.98 -15.72
N GLU A 45 11.69 13.72 -15.41
CA GLU A 45 10.91 12.88 -16.31
C GLU A 45 9.53 12.59 -15.71
N GLY A 46 9.52 11.97 -14.53
CA GLY A 46 8.26 11.65 -13.88
C GLY A 46 8.36 11.76 -12.36
N THR A 47 8.48 12.98 -11.88
CA THR A 47 8.58 13.23 -10.44
C THR A 47 7.19 13.28 -9.80
N GLU A 48 6.19 13.69 -10.58
CA GLU A 48 4.82 13.78 -10.08
C GLU A 48 4.35 12.42 -9.55
N SER A 49 4.58 11.38 -10.34
CA SER A 49 4.18 10.03 -9.95
C SER A 49 4.86 9.62 -8.64
N GLU A 50 6.06 10.14 -8.42
CA GLU A 50 6.81 9.82 -7.21
C GLU A 50 6.07 10.32 -5.97
N VAL A 51 5.37 11.43 -6.11
CA VAL A 51 4.63 12.01 -5.00
C VAL A 51 3.55 11.04 -4.51
N VAL A 52 2.76 10.50 -5.44
CA VAL A 52 1.71 9.56 -5.08
C VAL A 52 2.28 8.41 -4.25
N HIS A 53 3.55 8.08 -4.49
CA HIS A 53 4.21 7.01 -3.77
C HIS A 53 4.82 7.54 -2.47
N LEU A 54 5.35 8.76 -2.53
CA LEU A 54 5.96 9.38 -1.35
C LEU A 54 4.90 9.81 -0.34
N THR A 55 4.00 10.69 -0.77
CA THR A 55 2.94 11.18 0.09
C THR A 55 2.13 10.01 0.66
N LEU A 56 1.98 8.96 -0.14
CA LEU A 56 1.23 7.78 0.28
C LEU A 56 2.02 6.98 1.31
N ARG A 57 3.34 6.94 1.15
CA ARG A 57 4.21 6.22 2.07
C ARG A 57 4.23 6.90 3.43
N GLN A 58 4.35 8.23 3.41
CA GLN A 58 4.38 9.00 4.65
C GLN A 58 3.02 8.98 5.34
N ALA A 59 1.96 8.88 4.54
CA ALA A 59 0.61 8.84 5.06
C ALA A 59 0.37 7.56 5.86
N GLY A 60 0.80 6.43 5.29
CA GLY A 60 0.62 5.15 5.95
C GLY A 60 1.61 4.96 7.10
N ASP A 61 2.79 5.55 6.97
CA ASP A 61 3.81 5.44 8.00
C ASP A 61 3.51 6.39 9.16
N ASP A 62 3.13 7.61 8.83
CA ASP A 62 2.81 8.61 9.84
C ASP A 62 1.66 8.14 10.73
N PHE A 63 0.75 7.37 10.14
CA PHE A 63 -0.40 6.86 10.87
C PHE A 63 0.03 5.72 11.81
N SER A 64 0.92 4.87 11.32
CA SER A 64 1.40 3.74 12.11
C SER A 64 2.16 4.24 13.34
N ARG A 65 2.86 5.37 13.18
CA ARG A 65 3.63 5.94 14.28
C ARG A 65 2.72 6.34 15.44
N ARG A 66 1.52 6.83 15.09
CA ARG A 66 0.56 7.24 16.10
C ARG A 66 0.12 6.06 16.97
N TYR A 67 0.10 4.87 16.36
CA TYR A 67 -0.29 3.66 17.07
C TYR A 67 0.63 2.50 16.73
N ARG A 68 1.94 2.74 16.84
CA ARG A 68 2.92 1.70 16.55
C ARG A 68 2.63 0.45 17.37
N ARG A 69 2.38 0.66 18.66
CA ARG A 69 2.08 -0.43 19.57
C ARG A 69 0.94 -1.29 19.04
N ASP A 70 -0.12 -0.62 18.56
CA ASP A 70 -1.27 -1.33 18.01
C ASP A 70 -0.86 -2.15 16.79
N PHE A 71 0.03 -1.58 15.99
CA PHE A 71 0.51 -2.25 14.79
C PHE A 71 1.41 -3.43 15.16
N ALA A 72 2.37 -3.18 16.04
CA ALA A 72 3.29 -4.22 16.49
C ALA A 72 2.52 -5.38 17.12
N GLU A 73 1.73 -5.07 18.14
CA GLU A 73 0.93 -6.07 18.83
C GLU A 73 0.03 -6.79 17.84
N MET A 74 -0.31 -6.11 16.74
CA MET A 74 -1.17 -6.68 15.72
C MET A 74 -0.36 -7.59 14.80
N SER A 75 0.75 -7.06 14.26
CA SER A 75 1.61 -7.83 13.37
C SER A 75 2.24 -8.99 14.11
N SER A 76 2.41 -8.84 15.42
CA SER A 76 3.00 -9.89 16.24
C SER A 76 2.02 -11.03 16.46
N GLN A 77 0.78 -10.67 16.79
CA GLN A 77 -0.26 -11.67 17.03
C GLN A 77 -0.82 -12.19 15.70
N LEU A 78 -0.66 -11.40 14.64
CA LEU A 78 -1.14 -11.79 13.32
C LEU A 78 -0.64 -13.18 12.93
N HIS A 79 -1.56 -14.14 12.90
CA HIS A 79 -1.22 -15.51 12.55
C HIS A 79 -1.32 -15.71 11.04
N LEU A 80 -0.18 -15.67 10.36
CA LEU A 80 -0.14 -15.83 8.91
C LEU A 80 -0.02 -17.31 8.53
N THR A 81 -0.75 -17.70 7.49
CA THR A 81 -0.72 -19.08 7.01
C THR A 81 -0.97 -19.13 5.51
N PRO A 82 -0.14 -19.86 4.75
CA PRO A 82 -0.28 -19.97 3.29
C PRO A 82 -1.51 -20.78 2.89
N PHE A 83 -2.15 -21.43 3.86
CA PHE A 83 -3.33 -22.24 3.60
C PHE A 83 -4.57 -21.37 3.39
N THR A 84 -4.70 -20.31 4.19
CA THR A 84 -5.84 -19.41 4.09
C THR A 84 -5.40 -17.95 4.12
N ALA A 85 -4.11 -17.70 3.87
CA ALA A 85 -3.59 -16.33 3.88
C ALA A 85 -4.45 -15.41 3.01
N ARG A 86 -4.78 -15.87 1.82
CA ARG A 86 -5.60 -15.08 0.90
C ARG A 86 -6.96 -14.77 1.52
N GLY A 87 -7.57 -15.79 2.13
CA GLY A 87 -8.87 -15.60 2.75
C GLY A 87 -8.83 -14.63 3.90
N ARG A 88 -7.71 -14.64 4.64
CA ARG A 88 -7.55 -13.74 5.78
C ARG A 88 -7.30 -12.32 5.30
N PHE A 89 -6.52 -12.18 4.23
CA PHE A 89 -6.20 -10.88 3.67
C PHE A 89 -7.47 -10.17 3.21
N ALA A 90 -8.35 -10.92 2.56
CA ALA A 90 -9.60 -10.38 2.06
C ALA A 90 -10.45 -9.86 3.22
N THR A 91 -10.35 -10.51 4.37
CA THR A 91 -11.10 -10.11 5.55
C THR A 91 -10.68 -8.71 5.99
N VAL A 92 -9.38 -8.45 5.93
CA VAL A 92 -8.84 -7.16 6.32
C VAL A 92 -9.21 -6.08 5.30
N VAL A 93 -9.24 -6.47 4.03
CA VAL A 93 -9.58 -5.56 2.95
C VAL A 93 -11.08 -5.31 2.89
N GLU A 94 -11.84 -6.40 2.76
CA GLU A 94 -13.29 -6.31 2.69
C GLU A 94 -13.86 -5.49 3.84
N GLU A 95 -13.19 -5.51 4.98
CA GLU A 95 -13.64 -4.75 6.14
C GLU A 95 -13.21 -3.29 5.99
N LEU A 96 -12.10 -3.09 5.29
CA LEU A 96 -11.56 -1.76 5.04
C LEU A 96 -12.49 -0.95 4.15
N PHE A 97 -13.10 -1.63 3.18
CA PHE A 97 -13.99 -0.96 2.23
C PHE A 97 -15.44 -1.41 2.41
N ARG A 98 -15.73 -2.09 3.52
CA ARG A 98 -17.08 -2.56 3.80
C ARG A 98 -17.99 -1.40 4.21
N ASP A 99 -17.48 -0.56 5.11
CA ASP A 99 -18.25 0.59 5.58
C ASP A 99 -18.17 1.76 4.60
N GLY A 100 -17.44 1.58 3.50
CA GLY A 100 -17.31 2.63 2.51
C GLY A 100 -15.87 3.02 2.29
N VAL A 101 -15.47 3.10 1.01
CA VAL A 101 -14.11 3.46 0.66
C VAL A 101 -13.81 4.92 1.00
N ASN A 102 -12.58 5.18 1.43
CA ASN A 102 -12.16 6.52 1.80
C ASN A 102 -10.64 6.61 1.77
N TRP A 103 -10.11 7.79 1.47
CA TRP A 103 -8.67 7.99 1.40
C TRP A 103 -7.98 7.39 2.62
N GLY A 104 -8.62 7.50 3.78
CA GLY A 104 -8.06 6.94 4.99
C GLY A 104 -8.04 5.42 4.94
N ARG A 105 -9.17 4.84 4.54
CA ARG A 105 -9.28 3.39 4.43
C ARG A 105 -8.25 2.88 3.43
N ILE A 106 -8.13 3.57 2.29
CA ILE A 106 -7.18 3.18 1.26
C ILE A 106 -5.77 3.08 1.87
N VAL A 107 -5.50 3.89 2.88
CA VAL A 107 -4.21 3.89 3.55
C VAL A 107 -4.00 2.57 4.29
N ALA A 108 -5.05 2.07 4.93
CA ALA A 108 -4.97 0.80 5.65
C ALA A 108 -4.65 -0.33 4.70
N PHE A 109 -5.16 -0.23 3.48
CA PHE A 109 -4.92 -1.24 2.46
C PHE A 109 -3.44 -1.37 2.16
N PHE A 110 -2.77 -0.24 2.05
CA PHE A 110 -1.33 -0.23 1.78
C PHE A 110 -0.53 -0.58 3.02
N GLU A 111 -0.95 -0.03 4.15
CA GLU A 111 -0.28 -0.30 5.42
C GLU A 111 -0.32 -1.78 5.74
N PHE A 112 -1.54 -2.33 5.75
CA PHE A 112 -1.73 -3.75 6.01
C PHE A 112 -0.88 -4.60 5.07
N GLY A 113 -0.91 -4.25 3.78
CA GLY A 113 -0.13 -4.97 2.79
C GLY A 113 1.34 -5.01 3.16
N GLY A 114 1.87 -3.87 3.62
CA GLY A 114 3.26 -3.81 4.01
C GLY A 114 3.54 -4.64 5.24
N VAL A 115 2.69 -4.50 6.26
CA VAL A 115 2.83 -5.26 7.49
C VAL A 115 2.83 -6.75 7.21
N MET A 116 1.91 -7.18 6.35
CA MET A 116 1.80 -8.59 5.98
C MET A 116 3.09 -9.06 5.32
N CYS A 117 3.59 -8.28 4.37
CA CYS A 117 4.82 -8.61 3.66
C CYS A 117 5.98 -8.76 4.63
N VAL A 118 6.01 -7.89 5.64
CA VAL A 118 7.06 -7.92 6.64
C VAL A 118 6.84 -9.06 7.63
N GLU A 119 5.57 -9.44 7.81
CA GLU A 119 5.22 -10.52 8.72
C GLU A 119 5.47 -11.88 8.08
N SER A 120 5.33 -11.94 6.76
CA SER A 120 5.55 -13.19 6.04
C SER A 120 7.02 -13.59 6.04
N VAL A 121 7.90 -12.59 5.88
CA VAL A 121 9.33 -12.83 5.88
C VAL A 121 9.80 -13.40 7.21
N ASN A 122 9.16 -12.95 8.29
CA ASN A 122 9.50 -13.42 9.63
C ASN A 122 9.36 -14.93 9.74
N ARG A 123 8.24 -15.44 9.23
CA ARG A 123 7.97 -16.87 9.28
C ARG A 123 8.59 -17.61 8.08
N GLU A 124 9.57 -16.97 7.43
CA GLU A 124 10.23 -17.57 6.29
C GLU A 124 9.25 -17.81 5.14
N MET A 125 8.35 -16.86 4.93
CA MET A 125 7.36 -16.96 3.87
C MET A 125 7.51 -15.81 2.89
N SER A 126 8.75 -15.48 2.55
CA SER A 126 9.05 -14.40 1.62
C SER A 126 8.16 -14.47 0.38
N PRO A 127 8.07 -15.65 -0.27
CA PRO A 127 7.25 -15.84 -1.46
C PRO A 127 5.87 -15.20 -1.34
N LEU A 128 5.36 -15.12 -0.11
CA LEU A 128 4.05 -14.51 0.14
C LEU A 128 4.05 -13.04 -0.25
N VAL A 129 5.19 -12.39 -0.08
CA VAL A 129 5.32 -10.97 -0.41
C VAL A 129 4.92 -10.71 -1.87
N ASP A 130 5.19 -11.68 -2.73
CA ASP A 130 4.86 -11.56 -4.15
C ASP A 130 3.36 -11.74 -4.36
N ASN A 131 2.74 -12.58 -3.53
CA ASN A 131 1.32 -12.84 -3.63
C ASN A 131 0.51 -11.69 -3.01
N ILE A 132 0.98 -11.20 -1.86
CA ILE A 132 0.31 -10.11 -1.17
C ILE A 132 0.24 -8.86 -2.05
N ALA A 133 1.41 -8.35 -2.42
CA ALA A 133 1.49 -7.16 -3.26
C ALA A 133 0.68 -7.35 -4.55
N LEU A 134 0.70 -8.57 -5.06
CA LEU A 134 -0.04 -8.88 -6.29
C LEU A 134 -1.53 -8.68 -6.08
N TRP A 135 -2.03 -9.12 -4.93
CA TRP A 135 -3.45 -8.97 -4.61
C TRP A 135 -3.80 -7.50 -4.48
N MET A 136 -2.84 -6.71 -3.99
CA MET A 136 -3.04 -5.29 -3.81
C MET A 136 -3.29 -4.61 -5.15
N THR A 137 -2.43 -4.91 -6.13
CA THR A 137 -2.57 -4.33 -7.46
C THR A 137 -3.93 -4.69 -8.05
N GLU A 138 -4.28 -5.97 -7.95
CA GLU A 138 -5.55 -6.47 -8.45
C GLU A 138 -6.72 -5.76 -7.79
N TYR A 139 -6.68 -5.67 -6.46
CA TYR A 139 -7.75 -5.01 -5.71
C TYR A 139 -7.80 -3.53 -6.04
N LEU A 140 -6.63 -2.90 -6.05
CA LEU A 140 -6.53 -1.47 -6.34
C LEU A 140 -7.06 -1.17 -7.74
N ASN A 141 -6.75 -2.05 -8.69
CA ASN A 141 -7.19 -1.88 -10.08
C ASN A 141 -8.59 -2.43 -10.31
N ARG A 142 -9.09 -3.24 -9.37
CA ARG A 142 -10.41 -3.84 -9.51
C ARG A 142 -11.51 -3.02 -8.85
N HIS A 143 -11.39 -2.79 -7.55
CA HIS A 143 -12.42 -2.04 -6.82
C HIS A 143 -11.99 -0.60 -6.54
N LEU A 144 -10.76 -0.41 -6.07
CA LEU A 144 -10.26 0.91 -5.74
C LEU A 144 -9.86 1.70 -6.98
N HIS A 145 -10.04 1.12 -8.16
CA HIS A 145 -9.69 1.80 -9.40
C HIS A 145 -10.69 2.89 -9.75
N THR A 146 -11.94 2.48 -9.97
CA THR A 146 -13.00 3.43 -10.31
C THR A 146 -13.23 4.43 -9.18
N TRP A 147 -13.44 3.93 -7.98
CA TRP A 147 -13.68 4.79 -6.82
C TRP A 147 -12.65 5.91 -6.73
N ILE A 148 -11.38 5.55 -6.68
CA ILE A 148 -10.30 6.53 -6.60
C ILE A 148 -10.41 7.55 -7.73
N GLN A 149 -10.82 7.09 -8.91
CA GLN A 149 -10.96 7.96 -10.07
C GLN A 149 -12.06 9.00 -9.84
N ASP A 150 -13.05 8.63 -9.04
CA ASP A 150 -14.17 9.52 -8.74
C ASP A 150 -13.82 10.47 -7.59
N ASN A 151 -12.78 10.14 -6.83
CA ASN A 151 -12.36 10.96 -5.71
C ASN A 151 -11.15 11.82 -6.08
N GLY A 152 -11.10 12.21 -7.34
CA GLY A 152 -10.01 13.03 -7.82
C GLY A 152 -8.73 12.23 -8.05
N GLY A 153 -8.81 10.92 -7.90
CA GLY A 153 -7.64 10.08 -8.10
C GLY A 153 -6.55 10.35 -7.09
N TRP A 154 -5.35 9.83 -7.35
CA TRP A 154 -4.22 10.02 -6.46
C TRP A 154 -3.91 11.50 -6.29
N ASP A 155 -4.26 12.29 -7.31
CA ASP A 155 -4.02 13.73 -7.27
C ASP A 155 -4.73 14.35 -6.07
N ALA A 156 -5.92 13.84 -5.77
CA ALA A 156 -6.69 14.34 -4.64
C ALA A 156 -6.07 13.91 -3.32
N PHE A 157 -5.64 12.65 -3.25
CA PHE A 157 -5.01 12.13 -2.05
C PHE A 157 -3.74 12.91 -1.72
N VAL A 158 -2.94 13.17 -2.75
CA VAL A 158 -1.69 13.91 -2.58
C VAL A 158 -1.96 15.28 -1.96
N GLU A 159 -3.04 15.93 -2.39
CA GLU A 159 -3.41 17.23 -1.89
C GLU A 159 -3.85 17.14 -0.43
N LEU A 160 -4.49 16.03 -0.08
CA LEU A 160 -4.96 15.80 1.29
C LEU A 160 -3.82 15.38 2.21
N TYR A 161 -2.98 14.47 1.73
CA TYR A 161 -1.86 13.97 2.52
C TYR A 161 -0.55 14.64 2.11
N GLY A 162 -0.64 15.79 1.44
CA GLY A 162 0.55 16.49 1.02
C GLY A 162 1.54 16.72 2.15
N PRO A 163 2.71 17.31 1.86
CA PRO A 163 3.74 17.57 2.88
C PRO A 163 3.33 18.69 3.84
N SER A 164 2.88 19.80 3.29
CA SER A 164 2.46 20.94 4.12
C SER A 164 1.16 20.64 4.85
N MET A 165 0.36 19.74 4.29
CA MET A 165 -0.92 19.37 4.89
C MET A 165 -0.72 18.82 6.30
N ARG A 166 -1.12 19.61 7.29
CA ARG A 166 -1.00 19.21 8.69
C ARG A 166 -1.76 17.92 8.95
N PRO A 167 -1.44 17.21 10.05
CA PRO A 167 -2.10 15.95 10.41
C PRO A 167 -3.63 16.06 10.31
N LEU A 168 -4.16 15.56 9.21
CA LEU A 168 -5.61 15.58 8.99
C LEU A 168 -6.29 14.38 9.64
N PHE A 169 -7.58 14.22 9.37
CA PHE A 169 -8.36 13.12 9.93
C PHE A 169 -7.70 11.78 9.61
N ASP A 170 -7.86 10.81 10.52
CA ASP A 170 -7.29 9.49 10.34
C ASP A 170 -8.38 8.47 10.03
N PHE A 171 -7.97 7.28 9.59
CA PHE A 171 -8.91 6.22 9.26
C PHE A 171 -9.15 5.31 10.46
N SER A 172 -10.37 4.80 10.58
CA SER A 172 -10.72 3.92 11.68
C SER A 172 -9.95 2.60 11.59
N TRP A 173 -9.34 2.19 12.71
CA TRP A 173 -8.57 0.95 12.74
C TRP A 173 -9.44 -0.24 12.35
N LEU A 174 -8.88 -1.12 11.53
CA LEU A 174 -9.60 -2.30 11.07
C LEU A 174 -9.54 -3.40 12.13
N SER A 175 -10.35 -3.23 13.19
CA SER A 175 -10.41 -4.20 14.27
C SER A 175 -10.85 -5.56 13.77
N LEU A 176 -9.93 -6.51 13.76
CA LEU A 176 -10.22 -7.86 13.30
C LEU A 176 -9.80 -8.89 14.34
N LYS A 177 -10.77 -9.65 14.83
CA LYS A 177 -10.51 -10.68 15.83
C LYS A 177 -9.93 -10.07 17.10
N MET A 1 -11.28 17.69 -14.82
CA MET A 1 -10.31 16.75 -15.45
C MET A 1 -9.23 17.52 -16.24
N ALA A 2 -7.98 17.21 -15.96
CA ALA A 2 -6.87 17.86 -16.64
C ALA A 2 -5.63 16.97 -16.66
N HIS A 3 -5.20 16.53 -15.48
CA HIS A 3 -4.03 15.66 -15.37
C HIS A 3 -4.45 14.20 -15.25
N ALA A 4 -5.47 13.82 -16.03
CA ALA A 4 -5.96 12.45 -16.02
C ALA A 4 -6.57 12.08 -17.36
N GLY A 5 -5.99 11.08 -18.01
CA GLY A 5 -6.49 10.65 -19.30
C GLY A 5 -5.92 9.30 -19.73
N ARG A 6 -5.21 9.31 -20.86
CA ARG A 6 -4.60 8.09 -21.37
C ARG A 6 -3.54 7.56 -20.40
N THR A 7 -3.83 6.42 -19.78
CA THR A 7 -2.91 5.81 -18.83
C THR A 7 -2.54 6.79 -17.72
N GLY A 8 -3.17 6.63 -16.56
CA GLY A 8 -2.90 7.51 -15.44
C GLY A 8 -1.79 6.98 -14.55
N TYR A 9 -2.16 6.53 -13.35
CA TYR A 9 -1.19 5.99 -12.41
C TYR A 9 -1.24 4.47 -12.37
N ASP A 10 -0.07 3.85 -12.23
CA ASP A 10 0.01 2.39 -12.19
C ASP A 10 -0.08 1.88 -10.75
N ASN A 11 -1.20 1.23 -10.43
CA ASN A 11 -1.41 0.69 -9.09
C ASN A 11 -0.32 -0.31 -8.71
N ARG A 12 0.23 -0.97 -9.73
CA ARG A 12 1.28 -1.95 -9.50
C ARG A 12 2.56 -1.28 -9.02
N GLU A 13 2.92 -0.17 -9.66
CA GLU A 13 4.11 0.57 -9.29
C GLU A 13 4.02 1.06 -7.84
N ILE A 14 2.91 1.72 -7.52
CA ILE A 14 2.69 2.22 -6.17
C ILE A 14 2.74 1.09 -5.15
N VAL A 15 2.20 -0.06 -5.54
CA VAL A 15 2.18 -1.24 -4.68
C VAL A 15 3.58 -1.81 -4.53
N MET A 16 4.25 -2.04 -5.66
CA MET A 16 5.60 -2.59 -5.66
C MET A 16 6.54 -1.68 -4.89
N LYS A 17 6.26 -0.38 -4.89
CA LYS A 17 7.08 0.59 -4.18
C LYS A 17 6.71 0.64 -2.70
N TYR A 18 5.42 0.73 -2.42
CA TYR A 18 4.93 0.77 -1.05
C TYR A 18 5.40 -0.45 -0.27
N ILE A 19 5.19 -1.63 -0.85
CA ILE A 19 5.59 -2.88 -0.23
C ILE A 19 7.10 -2.92 -0.02
N HIS A 20 7.84 -2.46 -1.02
CA HIS A 20 9.30 -2.44 -0.96
C HIS A 20 9.77 -1.44 0.09
N TYR A 21 9.04 -0.34 0.22
CA TYR A 21 9.39 0.70 1.19
C TYR A 21 9.14 0.22 2.62
N LYS A 22 7.89 -0.05 2.94
CA LYS A 22 7.52 -0.53 4.27
C LYS A 22 8.35 -1.76 4.66
N LEU A 23 8.71 -2.55 3.65
CA LEU A 23 9.51 -3.75 3.88
C LEU A 23 10.90 -3.37 4.37
N SER A 24 11.40 -2.24 3.88
CA SER A 24 12.73 -1.77 4.27
C SER A 24 12.69 -1.18 5.68
N GLN A 25 11.54 -0.64 6.07
CA GLN A 25 11.37 -0.05 7.39
C GLN A 25 11.70 -1.06 8.48
N ARG A 26 11.42 -2.33 8.21
CA ARG A 26 11.68 -3.40 9.17
C ARG A 26 13.07 -4.02 8.92
N GLY A 27 13.65 -3.73 7.77
CA GLY A 27 14.96 -4.27 7.45
C GLY A 27 14.90 -5.42 6.46
N TYR A 28 13.85 -5.43 5.65
CA TYR A 28 13.67 -6.48 4.65
C TYR A 28 13.96 -5.96 3.24
N GLU A 29 14.50 -6.83 2.40
CA GLU A 29 14.82 -6.46 1.03
C GLU A 29 14.04 -7.33 0.04
N TRP A 30 12.80 -6.93 -0.23
CA TRP A 30 11.94 -7.67 -1.15
C TRP A 30 12.32 -7.37 -2.60
N ASP A 31 12.69 -8.42 -3.33
CA ASP A 31 13.06 -8.28 -4.72
C ASP A 31 11.83 -8.33 -5.61
N ALA A 32 11.19 -7.18 -5.79
CA ALA A 32 9.99 -7.08 -6.61
C ALA A 32 10.34 -7.09 -8.10
N GLY A 33 11.30 -7.94 -8.48
CA GLY A 33 11.71 -8.03 -9.87
C GLY A 33 11.93 -6.67 -10.51
N ASP A 34 12.99 -5.98 -10.08
CA ASP A 34 13.31 -4.67 -10.61
C ASP A 34 14.12 -4.78 -11.91
N ASP A 35 13.56 -5.49 -12.87
CA ASP A 35 14.22 -5.68 -14.17
C ASP A 35 13.27 -5.34 -15.31
N VAL A 36 13.16 -4.06 -15.61
CA VAL A 36 12.27 -3.61 -16.68
C VAL A 36 13.06 -3.39 -17.98
N GLU A 37 13.62 -4.47 -18.50
CA GLU A 37 14.38 -4.40 -19.75
C GLU A 37 13.44 -4.40 -20.96
N GLU A 38 12.48 -3.48 -20.96
CA GLU A 38 11.51 -3.38 -22.05
C GLU A 38 10.58 -2.20 -21.84
N ASN A 39 11.14 -1.05 -21.52
CA ASN A 39 10.35 0.16 -21.29
C ASN A 39 11.20 1.41 -21.46
N ARG A 40 11.27 1.90 -22.70
CA ARG A 40 12.05 3.09 -23.00
C ARG A 40 11.15 4.30 -23.18
N THR A 41 10.86 5.00 -22.09
CA THR A 41 10.00 6.18 -22.13
C THR A 41 10.81 7.45 -21.89
N GLU A 42 10.55 8.47 -22.70
CA GLU A 42 11.26 9.74 -22.56
C GLU A 42 10.32 10.85 -22.11
N ALA A 43 9.42 10.51 -21.19
CA ALA A 43 8.46 11.47 -20.66
C ALA A 43 8.77 11.81 -19.20
N PRO A 44 8.56 13.08 -18.80
CA PRO A 44 8.81 13.52 -17.43
C PRO A 44 7.75 13.02 -16.45
N GLU A 45 7.97 11.84 -15.89
CA GLU A 45 7.04 11.25 -14.94
C GLU A 45 7.72 10.96 -13.60
N GLY A 46 8.71 11.79 -13.26
CA GLY A 46 9.43 11.61 -12.01
C GLY A 46 9.10 12.68 -11.00
N THR A 47 7.89 13.22 -11.08
CA THR A 47 7.46 14.26 -10.16
C THR A 47 6.09 13.94 -9.56
N GLU A 48 5.08 13.86 -10.42
CA GLU A 48 3.73 13.53 -9.97
C GLU A 48 3.62 12.06 -9.58
N SER A 49 4.01 11.19 -10.50
CA SER A 49 3.96 9.75 -10.26
C SER A 49 4.82 9.37 -9.06
N GLU A 50 5.93 10.08 -8.90
CA GLU A 50 6.86 9.81 -7.79
C GLU A 50 6.24 10.26 -6.47
N VAL A 51 5.39 11.27 -6.52
CA VAL A 51 4.75 11.79 -5.33
C VAL A 51 3.66 10.84 -4.82
N VAL A 52 2.86 10.30 -5.74
CA VAL A 52 1.80 9.38 -5.38
C VAL A 52 2.31 8.25 -4.48
N HIS A 53 3.51 7.77 -4.76
CA HIS A 53 4.10 6.70 -3.97
C HIS A 53 4.83 7.27 -2.75
N LEU A 54 5.29 8.52 -2.87
CA LEU A 54 6.00 9.17 -1.78
C LEU A 54 5.02 9.63 -0.70
N THR A 55 4.08 10.49 -1.09
CA THR A 55 3.08 11.02 -0.17
C THR A 55 2.29 9.88 0.46
N LEU A 56 1.94 8.88 -0.36
CA LEU A 56 1.18 7.73 0.12
C LEU A 56 1.96 6.97 1.18
N ARG A 57 3.26 6.81 0.96
CA ARG A 57 4.12 6.11 1.91
C ARG A 57 4.21 6.87 3.22
N GLN A 58 4.44 8.18 3.12
CA GLN A 58 4.54 9.03 4.30
C GLN A 58 3.23 9.06 5.07
N ALA A 59 2.12 8.93 4.35
CA ALA A 59 0.81 8.94 4.97
C ALA A 59 0.64 7.76 5.91
N GLY A 60 0.97 6.57 5.42
CA GLY A 60 0.85 5.37 6.23
C GLY A 60 1.94 5.28 7.27
N ASP A 61 3.16 5.66 6.90
CA ASP A 61 4.30 5.62 7.83
C ASP A 61 3.99 6.41 9.09
N ASP A 62 3.46 7.61 8.92
CA ASP A 62 3.12 8.47 10.05
C ASP A 62 2.05 7.81 10.91
N PHE A 63 1.08 7.17 10.27
CA PHE A 63 0.00 6.50 10.98
C PHE A 63 0.51 5.25 11.69
N SER A 64 1.52 4.62 11.10
CA SER A 64 2.10 3.41 11.68
C SER A 64 3.04 3.75 12.82
N ARG A 65 4.00 4.63 12.55
CA ARG A 65 4.96 5.05 13.56
C ARG A 65 4.26 5.62 14.79
N ARG A 66 3.08 6.18 14.59
CA ARG A 66 2.31 6.77 15.67
C ARG A 66 1.65 5.69 16.53
N TYR A 67 1.32 4.57 15.90
CA TYR A 67 0.68 3.46 16.60
C TYR A 67 1.37 2.14 16.28
N ARG A 68 2.70 2.15 16.27
CA ARG A 68 3.46 0.95 15.98
C ARG A 68 3.15 -0.17 16.97
N ARG A 69 2.79 0.21 18.19
CA ARG A 69 2.46 -0.76 19.22
C ARG A 69 1.25 -1.59 18.81
N ASP A 70 0.15 -0.91 18.53
CA ASP A 70 -1.08 -1.59 18.11
C ASP A 70 -0.81 -2.48 16.90
N PHE A 71 0.14 -2.05 16.06
CA PHE A 71 0.50 -2.81 14.87
C PHE A 71 1.26 -4.07 15.24
N ALA A 72 2.34 -3.90 15.99
CA ALA A 72 3.16 -5.03 16.42
C ALA A 72 2.33 -6.02 17.22
N GLU A 73 1.35 -5.50 17.94
CA GLU A 73 0.48 -6.34 18.75
C GLU A 73 -0.31 -7.30 17.87
N MET A 74 -0.84 -6.79 16.76
CA MET A 74 -1.61 -7.62 15.84
C MET A 74 -0.70 -8.35 14.87
N SER A 75 0.36 -7.69 14.42
CA SER A 75 1.31 -8.27 13.49
C SER A 75 2.10 -9.41 14.14
N SER A 76 2.75 -9.11 15.26
CA SER A 76 3.55 -10.10 15.98
C SER A 76 2.72 -11.34 16.30
N GLN A 77 1.47 -11.13 16.71
CA GLN A 77 0.57 -12.23 17.04
C GLN A 77 -0.15 -12.75 15.81
N LEU A 78 -0.15 -11.96 14.74
CA LEU A 78 -0.81 -12.35 13.50
C LEU A 78 -0.27 -13.66 12.96
N HIS A 79 -1.15 -14.63 12.75
CA HIS A 79 -0.76 -15.93 12.23
C HIS A 79 -0.84 -15.94 10.70
N LEU A 80 0.29 -15.78 10.05
CA LEU A 80 0.34 -15.75 8.59
C LEU A 80 0.50 -17.15 8.02
N THR A 81 -0.31 -17.47 7.01
CA THR A 81 -0.27 -18.77 6.36
C THR A 81 -0.63 -18.63 4.88
N PRO A 82 0.18 -19.20 3.97
CA PRO A 82 -0.07 -19.13 2.53
C PRO A 82 -1.32 -19.91 2.11
N PHE A 83 -1.87 -20.70 3.03
CA PHE A 83 -3.05 -21.49 2.74
C PHE A 83 -4.33 -20.68 2.94
N THR A 84 -4.29 -19.73 3.86
CA THR A 84 -5.46 -18.90 4.15
C THR A 84 -5.10 -17.41 4.21
N ALA A 85 -3.89 -17.07 3.81
CA ALA A 85 -3.45 -15.67 3.83
C ALA A 85 -4.33 -14.81 2.92
N ARG A 86 -4.71 -15.37 1.78
CA ARG A 86 -5.54 -14.66 0.82
C ARG A 86 -6.93 -14.41 1.39
N GLY A 87 -7.41 -15.35 2.20
CA GLY A 87 -8.72 -15.21 2.80
C GLY A 87 -8.74 -14.18 3.91
N ARG A 88 -7.65 -14.10 4.67
CA ARG A 88 -7.55 -13.14 5.76
C ARG A 88 -7.39 -11.72 5.21
N PHE A 89 -6.69 -11.62 4.08
CA PHE A 89 -6.46 -10.32 3.45
C PHE A 89 -7.80 -9.69 3.07
N ALA A 90 -8.63 -10.47 2.38
CA ALA A 90 -9.94 -9.99 1.95
C ALA A 90 -10.80 -9.59 3.15
N THR A 91 -10.63 -10.29 4.26
CA THR A 91 -11.38 -9.99 5.47
C THR A 91 -11.04 -8.59 5.97
N VAL A 92 -9.75 -8.28 5.95
CA VAL A 92 -9.27 -6.98 6.40
C VAL A 92 -9.50 -5.92 5.32
N VAL A 93 -9.39 -6.35 4.06
CA VAL A 93 -9.60 -5.46 2.92
C VAL A 93 -11.07 -5.13 2.73
N GLU A 94 -11.89 -6.19 2.62
CA GLU A 94 -13.32 -6.03 2.42
C GLU A 94 -13.95 -5.25 3.57
N GLU A 95 -13.38 -5.35 4.77
CA GLU A 95 -13.90 -4.64 5.91
C GLU A 95 -13.47 -3.17 5.86
N LEU A 96 -12.34 -2.93 5.19
CA LEU A 96 -11.81 -1.58 5.04
C LEU A 96 -12.70 -0.73 4.15
N PHE A 97 -13.23 -1.35 3.09
CA PHE A 97 -14.09 -0.64 2.14
C PHE A 97 -15.54 -1.10 2.25
N ARG A 98 -15.87 -1.84 3.31
CA ARG A 98 -17.21 -2.33 3.51
C ARG A 98 -18.13 -1.21 4.01
N ASP A 99 -17.58 -0.35 4.87
CA ASP A 99 -18.33 0.77 5.43
C ASP A 99 -18.10 2.04 4.62
N GLY A 100 -17.62 1.88 3.38
CA GLY A 100 -17.36 3.04 2.54
C GLY A 100 -15.88 3.28 2.32
N VAL A 101 -15.50 3.53 1.08
CA VAL A 101 -14.11 3.79 0.74
C VAL A 101 -13.71 5.23 1.03
N ASN A 102 -12.47 5.42 1.45
CA ASN A 102 -11.96 6.75 1.76
C ASN A 102 -10.43 6.76 1.70
N TRP A 103 -9.86 7.90 1.36
CA TRP A 103 -8.41 8.03 1.27
C TRP A 103 -7.73 7.43 2.50
N GLY A 104 -8.31 7.68 3.68
CA GLY A 104 -7.75 7.14 4.90
C GLY A 104 -7.81 5.63 4.91
N ARG A 105 -8.99 5.09 4.63
CA ARG A 105 -9.17 3.65 4.59
C ARG A 105 -8.16 3.04 3.61
N ILE A 106 -8.04 3.64 2.44
CA ILE A 106 -7.10 3.18 1.44
C ILE A 106 -5.71 3.03 2.04
N VAL A 107 -5.40 3.89 3.01
CA VAL A 107 -4.11 3.83 3.68
C VAL A 107 -3.96 2.51 4.43
N ALA A 108 -5.05 2.06 5.04
CA ALA A 108 -5.03 0.79 5.76
C ALA A 108 -4.77 -0.36 4.81
N PHE A 109 -5.29 -0.22 3.59
CA PHE A 109 -5.11 -1.23 2.56
C PHE A 109 -3.64 -1.42 2.21
N PHE A 110 -2.93 -0.30 2.10
CA PHE A 110 -1.51 -0.34 1.77
C PHE A 110 -0.67 -0.71 2.98
N GLU A 111 -1.05 -0.18 4.13
CA GLU A 111 -0.33 -0.46 5.37
C GLU A 111 -0.54 -1.91 5.77
N PHE A 112 -1.79 -2.38 5.66
CA PHE A 112 -2.15 -3.74 5.99
C PHE A 112 -1.33 -4.72 5.15
N GLY A 113 -1.35 -4.53 3.84
CA GLY A 113 -0.61 -5.41 2.95
C GLY A 113 0.87 -5.45 3.27
N GLY A 114 1.41 -4.33 3.76
CA GLY A 114 2.82 -4.27 4.10
C GLY A 114 3.14 -5.07 5.34
N VAL A 115 2.16 -5.18 6.24
CA VAL A 115 2.34 -5.94 7.48
C VAL A 115 2.58 -7.41 7.18
N MET A 116 1.65 -8.04 6.45
CA MET A 116 1.77 -9.45 6.10
C MET A 116 3.11 -9.72 5.44
N CYS A 117 3.52 -8.82 4.56
CA CYS A 117 4.80 -8.96 3.86
C CYS A 117 5.94 -9.07 4.86
N VAL A 118 5.83 -8.32 5.95
CA VAL A 118 6.85 -8.35 7.00
C VAL A 118 6.68 -9.58 7.87
N GLU A 119 5.44 -10.02 8.03
CA GLU A 119 5.15 -11.20 8.83
C GLU A 119 5.55 -12.47 8.06
N SER A 120 5.43 -12.41 6.74
CA SER A 120 5.79 -13.54 5.89
C SER A 120 7.29 -13.79 5.95
N VAL A 121 8.06 -12.75 5.70
CA VAL A 121 9.51 -12.85 5.72
C VAL A 121 10.01 -13.36 7.06
N ASN A 122 9.28 -13.02 8.12
CA ASN A 122 9.62 -13.43 9.47
C ASN A 122 9.66 -14.95 9.58
N ARG A 123 8.63 -15.60 9.06
CA ARG A 123 8.53 -17.05 9.09
C ARG A 123 9.12 -17.68 7.82
N GLU A 124 10.02 -16.96 7.17
CA GLU A 124 10.65 -17.46 5.96
C GLU A 124 9.62 -17.70 4.86
N MET A 125 8.70 -16.75 4.69
CA MET A 125 7.67 -16.86 3.68
C MET A 125 7.78 -15.72 2.67
N SER A 126 9.00 -15.40 2.28
CA SER A 126 9.26 -14.33 1.32
C SER A 126 8.29 -14.38 0.13
N PRO A 127 8.21 -15.52 -0.58
CA PRO A 127 7.33 -15.68 -1.72
C PRO A 127 5.95 -15.05 -1.52
N LEU A 128 5.50 -15.01 -0.27
CA LEU A 128 4.19 -14.43 0.04
C LEU A 128 4.17 -12.94 -0.30
N VAL A 129 5.28 -12.26 0.00
CA VAL A 129 5.38 -10.83 -0.27
C VAL A 129 4.99 -10.52 -1.71
N ASP A 130 5.28 -11.45 -2.61
CA ASP A 130 4.96 -11.28 -4.02
C ASP A 130 3.47 -11.54 -4.27
N ASN A 131 2.90 -12.44 -3.48
CA ASN A 131 1.49 -12.78 -3.60
C ASN A 131 0.62 -11.70 -2.97
N ILE A 132 1.05 -11.19 -1.82
CA ILE A 132 0.31 -10.14 -1.12
C ILE A 132 0.22 -8.89 -1.98
N ALA A 133 1.37 -8.37 -2.40
CA ALA A 133 1.41 -7.17 -3.23
C ALA A 133 0.61 -7.38 -4.51
N LEU A 134 0.69 -8.58 -5.06
CA LEU A 134 -0.03 -8.92 -6.28
C LEU A 134 -1.54 -8.79 -6.06
N TRP A 135 -1.98 -9.25 -4.89
CA TRP A 135 -3.40 -9.18 -4.54
C TRP A 135 -3.84 -7.74 -4.40
N MET A 136 -2.96 -6.91 -3.84
CA MET A 136 -3.27 -5.50 -3.66
C MET A 136 -3.46 -4.80 -5.00
N THR A 137 -2.59 -5.14 -5.95
CA THR A 137 -2.67 -4.55 -7.29
C THR A 137 -4.02 -4.84 -7.93
N GLU A 138 -4.46 -6.09 -7.81
CA GLU A 138 -5.75 -6.50 -8.37
C GLU A 138 -6.91 -5.77 -7.72
N TYR A 139 -6.92 -5.73 -6.38
CA TYR A 139 -7.99 -5.07 -5.65
C TYR A 139 -8.06 -3.59 -6.00
N LEU A 140 -6.89 -2.97 -6.16
CA LEU A 140 -6.83 -1.54 -6.50
C LEU A 140 -7.44 -1.28 -7.87
N ASN A 141 -7.11 -2.14 -8.83
CA ASN A 141 -7.61 -1.99 -10.20
C ASN A 141 -8.99 -2.62 -10.37
N ARG A 142 -9.39 -3.44 -9.41
CA ARG A 142 -10.69 -4.11 -9.49
C ARG A 142 -11.81 -3.31 -8.83
N HIS A 143 -11.67 -3.00 -7.55
CA HIS A 143 -12.69 -2.27 -6.82
C HIS A 143 -12.30 -0.81 -6.55
N LEU A 144 -11.07 -0.60 -6.10
CA LEU A 144 -10.60 0.75 -5.79
C LEU A 144 -10.22 1.54 -7.04
N HIS A 145 -10.45 0.95 -8.21
CA HIS A 145 -10.12 1.62 -9.47
C HIS A 145 -11.11 2.75 -9.77
N THR A 146 -12.39 2.39 -9.82
CA THR A 146 -13.43 3.36 -10.12
C THR A 146 -13.54 4.42 -9.03
N TRP A 147 -13.72 3.98 -7.79
CA TRP A 147 -13.84 4.89 -6.65
C TRP A 147 -12.75 5.96 -6.67
N ILE A 148 -11.49 5.53 -6.72
CA ILE A 148 -10.37 6.45 -6.73
C ILE A 148 -10.48 7.45 -7.89
N GLN A 149 -11.06 7.00 -9.00
CA GLN A 149 -11.22 7.86 -10.17
C GLN A 149 -12.23 8.96 -9.89
N ASP A 150 -13.19 8.67 -9.01
CA ASP A 150 -14.22 9.64 -8.65
C ASP A 150 -13.74 10.58 -7.54
N ASN A 151 -12.68 10.19 -6.85
CA ASN A 151 -12.12 10.99 -5.78
C ASN A 151 -10.91 11.79 -6.25
N GLY A 152 -10.93 12.15 -7.52
CA GLY A 152 -9.83 12.92 -8.09
C GLY A 152 -8.56 12.09 -8.24
N GLY A 153 -8.69 10.78 -8.16
CA GLY A 153 -7.54 9.91 -8.27
C GLY A 153 -6.45 10.23 -7.26
N TRP A 154 -5.25 9.74 -7.52
CA TRP A 154 -4.12 9.97 -6.62
C TRP A 154 -3.83 11.47 -6.50
N ASP A 155 -4.20 12.22 -7.53
CA ASP A 155 -3.98 13.67 -7.54
C ASP A 155 -4.63 14.32 -6.33
N ALA A 156 -5.84 13.87 -6.01
CA ALA A 156 -6.57 14.41 -4.86
C ALA A 156 -5.94 13.93 -3.56
N PHE A 157 -5.57 12.67 -3.51
CA PHE A 157 -4.95 12.10 -2.31
C PHE A 157 -3.65 12.84 -1.99
N VAL A 158 -2.81 13.04 -3.00
CA VAL A 158 -1.55 13.73 -2.83
C VAL A 158 -1.76 15.10 -2.21
N GLU A 159 -2.83 15.77 -2.61
CA GLU A 159 -3.16 17.09 -2.10
C GLU A 159 -3.62 17.00 -0.64
N LEU A 160 -4.34 15.93 -0.33
CA LEU A 160 -4.86 15.71 1.02
C LEU A 160 -3.75 15.28 1.97
N TYR A 161 -2.85 14.41 1.49
CA TYR A 161 -1.75 13.92 2.30
C TYR A 161 -0.42 14.52 1.88
N GLY A 162 -0.48 15.65 1.17
CA GLY A 162 0.73 16.31 0.72
C GLY A 162 1.70 16.59 1.86
N PRO A 163 2.89 17.16 1.55
CA PRO A 163 3.89 17.47 2.57
C PRO A 163 3.41 18.55 3.55
N SER A 164 2.91 19.65 3.01
CA SER A 164 2.41 20.75 3.83
C SER A 164 1.19 20.33 4.64
N MET A 165 0.46 19.35 4.12
CA MET A 165 -0.73 18.85 4.79
C MET A 165 -0.40 18.33 6.18
N ARG A 166 -0.75 19.10 7.20
CA ARG A 166 -0.50 18.72 8.59
C ARG A 166 -1.32 17.49 8.97
N PRO A 167 -1.01 16.86 10.11
CA PRO A 167 -1.74 15.67 10.58
C PRO A 167 -3.24 15.89 10.58
N LEU A 168 -3.89 15.54 9.47
CA LEU A 168 -5.33 15.69 9.33
C LEU A 168 -6.06 14.47 9.88
N PHE A 169 -7.38 14.43 9.65
CA PHE A 169 -8.20 13.31 10.12
C PHE A 169 -7.56 11.97 9.77
N ASP A 170 -7.78 10.98 10.63
CA ASP A 170 -7.22 9.65 10.42
C ASP A 170 -8.32 8.68 9.97
N PHE A 171 -7.92 7.44 9.69
CA PHE A 171 -8.87 6.42 9.25
C PHE A 171 -9.22 5.48 10.40
N SER A 172 -10.45 4.97 10.38
CA SER A 172 -10.91 4.05 11.42
C SER A 172 -10.13 2.74 11.37
N TRP A 173 -9.46 2.41 12.47
CA TRP A 173 -8.68 1.18 12.54
C TRP A 173 -9.54 -0.04 12.19
N LEU A 174 -8.94 -0.98 11.47
CA LEU A 174 -9.64 -2.20 11.07
C LEU A 174 -9.53 -3.27 12.14
N SER A 175 -10.36 -3.15 13.17
CA SER A 175 -10.36 -4.10 14.28
C SER A 175 -10.90 -5.46 13.84
N LEU A 176 -10.09 -6.49 14.02
CA LEU A 176 -10.48 -7.84 13.65
C LEU A 176 -9.94 -8.87 14.66
N LYS A 177 -10.85 -9.63 15.26
CA LYS A 177 -10.46 -10.64 16.24
C LYS A 177 -10.38 -12.02 15.60
N MET A 1 3.58 16.59 -22.89
CA MET A 1 3.11 17.82 -23.60
C MET A 1 1.62 18.03 -23.40
N ALA A 2 1.27 18.98 -22.53
CA ALA A 2 -0.13 19.29 -22.25
C ALA A 2 -0.86 18.07 -21.71
N HIS A 3 -0.98 18.00 -20.39
CA HIS A 3 -1.66 16.89 -19.74
C HIS A 3 -0.96 15.57 -20.05
N ALA A 4 0.29 15.46 -19.62
CA ALA A 4 1.08 14.25 -19.84
C ALA A 4 1.85 13.85 -18.58
N GLY A 5 1.42 12.75 -17.97
CA GLY A 5 2.08 12.28 -16.77
C GLY A 5 1.10 11.90 -15.68
N ARG A 6 0.03 12.68 -15.55
CA ARG A 6 -1.00 12.43 -14.54
C ARG A 6 -2.15 11.63 -15.13
N THR A 7 -3.15 11.34 -14.30
CA THR A 7 -4.32 10.59 -14.74
C THR A 7 -3.90 9.25 -15.35
N GLY A 8 -4.03 8.18 -14.58
CA GLY A 8 -3.66 6.86 -15.06
C GLY A 8 -2.45 6.30 -14.35
N TYR A 9 -2.42 6.46 -13.03
CA TYR A 9 -1.30 5.97 -12.23
C TYR A 9 -1.26 4.44 -12.25
N ASP A 10 -0.05 3.89 -12.17
CA ASP A 10 0.13 2.44 -12.18
C ASP A 10 -0.11 1.87 -10.79
N ASN A 11 -1.27 1.24 -10.60
CA ASN A 11 -1.63 0.64 -9.33
C ASN A 11 -0.63 -0.44 -8.94
N ARG A 12 -0.08 -1.12 -9.93
CA ARG A 12 0.90 -2.17 -9.68
C ARG A 12 2.23 -1.59 -9.24
N GLU A 13 2.53 -0.39 -9.74
CA GLU A 13 3.78 0.29 -9.39
C GLU A 13 3.69 0.89 -7.99
N ILE A 14 2.58 1.55 -7.71
CA ILE A 14 2.37 2.17 -6.41
C ILE A 14 2.48 1.12 -5.30
N VAL A 15 2.07 -0.09 -5.61
CA VAL A 15 2.12 -1.19 -4.65
C VAL A 15 3.54 -1.76 -4.56
N MET A 16 4.05 -2.22 -5.70
CA MET A 16 5.40 -2.79 -5.75
C MET A 16 6.42 -1.85 -5.12
N LYS A 17 6.13 -0.55 -5.19
CA LYS A 17 7.02 0.46 -4.62
C LYS A 17 6.79 0.60 -3.12
N TYR A 18 5.52 0.65 -2.73
CA TYR A 18 5.16 0.78 -1.32
C TYR A 18 5.71 -0.39 -0.51
N ILE A 19 5.61 -1.59 -1.07
CA ILE A 19 6.09 -2.79 -0.41
C ILE A 19 7.62 -2.83 -0.40
N HIS A 20 8.22 -2.49 -1.53
CA HIS A 20 9.67 -2.48 -1.65
C HIS A 20 10.31 -1.59 -0.59
N TYR A 21 9.85 -0.35 -0.53
CA TYR A 21 10.37 0.61 0.44
C TYR A 21 10.18 0.10 1.87
N LYS A 22 8.96 -0.29 2.18
CA LYS A 22 8.64 -0.81 3.52
C LYS A 22 9.47 -2.05 3.82
N LEU A 23 9.62 -2.91 2.82
CA LEU A 23 10.40 -4.14 2.97
C LEU A 23 11.88 -3.83 3.15
N SER A 24 12.32 -2.73 2.56
CA SER A 24 13.72 -2.32 2.65
C SER A 24 14.01 -1.67 4.01
N GLN A 25 13.10 -0.82 4.46
CA GLN A 25 13.25 -0.13 5.74
C GLN A 25 13.38 -1.14 6.88
N ARG A 26 12.79 -2.32 6.69
CA ARG A 26 12.84 -3.37 7.70
C ARG A 26 14.12 -4.20 7.57
N GLY A 27 14.77 -4.09 6.42
CA GLY A 27 16.00 -4.83 6.18
C GLY A 27 15.79 -6.03 5.29
N TYR A 28 14.68 -6.03 4.53
CA TYR A 28 14.37 -7.13 3.63
C TYR A 28 14.60 -6.72 2.18
N GLU A 29 14.85 -7.71 1.33
CA GLU A 29 15.09 -7.45 -0.09
C GLU A 29 14.08 -8.20 -0.95
N TRP A 30 12.91 -7.60 -1.14
CA TRP A 30 11.86 -8.21 -1.95
C TRP A 30 12.19 -8.11 -3.44
N ASP A 31 12.20 -9.25 -4.11
CA ASP A 31 12.49 -9.30 -5.53
C ASP A 31 11.21 -9.28 -6.34
N ALA A 32 10.69 -8.08 -6.60
CA ALA A 32 9.46 -7.92 -7.36
C ALA A 32 9.69 -8.20 -8.85
N GLY A 33 10.24 -9.38 -9.14
CA GLY A 33 10.50 -9.75 -10.52
C GLY A 33 11.84 -9.23 -11.02
N ASP A 34 11.89 -7.95 -11.35
CA ASP A 34 13.12 -7.35 -11.85
C ASP A 34 13.44 -6.05 -11.10
N ASP A 35 14.18 -6.18 -10.00
CA ASP A 35 14.56 -5.04 -9.20
C ASP A 35 15.91 -4.47 -9.65
N VAL A 36 16.03 -4.24 -10.96
CA VAL A 36 17.26 -3.71 -11.52
C VAL A 36 16.97 -2.54 -12.46
N GLU A 37 16.69 -1.37 -11.89
CA GLU A 37 16.39 -0.19 -12.68
C GLU A 37 17.58 0.19 -13.56
N GLU A 38 17.35 0.20 -14.88
CA GLU A 38 18.40 0.53 -15.83
C GLU A 38 18.85 1.98 -15.66
N ASN A 39 19.75 2.20 -14.70
CA ASN A 39 20.27 3.54 -14.42
C ASN A 39 19.15 4.59 -14.41
N ARG A 40 18.21 4.44 -13.49
CA ARG A 40 17.09 5.36 -13.36
C ARG A 40 17.49 6.60 -12.57
N THR A 41 18.04 7.59 -13.27
CA THR A 41 18.47 8.83 -12.61
C THR A 41 17.28 9.57 -12.01
N GLU A 42 17.46 10.09 -10.80
CA GLU A 42 16.40 10.81 -10.11
C GLU A 42 16.37 12.28 -10.55
N ALA A 43 16.22 12.50 -11.84
CA ALA A 43 16.17 13.85 -12.39
C ALA A 43 14.85 14.53 -12.06
N PRO A 44 14.83 15.87 -12.01
CA PRO A 44 13.62 16.64 -11.71
C PRO A 44 12.62 16.60 -12.85
N GLU A 45 12.12 15.41 -13.15
CA GLU A 45 11.15 15.23 -14.22
C GLU A 45 9.96 14.38 -13.76
N GLY A 46 10.26 13.15 -13.36
CA GLY A 46 9.21 12.26 -12.89
C GLY A 46 9.02 12.32 -11.38
N THR A 47 8.97 13.54 -10.85
CA THR A 47 8.80 13.72 -9.42
C THR A 47 7.33 13.61 -9.02
N GLU A 48 6.44 13.91 -9.96
CA GLU A 48 5.00 13.83 -9.71
C GLU A 48 4.61 12.45 -9.22
N SER A 49 4.99 11.42 -9.97
CA SER A 49 4.67 10.04 -9.62
C SER A 49 5.29 9.68 -8.27
N GLU A 50 6.43 10.30 -7.97
CA GLU A 50 7.11 10.04 -6.70
C GLU A 50 6.27 10.53 -5.53
N VAL A 51 5.51 11.60 -5.76
CA VAL A 51 4.66 12.17 -4.72
C VAL A 51 3.58 11.17 -4.30
N VAL A 52 2.85 10.65 -5.29
CA VAL A 52 1.79 9.68 -5.00
C VAL A 52 2.32 8.53 -4.16
N HIS A 53 3.59 8.20 -4.35
CA HIS A 53 4.22 7.12 -3.61
C HIS A 53 4.77 7.63 -2.28
N LEU A 54 5.37 8.82 -2.31
CA LEU A 54 5.93 9.43 -1.10
C LEU A 54 4.83 9.83 -0.14
N THR A 55 3.94 10.71 -0.59
CA THR A 55 2.83 11.17 0.24
C THR A 55 2.01 10.00 0.76
N LEU A 56 1.87 8.97 -0.06
CA LEU A 56 1.10 7.78 0.31
C LEU A 56 1.86 6.97 1.35
N ARG A 57 3.17 6.88 1.19
CA ARG A 57 4.01 6.12 2.13
C ARG A 57 4.07 6.83 3.48
N GLN A 58 4.13 8.15 3.44
CA GLN A 58 4.20 8.94 4.67
C GLN A 58 2.86 8.92 5.39
N ALA A 59 1.78 8.95 4.64
CA ALA A 59 0.44 8.92 5.21
C ALA A 59 0.21 7.64 6.00
N GLY A 60 0.57 6.51 5.40
CA GLY A 60 0.40 5.23 6.07
C GLY A 60 1.40 5.03 7.19
N ASP A 61 2.64 5.42 6.95
CA ASP A 61 3.69 5.29 7.94
C ASP A 61 3.41 6.17 9.16
N ASP A 62 2.76 7.31 8.91
CA ASP A 62 2.42 8.23 9.99
C ASP A 62 1.48 7.59 10.98
N PHE A 63 0.40 6.99 10.48
CA PHE A 63 -0.59 6.33 11.33
C PHE A 63 0.06 5.19 12.12
N SER A 64 0.97 4.48 11.47
CA SER A 64 1.66 3.37 12.11
C SER A 64 2.63 3.86 13.18
N ARG A 65 3.30 4.98 12.89
CA ARG A 65 4.26 5.56 13.83
C ARG A 65 3.55 6.10 15.06
N ARG A 66 2.30 6.53 14.90
CA ARG A 66 1.51 7.07 15.99
C ARG A 66 0.97 5.95 16.87
N TYR A 67 0.74 4.79 16.27
CA TYR A 67 0.21 3.64 17.00
C TYR A 67 0.98 2.37 16.66
N ARG A 68 2.31 2.46 16.72
CA ARG A 68 3.16 1.31 16.42
C ARG A 68 2.74 0.12 17.26
N ARG A 69 2.54 0.37 18.54
CA ARG A 69 2.14 -0.67 19.48
C ARG A 69 0.90 -1.40 18.98
N ASP A 70 -0.05 -0.64 18.46
CA ASP A 70 -1.28 -1.23 17.93
C ASP A 70 -0.96 -2.12 16.74
N PHE A 71 0.07 -1.74 15.98
CA PHE A 71 0.48 -2.52 14.82
C PHE A 71 1.21 -3.78 15.26
N ALA A 72 2.23 -3.63 16.08
CA ALA A 72 3.00 -4.76 16.57
C ALA A 72 2.11 -5.74 17.31
N GLU A 73 1.08 -5.22 17.96
CA GLU A 73 0.14 -6.04 18.70
C GLU A 73 -0.61 -6.98 17.78
N MET A 74 -1.06 -6.45 16.63
CA MET A 74 -1.79 -7.26 15.66
C MET A 74 -0.84 -8.02 14.76
N SER A 75 0.28 -7.40 14.42
CA SER A 75 1.28 -8.03 13.56
C SER A 75 1.97 -9.19 14.27
N SER A 76 2.48 -8.93 15.47
CA SER A 76 3.16 -9.95 16.25
C SER A 76 2.28 -11.17 16.46
N GLN A 77 1.02 -10.92 16.83
CA GLN A 77 0.06 -12.00 17.06
C GLN A 77 -0.54 -12.50 15.74
N LEU A 78 -0.40 -11.70 14.70
CA LEU A 78 -0.93 -12.06 13.39
C LEU A 78 -0.35 -13.39 12.90
N HIS A 79 -1.20 -14.40 12.78
CA HIS A 79 -0.78 -15.72 12.32
C HIS A 79 -0.87 -15.79 10.79
N LEU A 80 0.26 -15.63 10.13
CA LEU A 80 0.30 -15.67 8.68
C LEU A 80 0.50 -17.09 8.16
N THR A 81 -0.29 -17.44 7.15
CA THR A 81 -0.21 -18.77 6.55
C THR A 81 -0.63 -18.72 5.09
N PRO A 82 0.17 -19.31 4.17
CA PRO A 82 -0.14 -19.32 2.74
C PRO A 82 -1.37 -20.15 2.41
N PHE A 83 -1.86 -20.89 3.38
CA PHE A 83 -3.04 -21.73 3.18
C PHE A 83 -4.33 -20.94 3.32
N THR A 84 -4.33 -19.96 4.24
CA THR A 84 -5.52 -19.14 4.46
C THR A 84 -5.18 -17.65 4.53
N ALA A 85 -3.99 -17.29 4.04
CA ALA A 85 -3.57 -15.89 4.05
C ALA A 85 -4.47 -15.03 3.17
N ARG A 86 -4.70 -15.50 1.95
CA ARG A 86 -5.55 -14.77 1.00
C ARG A 86 -6.95 -14.58 1.57
N GLY A 87 -7.43 -15.56 2.32
CA GLY A 87 -8.75 -15.48 2.90
C GLY A 87 -8.82 -14.44 4.02
N ARG A 88 -7.78 -14.39 4.84
CA ARG A 88 -7.73 -13.44 5.94
C ARG A 88 -7.48 -12.02 5.42
N PHE A 89 -6.71 -11.93 4.34
CA PHE A 89 -6.39 -10.64 3.74
C PHE A 89 -7.66 -9.96 3.25
N ALA A 90 -8.61 -10.74 2.79
CA ALA A 90 -9.88 -10.21 2.31
C ALA A 90 -10.74 -9.73 3.47
N THR A 91 -10.59 -10.37 4.62
CA THR A 91 -11.36 -10.00 5.81
C THR A 91 -10.96 -8.60 6.26
N VAL A 92 -9.66 -8.32 6.19
CA VAL A 92 -9.13 -7.02 6.58
C VAL A 92 -9.49 -5.95 5.54
N VAL A 93 -9.58 -6.38 4.29
CA VAL A 93 -9.91 -5.48 3.19
C VAL A 93 -11.41 -5.25 3.11
N GLU A 94 -12.17 -6.32 2.96
CA GLU A 94 -13.62 -6.25 2.86
C GLU A 94 -14.22 -5.44 4.00
N GLU A 95 -13.54 -5.44 5.14
CA GLU A 95 -14.03 -4.68 6.29
C GLU A 95 -13.56 -3.24 6.16
N LEU A 96 -12.40 -3.05 5.53
CA LEU A 96 -11.85 -1.72 5.33
C LEU A 96 -12.75 -0.90 4.41
N PHE A 97 -13.33 -1.57 3.40
CA PHE A 97 -14.20 -0.90 2.44
C PHE A 97 -15.64 -1.36 2.57
N ARG A 98 -15.95 -2.05 3.66
CA ARG A 98 -17.30 -2.55 3.89
C ARG A 98 -18.27 -1.38 4.09
N ASP A 99 -17.83 -0.36 4.82
CA ASP A 99 -18.67 0.81 5.08
C ASP A 99 -18.33 1.93 4.10
N GLY A 100 -17.79 1.57 2.93
CA GLY A 100 -17.45 2.56 1.93
C GLY A 100 -15.96 2.79 1.83
N VAL A 101 -15.50 3.23 0.67
CA VAL A 101 -14.08 3.48 0.45
C VAL A 101 -13.74 4.94 0.68
N ASN A 102 -12.56 5.18 1.26
CA ASN A 102 -12.10 6.54 1.54
C ASN A 102 -10.58 6.58 1.52
N TRP A 103 -10.02 7.75 1.25
CA TRP A 103 -8.56 7.91 1.20
C TRP A 103 -7.90 7.28 2.43
N GLY A 104 -8.48 7.51 3.59
CA GLY A 104 -7.93 6.94 4.81
C GLY A 104 -7.97 5.42 4.78
N ARG A 105 -9.14 4.87 4.46
CA ARG A 105 -9.29 3.43 4.38
C ARG A 105 -8.29 2.85 3.40
N ILE A 106 -8.14 3.50 2.25
CA ILE A 106 -7.20 3.05 1.24
C ILE A 106 -5.81 2.91 1.85
N VAL A 107 -5.54 3.71 2.87
CA VAL A 107 -4.25 3.68 3.55
C VAL A 107 -4.08 2.36 4.30
N ALA A 108 -5.16 1.89 4.92
CA ALA A 108 -5.12 0.64 5.66
C ALA A 108 -4.82 -0.53 4.72
N PHE A 109 -5.34 -0.43 3.51
CA PHE A 109 -5.12 -1.46 2.50
C PHE A 109 -3.65 -1.56 2.13
N PHE A 110 -3.01 -0.41 1.98
CA PHE A 110 -1.59 -0.36 1.64
C PHE A 110 -0.74 -0.75 2.83
N GLU A 111 -1.11 -0.26 4.01
CA GLU A 111 -0.37 -0.56 5.23
C GLU A 111 -0.59 -2.01 5.63
N PHE A 112 -1.78 -2.52 5.32
CA PHE A 112 -2.13 -3.90 5.63
C PHE A 112 -1.24 -4.87 4.86
N GLY A 113 -1.26 -4.75 3.54
CA GLY A 113 -0.44 -5.63 2.70
C GLY A 113 1.03 -5.53 3.02
N GLY A 114 1.48 -4.35 3.43
CA GLY A 114 2.87 -4.16 3.76
C GLY A 114 3.27 -4.92 5.01
N VAL A 115 2.31 -5.13 5.91
CA VAL A 115 2.58 -5.86 7.14
C VAL A 115 2.79 -7.34 6.87
N MET A 116 1.81 -7.98 6.23
CA MET A 116 1.91 -9.41 5.92
C MET A 116 3.23 -9.71 5.22
N CYS A 117 3.66 -8.80 4.34
CA CYS A 117 4.90 -8.97 3.61
C CYS A 117 6.08 -9.07 4.58
N VAL A 118 6.05 -8.22 5.60
CA VAL A 118 7.09 -8.21 6.62
C VAL A 118 6.91 -9.38 7.59
N GLU A 119 5.66 -9.81 7.75
CA GLU A 119 5.34 -10.92 8.63
C GLU A 119 5.67 -12.25 7.98
N SER A 120 5.56 -12.29 6.65
CA SER A 120 5.84 -13.52 5.91
C SER A 120 7.33 -13.84 5.95
N VAL A 121 8.16 -12.81 5.78
CA VAL A 121 9.60 -12.98 5.81
C VAL A 121 10.06 -13.55 7.14
N ASN A 122 9.34 -13.19 8.21
CA ASN A 122 9.67 -13.66 9.54
C ASN A 122 9.41 -15.16 9.67
N ARG A 123 8.30 -15.62 9.11
CA ARG A 123 7.93 -17.03 9.16
C ARG A 123 8.54 -17.81 8.00
N GLU A 124 9.56 -17.24 7.35
CA GLU A 124 10.22 -17.89 6.23
C GLU A 124 9.26 -18.10 5.07
N MET A 125 8.50 -17.06 4.74
CA MET A 125 7.54 -17.13 3.63
C MET A 125 7.70 -15.94 2.71
N SER A 126 8.94 -15.66 2.32
CA SER A 126 9.25 -14.54 1.43
C SER A 126 8.30 -14.49 0.24
N PRO A 127 8.17 -15.60 -0.51
CA PRO A 127 7.29 -15.67 -1.69
C PRO A 127 5.95 -14.96 -1.48
N LEU A 128 5.47 -14.94 -0.24
CA LEU A 128 4.20 -14.29 0.08
C LEU A 128 4.25 -12.82 -0.26
N VAL A 129 5.42 -12.20 -0.08
CA VAL A 129 5.59 -10.78 -0.37
C VAL A 129 5.18 -10.46 -1.79
N ASP A 130 5.39 -11.41 -2.70
CA ASP A 130 5.03 -11.24 -4.11
C ASP A 130 3.54 -11.49 -4.32
N ASN A 131 2.98 -12.38 -3.49
CA ASN A 131 1.57 -12.71 -3.59
C ASN A 131 0.71 -11.62 -2.97
N ILE A 132 1.14 -11.12 -1.82
CA ILE A 132 0.41 -10.06 -1.13
C ILE A 132 0.29 -8.82 -1.99
N ALA A 133 1.45 -8.29 -2.42
CA ALA A 133 1.47 -7.10 -3.27
C ALA A 133 0.68 -7.33 -4.55
N LEU A 134 0.68 -8.57 -5.02
CA LEU A 134 -0.05 -8.93 -6.23
C LEU A 134 -1.55 -8.75 -6.02
N TRP A 135 -2.04 -9.16 -4.86
CA TRP A 135 -3.46 -9.04 -4.53
C TRP A 135 -3.85 -7.57 -4.43
N MET A 136 -2.91 -6.75 -3.96
CA MET A 136 -3.15 -5.32 -3.82
C MET A 136 -3.36 -4.68 -5.18
N THR A 137 -2.51 -5.02 -6.13
CA THR A 137 -2.60 -4.48 -7.48
C THR A 137 -3.96 -4.85 -8.10
N GLU A 138 -4.32 -6.13 -7.98
CA GLU A 138 -5.58 -6.61 -8.51
C GLU A 138 -6.76 -5.90 -7.84
N TYR A 139 -6.71 -5.81 -6.52
CA TYR A 139 -7.77 -5.15 -5.77
C TYR A 139 -7.83 -3.66 -6.10
N LEU A 140 -6.67 -3.01 -6.03
CA LEU A 140 -6.59 -1.59 -6.33
C LEU A 140 -7.09 -1.29 -7.74
N ASN A 141 -6.81 -2.21 -8.66
CA ASN A 141 -7.22 -2.06 -10.05
C ASN A 141 -8.65 -2.57 -10.28
N ARG A 142 -9.16 -3.35 -9.33
CA ARG A 142 -10.49 -3.92 -9.46
C ARG A 142 -11.56 -3.07 -8.78
N HIS A 143 -11.43 -2.85 -7.48
CA HIS A 143 -12.42 -2.08 -6.73
C HIS A 143 -11.97 -0.64 -6.47
N LEU A 144 -10.75 -0.47 -5.96
CA LEU A 144 -10.23 0.86 -5.66
C LEU A 144 -9.87 1.64 -6.92
N HIS A 145 -9.99 1.01 -8.08
CA HIS A 145 -9.65 1.66 -9.34
C HIS A 145 -10.70 2.72 -9.69
N THR A 146 -11.95 2.30 -9.86
CA THR A 146 -13.03 3.21 -10.21
C THR A 146 -13.23 4.27 -9.13
N TRP A 147 -13.35 3.83 -7.89
CA TRP A 147 -13.56 4.75 -6.77
C TRP A 147 -12.53 5.87 -6.77
N ILE A 148 -11.25 5.51 -6.76
CA ILE A 148 -10.18 6.49 -6.76
C ILE A 148 -10.30 7.45 -7.95
N GLN A 149 -10.84 6.94 -9.06
CA GLN A 149 -11.01 7.76 -10.26
C GLN A 149 -12.06 8.84 -10.04
N ASP A 150 -13.02 8.55 -9.15
CA ASP A 150 -14.08 9.50 -8.85
C ASP A 150 -13.70 10.42 -7.70
N ASN A 151 -12.63 10.06 -6.98
CA ASN A 151 -12.17 10.86 -5.85
C ASN A 151 -10.98 11.72 -6.25
N GLY A 152 -10.96 12.13 -7.51
CA GLY A 152 -9.88 12.96 -8.01
C GLY A 152 -8.57 12.20 -8.14
N GLY A 153 -8.65 10.87 -8.12
CA GLY A 153 -7.46 10.05 -8.25
C GLY A 153 -6.42 10.37 -7.18
N TRP A 154 -5.20 9.86 -7.38
CA TRP A 154 -4.12 10.10 -6.43
C TRP A 154 -3.84 11.60 -6.30
N ASP A 155 -4.16 12.36 -7.34
CA ASP A 155 -3.95 13.79 -7.32
C ASP A 155 -4.67 14.44 -6.14
N ALA A 156 -5.90 14.00 -5.89
CA ALA A 156 -6.69 14.52 -4.79
C ALA A 156 -6.10 14.08 -3.46
N PHE A 157 -5.70 12.81 -3.38
CA PHE A 157 -5.11 12.27 -2.18
C PHE A 157 -3.82 13.02 -1.82
N VAL A 158 -3.00 13.26 -2.83
CA VAL A 158 -1.74 13.97 -2.65
C VAL A 158 -1.99 15.34 -2.02
N GLU A 159 -3.09 15.97 -2.39
CA GLU A 159 -3.45 17.29 -1.88
C GLU A 159 -3.91 17.18 -0.43
N LEU A 160 -4.61 16.10 -0.11
CA LEU A 160 -5.12 15.89 1.24
C LEU A 160 -4.01 15.45 2.20
N TYR A 161 -3.08 14.64 1.70
CA TYR A 161 -1.98 14.16 2.51
C TYR A 161 -0.64 14.73 2.05
N GLY A 162 -0.70 15.85 1.33
CA GLY A 162 0.52 16.48 0.84
C GLY A 162 1.50 16.80 1.95
N PRO A 163 2.67 17.35 1.62
CA PRO A 163 3.70 17.69 2.61
C PRO A 163 3.26 18.84 3.52
N SER A 164 2.75 19.92 2.92
CA SER A 164 2.30 21.07 3.68
C SER A 164 1.03 20.74 4.46
N MET A 165 0.26 19.77 3.97
CA MET A 165 -0.98 19.37 4.62
C MET A 165 -0.72 18.93 6.06
N ARG A 166 -1.18 19.76 7.01
CA ARG A 166 -1.00 19.47 8.42
C ARG A 166 -1.71 18.16 8.80
N PRO A 167 -1.30 17.54 9.93
CA PRO A 167 -1.91 16.29 10.39
C PRO A 167 -3.43 16.37 10.47
N LEU A 168 -4.09 16.02 9.37
CA LEU A 168 -5.54 16.06 9.31
C LEU A 168 -6.15 14.78 9.88
N PHE A 169 -7.44 14.59 9.64
CA PHE A 169 -8.16 13.42 10.13
C PHE A 169 -7.43 12.13 9.74
N ASP A 170 -7.69 11.05 10.49
CA ASP A 170 -7.06 9.78 10.23
C ASP A 170 -8.11 8.68 10.07
N PHE A 171 -7.78 7.67 9.25
CA PHE A 171 -8.71 6.57 9.01
C PHE A 171 -8.88 5.72 10.28
N SER A 172 -10.11 5.26 10.50
CA SER A 172 -10.41 4.44 11.67
C SER A 172 -9.69 3.10 11.58
N TRP A 173 -9.17 2.63 12.71
CA TRP A 173 -8.47 1.36 12.75
C TRP A 173 -9.38 0.21 12.36
N LEU A 174 -8.81 -0.80 11.71
CA LEU A 174 -9.56 -1.97 11.29
C LEU A 174 -9.59 -3.03 12.38
N SER A 175 -10.47 -2.84 13.36
CA SER A 175 -10.60 -3.77 14.48
C SER A 175 -11.14 -5.12 14.00
N LEU A 176 -10.27 -6.12 13.96
CA LEU A 176 -10.66 -7.46 13.54
C LEU A 176 -10.33 -8.49 14.61
N LYS A 177 -11.38 -8.99 15.27
CA LYS A 177 -11.20 -9.99 16.32
C LYS A 177 -10.68 -11.30 15.74
N MET A 1 3.35 5.53 -33.04
CA MET A 1 4.10 6.78 -32.81
C MET A 1 4.37 7.00 -31.33
N ALA A 2 5.57 7.49 -31.01
CA ALA A 2 5.95 7.73 -29.62
C ALA A 2 5.90 6.45 -28.80
N HIS A 3 6.23 6.56 -27.51
CA HIS A 3 6.23 5.41 -26.63
C HIS A 3 5.53 5.74 -25.31
N ALA A 4 5.25 4.71 -24.52
CA ALA A 4 4.58 4.89 -23.24
C ALA A 4 3.20 5.51 -23.42
N GLY A 5 2.16 4.68 -23.34
CA GLY A 5 0.81 5.17 -23.50
C GLY A 5 -0.17 4.49 -22.56
N ARG A 6 0.34 4.04 -21.40
CA ARG A 6 -0.50 3.37 -20.42
C ARG A 6 -1.36 4.38 -19.67
N THR A 7 -2.09 3.90 -18.67
CA THR A 7 -2.96 4.75 -17.87
C THR A 7 -2.15 5.75 -17.05
N GLY A 8 -2.84 6.56 -16.25
CA GLY A 8 -2.16 7.55 -15.44
C GLY A 8 -1.29 6.90 -14.36
N TYR A 9 -1.90 6.63 -13.20
CA TYR A 9 -1.17 6.02 -12.10
C TYR A 9 -1.39 4.51 -12.08
N ASP A 10 -0.29 3.76 -12.14
CA ASP A 10 -0.34 2.30 -12.13
C ASP A 10 -0.43 1.78 -10.71
N ASN A 11 -1.56 1.16 -10.38
CA ASN A 11 -1.77 0.61 -9.05
C ASN A 11 -0.73 -0.46 -8.73
N ARG A 12 -0.27 -1.16 -9.76
CA ARG A 12 0.73 -2.21 -9.57
C ARG A 12 2.06 -1.62 -9.11
N GLU A 13 2.45 -0.50 -9.71
CA GLU A 13 3.69 0.16 -9.35
C GLU A 13 3.62 0.76 -7.94
N ILE A 14 2.50 1.42 -7.65
CA ILE A 14 2.30 2.03 -6.34
C ILE A 14 2.38 0.98 -5.24
N VAL A 15 1.93 -0.24 -5.57
CA VAL A 15 1.97 -1.34 -4.62
C VAL A 15 3.38 -1.89 -4.47
N MET A 16 3.96 -2.31 -5.59
CA MET A 16 5.31 -2.85 -5.61
C MET A 16 6.28 -1.88 -4.94
N LYS A 17 5.99 -0.59 -5.05
CA LYS A 17 6.84 0.44 -4.45
C LYS A 17 6.60 0.52 -2.95
N TYR A 18 5.33 0.55 -2.55
CA TYR A 18 4.97 0.62 -1.14
C TYR A 18 5.51 -0.58 -0.39
N ILE A 19 5.36 -1.76 -0.99
CA ILE A 19 5.84 -2.99 -0.37
C ILE A 19 7.36 -2.99 -0.25
N HIS A 20 8.02 -2.53 -1.32
CA HIS A 20 9.48 -2.48 -1.34
C HIS A 20 10.01 -1.54 -0.25
N TYR A 21 9.32 -0.42 -0.06
CA TYR A 21 9.71 0.55 0.96
C TYR A 21 9.49 -0.01 2.36
N LYS A 22 8.26 -0.43 2.63
CA LYS A 22 7.92 -0.99 3.94
C LYS A 22 8.77 -2.21 4.25
N LEU A 23 9.18 -2.92 3.21
CA LEU A 23 10.01 -4.11 3.36
C LEU A 23 11.44 -3.74 3.71
N SER A 24 11.96 -2.71 3.03
CA SER A 24 13.32 -2.26 3.26
C SER A 24 13.44 -1.55 4.61
N GLN A 25 12.35 -0.94 5.05
CA GLN A 25 12.33 -0.23 6.33
C GLN A 25 12.51 -1.20 7.49
N ARG A 26 11.95 -2.40 7.35
CA ARG A 26 12.05 -3.41 8.39
C ARG A 26 13.35 -4.19 8.27
N GLY A 27 14.06 -4.01 7.16
CA GLY A 27 15.31 -4.72 6.94
C GLY A 27 15.18 -5.87 5.97
N TYR A 28 14.16 -5.80 5.11
CA TYR A 28 13.93 -6.86 4.12
C TYR A 28 14.21 -6.35 2.71
N GLU A 29 14.84 -7.18 1.89
CA GLU A 29 15.17 -6.81 0.53
C GLU A 29 14.30 -7.60 -0.46
N TRP A 30 13.10 -7.08 -0.72
CA TRP A 30 12.18 -7.73 -1.65
C TRP A 30 12.62 -7.52 -3.09
N ASP A 31 12.60 -8.60 -3.86
CA ASP A 31 12.99 -8.54 -5.27
C ASP A 31 11.78 -8.69 -6.17
N ALA A 32 11.05 -7.59 -6.37
CA ALA A 32 9.87 -7.60 -7.21
C ALA A 32 10.24 -7.62 -8.69
N GLY A 33 11.04 -8.60 -9.08
CA GLY A 33 11.45 -8.71 -10.46
C GLY A 33 12.16 -7.46 -10.96
N ASP A 34 13.20 -7.05 -10.25
CA ASP A 34 13.96 -5.86 -10.63
C ASP A 34 15.17 -6.22 -11.47
N ASP A 35 15.07 -7.32 -12.23
CA ASP A 35 16.15 -7.76 -13.08
C ASP A 35 15.94 -7.29 -14.52
N VAL A 36 16.68 -6.25 -14.90
CA VAL A 36 16.57 -5.70 -16.25
C VAL A 36 17.94 -5.62 -16.93
N GLU A 37 18.44 -6.77 -17.37
CA GLU A 37 19.73 -6.81 -18.05
C GLU A 37 19.61 -6.29 -19.48
N GLU A 38 19.22 -5.03 -19.60
CA GLU A 38 19.06 -4.41 -20.90
C GLU A 38 19.43 -2.92 -20.86
N ASN A 39 19.08 -2.18 -21.90
CA ASN A 39 19.38 -0.76 -21.96
C ASN A 39 18.18 0.07 -21.50
N ARG A 40 17.46 -0.44 -20.51
CA ARG A 40 16.29 0.26 -19.97
C ARG A 40 16.68 1.09 -18.75
N THR A 41 17.12 2.32 -18.99
CA THR A 41 17.52 3.21 -17.91
C THR A 41 16.38 4.15 -17.54
N GLU A 42 16.17 4.32 -16.24
CA GLU A 42 15.11 5.20 -15.75
C GLU A 42 15.51 6.67 -15.88
N ALA A 43 14.72 7.43 -16.63
CA ALA A 43 14.99 8.85 -16.83
C ALA A 43 14.07 9.71 -15.97
N PRO A 44 14.46 10.97 -15.71
CA PRO A 44 13.66 11.90 -14.90
C PRO A 44 12.31 12.21 -15.53
N GLU A 45 11.39 11.24 -15.43
CA GLU A 45 10.05 11.41 -15.98
C GLU A 45 8.99 11.04 -14.95
N GLY A 46 9.28 11.32 -13.68
CA GLY A 46 8.33 11.01 -12.63
C GLY A 46 8.32 12.06 -11.54
N THR A 47 7.77 13.24 -11.86
CA THR A 47 7.69 14.33 -10.89
C THR A 47 6.44 14.20 -10.03
N GLU A 48 5.29 14.07 -10.69
CA GLU A 48 4.02 13.94 -9.98
C GLU A 48 3.85 12.53 -9.42
N SER A 49 4.17 11.54 -10.26
CA SER A 49 4.06 10.14 -9.85
C SER A 49 4.86 9.86 -8.59
N GLU A 50 6.00 10.53 -8.45
CA GLU A 50 6.86 10.37 -7.29
C GLU A 50 6.15 10.80 -6.01
N VAL A 51 5.36 11.87 -6.12
CA VAL A 51 4.62 12.38 -4.98
C VAL A 51 3.60 11.36 -4.49
N VAL A 52 2.80 10.83 -5.41
CA VAL A 52 1.79 9.84 -5.06
C VAL A 52 2.39 8.70 -4.24
N HIS A 53 3.67 8.43 -4.48
CA HIS A 53 4.38 7.37 -3.77
C HIS A 53 4.96 7.89 -2.46
N LEU A 54 5.48 9.12 -2.50
CA LEU A 54 6.07 9.74 -1.32
C LEU A 54 4.98 10.12 -0.31
N THR A 55 4.06 10.97 -0.74
CA THR A 55 2.97 11.42 0.13
C THR A 55 2.20 10.22 0.68
N LEU A 56 2.02 9.21 -0.15
CA LEU A 56 1.30 8.00 0.25
C LEU A 56 2.11 7.20 1.26
N ARG A 57 3.41 7.08 0.99
CA ARG A 57 4.29 6.34 1.88
C ARG A 57 4.39 7.03 3.24
N GLN A 58 4.44 8.36 3.21
CA GLN A 58 4.52 9.14 4.44
C GLN A 58 3.21 9.09 5.21
N ALA A 59 2.11 9.06 4.47
CA ALA A 59 0.78 9.01 5.08
C ALA A 59 0.63 7.74 5.92
N GLY A 60 1.07 6.61 5.37
CA GLY A 60 0.98 5.35 6.08
C GLY A 60 2.06 5.20 7.13
N ASP A 61 3.25 5.70 6.82
CA ASP A 61 4.37 5.62 7.76
C ASP A 61 4.04 6.32 9.07
N ASP A 62 3.57 7.56 8.95
CA ASP A 62 3.21 8.34 10.13
C ASP A 62 2.10 7.65 10.93
N PHE A 63 1.13 7.10 10.22
CA PHE A 63 0.02 6.40 10.85
C PHE A 63 0.50 5.10 11.51
N SER A 64 1.51 4.48 10.91
CA SER A 64 2.05 3.24 11.43
C SER A 64 2.89 3.49 12.68
N ARG A 65 3.73 4.52 12.62
CA ARG A 65 4.59 4.88 13.74
C ARG A 65 3.78 5.50 14.87
N ARG A 66 2.68 6.15 14.52
CA ARG A 66 1.82 6.78 15.51
C ARG A 66 1.15 5.73 16.39
N TYR A 67 0.91 4.55 15.84
CA TYR A 67 0.27 3.47 16.57
C TYR A 67 1.09 2.19 16.49
N ARG A 68 2.41 2.32 16.59
CA ARG A 68 3.31 1.18 16.53
C ARG A 68 2.86 0.07 17.47
N ARG A 69 2.33 0.45 18.63
CA ARG A 69 1.86 -0.51 19.61
C ARG A 69 0.67 -1.29 19.05
N ASP A 70 -0.37 -0.56 18.64
CA ASP A 70 -1.56 -1.18 18.07
C ASP A 70 -1.20 -2.04 16.86
N PHE A 71 -0.25 -1.54 16.07
CA PHE A 71 0.20 -2.25 14.87
C PHE A 71 1.00 -3.49 15.27
N ALA A 72 1.96 -3.31 16.16
CA ALA A 72 2.80 -4.40 16.63
C ALA A 72 1.96 -5.47 17.33
N GLU A 73 0.87 -5.04 17.96
CA GLU A 73 -0.02 -5.95 18.66
C GLU A 73 -0.77 -6.84 17.69
N MET A 74 -1.26 -6.25 16.60
CA MET A 74 -1.99 -7.00 15.59
C MET A 74 -1.04 -7.67 14.61
N SER A 75 0.10 -7.03 14.36
CA SER A 75 1.10 -7.56 13.44
C SER A 75 1.84 -8.74 14.07
N SER A 76 2.41 -8.51 15.26
CA SER A 76 3.14 -9.56 15.96
C SER A 76 2.24 -10.77 16.22
N GLN A 77 0.96 -10.49 16.44
CA GLN A 77 -0.02 -11.55 16.69
C GLN A 77 -0.61 -12.07 15.39
N LEU A 78 -0.55 -11.25 14.34
CA LEU A 78 -1.08 -11.63 13.05
C LEU A 78 -0.49 -12.95 12.57
N HIS A 79 -1.31 -13.99 12.56
CA HIS A 79 -0.86 -15.31 12.13
C HIS A 79 -0.98 -15.44 10.61
N LEU A 80 0.15 -15.27 9.92
CA LEU A 80 0.18 -15.37 8.47
C LEU A 80 0.54 -16.77 8.01
N THR A 81 -0.26 -17.30 7.08
CA THR A 81 -0.03 -18.63 6.54
C THR A 81 -0.55 -18.73 5.11
N PRO A 82 0.26 -19.29 4.19
CA PRO A 82 -0.13 -19.43 2.78
C PRO A 82 -1.37 -20.31 2.60
N PHE A 83 -1.71 -21.06 3.65
CA PHE A 83 -2.88 -21.95 3.61
C PHE A 83 -4.16 -21.17 3.37
N THR A 84 -4.40 -20.15 4.19
CA THR A 84 -5.61 -19.34 4.06
C THR A 84 -5.29 -17.85 4.10
N ALA A 85 -4.02 -17.50 3.89
CA ALA A 85 -3.61 -16.10 3.90
C ALA A 85 -4.49 -15.24 3.00
N ARG A 86 -4.74 -15.73 1.79
CA ARG A 86 -5.57 -15.01 0.83
C ARG A 86 -6.97 -14.77 1.40
N GLY A 87 -7.49 -15.76 2.10
CA GLY A 87 -8.82 -15.63 2.68
C GLY A 87 -8.86 -14.62 3.83
N ARG A 88 -7.82 -14.63 4.65
CA ARG A 88 -7.73 -13.71 5.78
C ARG A 88 -7.43 -12.29 5.30
N PHE A 89 -6.76 -12.19 4.16
CA PHE A 89 -6.40 -10.89 3.59
C PHE A 89 -7.65 -10.15 3.14
N ALA A 90 -8.55 -10.86 2.48
CA ALA A 90 -9.79 -10.26 1.98
C ALA A 90 -10.64 -9.74 3.13
N THR A 91 -10.57 -10.43 4.27
CA THR A 91 -11.33 -10.05 5.45
C THR A 91 -10.90 -8.65 5.93
N VAL A 92 -9.59 -8.41 5.88
CA VAL A 92 -9.03 -7.13 6.30
C VAL A 92 -9.35 -6.04 5.27
N VAL A 93 -9.29 -6.40 4.00
CA VAL A 93 -9.57 -5.47 2.92
C VAL A 93 -11.07 -5.18 2.83
N GLU A 94 -11.86 -6.23 2.66
CA GLU A 94 -13.30 -6.09 2.54
C GLU A 94 -13.88 -5.28 3.69
N GLU A 95 -13.24 -5.34 4.85
CA GLU A 95 -13.71 -4.60 6.00
C GLU A 95 -13.27 -3.14 5.89
N LEU A 96 -12.15 -2.93 5.20
CA LEU A 96 -11.61 -1.59 5.00
C LEU A 96 -12.54 -0.76 4.11
N PHE A 97 -13.10 -1.40 3.09
CA PHE A 97 -13.98 -0.71 2.16
C PHE A 97 -15.43 -1.17 2.32
N ARG A 98 -15.72 -1.89 3.41
CA ARG A 98 -17.05 -2.38 3.67
C ARG A 98 -18.00 -1.23 4.03
N ASP A 99 -17.51 -0.29 4.84
CA ASP A 99 -18.30 0.85 5.25
C ASP A 99 -18.05 2.06 4.34
N GLY A 100 -17.55 1.81 3.14
CA GLY A 100 -17.28 2.88 2.21
C GLY A 100 -15.79 3.16 2.08
N VAL A 101 -15.34 3.36 0.84
CA VAL A 101 -13.93 3.64 0.58
C VAL A 101 -13.60 5.09 0.88
N ASN A 102 -12.38 5.30 1.38
CA ASN A 102 -11.91 6.65 1.71
C ASN A 102 -10.39 6.69 1.67
N TRP A 103 -9.84 7.86 1.32
CA TRP A 103 -8.40 8.04 1.24
C TRP A 103 -7.70 7.46 2.46
N GLY A 104 -8.29 7.67 3.64
CA GLY A 104 -7.71 7.13 4.86
C GLY A 104 -7.74 5.62 4.87
N ARG A 105 -8.92 5.06 4.59
CA ARG A 105 -9.06 3.61 4.53
C ARG A 105 -8.07 3.02 3.55
N ILE A 106 -7.93 3.66 2.40
CA ILE A 106 -6.98 3.21 1.38
C ILE A 106 -5.59 3.08 1.99
N VAL A 107 -5.30 3.93 2.97
CA VAL A 107 -4.01 3.89 3.63
C VAL A 107 -3.83 2.57 4.37
N ALA A 108 -4.91 2.08 4.98
CA ALA A 108 -4.86 0.81 5.69
C ALA A 108 -4.58 -0.33 4.72
N PHE A 109 -5.12 -0.19 3.51
CA PHE A 109 -4.95 -1.20 2.47
C PHE A 109 -3.48 -1.38 2.12
N PHE A 110 -2.76 -0.27 2.03
CA PHE A 110 -1.34 -0.32 1.69
C PHE A 110 -0.50 -0.68 2.90
N GLU A 111 -0.88 -0.16 4.06
CA GLU A 111 -0.16 -0.44 5.29
C GLU A 111 -0.30 -1.90 5.68
N PHE A 112 -1.54 -2.38 5.69
CA PHE A 112 -1.84 -3.77 6.03
C PHE A 112 -1.09 -4.71 5.09
N GLY A 113 -1.20 -4.46 3.79
CA GLY A 113 -0.52 -5.30 2.81
C GLY A 113 0.97 -5.40 3.07
N GLY A 114 1.57 -4.29 3.48
CA GLY A 114 3.00 -4.28 3.75
C GLY A 114 3.36 -5.06 5.00
N VAL A 115 2.52 -4.93 6.03
CA VAL A 115 2.75 -5.63 7.30
C VAL A 115 2.84 -7.14 7.08
N MET A 116 2.01 -7.65 6.19
CA MET A 116 2.00 -9.08 5.88
C MET A 116 3.32 -9.50 5.26
N CYS A 117 3.77 -8.73 4.27
CA CYS A 117 5.02 -9.01 3.60
C CYS A 117 6.17 -9.11 4.60
N VAL A 118 6.07 -8.33 5.67
CA VAL A 118 7.08 -8.33 6.71
C VAL A 118 6.90 -9.53 7.64
N GLU A 119 5.65 -9.99 7.77
CA GLU A 119 5.34 -11.13 8.61
C GLU A 119 5.71 -12.43 7.91
N SER A 120 5.58 -12.44 6.59
CA SER A 120 5.90 -13.62 5.80
C SER A 120 7.40 -13.92 5.85
N VAL A 121 8.20 -12.88 5.65
CA VAL A 121 9.65 -13.02 5.68
C VAL A 121 10.13 -13.56 7.03
N ASN A 122 9.40 -13.19 8.08
CA ASN A 122 9.74 -13.63 9.43
C ASN A 122 9.53 -15.14 9.59
N ARG A 123 8.40 -15.62 9.09
CA ARG A 123 8.07 -17.04 9.17
C ARG A 123 8.68 -17.84 8.01
N GLU A 124 9.67 -17.24 7.34
CA GLU A 124 10.33 -17.91 6.22
C GLU A 124 9.36 -18.15 5.06
N MET A 125 8.57 -17.13 4.73
CA MET A 125 7.61 -17.24 3.65
C MET A 125 7.72 -16.05 2.70
N SER A 126 8.95 -15.75 2.29
CA SER A 126 9.21 -14.64 1.39
C SER A 126 8.26 -14.65 0.19
N PRO A 127 8.10 -15.81 -0.48
CA PRO A 127 7.22 -15.93 -1.65
C PRO A 127 5.87 -15.25 -1.45
N LEU A 128 5.42 -15.18 -0.20
CA LEU A 128 4.15 -14.54 0.11
C LEU A 128 4.17 -13.06 -0.24
N VAL A 129 5.35 -12.45 -0.14
CA VAL A 129 5.51 -11.03 -0.46
C VAL A 129 5.01 -10.73 -1.87
N ASP A 130 5.27 -11.64 -2.79
CA ASP A 130 4.85 -11.47 -4.18
C ASP A 130 3.35 -11.74 -4.33
N ASN A 131 2.84 -12.63 -3.48
CA ASN A 131 1.42 -12.98 -3.51
C ASN A 131 0.58 -11.87 -2.89
N ILE A 132 1.03 -11.37 -1.74
CA ILE A 132 0.31 -10.30 -1.04
C ILE A 132 0.24 -9.05 -1.91
N ALA A 133 1.39 -8.53 -2.32
CA ALA A 133 1.44 -7.35 -3.16
C ALA A 133 0.64 -7.54 -4.44
N LEU A 134 0.68 -8.76 -4.98
CA LEU A 134 -0.05 -9.09 -6.19
C LEU A 134 -1.55 -8.90 -5.97
N TRP A 135 -2.04 -9.40 -4.84
CA TRP A 135 -3.45 -9.30 -4.51
C TRP A 135 -3.84 -7.83 -4.37
N MET A 136 -2.91 -7.03 -3.86
CA MET A 136 -3.17 -5.60 -3.67
C MET A 136 -3.41 -4.93 -5.01
N THR A 137 -2.53 -5.19 -5.98
CA THR A 137 -2.66 -4.61 -7.30
C THR A 137 -4.02 -4.94 -7.91
N GLU A 138 -4.41 -6.21 -7.79
CA GLU A 138 -5.68 -6.67 -8.31
C GLU A 138 -6.85 -5.93 -7.66
N TYR A 139 -6.84 -5.87 -6.34
CA TYR A 139 -7.90 -5.20 -5.60
C TYR A 139 -7.93 -3.71 -5.92
N LEU A 140 -6.74 -3.13 -6.09
CA LEU A 140 -6.63 -1.71 -6.40
C LEU A 140 -7.22 -1.41 -7.77
N ASN A 141 -6.94 -2.27 -8.74
CA ASN A 141 -7.44 -2.09 -10.10
C ASN A 141 -8.84 -2.65 -10.28
N ARG A 142 -9.29 -3.47 -9.33
CA ARG A 142 -10.61 -4.09 -9.42
C ARG A 142 -11.70 -3.24 -8.76
N HIS A 143 -11.56 -2.99 -7.46
CA HIS A 143 -12.56 -2.23 -6.72
C HIS A 143 -12.12 -0.79 -6.45
N LEU A 144 -10.88 -0.62 -6.02
CA LEU A 144 -10.36 0.72 -5.71
C LEU A 144 -10.01 1.51 -6.96
N HIS A 145 -10.23 0.91 -8.14
CA HIS A 145 -9.92 1.60 -9.39
C HIS A 145 -10.95 2.67 -9.71
N THR A 146 -12.21 2.28 -9.78
CA THR A 146 -13.29 3.22 -10.08
C THR A 146 -13.42 4.29 -9.00
N TRP A 147 -13.56 3.86 -7.75
CA TRP A 147 -13.71 4.78 -6.63
C TRP A 147 -12.65 5.88 -6.67
N ILE A 148 -11.37 5.48 -6.71
CA ILE A 148 -10.28 6.44 -6.75
C ILE A 148 -10.42 7.40 -7.92
N GLN A 149 -10.99 6.91 -9.02
CA GLN A 149 -11.18 7.75 -10.20
C GLN A 149 -12.22 8.83 -9.94
N ASP A 150 -13.16 8.54 -9.05
CA ASP A 150 -14.22 9.49 -8.71
C ASP A 150 -13.79 10.40 -7.56
N ASN A 151 -12.71 10.04 -6.88
CA ASN A 151 -12.21 10.83 -5.76
C ASN A 151 -11.03 11.68 -6.19
N GLY A 152 -11.05 12.10 -7.44
CA GLY A 152 -9.97 12.92 -7.97
C GLY A 152 -8.66 12.17 -8.12
N GLY A 153 -8.74 10.84 -8.07
CA GLY A 153 -7.55 10.02 -8.21
C GLY A 153 -6.49 10.36 -7.18
N TRP A 154 -5.27 9.87 -7.41
CA TRP A 154 -4.16 10.13 -6.49
C TRP A 154 -3.91 11.62 -6.36
N ASP A 155 -4.30 12.39 -7.37
CA ASP A 155 -4.12 13.84 -7.34
C ASP A 155 -4.81 14.44 -6.12
N ALA A 156 -6.00 13.95 -5.83
CA ALA A 156 -6.78 14.43 -4.69
C ALA A 156 -6.14 13.98 -3.39
N PHE A 157 -5.70 12.72 -3.34
CA PHE A 157 -5.06 12.17 -2.16
C PHE A 157 -3.82 12.99 -1.78
N VAL A 158 -2.99 13.27 -2.78
CA VAL A 158 -1.77 14.05 -2.56
C VAL A 158 -2.09 15.38 -1.89
N GLU A 159 -3.19 16.00 -2.33
CA GLU A 159 -3.61 17.28 -1.78
C GLU A 159 -3.97 17.13 -0.31
N LEU A 160 -4.54 15.99 0.04
CA LEU A 160 -4.94 15.72 1.42
C LEU A 160 -3.73 15.47 2.31
N TYR A 161 -2.94 14.46 1.95
CA TYR A 161 -1.75 14.12 2.74
C TYR A 161 -0.49 14.78 2.19
N GLY A 162 -0.68 15.91 1.49
CA GLY A 162 0.45 16.63 0.93
C GLY A 162 1.54 16.89 1.95
N PRO A 163 2.67 17.49 1.53
CA PRO A 163 3.79 17.79 2.42
C PRO A 163 3.45 18.86 3.46
N SER A 164 2.90 19.98 2.99
CA SER A 164 2.53 21.08 3.88
C SER A 164 1.29 20.73 4.68
N MET A 165 0.47 19.83 4.15
CA MET A 165 -0.75 19.42 4.83
C MET A 165 -0.46 18.80 6.18
N ARG A 166 -0.79 19.54 7.25
CA ARG A 166 -0.55 19.06 8.60
C ARG A 166 -1.29 17.75 8.85
N PRO A 167 -0.86 16.96 9.86
CA PRO A 167 -1.47 15.68 10.19
C PRO A 167 -3.00 15.76 10.20
N LEU A 168 -3.61 15.44 9.06
CA LEU A 168 -5.06 15.47 8.93
C LEU A 168 -5.72 14.38 9.77
N PHE A 169 -7.03 14.22 9.59
CA PHE A 169 -7.79 13.21 10.34
C PHE A 169 -7.17 11.82 10.16
N ASP A 170 -7.71 10.85 10.89
CA ASP A 170 -7.22 9.47 10.81
C ASP A 170 -8.32 8.54 10.31
N PHE A 171 -7.91 7.40 9.76
CA PHE A 171 -8.86 6.43 9.25
C PHE A 171 -9.31 5.46 10.34
N SER A 172 -10.53 4.96 10.23
CA SER A 172 -11.06 4.02 11.21
C SER A 172 -10.26 2.71 11.19
N TRP A 173 -9.64 2.39 12.31
CA TRP A 173 -8.84 1.17 12.43
C TRP A 173 -9.67 -0.05 12.04
N LEU A 174 -9.02 -1.02 11.40
CA LEU A 174 -9.69 -2.24 10.98
C LEU A 174 -9.61 -3.32 12.05
N SER A 175 -10.49 -3.21 13.04
CA SER A 175 -10.52 -4.15 14.16
C SER A 175 -10.94 -5.54 13.68
N LEU A 176 -10.06 -6.52 13.86
CA LEU A 176 -10.34 -7.88 13.45
C LEU A 176 -9.79 -8.88 14.45
N LYS A 177 -10.68 -9.61 15.13
CA LYS A 177 -10.28 -10.59 16.11
C LYS A 177 -9.54 -11.75 15.45
N MET A 1 4.13 22.06 -19.48
CA MET A 1 3.93 21.38 -20.79
C MET A 1 4.92 20.23 -20.96
N ALA A 2 4.42 19.00 -20.90
CA ALA A 2 5.26 17.83 -21.05
C ALA A 2 4.43 16.60 -21.43
N HIS A 3 3.67 16.10 -20.47
CA HIS A 3 2.83 14.93 -20.71
C HIS A 3 1.35 15.31 -20.69
N ALA A 4 0.53 14.55 -21.41
CA ALA A 4 -0.90 14.81 -21.47
C ALA A 4 -1.68 13.67 -20.84
N GLY A 5 -2.67 14.03 -20.01
CA GLY A 5 -3.48 13.02 -19.35
C GLY A 5 -2.81 12.44 -18.12
N ARG A 6 -3.13 13.01 -16.96
CA ARG A 6 -2.55 12.55 -15.71
C ARG A 6 -3.62 11.94 -14.81
N THR A 7 -4.54 11.21 -15.40
CA THR A 7 -5.63 10.58 -14.66
C THR A 7 -5.49 9.06 -14.68
N GLY A 8 -5.26 8.46 -13.51
CA GLY A 8 -5.12 7.03 -13.43
C GLY A 8 -3.67 6.58 -13.39
N TYR A 9 -3.12 6.45 -12.19
CA TYR A 9 -1.73 6.04 -12.02
C TYR A 9 -1.61 4.52 -12.07
N ASP A 10 -0.38 4.04 -11.98
CA ASP A 10 -0.12 2.60 -12.00
C ASP A 10 -0.26 2.00 -10.61
N ASN A 11 -1.40 1.37 -10.34
CA ASN A 11 -1.66 0.76 -9.04
C ASN A 11 -0.58 -0.25 -8.70
N ARG A 12 -0.11 -0.99 -9.70
CA ARG A 12 0.92 -2.00 -9.49
C ARG A 12 2.22 -1.34 -9.01
N GLU A 13 2.56 -0.20 -9.59
CA GLU A 13 3.77 0.52 -9.22
C GLU A 13 3.62 1.15 -7.84
N ILE A 14 2.46 1.77 -7.60
CA ILE A 14 2.20 2.40 -6.32
C ILE A 14 2.30 1.39 -5.19
N VAL A 15 1.93 0.15 -5.49
CA VAL A 15 1.98 -0.92 -4.50
C VAL A 15 3.41 -1.44 -4.34
N MET A 16 4.00 -1.88 -5.45
CA MET A 16 5.36 -2.40 -5.45
C MET A 16 6.31 -1.45 -4.71
N LYS A 17 6.14 -0.16 -4.95
CA LYS A 17 6.97 0.85 -4.30
C LYS A 17 6.78 0.82 -2.79
N TYR A 18 5.52 0.82 -2.37
CA TYR A 18 5.18 0.78 -0.95
C TYR A 18 5.71 -0.48 -0.30
N ILE A 19 5.48 -1.62 -0.95
CA ILE A 19 5.93 -2.91 -0.44
C ILE A 19 7.44 -3.05 -0.55
N HIS A 20 8.02 -2.44 -1.58
CA HIS A 20 9.46 -2.51 -1.80
C HIS A 20 10.21 -1.59 -0.84
N TYR A 21 9.60 -0.45 -0.52
CA TYR A 21 10.20 0.52 0.38
C TYR A 21 10.10 0.05 1.83
N LYS A 22 8.88 -0.23 2.27
CA LYS A 22 8.65 -0.68 3.64
C LYS A 22 9.45 -1.94 3.96
N LEU A 23 9.62 -2.79 2.95
CA LEU A 23 10.37 -4.03 3.12
C LEU A 23 11.86 -3.75 3.24
N SER A 24 12.32 -2.67 2.60
CA SER A 24 13.72 -2.29 2.64
C SER A 24 14.06 -1.57 3.95
N GLN A 25 13.07 -0.87 4.51
CA GLN A 25 13.27 -0.14 5.75
C GLN A 25 13.43 -1.10 6.93
N ARG A 26 12.74 -2.23 6.86
CA ARG A 26 12.81 -3.23 7.93
C ARG A 26 14.04 -4.14 7.76
N GLY A 27 14.69 -4.05 6.61
CA GLY A 27 15.86 -4.85 6.35
C GLY A 27 15.58 -6.02 5.43
N TYR A 28 14.37 -6.09 4.89
CA TYR A 28 13.98 -7.16 3.99
C TYR A 28 14.27 -6.79 2.54
N GLU A 29 14.65 -7.78 1.74
CA GLU A 29 14.94 -7.54 0.33
C GLU A 29 13.93 -8.24 -0.57
N TRP A 30 12.81 -7.58 -0.80
CA TRP A 30 11.75 -8.14 -1.65
C TRP A 30 12.13 -8.05 -3.13
N ASP A 31 11.79 -9.09 -3.88
CA ASP A 31 12.09 -9.13 -5.30
C ASP A 31 10.80 -9.14 -6.12
N ALA A 32 10.18 -7.98 -6.26
CA ALA A 32 8.94 -7.86 -7.02
C ALA A 32 9.21 -7.86 -8.51
N GLY A 33 9.90 -8.90 -8.98
CA GLY A 33 10.21 -9.01 -10.40
C GLY A 33 11.06 -7.87 -10.89
N ASP A 34 12.15 -7.60 -10.20
CA ASP A 34 13.06 -6.51 -10.57
C ASP A 34 14.05 -6.96 -11.64
N ASP A 35 13.51 -7.44 -12.76
CA ASP A 35 14.35 -7.91 -13.86
C ASP A 35 15.12 -6.75 -14.49
N VAL A 36 16.11 -7.08 -15.32
CA VAL A 36 16.91 -6.07 -15.99
C VAL A 36 16.86 -6.23 -17.51
N GLU A 37 15.71 -5.86 -18.08
CA GLU A 37 15.53 -5.97 -19.52
C GLU A 37 15.79 -4.62 -20.20
N GLU A 38 16.94 -4.04 -19.91
CA GLU A 38 17.33 -2.76 -20.50
C GLU A 38 16.33 -1.67 -20.11
N ASN A 39 16.04 -1.57 -18.82
CA ASN A 39 15.09 -0.57 -18.32
C ASN A 39 15.82 0.53 -17.56
N ARG A 40 16.71 1.24 -18.26
CA ARG A 40 17.47 2.32 -17.66
C ARG A 40 17.06 3.67 -18.25
N THR A 41 16.00 4.25 -17.69
CA THR A 41 15.50 5.54 -18.15
C THR A 41 15.95 6.65 -17.21
N GLU A 42 16.74 7.58 -17.73
CA GLU A 42 17.24 8.70 -16.94
C GLU A 42 16.55 10.00 -17.34
N ALA A 43 15.22 9.96 -17.41
CA ALA A 43 14.43 11.13 -17.78
C ALA A 43 13.64 11.65 -16.59
N PRO A 44 13.35 12.97 -16.56
CA PRO A 44 12.59 13.59 -15.48
C PRO A 44 11.11 13.19 -15.49
N GLU A 45 10.85 11.89 -15.34
CA GLU A 45 9.48 11.39 -15.34
C GLU A 45 9.07 10.91 -13.96
N GLY A 46 10.05 10.44 -13.18
CA GLY A 46 9.77 9.96 -11.84
C GLY A 46 9.81 11.08 -10.81
N THR A 47 9.06 12.14 -11.05
CA THR A 47 9.01 13.28 -10.14
C THR A 47 7.62 13.42 -9.53
N GLU A 48 6.62 13.56 -10.38
CA GLU A 48 5.24 13.70 -9.93
C GLU A 48 4.66 12.36 -9.52
N SER A 49 4.90 11.33 -10.33
CA SER A 49 4.41 9.99 -10.05
C SER A 49 5.01 9.46 -8.74
N GLU A 50 6.23 9.89 -8.45
CA GLU A 50 6.91 9.47 -7.23
C GLU A 50 6.17 9.95 -5.99
N VAL A 51 5.49 11.09 -6.12
CA VAL A 51 4.74 11.66 -5.01
C VAL A 51 3.61 10.72 -4.58
N VAL A 52 2.82 10.27 -5.55
CA VAL A 52 1.71 9.37 -5.26
C VAL A 52 2.18 8.18 -4.42
N HIS A 53 3.42 7.73 -4.67
CA HIS A 53 3.99 6.62 -3.95
C HIS A 53 4.65 7.09 -2.65
N LEU A 54 5.18 8.31 -2.69
CA LEU A 54 5.84 8.89 -1.52
C LEU A 54 4.81 9.34 -0.49
N THR A 55 3.94 10.26 -0.89
CA THR A 55 2.91 10.77 0.01
C THR A 55 2.05 9.63 0.54
N LEU A 56 1.82 8.62 -0.31
CA LEU A 56 1.03 7.46 0.08
C LEU A 56 1.79 6.60 1.08
N ARG A 57 3.11 6.55 0.91
CA ARG A 57 3.97 5.77 1.80
C ARG A 57 4.19 6.49 3.12
N GLN A 58 4.20 7.82 3.06
CA GLN A 58 4.39 8.63 4.26
C GLN A 58 3.11 8.71 5.08
N ALA A 59 1.98 8.66 4.40
CA ALA A 59 0.68 8.71 5.06
C ALA A 59 0.50 7.53 6.00
N GLY A 60 0.71 6.33 5.48
CA GLY A 60 0.57 5.13 6.28
C GLY A 60 1.61 5.04 7.38
N ASP A 61 2.85 5.42 7.05
CA ASP A 61 3.94 5.39 8.01
C ASP A 61 3.65 6.33 9.19
N ASP A 62 2.96 7.42 8.90
CA ASP A 62 2.62 8.39 9.93
C ASP A 62 1.72 7.77 10.99
N PHE A 63 0.66 7.11 10.55
CA PHE A 63 -0.28 6.47 11.46
C PHE A 63 0.38 5.31 12.19
N SER A 64 1.38 4.70 11.54
CA SER A 64 2.08 3.57 12.13
C SER A 64 2.93 4.01 13.32
N ARG A 65 3.70 5.08 13.13
CA ARG A 65 4.55 5.60 14.19
C ARG A 65 3.72 6.02 15.40
N ARG A 66 2.58 6.64 15.15
CA ARG A 66 1.70 7.10 16.21
C ARG A 66 1.16 5.92 17.02
N TYR A 67 1.06 4.77 16.39
CA TYR A 67 0.55 3.58 17.06
C TYR A 67 1.37 2.34 16.67
N ARG A 68 2.68 2.46 16.79
CA ARG A 68 3.57 1.35 16.47
C ARG A 68 3.16 0.10 17.24
N ARG A 69 2.91 0.28 18.52
CA ARG A 69 2.52 -0.82 19.40
C ARG A 69 1.26 -1.51 18.86
N ASP A 70 0.27 -0.71 18.48
CA ASP A 70 -0.97 -1.24 17.95
C ASP A 70 -0.70 -2.07 16.70
N PHE A 71 0.24 -1.61 15.88
CA PHE A 71 0.61 -2.30 14.65
C PHE A 71 1.43 -3.54 14.97
N ALA A 72 2.48 -3.37 15.76
CA ALA A 72 3.34 -4.49 16.14
C ALA A 72 2.55 -5.57 16.86
N GLU A 73 1.56 -5.15 17.65
CA GLU A 73 0.72 -6.08 18.38
C GLU A 73 -0.07 -6.98 17.43
N MET A 74 -0.57 -6.39 16.35
CA MET A 74 -1.34 -7.13 15.36
C MET A 74 -0.43 -7.85 14.38
N SER A 75 0.66 -7.19 14.00
CA SER A 75 1.61 -7.76 13.05
C SER A 75 2.43 -8.87 13.70
N SER A 76 3.14 -8.53 14.76
CA SER A 76 3.97 -9.50 15.48
C SER A 76 3.15 -10.73 15.88
N GLN A 77 1.87 -10.52 16.16
CA GLN A 77 0.98 -11.60 16.56
C GLN A 77 0.21 -12.15 15.37
N LEU A 78 0.15 -11.38 14.29
CA LEU A 78 -0.57 -11.80 13.08
C LEU A 78 -0.16 -13.19 12.65
N HIS A 79 -1.05 -14.16 12.81
CA HIS A 79 -0.78 -15.54 12.43
C HIS A 79 -0.95 -15.71 10.92
N LEU A 80 0.17 -15.71 10.20
CA LEU A 80 0.15 -15.86 8.75
C LEU A 80 0.21 -17.33 8.35
N THR A 81 -0.57 -17.68 7.33
CA THR A 81 -0.61 -19.05 6.83
C THR A 81 -0.86 -19.06 5.32
N PRO A 82 -0.06 -19.83 4.56
CA PRO A 82 -0.20 -19.92 3.10
C PRO A 82 -1.43 -20.71 2.68
N PHE A 83 -2.12 -21.30 3.64
CA PHE A 83 -3.32 -22.10 3.36
C PHE A 83 -4.55 -21.21 3.21
N THR A 84 -4.67 -20.21 4.07
CA THR A 84 -5.81 -19.30 4.04
C THR A 84 -5.36 -17.84 4.01
N ALA A 85 -4.09 -17.61 3.68
CA ALA A 85 -3.55 -16.25 3.63
C ALA A 85 -4.42 -15.35 2.75
N ARG A 86 -4.76 -15.83 1.56
CA ARG A 86 -5.58 -15.06 0.64
C ARG A 86 -6.96 -14.80 1.22
N GLY A 87 -7.50 -15.79 1.93
CA GLY A 87 -8.81 -15.64 2.53
C GLY A 87 -8.80 -14.66 3.68
N ARG A 88 -7.71 -14.65 4.44
CA ARG A 88 -7.58 -13.74 5.58
C ARG A 88 -7.33 -12.31 5.11
N PHE A 89 -6.60 -12.17 4.01
CA PHE A 89 -6.31 -10.86 3.44
C PHE A 89 -7.59 -10.15 3.04
N ALA A 90 -8.52 -10.90 2.46
CA ALA A 90 -9.79 -10.35 2.03
C ALA A 90 -10.58 -9.82 3.22
N THR A 91 -10.42 -10.47 4.36
CA THR A 91 -11.11 -10.07 5.58
C THR A 91 -10.67 -8.67 6.00
N VAL A 92 -9.37 -8.41 5.87
CA VAL A 92 -8.81 -7.11 6.23
C VAL A 92 -9.24 -6.04 5.22
N VAL A 93 -9.31 -6.44 3.96
CA VAL A 93 -9.70 -5.52 2.89
C VAL A 93 -11.21 -5.30 2.89
N GLU A 94 -11.97 -6.38 2.76
CA GLU A 94 -13.43 -6.29 2.73
C GLU A 94 -13.97 -5.50 3.92
N GLU A 95 -13.28 -5.60 5.06
CA GLU A 95 -13.70 -4.86 6.25
C GLU A 95 -13.30 -3.40 6.12
N LEU A 96 -12.20 -3.16 5.39
CA LEU A 96 -11.72 -1.81 5.17
C LEU A 96 -12.71 -1.00 4.36
N PHE A 97 -13.28 -1.62 3.33
CA PHE A 97 -14.24 -0.95 2.46
C PHE A 97 -15.67 -1.42 2.73
N ARG A 98 -15.87 -2.14 3.83
CA ARG A 98 -17.19 -2.63 4.19
C ARG A 98 -18.14 -1.45 4.45
N ASP A 99 -17.61 -0.41 5.10
CA ASP A 99 -18.41 0.76 5.41
C ASP A 99 -18.18 1.88 4.37
N GLY A 100 -17.77 1.48 3.17
CA GLY A 100 -17.52 2.45 2.13
C GLY A 100 -16.04 2.78 1.98
N VAL A 101 -15.61 3.03 0.76
CA VAL A 101 -14.21 3.36 0.50
C VAL A 101 -13.93 4.84 0.77
N ASN A 102 -12.74 5.11 1.29
CA ASN A 102 -12.32 6.47 1.59
C ASN A 102 -10.81 6.58 1.60
N TRP A 103 -10.29 7.77 1.32
CA TRP A 103 -8.85 7.98 1.29
C TRP A 103 -8.18 7.38 2.52
N GLY A 104 -8.81 7.55 3.69
CA GLY A 104 -8.26 7.01 4.91
C GLY A 104 -8.24 5.49 4.87
N ARG A 105 -9.36 4.90 4.48
CA ARG A 105 -9.46 3.46 4.38
C ARG A 105 -8.41 2.93 3.42
N ILE A 106 -8.28 3.57 2.26
CA ILE A 106 -7.29 3.17 1.27
C ILE A 106 -5.91 3.09 1.90
N VAL A 107 -5.66 3.96 2.88
CA VAL A 107 -4.38 3.98 3.57
C VAL A 107 -4.17 2.66 4.32
N ALA A 108 -5.25 2.12 4.90
CA ALA A 108 -5.17 0.87 5.62
C ALA A 108 -4.87 -0.27 4.65
N PHE A 109 -5.42 -0.16 3.44
CA PHE A 109 -5.22 -1.17 2.42
C PHE A 109 -3.73 -1.31 2.09
N PHE A 110 -3.04 -0.18 2.00
CA PHE A 110 -1.62 -0.19 1.69
C PHE A 110 -0.80 -0.50 2.93
N GLU A 111 -1.24 0.03 4.07
CA GLU A 111 -0.56 -0.20 5.34
C GLU A 111 -0.59 -1.69 5.68
N PHE A 112 -1.75 -2.30 5.48
CA PHE A 112 -1.92 -3.71 5.75
C PHE A 112 -1.02 -4.54 4.84
N GLY A 113 -1.04 -4.22 3.56
CA GLY A 113 -0.20 -4.93 2.60
C GLY A 113 1.25 -4.93 3.02
N GLY A 114 1.72 -3.78 3.51
CA GLY A 114 3.10 -3.67 3.96
C GLY A 114 3.35 -4.49 5.21
N VAL A 115 2.50 -4.29 6.22
CA VAL A 115 2.61 -5.02 7.47
C VAL A 115 2.60 -6.52 7.22
N MET A 116 1.74 -6.94 6.31
CA MET A 116 1.61 -8.35 5.96
C MET A 116 2.92 -8.87 5.34
N CYS A 117 3.45 -8.10 4.39
CA CYS A 117 4.69 -8.48 3.73
C CYS A 117 5.82 -8.60 4.75
N VAL A 118 5.80 -7.75 5.76
CA VAL A 118 6.82 -7.76 6.80
C VAL A 118 6.57 -8.90 7.77
N GLU A 119 5.30 -9.27 7.94
CA GLU A 119 4.93 -10.36 8.83
C GLU A 119 5.26 -11.71 8.22
N SER A 120 5.16 -11.79 6.89
CA SER A 120 5.45 -13.02 6.18
C SER A 120 6.93 -13.39 6.31
N VAL A 121 7.79 -12.38 6.24
CA VAL A 121 9.23 -12.60 6.36
C VAL A 121 9.59 -13.18 7.73
N ASN A 122 8.83 -12.79 8.74
CA ASN A 122 9.05 -13.28 10.09
C ASN A 122 8.91 -14.79 10.16
N ARG A 123 7.85 -15.30 9.54
CA ARG A 123 7.58 -16.73 9.52
C ARG A 123 8.27 -17.42 8.35
N GLU A 124 9.28 -16.76 7.78
CA GLU A 124 10.02 -17.33 6.65
C GLU A 124 9.11 -17.59 5.47
N MET A 125 8.24 -16.63 5.17
CA MET A 125 7.31 -16.75 4.06
C MET A 125 7.53 -15.64 3.04
N SER A 126 8.80 -15.36 2.76
CA SER A 126 9.19 -14.32 1.81
C SER A 126 8.30 -14.34 0.56
N PRO A 127 8.21 -15.50 -0.14
CA PRO A 127 7.40 -15.64 -1.35
C PRO A 127 6.03 -14.98 -1.22
N LEU A 128 5.51 -14.92 0.00
CA LEU A 128 4.19 -14.31 0.23
C LEU A 128 4.22 -12.82 -0.07
N VAL A 129 5.38 -12.20 0.13
CA VAL A 129 5.54 -10.77 -0.13
C VAL A 129 5.12 -10.42 -1.56
N ASP A 130 5.35 -11.34 -2.47
CA ASP A 130 4.99 -11.13 -3.87
C ASP A 130 3.52 -11.41 -4.10
N ASN A 131 2.96 -12.33 -3.32
CA ASN A 131 1.56 -12.69 -3.43
C ASN A 131 0.67 -11.61 -2.81
N ILE A 132 1.06 -11.13 -1.64
CA ILE A 132 0.31 -10.10 -0.95
C ILE A 132 0.19 -8.83 -1.80
N ALA A 133 1.34 -8.26 -2.15
CA ALA A 133 1.37 -7.05 -2.96
C ALA A 133 0.64 -7.25 -4.28
N LEU A 134 0.76 -8.47 -4.83
CA LEU A 134 0.10 -8.80 -6.09
C LEU A 134 -1.41 -8.66 -5.97
N TRP A 135 -1.95 -9.11 -4.85
CA TRP A 135 -3.40 -9.04 -4.61
C TRP A 135 -3.83 -7.59 -4.50
N MET A 136 -2.95 -6.75 -3.96
CA MET A 136 -3.25 -5.34 -3.80
C MET A 136 -3.41 -4.66 -5.16
N THR A 137 -2.48 -4.95 -6.06
CA THR A 137 -2.52 -4.38 -7.39
C THR A 137 -3.82 -4.74 -8.09
N GLU A 138 -4.21 -6.01 -7.99
CA GLU A 138 -5.43 -6.49 -8.61
C GLU A 138 -6.66 -5.80 -7.99
N TYR A 139 -6.73 -5.79 -6.67
CA TYR A 139 -7.85 -5.16 -5.98
C TYR A 139 -7.91 -3.66 -6.26
N LEU A 140 -6.76 -3.00 -6.14
CA LEU A 140 -6.68 -1.57 -6.37
C LEU A 140 -7.13 -1.21 -7.79
N ASN A 141 -6.79 -2.08 -8.74
CA ASN A 141 -7.15 -1.86 -10.14
C ASN A 141 -8.56 -2.36 -10.45
N ARG A 142 -9.11 -3.21 -9.58
CA ARG A 142 -10.43 -3.78 -9.81
C ARG A 142 -11.54 -2.93 -9.18
N HIS A 143 -11.49 -2.76 -7.86
CA HIS A 143 -12.52 -2.01 -7.15
C HIS A 143 -12.07 -0.59 -6.80
N LEU A 144 -10.88 -0.47 -6.22
CA LEU A 144 -10.36 0.84 -5.83
C LEU A 144 -9.99 1.70 -7.04
N HIS A 145 -10.00 1.11 -8.22
CA HIS A 145 -9.65 1.83 -9.44
C HIS A 145 -10.68 2.91 -9.76
N THR A 146 -11.91 2.49 -9.98
CA THR A 146 -12.99 3.42 -10.31
C THR A 146 -13.22 4.43 -9.18
N TRP A 147 -13.34 3.94 -7.96
CA TRP A 147 -13.58 4.80 -6.80
C TRP A 147 -12.57 5.94 -6.76
N ILE A 148 -11.29 5.60 -6.86
CA ILE A 148 -10.23 6.61 -6.81
C ILE A 148 -10.39 7.62 -7.94
N GLN A 149 -10.95 7.19 -9.07
CA GLN A 149 -11.16 8.07 -10.21
C GLN A 149 -12.20 9.13 -9.89
N ASP A 150 -13.14 8.79 -9.01
CA ASP A 150 -14.20 9.72 -8.62
C ASP A 150 -13.74 10.64 -7.48
N ASN A 151 -12.66 10.27 -6.81
CA ASN A 151 -12.13 11.07 -5.71
C ASN A 151 -10.96 11.91 -6.16
N GLY A 152 -10.99 12.32 -7.42
CA GLY A 152 -9.91 13.13 -7.97
C GLY A 152 -8.63 12.35 -8.17
N GLY A 153 -8.72 11.03 -8.14
CA GLY A 153 -7.55 10.20 -8.33
C GLY A 153 -6.48 10.45 -7.28
N TRP A 154 -5.29 9.90 -7.52
CA TRP A 154 -4.18 10.06 -6.59
C TRP A 154 -3.83 11.54 -6.43
N ASP A 155 -4.14 12.34 -7.44
CA ASP A 155 -3.87 13.77 -7.41
C ASP A 155 -4.51 14.41 -6.18
N ALA A 156 -5.74 13.99 -5.88
CA ALA A 156 -6.47 14.51 -4.74
C ALA A 156 -5.86 13.98 -3.44
N PHE A 157 -5.53 12.70 -3.42
CA PHE A 157 -4.94 12.07 -2.24
C PHE A 157 -3.63 12.79 -1.88
N VAL A 158 -2.79 13.01 -2.88
CA VAL A 158 -1.51 13.69 -2.68
C VAL A 158 -1.71 15.04 -1.99
N GLU A 159 -2.78 15.73 -2.38
CA GLU A 159 -3.09 17.03 -1.82
C GLU A 159 -3.68 16.88 -0.42
N LEU A 160 -4.45 15.81 -0.22
CA LEU A 160 -5.07 15.55 1.07
C LEU A 160 -4.05 15.00 2.08
N TYR A 161 -3.05 14.27 1.57
CA TYR A 161 -2.02 13.69 2.44
C TYR A 161 -0.64 14.25 2.10
N GLY A 162 -0.61 15.41 1.44
CA GLY A 162 0.66 16.01 1.08
C GLY A 162 1.53 16.29 2.29
N PRO A 163 2.72 16.88 2.09
CA PRO A 163 3.65 17.19 3.19
C PRO A 163 3.15 18.32 4.06
N SER A 164 2.56 19.34 3.43
CA SER A 164 2.04 20.49 4.17
C SER A 164 0.68 20.18 4.78
N MET A 165 -0.08 19.31 4.11
CA MET A 165 -1.40 18.92 4.59
C MET A 165 -1.33 18.36 6.00
N ARG A 166 -1.83 19.14 6.96
CA ARG A 166 -1.82 18.72 8.36
C ARG A 166 -2.63 17.44 8.54
N PRO A 167 -2.24 16.58 9.50
CA PRO A 167 -2.93 15.32 9.78
C PRO A 167 -4.32 15.55 10.37
N LEU A 168 -5.35 15.39 9.54
CA LEU A 168 -6.72 15.57 9.99
C LEU A 168 -7.66 14.59 9.28
N PHE A 169 -7.19 13.36 9.11
CA PHE A 169 -7.99 12.33 8.45
C PHE A 169 -7.80 10.98 9.14
N ASP A 170 -8.62 10.72 10.15
CA ASP A 170 -8.55 9.47 10.89
C ASP A 170 -9.49 8.43 10.29
N PHE A 171 -9.03 7.18 10.24
CA PHE A 171 -9.83 6.09 9.69
C PHE A 171 -10.12 5.04 10.77
N SER A 172 -11.28 4.39 10.66
CA SER A 172 -11.65 3.36 11.61
C SER A 172 -10.70 2.17 11.51
N TRP A 173 -9.83 2.01 12.49
CA TRP A 173 -8.86 0.92 12.51
C TRP A 173 -9.53 -0.41 12.20
N LEU A 174 -8.91 -1.19 11.33
CA LEU A 174 -9.43 -2.50 10.95
C LEU A 174 -9.17 -3.53 12.03
N SER A 175 -9.83 -3.36 13.18
CA SER A 175 -9.67 -4.28 14.31
C SER A 175 -10.02 -5.70 13.91
N LEU A 176 -9.06 -6.61 14.10
CA LEU A 176 -9.26 -8.01 13.76
C LEU A 176 -8.56 -8.92 14.76
N LYS A 177 -8.74 -10.23 14.60
CA LYS A 177 -8.12 -11.21 15.49
C LYS A 177 -8.55 -10.97 16.93
N MET A 1 0.28 0.03 -19.79
CA MET A 1 1.02 0.04 -21.08
C MET A 1 0.24 0.77 -22.16
N ALA A 2 0.95 1.31 -23.14
CA ALA A 2 0.33 2.05 -24.24
C ALA A 2 -0.46 3.25 -23.72
N HIS A 3 -1.10 3.95 -24.64
CA HIS A 3 -1.89 5.13 -24.27
C HIS A 3 -3.37 4.80 -24.19
N ALA A 4 -3.97 5.00 -23.02
CA ALA A 4 -5.39 4.72 -22.82
C ALA A 4 -6.17 6.01 -22.56
N GLY A 5 -5.83 7.06 -23.30
CA GLY A 5 -6.52 8.33 -23.13
C GLY A 5 -6.00 9.12 -21.94
N ARG A 6 -6.87 9.40 -20.99
CA ARG A 6 -6.49 10.16 -19.81
C ARG A 6 -5.38 9.45 -19.04
N THR A 7 -4.85 10.13 -18.02
CA THR A 7 -3.78 9.56 -17.21
C THR A 7 -4.30 8.44 -16.31
N GLY A 8 -3.45 7.96 -15.41
CA GLY A 8 -3.85 6.90 -14.51
C GLY A 8 -2.67 6.19 -13.89
N TYR A 9 -2.38 6.52 -12.63
CA TYR A 9 -1.26 5.90 -11.92
C TYR A 9 -1.41 4.39 -11.87
N ASP A 10 -0.35 3.68 -12.24
CA ASP A 10 -0.36 2.23 -12.24
C ASP A 10 -0.45 1.69 -10.81
N ASN A 11 -1.62 1.17 -10.45
CA ASN A 11 -1.83 0.63 -9.11
C ASN A 11 -0.80 -0.44 -8.79
N ARG A 12 -0.30 -1.11 -9.82
CA ARG A 12 0.70 -2.17 -9.65
C ARG A 12 2.01 -1.57 -9.16
N GLU A 13 2.40 -0.44 -9.74
CA GLU A 13 3.64 0.24 -9.36
C GLU A 13 3.50 0.88 -7.98
N ILE A 14 2.34 1.49 -7.74
CA ILE A 14 2.08 2.14 -6.46
C ILE A 14 2.22 1.14 -5.32
N VAL A 15 1.87 -0.12 -5.60
CA VAL A 15 1.96 -1.18 -4.61
C VAL A 15 3.39 -1.69 -4.50
N MET A 16 3.92 -2.19 -5.61
CA MET A 16 5.28 -2.71 -5.64
C MET A 16 6.27 -1.74 -5.03
N LYS A 17 5.97 -0.44 -5.16
CA LYS A 17 6.82 0.60 -4.61
C LYS A 17 6.64 0.72 -3.10
N TYR A 18 5.38 0.71 -2.67
CA TYR A 18 5.06 0.80 -1.25
C TYR A 18 5.57 -0.42 -0.50
N ILE A 19 5.50 -1.57 -1.14
CA ILE A 19 5.97 -2.82 -0.53
C ILE A 19 7.49 -2.88 -0.52
N HIS A 20 8.10 -2.50 -1.64
CA HIS A 20 9.55 -2.51 -1.76
C HIS A 20 10.19 -1.59 -0.73
N TYR A 21 9.59 -0.43 -0.52
CA TYR A 21 10.11 0.55 0.43
C TYR A 21 9.97 0.03 1.87
N LYS A 22 8.72 -0.20 2.28
CA LYS A 22 8.44 -0.69 3.63
C LYS A 22 9.25 -1.95 3.94
N LEU A 23 9.52 -2.75 2.91
CA LEU A 23 10.29 -3.98 3.07
C LEU A 23 11.76 -3.67 3.31
N SER A 24 12.23 -2.58 2.74
CA SER A 24 13.63 -2.18 2.89
C SER A 24 13.86 -1.51 4.25
N GLN A 25 12.81 -0.89 4.78
CA GLN A 25 12.90 -0.20 6.05
C GLN A 25 13.16 -1.19 7.19
N ARG A 26 12.59 -2.39 7.07
CA ARG A 26 12.76 -3.43 8.08
C ARG A 26 14.02 -4.25 7.83
N GLY A 27 14.60 -4.10 6.64
CA GLY A 27 15.80 -4.84 6.30
C GLY A 27 15.53 -6.02 5.38
N TYR A 28 14.41 -5.97 4.67
CA TYR A 28 14.04 -7.03 3.75
C TYR A 28 14.26 -6.60 2.30
N GLU A 29 14.80 -7.51 1.49
CA GLU A 29 15.05 -7.22 0.09
C GLU A 29 14.08 -7.97 -0.81
N TRP A 30 12.92 -7.37 -1.05
CA TRP A 30 11.90 -7.98 -1.89
C TRP A 30 12.22 -7.78 -3.37
N ASP A 31 12.26 -8.87 -4.11
CA ASP A 31 12.55 -8.82 -5.54
C ASP A 31 11.30 -9.15 -6.34
N ALA A 32 10.46 -8.15 -6.56
CA ALA A 32 9.22 -8.32 -7.31
C ALA A 32 9.47 -8.42 -8.81
N GLY A 33 10.39 -9.30 -9.21
CA GLY A 33 10.69 -9.47 -10.62
C GLY A 33 11.76 -8.52 -11.12
N ASP A 34 11.92 -7.38 -10.45
CA ASP A 34 12.92 -6.37 -10.81
C ASP A 34 13.20 -6.36 -12.31
N ASP A 35 12.14 -6.46 -13.11
CA ASP A 35 12.26 -6.47 -14.55
C ASP A 35 12.67 -5.09 -15.07
N VAL A 36 13.22 -5.06 -16.28
CA VAL A 36 13.66 -3.81 -16.89
C VAL A 36 13.17 -3.70 -18.34
N GLU A 37 11.91 -3.33 -18.50
CA GLU A 37 11.32 -3.20 -19.83
C GLU A 37 12.11 -2.21 -20.69
N GLU A 38 12.66 -2.70 -21.79
CA GLU A 38 13.44 -1.87 -22.69
C GLU A 38 12.60 -0.72 -23.24
N ASN A 39 12.79 0.47 -22.69
CA ASN A 39 12.05 1.65 -23.12
C ASN A 39 12.86 2.92 -22.86
N ARG A 40 13.85 3.16 -23.70
CA ARG A 40 14.70 4.34 -23.57
C ARG A 40 13.89 5.61 -23.78
N THR A 41 13.25 6.09 -22.71
CA THR A 41 12.45 7.30 -22.78
C THR A 41 13.22 8.50 -22.24
N GLU A 42 12.84 9.69 -22.67
CA GLU A 42 13.49 10.91 -22.23
C GLU A 42 12.47 11.96 -21.80
N ALA A 43 11.43 11.51 -21.11
CA ALA A 43 10.38 12.40 -20.63
C ALA A 43 10.42 12.52 -19.10
N PRO A 44 10.12 13.72 -18.57
CA PRO A 44 10.12 13.97 -17.13
C PRO A 44 8.91 13.36 -16.44
N GLU A 45 8.77 12.05 -16.54
CA GLU A 45 7.66 11.35 -15.92
C GLU A 45 8.07 10.72 -14.60
N GLY A 46 9.02 11.36 -13.92
CA GLY A 46 9.49 10.86 -12.64
C GLY A 46 9.33 11.86 -11.52
N THR A 47 8.34 12.74 -11.65
CA THR A 47 8.08 13.76 -10.65
C THR A 47 6.72 13.54 -9.99
N GLU A 48 5.67 13.58 -10.82
CA GLU A 48 4.31 13.38 -10.32
C GLU A 48 4.13 11.99 -9.74
N SER A 49 4.59 10.98 -10.48
CA SER A 49 4.49 9.59 -10.02
C SER A 49 5.23 9.40 -8.69
N GLU A 50 6.40 10.01 -8.58
CA GLU A 50 7.19 9.92 -7.37
C GLU A 50 6.41 10.44 -6.16
N VAL A 51 5.58 11.45 -6.40
CA VAL A 51 4.78 12.04 -5.33
C VAL A 51 3.73 11.06 -4.83
N VAL A 52 2.94 10.52 -5.73
CA VAL A 52 1.90 9.55 -5.36
C VAL A 52 2.50 8.40 -4.56
N HIS A 53 3.76 8.08 -4.84
CA HIS A 53 4.46 7.00 -4.15
C HIS A 53 5.09 7.52 -2.86
N LEU A 54 5.60 8.74 -2.91
CA LEU A 54 6.25 9.35 -1.76
C LEU A 54 5.22 9.78 -0.72
N THR A 55 4.32 10.68 -1.12
CA THR A 55 3.28 11.18 -0.22
C THR A 55 2.48 10.03 0.36
N LEU A 56 2.26 8.99 -0.45
CA LEU A 56 1.51 7.82 0.00
C LEU A 56 2.28 7.05 1.07
N ARG A 57 3.60 6.97 0.90
CA ARG A 57 4.45 6.28 1.85
C ARG A 57 4.45 7.01 3.19
N GLN A 58 4.43 8.33 3.14
CA GLN A 58 4.43 9.15 4.34
C GLN A 58 3.05 9.14 5.00
N ALA A 59 2.01 9.00 4.19
CA ALA A 59 0.64 8.97 4.69
C ALA A 59 0.42 7.77 5.60
N GLY A 60 0.82 6.59 5.13
CA GLY A 60 0.66 5.39 5.93
C GLY A 60 1.65 5.33 7.07
N ASP A 61 2.82 5.93 6.88
CA ASP A 61 3.85 5.95 7.90
C ASP A 61 3.45 6.83 9.08
N ASP A 62 2.91 8.01 8.77
CA ASP A 62 2.47 8.94 9.80
C ASP A 62 1.39 8.31 10.67
N PHE A 63 0.51 7.54 10.06
CA PHE A 63 -0.58 6.88 10.77
C PHE A 63 -0.03 5.75 11.64
N SER A 64 1.05 5.12 11.18
CA SER A 64 1.66 4.02 11.91
C SER A 64 2.36 4.53 13.17
N ARG A 65 3.09 5.63 13.03
CA ARG A 65 3.81 6.21 14.16
C ARG A 65 2.84 6.60 15.27
N ARG A 66 1.62 6.96 14.89
CA ARG A 66 0.60 7.36 15.86
C ARG A 66 0.05 6.14 16.59
N TYR A 67 0.05 4.99 15.92
CA TYR A 67 -0.46 3.75 16.51
C TYR A 67 0.49 2.59 16.25
N ARG A 68 1.77 2.81 16.53
CA ARG A 68 2.78 1.78 16.34
C ARG A 68 2.47 0.58 17.24
N ARG A 69 2.12 0.89 18.47
CA ARG A 69 1.79 -0.14 19.46
C ARG A 69 0.62 -1.00 18.98
N ASP A 70 -0.46 -0.33 18.57
CA ASP A 70 -1.64 -1.03 18.09
C ASP A 70 -1.29 -1.93 16.90
N PHE A 71 -0.29 -1.51 16.13
CA PHE A 71 0.15 -2.27 14.96
C PHE A 71 0.86 -3.54 15.39
N ALA A 72 1.85 -3.40 16.25
CA ALA A 72 2.62 -4.55 16.73
C ALA A 72 1.70 -5.57 17.40
N GLU A 73 0.62 -5.08 18.00
CA GLU A 73 -0.34 -5.94 18.67
C GLU A 73 -1.03 -6.87 17.67
N MET A 74 -1.48 -6.31 16.56
CA MET A 74 -2.15 -7.09 15.53
C MET A 74 -1.13 -7.77 14.61
N SER A 75 -0.01 -7.10 14.38
CA SER A 75 1.04 -7.62 13.51
C SER A 75 1.78 -8.78 14.19
N SER A 76 2.36 -8.51 15.36
CA SER A 76 3.09 -9.53 16.09
C SER A 76 2.23 -10.78 16.32
N GLN A 77 0.94 -10.56 16.56
CA GLN A 77 0.02 -11.67 16.79
C GLN A 77 -0.53 -12.20 15.47
N LEU A 78 -0.44 -11.39 14.42
CA LEU A 78 -0.94 -11.79 13.10
C LEU A 78 -0.29 -13.09 12.64
N HIS A 79 -1.08 -14.16 12.60
CA HIS A 79 -0.59 -15.45 12.16
C HIS A 79 -0.76 -15.61 10.65
N LEU A 80 0.35 -15.56 9.92
CA LEU A 80 0.31 -15.68 8.47
C LEU A 80 0.39 -17.14 8.03
N THR A 81 -0.44 -17.49 7.06
CA THR A 81 -0.49 -18.86 6.54
C THR A 81 -0.92 -18.86 5.08
N PRO A 82 0.02 -19.07 4.14
CA PRO A 82 -0.28 -19.10 2.70
C PRO A 82 -1.55 -19.86 2.37
N PHE A 83 -1.89 -20.84 3.20
CA PHE A 83 -3.08 -21.65 2.99
C PHE A 83 -4.35 -20.82 3.13
N THR A 84 -4.42 -20.00 4.18
CA THR A 84 -5.60 -19.17 4.43
C THR A 84 -5.23 -17.68 4.42
N ALA A 85 -4.07 -17.35 3.87
CA ALA A 85 -3.61 -15.97 3.81
C ALA A 85 -4.51 -15.13 2.90
N ARG A 86 -4.72 -15.62 1.68
CA ARG A 86 -5.56 -14.92 0.72
C ARG A 86 -6.96 -14.70 1.28
N GLY A 87 -7.45 -15.69 2.01
CA GLY A 87 -8.78 -15.59 2.59
C GLY A 87 -8.84 -14.57 3.72
N ARG A 88 -7.82 -14.57 4.56
CA ARG A 88 -7.76 -13.63 5.68
C ARG A 88 -7.54 -12.22 5.16
N PHE A 89 -6.88 -12.10 4.02
CA PHE A 89 -6.61 -10.80 3.41
C PHE A 89 -7.92 -10.09 3.09
N ALA A 90 -8.83 -10.80 2.45
CA ALA A 90 -10.13 -10.23 2.09
C ALA A 90 -10.88 -9.78 3.34
N THR A 91 -10.76 -10.56 4.40
CA THR A 91 -11.43 -10.25 5.67
C THR A 91 -10.99 -8.87 6.17
N VAL A 92 -9.70 -8.62 6.10
CA VAL A 92 -9.14 -7.35 6.53
C VAL A 92 -9.57 -6.22 5.60
N VAL A 93 -9.52 -6.51 4.30
CA VAL A 93 -9.90 -5.53 3.29
C VAL A 93 -11.39 -5.20 3.39
N GLU A 94 -12.20 -6.20 3.70
CA GLU A 94 -13.64 -6.00 3.81
C GLU A 94 -13.97 -4.94 4.86
N GLU A 95 -13.35 -5.04 6.02
CA GLU A 95 -13.58 -4.08 7.10
C GLU A 95 -13.17 -2.68 6.64
N LEU A 96 -12.16 -2.62 5.78
CA LEU A 96 -11.66 -1.35 5.26
C LEU A 96 -12.72 -0.65 4.43
N PHE A 97 -13.29 -1.37 3.47
CA PHE A 97 -14.31 -0.81 2.59
C PHE A 97 -15.72 -1.24 3.00
N ARG A 98 -15.84 -1.79 4.20
CA ARG A 98 -17.13 -2.25 4.70
C ARG A 98 -18.07 -1.06 4.93
N ASP A 99 -17.52 0.01 5.50
CA ASP A 99 -18.31 1.20 5.79
C ASP A 99 -18.04 2.29 4.75
N GLY A 100 -17.69 1.87 3.53
CA GLY A 100 -17.42 2.81 2.47
C GLY A 100 -15.93 3.09 2.31
N VAL A 101 -15.50 3.26 1.07
CA VAL A 101 -14.09 3.53 0.78
C VAL A 101 -13.76 5.01 1.00
N ASN A 102 -12.54 5.25 1.45
CA ASN A 102 -12.07 6.61 1.70
C ASN A 102 -10.55 6.66 1.66
N TRP A 103 -9.99 7.83 1.36
CA TRP A 103 -8.54 7.99 1.28
C TRP A 103 -7.85 7.36 2.49
N GLY A 104 -8.35 7.64 3.68
CA GLY A 104 -7.76 7.07 4.89
C GLY A 104 -7.80 5.56 4.85
N ARG A 105 -8.97 5.02 4.55
CA ARG A 105 -9.13 3.57 4.48
C ARG A 105 -8.15 2.99 3.48
N ILE A 106 -8.09 3.60 2.29
CA ILE A 106 -7.17 3.15 1.25
C ILE A 106 -5.76 2.99 1.83
N VAL A 107 -5.45 3.77 2.85
CA VAL A 107 -4.15 3.70 3.49
C VAL A 107 -3.99 2.39 4.26
N ALA A 108 -5.07 1.95 4.92
CA ALA A 108 -5.05 0.70 5.66
C ALA A 108 -4.79 -0.46 4.70
N PHE A 109 -5.33 -0.34 3.49
CA PHE A 109 -5.16 -1.37 2.48
C PHE A 109 -3.69 -1.54 2.12
N PHE A 110 -2.98 -0.42 1.99
CA PHE A 110 -1.56 -0.43 1.66
C PHE A 110 -0.73 -0.79 2.88
N GLU A 111 -1.11 -0.24 4.02
CA GLU A 111 -0.39 -0.51 5.27
C GLU A 111 -0.56 -1.97 5.66
N PHE A 112 -1.77 -2.49 5.46
CA PHE A 112 -2.08 -3.87 5.79
C PHE A 112 -1.20 -4.81 4.97
N GLY A 113 -1.25 -4.65 3.64
CA GLY A 113 -0.45 -5.49 2.77
C GLY A 113 1.03 -5.44 3.11
N GLY A 114 1.51 -4.27 3.47
CA GLY A 114 2.91 -4.11 3.82
C GLY A 114 3.29 -4.89 5.06
N VAL A 115 2.43 -4.82 6.08
CA VAL A 115 2.68 -5.53 7.34
C VAL A 115 2.83 -7.03 7.09
N MET A 116 2.02 -7.56 6.20
CA MET A 116 2.06 -8.99 5.88
C MET A 116 3.39 -9.35 5.25
N CYS A 117 3.83 -8.54 4.30
CA CYS A 117 5.10 -8.77 3.61
C CYS A 117 6.24 -8.80 4.62
N VAL A 118 6.14 -7.98 5.66
CA VAL A 118 7.16 -7.94 6.70
C VAL A 118 6.98 -9.08 7.68
N GLU A 119 5.73 -9.50 7.86
CA GLU A 119 5.41 -10.59 8.77
C GLU A 119 5.72 -11.94 8.12
N SER A 120 5.60 -11.99 6.79
CA SER A 120 5.88 -13.22 6.05
C SER A 120 7.37 -13.55 6.09
N VAL A 121 8.19 -12.52 5.92
CA VAL A 121 9.63 -12.71 5.93
C VAL A 121 10.10 -13.27 7.28
N ASN A 122 9.41 -12.88 8.34
CA ASN A 122 9.75 -13.35 9.68
C ASN A 122 9.58 -14.86 9.78
N ARG A 123 8.46 -15.36 9.27
CA ARG A 123 8.19 -16.80 9.30
C ARG A 123 8.81 -17.52 8.11
N GLU A 124 9.76 -16.87 7.44
CA GLU A 124 10.43 -17.47 6.29
C GLU A 124 9.45 -17.71 5.15
N MET A 125 8.58 -16.73 4.91
CA MET A 125 7.59 -16.84 3.84
C MET A 125 7.73 -15.69 2.86
N SER A 126 8.97 -15.36 2.51
CA SER A 126 9.26 -14.27 1.58
C SER A 126 8.33 -14.30 0.36
N PRO A 127 8.20 -15.46 -0.31
CA PRO A 127 7.35 -15.60 -1.49
C PRO A 127 5.99 -14.92 -1.32
N LEU A 128 5.50 -14.87 -0.08
CA LEU A 128 4.22 -14.24 0.20
C LEU A 128 4.24 -12.76 -0.15
N VAL A 129 5.41 -12.14 -0.03
CA VAL A 129 5.57 -10.73 -0.34
C VAL A 129 5.12 -10.42 -1.77
N ASP A 130 5.32 -11.39 -2.65
CA ASP A 130 4.94 -11.24 -4.06
C ASP A 130 3.46 -11.53 -4.24
N ASN A 131 2.93 -12.44 -3.43
CA ASN A 131 1.53 -12.82 -3.50
C ASN A 131 0.65 -11.73 -2.88
N ILE A 132 1.06 -11.24 -1.72
CA ILE A 132 0.31 -10.19 -1.03
C ILE A 132 0.20 -8.94 -1.89
N ALA A 133 1.35 -8.38 -2.26
CA ALA A 133 1.37 -7.18 -3.09
C ALA A 133 0.61 -7.40 -4.40
N LEU A 134 0.63 -8.64 -4.88
CA LEU A 134 -0.06 -8.98 -6.11
C LEU A 134 -1.57 -8.82 -5.95
N TRP A 135 -2.08 -9.29 -4.82
CA TRP A 135 -3.51 -9.18 -4.53
C TRP A 135 -3.93 -7.73 -4.40
N MET A 136 -3.01 -6.91 -3.90
CA MET A 136 -3.27 -5.48 -3.73
C MET A 136 -3.44 -4.80 -5.08
N THR A 137 -2.56 -5.12 -6.01
CA THR A 137 -2.62 -4.53 -7.35
C THR A 137 -3.93 -4.92 -8.03
N GLU A 138 -4.28 -6.19 -7.94
CA GLU A 138 -5.52 -6.69 -8.55
C GLU A 138 -6.73 -6.01 -7.93
N TYR A 139 -6.76 -5.92 -6.60
CA TYR A 139 -7.86 -5.29 -5.89
C TYR A 139 -7.90 -3.79 -6.18
N LEU A 140 -6.73 -3.16 -6.11
CA LEU A 140 -6.63 -1.73 -6.35
C LEU A 140 -7.06 -1.38 -7.78
N ASN A 141 -6.75 -2.28 -8.70
CA ASN A 141 -7.09 -2.08 -10.12
C ASN A 141 -8.52 -2.54 -10.44
N ARG A 142 -9.09 -3.35 -9.55
CA ARG A 142 -10.44 -3.87 -9.78
C ARG A 142 -11.53 -3.00 -9.13
N HIS A 143 -11.47 -2.85 -7.82
CA HIS A 143 -12.48 -2.08 -7.09
C HIS A 143 -12.01 -0.67 -6.75
N LEU A 144 -10.82 -0.56 -6.18
CA LEU A 144 -10.28 0.74 -5.78
C LEU A 144 -9.84 1.57 -6.99
N HIS A 145 -9.90 0.98 -8.18
CA HIS A 145 -9.52 1.69 -9.40
C HIS A 145 -10.55 2.76 -9.76
N THR A 146 -11.82 2.35 -9.78
CA THR A 146 -12.90 3.28 -10.12
C THR A 146 -13.12 4.31 -9.01
N TRP A 147 -13.35 3.83 -7.80
CA TRP A 147 -13.59 4.70 -6.66
C TRP A 147 -12.57 5.84 -6.60
N ILE A 148 -11.28 5.48 -6.65
CA ILE A 148 -10.21 6.47 -6.59
C ILE A 148 -10.35 7.47 -7.74
N GLN A 149 -10.78 7.01 -8.90
CA GLN A 149 -10.95 7.87 -10.07
C GLN A 149 -12.03 8.92 -9.81
N ASP A 150 -12.98 8.58 -8.94
CA ASP A 150 -14.07 9.49 -8.61
C ASP A 150 -13.69 10.40 -7.44
N ASN A 151 -12.64 10.04 -6.73
CA ASN A 151 -12.18 10.84 -5.58
C ASN A 151 -11.00 11.70 -5.97
N GLY A 152 -10.97 12.13 -7.22
CA GLY A 152 -9.90 12.96 -7.71
C GLY A 152 -8.61 12.20 -7.90
N GLY A 153 -8.69 10.87 -7.89
CA GLY A 153 -7.51 10.04 -8.07
C GLY A 153 -6.43 10.34 -7.03
N TRP A 154 -5.24 9.78 -7.24
CA TRP A 154 -4.13 9.98 -6.34
C TRP A 154 -3.81 11.46 -6.18
N ASP A 155 -4.19 12.26 -7.19
CA ASP A 155 -3.95 13.69 -7.17
C ASP A 155 -4.57 14.31 -5.91
N ALA A 156 -5.84 14.00 -5.68
CA ALA A 156 -6.54 14.51 -4.53
C ALA A 156 -5.89 14.01 -3.24
N PHE A 157 -5.52 12.73 -3.24
CA PHE A 157 -4.88 12.14 -2.08
C PHE A 157 -3.55 12.85 -1.78
N VAL A 158 -2.77 13.09 -2.84
CA VAL A 158 -1.50 13.78 -2.70
C VAL A 158 -1.68 15.12 -1.99
N GLU A 159 -2.78 15.79 -2.30
CA GLU A 159 -3.09 17.08 -1.71
C GLU A 159 -3.60 16.90 -0.28
N LEU A 160 -4.32 15.80 -0.06
CA LEU A 160 -4.88 15.51 1.26
C LEU A 160 -3.82 14.95 2.21
N TYR A 161 -2.77 14.34 1.66
CA TYR A 161 -1.71 13.77 2.48
C TYR A 161 -0.36 14.36 2.12
N GLY A 162 -0.36 15.54 1.49
CA GLY A 162 0.88 16.18 1.11
C GLY A 162 1.84 16.33 2.28
N PRO A 163 3.01 16.98 2.06
CA PRO A 163 3.99 17.18 3.11
C PRO A 163 3.55 18.21 4.14
N SER A 164 3.02 19.33 3.65
CA SER A 164 2.55 20.40 4.53
C SER A 164 1.25 20.01 5.24
N MET A 165 0.52 19.06 4.65
CA MET A 165 -0.74 18.61 5.23
C MET A 165 -0.55 18.18 6.68
N ARG A 166 -1.04 18.99 7.61
CA ARG A 166 -0.93 18.70 9.03
C ARG A 166 -1.84 17.55 9.42
N PRO A 167 -1.77 17.10 10.68
CA PRO A 167 -2.60 15.99 11.17
C PRO A 167 -4.08 16.19 10.86
N LEU A 168 -4.59 15.40 9.92
CA LEU A 168 -5.99 15.47 9.53
C LEU A 168 -6.77 14.27 10.04
N PHE A 169 -8.01 14.13 9.56
CA PHE A 169 -8.86 13.02 9.96
C PHE A 169 -8.21 11.67 9.63
N ASP A 170 -8.22 10.77 10.59
CA ASP A 170 -7.64 9.44 10.38
C ASP A 170 -8.69 8.46 9.88
N PHE A 171 -8.28 7.23 9.61
CA PHE A 171 -9.19 6.21 9.12
C PHE A 171 -9.59 5.26 10.26
N SER A 172 -10.81 4.72 10.17
CA SER A 172 -11.32 3.81 11.18
C SER A 172 -10.51 2.52 11.18
N TRP A 173 -9.79 2.26 12.26
CA TRP A 173 -8.98 1.05 12.38
C TRP A 173 -9.80 -0.20 12.05
N LEU A 174 -9.16 -1.14 11.36
CA LEU A 174 -9.82 -2.39 10.98
C LEU A 174 -9.66 -3.45 12.06
N SER A 175 -10.50 -3.36 13.08
CA SER A 175 -10.45 -4.30 14.21
C SER A 175 -10.86 -5.70 13.77
N LEU A 176 -9.90 -6.62 13.80
CA LEU A 176 -10.14 -8.00 13.42
C LEU A 176 -9.53 -8.97 14.43
N LYS A 177 -10.05 -10.20 14.44
CA LYS A 177 -9.55 -11.23 15.36
C LYS A 177 -10.13 -12.59 15.01
N MET A 1 -6.59 -6.77 -31.39
CA MET A 1 -5.72 -6.22 -30.31
C MET A 1 -5.58 -4.70 -30.43
N ALA A 2 -4.76 -4.12 -29.55
CA ALA A 2 -4.55 -2.68 -29.56
C ALA A 2 -3.29 -2.31 -28.77
N HIS A 3 -3.26 -2.69 -27.50
CA HIS A 3 -2.11 -2.40 -26.65
C HIS A 3 -1.88 -0.89 -26.54
N ALA A 4 -2.50 -0.27 -25.54
CA ALA A 4 -2.35 1.16 -25.33
C ALA A 4 -2.02 1.47 -23.87
N GLY A 5 -1.69 2.73 -23.60
CA GLY A 5 -1.36 3.13 -22.24
C GLY A 5 -2.59 3.43 -21.41
N ARG A 6 -3.36 2.39 -21.11
CA ARG A 6 -4.57 2.54 -20.32
C ARG A 6 -4.23 2.74 -18.84
N THR A 7 -5.14 3.39 -18.12
CA THR A 7 -4.94 3.66 -16.70
C THR A 7 -3.67 4.46 -16.47
N GLY A 8 -3.83 5.73 -16.13
CA GLY A 8 -2.68 6.58 -15.88
C GLY A 8 -1.79 6.06 -14.76
N TYR A 9 -2.26 6.19 -13.52
CA TYR A 9 -1.50 5.71 -12.37
C TYR A 9 -1.56 4.19 -12.27
N ASP A 10 -0.43 3.54 -12.48
CA ASP A 10 -0.35 2.09 -12.42
C ASP A 10 -0.36 1.61 -10.97
N ASN A 11 -1.50 1.08 -10.54
CA ASN A 11 -1.64 0.57 -9.18
C ASN A 11 -0.58 -0.48 -8.87
N ARG A 12 -0.12 -1.17 -9.91
CA ARG A 12 0.90 -2.19 -9.75
C ARG A 12 2.21 -1.58 -9.27
N GLU A 13 2.66 -0.55 -9.96
CA GLU A 13 3.92 0.12 -9.60
C GLU A 13 3.80 0.75 -8.21
N ILE A 14 2.72 1.47 -7.97
CA ILE A 14 2.48 2.11 -6.68
C ILE A 14 2.58 1.09 -5.55
N VAL A 15 2.18 -0.14 -5.83
CA VAL A 15 2.24 -1.21 -4.85
C VAL A 15 3.64 -1.81 -4.75
N MET A 16 4.13 -2.31 -5.88
CA MET A 16 5.46 -2.92 -5.93
C MET A 16 6.51 -2.01 -5.29
N LYS A 17 6.26 -0.70 -5.32
CA LYS A 17 7.18 0.27 -4.74
C LYS A 17 6.90 0.45 -3.26
N TYR A 18 5.63 0.60 -2.91
CA TYR A 18 5.22 0.79 -1.51
C TYR A 18 5.68 -0.40 -0.66
N ILE A 19 5.59 -1.59 -1.22
CA ILE A 19 6.00 -2.80 -0.51
C ILE A 19 7.52 -2.90 -0.43
N HIS A 20 8.19 -2.69 -1.55
CA HIS A 20 9.64 -2.75 -1.61
C HIS A 20 10.27 -1.78 -0.62
N TYR A 21 9.70 -0.58 -0.52
CA TYR A 21 10.21 0.43 0.39
C TYR A 21 10.10 -0.03 1.85
N LYS A 22 8.88 -0.29 2.29
CA LYS A 22 8.63 -0.74 3.65
C LYS A 22 9.40 -2.03 3.94
N LEU A 23 9.54 -2.86 2.92
CA LEU A 23 10.25 -4.13 3.06
C LEU A 23 11.74 -3.89 3.29
N SER A 24 12.25 -2.78 2.75
CA SER A 24 13.66 -2.43 2.90
C SER A 24 13.91 -1.75 4.25
N GLN A 25 12.89 -1.08 4.77
CA GLN A 25 13.00 -0.38 6.05
C GLN A 25 13.00 -1.36 7.21
N ARG A 26 12.34 -2.50 7.01
CA ARG A 26 12.26 -3.53 8.05
C ARG A 26 13.50 -4.42 8.04
N GLY A 27 14.30 -4.32 6.99
CA GLY A 27 15.51 -5.12 6.89
C GLY A 27 15.35 -6.30 5.93
N TYR A 28 14.34 -6.22 5.07
CA TYR A 28 14.09 -7.28 4.09
C TYR A 28 14.44 -6.81 2.68
N GLU A 29 14.77 -7.76 1.82
CA GLU A 29 15.11 -7.44 0.44
C GLU A 29 14.18 -8.16 -0.53
N TRP A 30 13.02 -7.57 -0.77
CA TRP A 30 12.05 -8.16 -1.68
C TRP A 30 12.53 -8.07 -3.12
N ASP A 31 12.27 -9.12 -3.90
CA ASP A 31 12.69 -9.16 -5.29
C ASP A 31 11.48 -8.99 -6.21
N ALA A 32 11.03 -7.76 -6.37
CA ALA A 32 9.89 -7.46 -7.22
C ALA A 32 10.28 -7.50 -8.69
N GLY A 33 10.86 -8.63 -9.11
CA GLY A 33 11.27 -8.78 -10.49
C GLY A 33 12.62 -8.13 -10.75
N ASP A 34 13.53 -8.22 -9.77
CA ASP A 34 14.87 -7.67 -9.86
C ASP A 34 14.92 -6.42 -10.75
N ASP A 35 14.45 -5.30 -10.20
CA ASP A 35 14.45 -4.05 -10.94
C ASP A 35 15.84 -3.43 -10.97
N VAL A 36 16.44 -3.41 -12.16
CA VAL A 36 17.78 -2.84 -12.32
C VAL A 36 17.72 -1.44 -12.93
N GLU A 37 17.11 -0.52 -12.20
CA GLU A 37 16.98 0.86 -12.66
C GLU A 37 18.23 1.67 -12.33
N GLU A 38 19.35 1.30 -12.96
CA GLU A 38 20.61 2.00 -12.73
C GLU A 38 20.84 3.08 -13.78
N ASN A 39 20.32 2.85 -14.98
CA ASN A 39 20.46 3.80 -16.08
C ASN A 39 19.21 4.68 -16.20
N ARG A 40 18.67 5.08 -15.05
CA ARG A 40 17.47 5.92 -15.03
C ARG A 40 17.75 7.22 -14.29
N THR A 41 18.09 8.26 -15.04
CA THR A 41 18.37 9.57 -14.46
C THR A 41 17.16 10.11 -13.70
N GLU A 42 17.40 11.12 -12.87
CA GLU A 42 16.33 11.73 -12.09
C GLU A 42 15.93 13.08 -12.68
N ALA A 43 15.88 13.16 -14.00
CA ALA A 43 15.52 14.40 -14.68
C ALA A 43 14.07 14.79 -14.37
N PRO A 44 13.77 16.09 -14.36
CA PRO A 44 12.42 16.60 -14.07
C PRO A 44 11.45 16.31 -15.20
N GLU A 45 10.74 15.20 -15.09
CA GLU A 45 9.77 14.80 -16.11
C GLU A 45 8.43 14.44 -15.47
N GLY A 46 8.49 13.63 -14.42
CA GLY A 46 7.28 13.22 -13.73
C GLY A 46 7.43 13.22 -12.22
N THR A 47 7.56 14.40 -11.64
CA THR A 47 7.72 14.54 -10.20
C THR A 47 6.42 14.20 -9.48
N GLU A 48 5.29 14.48 -10.13
CA GLU A 48 3.98 14.20 -9.54
C GLU A 48 3.81 12.72 -9.28
N SER A 49 4.20 11.89 -10.25
CA SER A 49 4.09 10.44 -10.11
C SER A 49 4.94 9.94 -8.95
N GLU A 50 6.10 10.58 -8.75
CA GLU A 50 7.00 10.19 -7.67
C GLU A 50 6.39 10.53 -6.31
N VAL A 51 5.58 11.57 -6.27
CA VAL A 51 4.94 12.01 -5.03
C VAL A 51 3.85 11.02 -4.60
N VAL A 52 3.05 10.57 -5.55
CA VAL A 52 1.96 9.64 -5.26
C VAL A 52 2.46 8.45 -4.42
N HIS A 53 3.67 7.98 -4.71
CA HIS A 53 4.23 6.87 -3.98
C HIS A 53 4.94 7.36 -2.71
N LEU A 54 5.35 8.62 -2.72
CA LEU A 54 6.04 9.21 -1.58
C LEU A 54 5.04 9.63 -0.51
N THR A 55 4.13 10.52 -0.88
CA THR A 55 3.11 11.01 0.04
C THR A 55 2.26 9.85 0.56
N LEU A 56 2.05 8.86 -0.29
CA LEU A 56 1.26 7.69 0.08
C LEU A 56 2.00 6.84 1.09
N ARG A 57 3.27 6.55 0.80
CA ARG A 57 4.09 5.75 1.70
C ARG A 57 4.28 6.46 3.03
N GLN A 58 4.28 7.79 3.00
CA GLN A 58 4.45 8.60 4.20
C GLN A 58 3.15 8.66 4.99
N ALA A 59 2.02 8.66 4.29
CA ALA A 59 0.71 8.71 4.92
C ALA A 59 0.48 7.48 5.79
N GLY A 60 0.76 6.31 5.24
CA GLY A 60 0.57 5.08 5.97
C GLY A 60 1.64 4.87 7.03
N ASP A 61 2.83 5.43 6.78
CA ASP A 61 3.93 5.30 7.73
C ASP A 61 3.73 6.22 8.92
N ASP A 62 3.44 7.49 8.65
CA ASP A 62 3.22 8.47 9.71
C ASP A 62 2.03 8.06 10.58
N PHE A 63 0.96 7.60 9.94
CA PHE A 63 -0.24 7.18 10.66
C PHE A 63 0.06 5.97 11.53
N SER A 64 0.96 5.11 11.04
CA SER A 64 1.33 3.90 11.77
C SER A 64 2.13 4.26 13.03
N ARG A 65 2.98 5.27 12.92
CA ARG A 65 3.79 5.71 14.05
C ARG A 65 2.92 6.19 15.20
N ARG A 66 1.74 6.71 14.87
CA ARG A 66 0.81 7.21 15.88
C ARG A 66 0.11 6.05 16.59
N TYR A 67 -0.11 4.97 15.86
CA TYR A 67 -0.78 3.80 16.42
C TYR A 67 0.12 2.56 16.32
N ARG A 68 1.42 2.77 16.46
CA ARG A 68 2.39 1.68 16.38
C ARG A 68 2.00 0.54 17.33
N ARG A 69 1.43 0.91 18.48
CA ARG A 69 1.02 -0.09 19.47
C ARG A 69 0.03 -1.06 18.86
N ASP A 70 -0.98 -0.53 18.16
CA ASP A 70 -1.98 -1.36 17.52
C ASP A 70 -1.34 -2.26 16.46
N PHE A 71 -0.49 -1.65 15.64
CA PHE A 71 0.20 -2.39 14.59
C PHE A 71 1.11 -3.46 15.18
N ALA A 72 1.79 -3.12 16.25
CA ALA A 72 2.69 -4.07 16.90
C ALA A 72 1.90 -5.24 17.48
N GLU A 73 0.96 -4.92 18.37
CA GLU A 73 0.12 -5.94 18.98
C GLU A 73 -0.66 -6.70 17.93
N MET A 74 -0.86 -6.05 16.77
CA MET A 74 -1.59 -6.65 15.67
C MET A 74 -0.68 -7.54 14.84
N SER A 75 0.47 -6.99 14.43
CA SER A 75 1.43 -7.73 13.63
C SER A 75 2.15 -8.78 14.46
N SER A 76 2.22 -8.56 15.76
CA SER A 76 2.88 -9.48 16.67
C SER A 76 2.07 -10.76 16.83
N GLN A 77 0.79 -10.61 17.15
CA GLN A 77 -0.11 -11.74 17.34
C GLN A 77 -0.62 -12.25 16.00
N LEU A 78 -0.33 -11.53 14.92
CA LEU A 78 -0.77 -11.92 13.59
C LEU A 78 -0.15 -13.25 13.17
N HIS A 79 -0.99 -14.16 12.70
CA HIS A 79 -0.53 -15.47 12.24
C HIS A 79 -0.64 -15.58 10.73
N LEU A 80 0.47 -15.39 10.04
CA LEU A 80 0.50 -15.45 8.59
C LEU A 80 0.73 -16.88 8.09
N THR A 81 -0.12 -17.32 7.17
CA THR A 81 -0.01 -18.65 6.61
C THR A 81 -0.56 -18.69 5.18
N PRO A 82 0.29 -19.00 4.19
CA PRO A 82 -0.13 -19.05 2.78
C PRO A 82 -1.36 -19.94 2.58
N PHE A 83 -1.57 -20.87 3.50
CA PHE A 83 -2.70 -21.79 3.43
C PHE A 83 -4.03 -21.04 3.36
N THR A 84 -4.22 -20.08 4.26
CA THR A 84 -5.45 -19.31 4.30
C THR A 84 -5.18 -17.81 4.44
N ALA A 85 -3.94 -17.41 4.16
CA ALA A 85 -3.56 -15.99 4.26
C ALA A 85 -4.50 -15.12 3.44
N ARG A 86 -4.90 -15.61 2.27
CA ARG A 86 -5.79 -14.88 1.39
C ARG A 86 -7.10 -14.55 2.09
N GLY A 87 -7.67 -15.54 2.76
CA GLY A 87 -8.93 -15.34 3.46
C GLY A 87 -8.82 -14.28 4.55
N ARG A 88 -7.69 -14.27 5.26
CA ARG A 88 -7.48 -13.30 6.32
C ARG A 88 -7.28 -11.92 5.73
N PHE A 89 -6.52 -11.83 4.65
CA PHE A 89 -6.27 -10.54 4.00
C PHE A 89 -7.58 -9.95 3.51
N ALA A 90 -8.36 -10.77 2.81
CA ALA A 90 -9.65 -10.34 2.30
C ALA A 90 -10.58 -9.91 3.42
N THR A 91 -10.44 -10.56 4.58
CA THR A 91 -11.26 -10.23 5.74
C THR A 91 -10.94 -8.82 6.23
N VAL A 92 -9.66 -8.50 6.26
CA VAL A 92 -9.21 -7.19 6.70
C VAL A 92 -9.43 -6.15 5.60
N VAL A 93 -9.28 -6.59 4.36
CA VAL A 93 -9.46 -5.73 3.20
C VAL A 93 -10.94 -5.43 2.97
N GLU A 94 -11.74 -6.49 2.93
CA GLU A 94 -13.18 -6.34 2.70
C GLU A 94 -13.83 -5.50 3.80
N GLU A 95 -13.25 -5.53 4.99
CA GLU A 95 -13.79 -4.75 6.10
C GLU A 95 -13.36 -3.29 5.96
N LEU A 96 -12.24 -3.09 5.27
CA LEU A 96 -11.71 -1.75 5.04
C LEU A 96 -12.62 -0.95 4.13
N PHE A 97 -13.17 -1.60 3.11
CA PHE A 97 -14.05 -0.94 2.15
C PHE A 97 -15.50 -1.42 2.29
N ARG A 98 -15.79 -2.11 3.38
CA ARG A 98 -17.13 -2.63 3.61
C ARG A 98 -18.10 -1.48 3.95
N ASP A 99 -17.76 -0.71 4.98
CA ASP A 99 -18.58 0.41 5.40
C ASP A 99 -18.54 1.53 4.38
N GLY A 100 -17.43 1.64 3.67
CA GLY A 100 -17.27 2.67 2.66
C GLY A 100 -15.82 3.02 2.41
N VAL A 101 -15.48 3.22 1.15
CA VAL A 101 -14.10 3.55 0.77
C VAL A 101 -13.79 5.01 1.10
N ASN A 102 -12.55 5.24 1.55
CA ASN A 102 -12.10 6.58 1.89
C ASN A 102 -10.58 6.64 1.83
N TRP A 103 -10.04 7.82 1.52
CA TRP A 103 -8.60 7.99 1.43
C TRP A 103 -7.89 7.39 2.64
N GLY A 104 -8.51 7.53 3.82
CA GLY A 104 -7.93 6.98 5.03
C GLY A 104 -7.95 5.47 5.01
N ARG A 105 -9.10 4.90 4.68
CA ARG A 105 -9.26 3.46 4.60
C ARG A 105 -8.25 2.87 3.61
N ILE A 106 -8.16 3.50 2.45
CA ILE A 106 -7.23 3.07 1.41
C ILE A 106 -5.81 3.00 1.97
N VAL A 107 -5.53 3.87 2.92
CA VAL A 107 -4.21 3.91 3.54
C VAL A 107 -3.95 2.63 4.33
N ALA A 108 -5.00 2.09 4.95
CA ALA A 108 -4.88 0.87 5.72
C ALA A 108 -4.58 -0.30 4.81
N PHE A 109 -5.17 -0.28 3.62
CA PHE A 109 -4.97 -1.35 2.64
C PHE A 109 -3.50 -1.46 2.26
N PHE A 110 -2.87 -0.31 2.03
CA PHE A 110 -1.47 -0.28 1.66
C PHE A 110 -0.57 -0.62 2.84
N GLU A 111 -0.89 -0.07 4.00
CA GLU A 111 -0.10 -0.32 5.21
C GLU A 111 -0.30 -1.77 5.66
N PHE A 112 -1.54 -2.24 5.57
CA PHE A 112 -1.89 -3.60 5.96
C PHE A 112 -1.10 -4.61 5.13
N GLY A 113 -1.17 -4.46 3.80
CA GLY A 113 -0.47 -5.37 2.91
C GLY A 113 1.02 -5.42 3.19
N GLY A 114 1.58 -4.31 3.65
CA GLY A 114 3.00 -4.25 3.95
C GLY A 114 3.36 -5.11 5.15
N VAL A 115 2.49 -5.10 6.16
CA VAL A 115 2.71 -5.87 7.37
C VAL A 115 2.86 -7.36 7.03
N MET A 116 1.96 -7.85 6.19
CA MET A 116 1.99 -9.25 5.77
C MET A 116 3.34 -9.61 5.16
N CYS A 117 3.77 -8.78 4.20
CA CYS A 117 5.04 -9.00 3.52
C CYS A 117 6.18 -9.09 4.54
N VAL A 118 6.10 -8.27 5.58
CA VAL A 118 7.11 -8.25 6.62
C VAL A 118 6.91 -9.43 7.58
N GLU A 119 5.68 -9.90 7.68
CA GLU A 119 5.35 -11.02 8.55
C GLU A 119 5.69 -12.35 7.87
N SER A 120 5.56 -12.38 6.55
CA SER A 120 5.85 -13.58 5.79
C SER A 120 7.34 -13.89 5.81
N VAL A 121 8.16 -12.84 5.63
CA VAL A 121 9.61 -12.98 5.63
C VAL A 121 10.09 -13.57 6.95
N ASN A 122 9.41 -13.22 8.03
CA ASN A 122 9.77 -13.71 9.36
C ASN A 122 9.71 -15.23 9.41
N ARG A 123 8.62 -15.79 8.89
CA ARG A 123 8.43 -17.24 8.88
C ARG A 123 9.03 -17.88 7.62
N GLU A 124 9.88 -17.13 6.92
CA GLU A 124 10.52 -17.64 5.71
C GLU A 124 9.50 -17.88 4.61
N MET A 125 8.60 -16.93 4.43
CA MET A 125 7.57 -17.03 3.41
C MET A 125 7.64 -15.84 2.45
N SER A 126 8.85 -15.51 2.03
CA SER A 126 9.09 -14.38 1.12
C SER A 126 8.10 -14.39 -0.04
N PRO A 127 7.92 -15.54 -0.72
CA PRO A 127 6.99 -15.65 -1.86
C PRO A 127 5.67 -14.93 -1.62
N LEU A 128 5.26 -14.84 -0.35
CA LEU A 128 4.03 -14.17 0.01
C LEU A 128 4.07 -12.70 -0.40
N VAL A 129 5.21 -12.06 -0.18
CA VAL A 129 5.39 -10.66 -0.52
C VAL A 129 4.90 -10.38 -1.94
N ASP A 130 5.04 -11.38 -2.81
CA ASP A 130 4.60 -11.26 -4.19
C ASP A 130 3.10 -11.52 -4.30
N ASN A 131 2.61 -12.40 -3.45
CA ASN A 131 1.19 -12.74 -3.43
C ASN A 131 0.38 -11.61 -2.82
N ILE A 132 0.94 -10.97 -1.80
CA ILE A 132 0.26 -9.86 -1.12
C ILE A 132 0.19 -8.64 -2.03
N ALA A 133 1.36 -8.18 -2.48
CA ALA A 133 1.43 -7.02 -3.36
C ALA A 133 0.60 -7.27 -4.62
N LEU A 134 0.54 -8.52 -5.04
CA LEU A 134 -0.23 -8.88 -6.22
C LEU A 134 -1.71 -8.60 -6.00
N TRP A 135 -2.23 -9.02 -4.86
CA TRP A 135 -3.62 -8.80 -4.52
C TRP A 135 -3.95 -7.31 -4.51
N MET A 136 -3.00 -6.51 -4.03
CA MET A 136 -3.17 -5.07 -3.97
C MET A 136 -3.30 -4.48 -5.36
N THR A 137 -2.47 -4.95 -6.28
CA THR A 137 -2.50 -4.46 -7.65
C THR A 137 -3.86 -4.75 -8.28
N GLU A 138 -4.35 -5.98 -8.07
CA GLU A 138 -5.63 -6.41 -8.61
C GLU A 138 -6.78 -5.73 -7.87
N TYR A 139 -6.73 -5.75 -6.54
CA TYR A 139 -7.77 -5.14 -5.72
C TYR A 139 -7.86 -3.64 -5.98
N LEU A 140 -6.71 -3.00 -6.10
CA LEU A 140 -6.66 -1.57 -6.34
C LEU A 140 -7.22 -1.22 -7.73
N ASN A 141 -6.90 -2.06 -8.70
CA ASN A 141 -7.36 -1.85 -10.07
C ASN A 141 -8.75 -2.44 -10.30
N ARG A 142 -9.21 -3.28 -9.39
CA ARG A 142 -10.52 -3.91 -9.52
C ARG A 142 -11.63 -3.09 -8.85
N HIS A 143 -11.52 -2.87 -7.55
CA HIS A 143 -12.54 -2.13 -6.81
C HIS A 143 -12.12 -0.69 -6.50
N LEU A 144 -10.89 -0.52 -6.04
CA LEU A 144 -10.40 0.81 -5.68
C LEU A 144 -9.96 1.61 -6.90
N HIS A 145 -10.19 1.08 -8.10
CA HIS A 145 -9.81 1.77 -9.33
C HIS A 145 -10.77 2.91 -9.63
N THR A 146 -12.03 2.56 -9.88
CA THR A 146 -13.06 3.55 -10.20
C THR A 146 -13.21 4.56 -9.07
N TRP A 147 -13.39 4.06 -7.85
CA TRP A 147 -13.56 4.92 -6.68
C TRP A 147 -12.48 6.00 -6.64
N ILE A 148 -11.23 5.58 -6.62
CA ILE A 148 -10.10 6.52 -6.57
C ILE A 148 -10.18 7.53 -7.72
N GLN A 149 -10.66 7.08 -8.88
CA GLN A 149 -10.78 7.94 -10.04
C GLN A 149 -11.83 9.02 -9.80
N ASP A 150 -12.86 8.68 -9.03
CA ASP A 150 -13.94 9.63 -8.73
C ASP A 150 -13.56 10.51 -7.53
N ASN A 151 -12.52 10.12 -6.81
CA ASN A 151 -12.07 10.89 -5.65
C ASN A 151 -10.86 11.75 -6.01
N GLY A 152 -10.82 12.20 -7.26
CA GLY A 152 -9.72 13.03 -7.72
C GLY A 152 -8.44 12.24 -7.93
N GLY A 153 -8.55 10.92 -7.96
CA GLY A 153 -7.39 10.07 -8.16
C GLY A 153 -6.29 10.34 -7.15
N TRP A 154 -5.10 9.85 -7.43
CA TRP A 154 -3.96 10.03 -6.53
C TRP A 154 -3.64 11.51 -6.37
N ASP A 155 -4.00 12.31 -7.37
CA ASP A 155 -3.75 13.75 -7.34
C ASP A 155 -4.40 14.38 -6.12
N ALA A 156 -5.63 13.97 -5.83
CA ALA A 156 -6.36 14.49 -4.69
C ALA A 156 -5.74 13.99 -3.38
N PHE A 157 -5.35 12.73 -3.36
CA PHE A 157 -4.72 12.13 -2.18
C PHE A 157 -3.45 12.88 -1.82
N VAL A 158 -2.62 13.13 -2.83
CA VAL A 158 -1.37 13.85 -2.63
C VAL A 158 -1.61 15.19 -1.97
N GLU A 159 -2.68 15.86 -2.38
CA GLU A 159 -3.04 17.15 -1.84
C GLU A 159 -3.60 17.02 -0.42
N LEU A 160 -4.33 15.92 -0.20
CA LEU A 160 -4.94 15.66 1.10
C LEU A 160 -3.90 15.13 2.10
N TYR A 161 -2.90 14.42 1.60
CA TYR A 161 -1.86 13.85 2.46
C TYR A 161 -0.49 14.46 2.15
N GLY A 162 -0.49 15.62 1.50
CA GLY A 162 0.76 16.28 1.16
C GLY A 162 1.64 16.52 2.38
N PRO A 163 2.81 17.16 2.20
CA PRO A 163 3.73 17.44 3.30
C PRO A 163 3.21 18.52 4.25
N SER A 164 2.70 19.60 3.67
CA SER A 164 2.17 20.71 4.47
C SER A 164 0.86 20.31 5.15
N MET A 165 0.15 19.35 4.56
CA MET A 165 -1.11 18.88 5.10
C MET A 165 -0.96 18.42 6.55
N ARG A 166 -1.48 19.22 7.47
CA ARG A 166 -1.40 18.89 8.90
C ARG A 166 -2.22 17.64 9.20
N PRO A 167 -2.04 17.05 10.41
CA PRO A 167 -2.78 15.85 10.81
C PRO A 167 -4.29 16.02 10.67
N LEU A 168 -4.81 15.71 9.51
CA LEU A 168 -6.24 15.83 9.24
C LEU A 168 -7.00 14.60 9.73
N PHE A 169 -8.28 14.52 9.38
CA PHE A 169 -9.11 13.39 9.78
C PHE A 169 -8.42 12.05 9.50
N ASP A 170 -8.34 11.21 10.52
CA ASP A 170 -7.71 9.90 10.38
C ASP A 170 -8.74 8.83 10.03
N PHE A 171 -8.25 7.63 9.74
CA PHE A 171 -9.13 6.52 9.39
C PHE A 171 -9.39 5.62 10.60
N SER A 172 -10.55 4.98 10.61
CA SER A 172 -10.92 4.09 11.71
C SER A 172 -10.17 2.77 11.59
N TRP A 173 -9.45 2.40 12.65
CA TRP A 173 -8.69 1.16 12.66
C TRP A 173 -9.57 -0.03 12.29
N LEU A 174 -8.98 -1.01 11.61
CA LEU A 174 -9.71 -2.20 11.19
C LEU A 174 -9.60 -3.30 12.24
N SER A 175 -10.27 -3.10 13.37
CA SER A 175 -10.26 -4.06 14.46
C SER A 175 -10.77 -5.42 14.01
N LEU A 176 -9.92 -6.44 14.14
CA LEU A 176 -10.29 -7.79 13.74
C LEU A 176 -9.71 -8.82 14.71
N LYS A 177 -10.58 -9.58 15.36
CA LYS A 177 -10.16 -10.61 16.30
C LYS A 177 -10.43 -12.00 15.75
N MET A 1 -10.08 11.86 -30.59
CA MET A 1 -10.81 12.84 -29.74
C MET A 1 -10.56 12.58 -28.26
N ALA A 2 -11.23 13.34 -27.41
CA ALA A 2 -11.08 13.20 -25.96
C ALA A 2 -9.64 13.45 -25.54
N HIS A 3 -9.45 13.70 -24.25
CA HIS A 3 -8.12 13.97 -23.70
C HIS A 3 -7.93 13.25 -22.37
N ALA A 4 -6.69 12.85 -22.10
CA ALA A 4 -6.37 12.16 -20.85
C ALA A 4 -5.88 13.13 -19.79
N GLY A 5 -5.84 12.68 -18.54
CA GLY A 5 -5.39 13.52 -17.45
C GLY A 5 -5.50 12.84 -16.10
N ARG A 6 -6.56 12.08 -15.91
CA ARG A 6 -6.78 11.37 -14.65
C ARG A 6 -6.29 9.93 -14.74
N THR A 7 -5.11 9.75 -15.31
CA THR A 7 -4.53 8.41 -15.47
C THR A 7 -3.01 8.47 -15.39
N GLY A 8 -2.37 7.30 -15.42
CA GLY A 8 -0.93 7.24 -15.35
C GLY A 8 -0.43 6.59 -14.07
N TYR A 9 -1.22 6.72 -13.00
CA TYR A 9 -0.87 6.15 -11.72
C TYR A 9 -1.14 4.65 -11.68
N ASP A 10 -0.14 3.86 -12.07
CA ASP A 10 -0.28 2.41 -12.09
C ASP A 10 -0.33 1.85 -10.67
N ASN A 11 -1.47 1.31 -10.28
CA ASN A 11 -1.64 0.74 -8.96
C ASN A 11 -0.62 -0.37 -8.70
N ARG A 12 -0.21 -1.05 -9.76
CA ARG A 12 0.77 -2.12 -9.66
C ARG A 12 2.12 -1.60 -9.16
N GLU A 13 2.48 -0.40 -9.62
CA GLU A 13 3.73 0.22 -9.22
C GLU A 13 3.62 0.86 -7.84
N ILE A 14 2.49 1.53 -7.60
CA ILE A 14 2.26 2.19 -6.33
C ILE A 14 2.35 1.17 -5.18
N VAL A 15 1.94 -0.06 -5.47
CA VAL A 15 1.97 -1.12 -4.47
C VAL A 15 3.41 -1.60 -4.24
N MET A 16 4.05 -2.07 -5.29
CA MET A 16 5.42 -2.57 -5.21
C MET A 16 6.32 -1.57 -4.50
N LYS A 17 6.10 -0.28 -4.77
CA LYS A 17 6.89 0.78 -4.15
C LYS A 17 6.63 0.85 -2.66
N TYR A 18 5.36 0.71 -2.28
CA TYR A 18 4.97 0.77 -0.87
C TYR A 18 5.51 -0.44 -0.11
N ILE A 19 5.50 -1.60 -0.77
CA ILE A 19 5.99 -2.83 -0.18
C ILE A 19 7.51 -2.83 -0.08
N HIS A 20 8.16 -2.30 -1.12
CA HIS A 20 9.61 -2.25 -1.15
C HIS A 20 10.16 -1.36 -0.03
N TYR A 21 9.43 -0.29 0.28
CA TYR A 21 9.86 0.63 1.33
C TYR A 21 9.59 0.04 2.71
N LYS A 22 8.33 -0.30 2.97
CA LYS A 22 7.95 -0.87 4.25
C LYS A 22 8.79 -2.11 4.59
N LEU A 23 9.23 -2.81 3.55
CA LEU A 23 10.04 -4.01 3.74
C LEU A 23 11.46 -3.65 4.13
N SER A 24 11.98 -2.60 3.51
CA SER A 24 13.34 -2.15 3.79
C SER A 24 13.43 -1.50 5.17
N GLN A 25 12.33 -0.89 5.60
CA GLN A 25 12.27 -0.23 6.90
C GLN A 25 12.45 -1.24 8.02
N ARG A 26 11.93 -2.44 7.82
CA ARG A 26 12.04 -3.50 8.83
C ARG A 26 13.35 -4.27 8.68
N GLY A 27 14.05 -4.05 7.57
CA GLY A 27 15.30 -4.73 7.33
C GLY A 27 15.16 -5.87 6.33
N TYR A 28 14.17 -5.75 5.45
CA TYR A 28 13.94 -6.78 4.43
C TYR A 28 14.23 -6.23 3.03
N GLU A 29 14.86 -7.05 2.20
CA GLU A 29 15.20 -6.66 0.84
C GLU A 29 14.37 -7.44 -0.16
N TRP A 30 13.16 -6.95 -0.43
CA TRP A 30 12.26 -7.61 -1.37
C TRP A 30 12.73 -7.41 -2.80
N ASP A 31 12.73 -8.49 -3.57
CA ASP A 31 13.15 -8.44 -4.96
C ASP A 31 11.97 -8.72 -5.88
N ALA A 32 11.17 -7.68 -6.14
CA ALA A 32 10.01 -7.80 -7.00
C ALA A 32 10.41 -7.72 -8.46
N GLY A 33 11.45 -8.46 -8.85
CA GLY A 33 11.90 -8.46 -10.21
C GLY A 33 11.09 -9.39 -11.10
N ASP A 34 9.96 -9.87 -10.56
CA ASP A 34 9.08 -10.77 -11.30
C ASP A 34 8.84 -10.27 -12.72
N ASP A 35 8.65 -8.95 -12.86
CA ASP A 35 8.41 -8.35 -14.16
C ASP A 35 9.35 -7.17 -14.40
N VAL A 36 10.63 -7.37 -14.08
CA VAL A 36 11.63 -6.33 -14.24
C VAL A 36 12.80 -6.83 -15.09
N GLU A 37 12.57 -6.94 -16.40
CA GLU A 37 13.61 -7.41 -17.31
C GLU A 37 14.42 -6.23 -17.87
N GLU A 38 15.35 -5.73 -17.06
CA GLU A 38 16.19 -4.62 -17.47
C GLU A 38 15.35 -3.39 -17.77
N ASN A 39 15.16 -2.54 -16.76
CA ASN A 39 14.37 -1.32 -16.91
C ASN A 39 14.63 -0.36 -15.76
N ARG A 40 15.85 -0.39 -15.24
CA ARG A 40 16.23 0.49 -14.14
C ARG A 40 16.45 1.92 -14.63
N THR A 41 15.35 2.63 -14.85
CA THR A 41 15.42 4.01 -15.31
C THR A 41 15.12 4.99 -14.18
N GLU A 42 16.01 5.95 -13.98
CA GLU A 42 15.84 6.95 -12.93
C GLU A 42 15.64 8.33 -13.52
N ALA A 43 14.86 8.41 -14.60
CA ALA A 43 14.59 9.68 -15.26
C ALA A 43 13.24 10.24 -14.82
N PRO A 44 13.13 11.58 -14.71
CA PRO A 44 11.89 12.24 -14.30
C PRO A 44 10.84 12.23 -15.40
N GLU A 45 10.11 11.14 -15.50
CA GLU A 45 9.07 11.00 -16.51
C GLU A 45 7.73 11.49 -15.98
N GLY A 46 7.72 12.71 -15.44
CA GLY A 46 6.49 13.27 -14.91
C GLY A 46 6.71 13.95 -13.57
N THR A 47 7.41 13.27 -12.67
CA THR A 47 7.68 13.79 -11.32
C THR A 47 6.46 13.69 -10.43
N GLU A 48 5.34 14.25 -10.89
CA GLU A 48 4.10 14.21 -10.13
C GLU A 48 3.74 12.79 -9.72
N SER A 49 3.90 11.86 -10.66
CA SER A 49 3.60 10.46 -10.39
C SER A 49 4.43 9.92 -9.23
N GLU A 50 5.62 10.49 -9.06
CA GLU A 50 6.50 10.06 -7.98
C GLU A 50 5.92 10.44 -6.63
N VAL A 51 5.22 11.56 -6.58
CA VAL A 51 4.60 12.03 -5.35
C VAL A 51 3.58 11.02 -4.82
N VAL A 52 2.74 10.51 -5.72
CA VAL A 52 1.73 9.53 -5.34
C VAL A 52 2.34 8.37 -4.56
N HIS A 53 3.60 8.07 -4.86
CA HIS A 53 4.31 6.99 -4.19
C HIS A 53 4.96 7.49 -2.90
N LEU A 54 5.35 8.76 -2.90
CA LEU A 54 5.99 9.36 -1.72
C LEU A 54 4.95 9.80 -0.70
N THR A 55 4.05 10.69 -1.11
CA THR A 55 3.02 11.19 -0.21
C THR A 55 2.19 10.04 0.36
N LEU A 56 2.01 8.99 -0.44
CA LEU A 56 1.25 7.82 -0.02
C LEU A 56 2.01 7.02 1.04
N ARG A 57 3.24 6.63 0.71
CA ARG A 57 4.06 5.86 1.64
C ARG A 57 4.28 6.63 2.95
N GLN A 58 4.30 7.97 2.84
CA GLN A 58 4.50 8.81 4.01
C GLN A 58 3.22 8.90 4.83
N ALA A 59 2.08 8.95 4.14
CA ALA A 59 0.79 9.03 4.82
C ALA A 59 0.55 7.81 5.69
N GLY A 60 0.89 6.64 5.16
CA GLY A 60 0.71 5.41 5.91
C GLY A 60 1.73 5.25 7.02
N ASP A 61 2.97 5.62 6.74
CA ASP A 61 4.03 5.53 7.73
C ASP A 61 3.70 6.35 8.97
N ASP A 62 3.18 7.55 8.76
CA ASP A 62 2.82 8.45 9.85
C ASP A 62 1.75 7.81 10.73
N PHE A 63 0.75 7.19 10.10
CA PHE A 63 -0.33 6.54 10.81
C PHE A 63 0.17 5.29 11.53
N SER A 64 1.05 4.55 10.88
CA SER A 64 1.61 3.33 11.45
C SER A 64 2.40 3.64 12.73
N ARG A 65 3.26 4.66 12.64
CA ARG A 65 4.07 5.06 13.79
C ARG A 65 3.21 5.57 14.93
N ARG A 66 2.07 6.17 14.58
CA ARG A 66 1.14 6.70 15.58
C ARG A 66 0.40 5.58 16.30
N TYR A 67 0.26 4.44 15.63
CA TYR A 67 -0.44 3.30 16.20
C TYR A 67 0.38 2.02 16.06
N ARG A 68 1.70 2.15 16.20
CA ARG A 68 2.58 1.00 16.09
C ARG A 68 2.18 -0.12 17.05
N ARG A 69 1.70 0.26 18.23
CA ARG A 69 1.27 -0.71 19.23
C ARG A 69 0.14 -1.57 18.68
N ASP A 70 -0.92 -0.92 18.21
CA ASP A 70 -2.06 -1.62 17.65
C ASP A 70 -1.62 -2.51 16.49
N PHE A 71 -0.49 -2.15 15.87
CA PHE A 71 0.04 -2.92 14.76
C PHE A 71 0.74 -4.17 15.25
N ALA A 72 1.73 -3.99 16.11
CA ALA A 72 2.46 -5.13 16.67
C ALA A 72 1.52 -6.05 17.41
N GLU A 73 0.45 -5.48 17.96
CA GLU A 73 -0.53 -6.25 18.69
C GLU A 73 -1.19 -7.28 17.78
N MET A 74 -1.64 -6.83 16.62
CA MET A 74 -2.28 -7.73 15.67
C MET A 74 -1.25 -8.45 14.80
N SER A 75 -0.17 -7.74 14.45
CA SER A 75 0.88 -8.32 13.62
C SER A 75 1.60 -9.45 14.36
N SER A 76 1.83 -9.27 15.66
CA SER A 76 2.50 -10.26 16.47
C SER A 76 1.64 -11.52 16.61
N GLN A 77 0.39 -11.33 17.00
CA GLN A 77 -0.54 -12.45 17.18
C GLN A 77 -1.08 -12.93 15.83
N LEU A 78 -0.74 -12.21 14.76
CA LEU A 78 -1.21 -12.57 13.43
C LEU A 78 -0.70 -13.96 13.04
N HIS A 79 -1.53 -14.70 12.31
CA HIS A 79 -1.17 -16.03 11.85
C HIS A 79 -1.08 -16.05 10.33
N LEU A 80 0.16 -15.97 9.83
CA LEU A 80 0.38 -15.97 8.38
C LEU A 80 0.51 -17.38 7.83
N THR A 81 -0.23 -17.65 6.76
CA THR A 81 -0.20 -18.96 6.12
C THR A 81 -0.52 -18.82 4.63
N PRO A 82 0.45 -19.14 3.74
CA PRO A 82 0.25 -19.04 2.29
C PRO A 82 -0.89 -19.93 1.80
N PHE A 83 -1.30 -20.88 2.63
CA PHE A 83 -2.37 -21.79 2.28
C PHE A 83 -3.70 -21.06 2.10
N THR A 84 -4.08 -20.26 3.09
CA THR A 84 -5.33 -19.51 3.03
C THR A 84 -5.16 -18.05 3.44
N ALA A 85 -3.92 -17.57 3.45
CA ALA A 85 -3.65 -16.19 3.83
C ALA A 85 -4.49 -15.21 3.00
N ARG A 86 -4.85 -15.64 1.79
CA ARG A 86 -5.65 -14.80 0.90
C ARG A 86 -7.02 -14.51 1.51
N GLY A 87 -7.61 -15.52 2.14
CA GLY A 87 -8.92 -15.34 2.76
C GLY A 87 -8.90 -14.33 3.88
N ARG A 88 -7.84 -14.35 4.68
CA ARG A 88 -7.71 -13.42 5.80
C ARG A 88 -7.46 -12.00 5.30
N PHE A 89 -6.65 -11.87 4.26
CA PHE A 89 -6.33 -10.57 3.69
C PHE A 89 -7.61 -9.87 3.21
N ALA A 90 -8.53 -10.65 2.65
CA ALA A 90 -9.78 -10.10 2.16
C ALA A 90 -10.66 -9.61 3.30
N THR A 91 -10.60 -10.32 4.43
CA THR A 91 -11.39 -9.94 5.60
C THR A 91 -10.98 -8.57 6.12
N VAL A 92 -9.68 -8.32 6.14
CA VAL A 92 -9.14 -7.05 6.61
C VAL A 92 -9.44 -5.95 5.60
N VAL A 93 -9.45 -6.32 4.32
CA VAL A 93 -9.72 -5.38 3.24
C VAL A 93 -11.22 -5.09 3.15
N GLU A 94 -12.02 -6.14 3.05
CA GLU A 94 -13.47 -6.01 2.95
C GLU A 94 -14.02 -5.19 4.11
N GLU A 95 -13.38 -5.28 5.26
CA GLU A 95 -13.81 -4.53 6.43
C GLU A 95 -13.37 -3.07 6.30
N LEU A 96 -12.26 -2.87 5.60
CA LEU A 96 -11.73 -1.52 5.37
C LEU A 96 -12.71 -0.69 4.56
N PHE A 97 -13.33 -1.33 3.56
CA PHE A 97 -14.29 -0.64 2.71
C PHE A 97 -15.73 -1.04 3.05
N ARG A 98 -15.91 -1.71 4.18
CA ARG A 98 -17.23 -2.14 4.61
C ARG A 98 -18.13 -0.94 4.90
N ASP A 99 -17.56 0.07 5.56
CA ASP A 99 -18.31 1.28 5.89
C ASP A 99 -18.03 2.38 4.88
N GLY A 100 -17.66 1.99 3.66
CA GLY A 100 -17.37 2.96 2.62
C GLY A 100 -15.89 3.23 2.47
N VAL A 101 -15.44 3.37 1.23
CA VAL A 101 -14.03 3.63 0.96
C VAL A 101 -13.67 5.09 1.21
N ASN A 102 -12.44 5.33 1.63
CA ASN A 102 -11.97 6.68 1.90
C ASN A 102 -10.44 6.73 1.83
N TRP A 103 -9.90 7.89 1.51
CA TRP A 103 -8.45 8.07 1.41
C TRP A 103 -7.75 7.47 2.62
N GLY A 104 -8.30 7.69 3.81
CA GLY A 104 -7.72 7.14 5.01
C GLY A 104 -7.78 5.62 5.02
N ARG A 105 -8.94 5.09 4.67
CA ARG A 105 -9.12 3.65 4.61
C ARG A 105 -8.14 3.04 3.62
N ILE A 106 -8.02 3.67 2.45
CA ILE A 106 -7.10 3.20 1.42
C ILE A 106 -5.70 3.06 2.00
N VAL A 107 -5.39 3.90 2.99
CA VAL A 107 -4.08 3.86 3.65
C VAL A 107 -3.91 2.55 4.40
N ALA A 108 -4.99 2.08 5.04
CA ALA A 108 -4.95 0.84 5.78
C ALA A 108 -4.68 -0.32 4.82
N PHE A 109 -5.26 -0.24 3.64
CA PHE A 109 -5.08 -1.27 2.62
C PHE A 109 -3.62 -1.39 2.24
N PHE A 110 -2.96 -0.26 2.06
CA PHE A 110 -1.54 -0.24 1.69
C PHE A 110 -0.67 -0.66 2.87
N GLU A 111 -1.01 -0.16 4.05
CA GLU A 111 -0.25 -0.49 5.26
C GLU A 111 -0.44 -1.96 5.60
N PHE A 112 -1.67 -2.42 5.50
CA PHE A 112 -2.01 -3.81 5.78
C PHE A 112 -1.17 -4.76 4.93
N GLY A 113 -1.14 -4.49 3.63
CA GLY A 113 -0.37 -5.33 2.73
C GLY A 113 1.09 -5.38 3.09
N GLY A 114 1.60 -4.30 3.68
CA GLY A 114 2.99 -4.25 4.08
C GLY A 114 3.26 -5.13 5.28
N VAL A 115 2.24 -5.31 6.12
CA VAL A 115 2.36 -6.13 7.30
C VAL A 115 2.61 -7.59 6.93
N MET A 116 1.73 -8.12 6.09
CA MET A 116 1.83 -9.51 5.64
C MET A 116 3.22 -9.78 5.07
N CYS A 117 3.73 -8.84 4.27
CA CYS A 117 5.05 -8.98 3.66
C CYS A 117 6.12 -9.12 4.73
N VAL A 118 6.04 -8.28 5.76
CA VAL A 118 7.01 -8.31 6.85
C VAL A 118 6.85 -9.57 7.69
N GLU A 119 5.60 -10.03 7.82
CA GLU A 119 5.30 -11.22 8.59
C GLU A 119 5.74 -12.47 7.83
N SER A 120 5.60 -12.43 6.51
CA SER A 120 5.99 -13.55 5.66
C SER A 120 7.49 -13.78 5.75
N VAL A 121 8.26 -12.74 5.46
CA VAL A 121 9.72 -12.83 5.50
C VAL A 121 10.19 -13.30 6.87
N ASN A 122 9.44 -12.93 7.90
CA ASN A 122 9.78 -13.32 9.27
C ASN A 122 9.80 -14.84 9.42
N ARG A 123 8.78 -15.49 8.88
CA ARG A 123 8.67 -16.94 8.95
C ARG A 123 9.23 -17.61 7.69
N GLU A 124 10.16 -16.92 7.03
CA GLU A 124 10.79 -17.43 5.81
C GLU A 124 9.74 -17.71 4.73
N MET A 125 8.80 -16.80 4.57
CA MET A 125 7.76 -16.94 3.57
C MET A 125 7.87 -15.86 2.50
N SER A 126 9.11 -15.56 2.11
CA SER A 126 9.39 -14.53 1.10
C SER A 126 8.36 -14.55 -0.03
N PRO A 127 8.15 -15.70 -0.69
CA PRO A 127 7.20 -15.84 -1.80
C PRO A 127 5.88 -15.11 -1.53
N LEU A 128 5.51 -14.99 -0.26
CA LEU A 128 4.27 -14.31 0.10
C LEU A 128 4.33 -12.83 -0.25
N VAL A 129 5.49 -12.22 -0.03
CA VAL A 129 5.68 -10.80 -0.32
C VAL A 129 5.22 -10.47 -1.75
N ASP A 130 5.40 -11.44 -2.65
CA ASP A 130 5.00 -11.25 -4.05
C ASP A 130 3.52 -11.51 -4.23
N ASN A 131 2.98 -12.41 -3.39
CA ASN A 131 1.56 -12.75 -3.46
C ASN A 131 0.71 -11.66 -2.83
N ILE A 132 1.15 -11.16 -1.67
CA ILE A 132 0.42 -10.11 -0.96
C ILE A 132 0.32 -8.86 -1.82
N ALA A 133 1.47 -8.31 -2.20
CA ALA A 133 1.50 -7.11 -3.03
C ALA A 133 0.70 -7.32 -4.32
N LEU A 134 0.73 -8.54 -4.83
CA LEU A 134 0.00 -8.88 -6.04
C LEU A 134 -1.49 -8.69 -5.84
N TRP A 135 -2.00 -9.20 -4.72
CA TRP A 135 -3.42 -9.08 -4.40
C TRP A 135 -3.80 -7.61 -4.27
N MET A 136 -2.88 -6.81 -3.75
CA MET A 136 -3.10 -5.38 -3.57
C MET A 136 -3.34 -4.70 -4.91
N THR A 137 -2.48 -5.00 -5.87
CA THR A 137 -2.60 -4.41 -7.20
C THR A 137 -3.95 -4.74 -7.80
N GLU A 138 -4.36 -5.99 -7.68
CA GLU A 138 -5.64 -6.44 -8.21
C GLU A 138 -6.80 -5.71 -7.57
N TYR A 139 -6.79 -5.63 -6.24
CA TYR A 139 -7.86 -4.95 -5.52
C TYR A 139 -7.86 -3.45 -5.81
N LEU A 140 -6.70 -2.94 -6.22
CA LEU A 140 -6.56 -1.51 -6.53
C LEU A 140 -7.13 -1.19 -7.91
N ASN A 141 -6.87 -2.05 -8.88
CA ASN A 141 -7.34 -1.84 -10.25
C ASN A 141 -8.76 -2.35 -10.47
N ARG A 142 -9.02 -3.54 -9.97
CA ARG A 142 -10.32 -4.19 -10.15
C ARG A 142 -11.46 -3.47 -9.42
N HIS A 143 -11.26 -3.10 -8.16
CA HIS A 143 -12.33 -2.46 -7.39
C HIS A 143 -12.03 -1.01 -6.99
N LEU A 144 -10.94 -0.80 -6.27
CA LEU A 144 -10.59 0.54 -5.79
C LEU A 144 -10.25 1.50 -6.94
N HIS A 145 -10.13 0.98 -8.15
CA HIS A 145 -9.80 1.81 -9.30
C HIS A 145 -10.90 2.83 -9.58
N THR A 146 -12.14 2.34 -9.67
CA THR A 146 -13.27 3.22 -9.95
C THR A 146 -13.46 4.26 -8.86
N TRP A 147 -13.54 3.80 -7.62
CA TRP A 147 -13.74 4.70 -6.48
C TRP A 147 -12.71 5.83 -6.48
N ILE A 148 -11.44 5.48 -6.62
CA ILE A 148 -10.37 6.46 -6.64
C ILE A 148 -10.55 7.46 -7.80
N GLN A 149 -11.14 6.98 -8.89
CA GLN A 149 -11.37 7.83 -10.06
C GLN A 149 -12.39 8.92 -9.75
N ASP A 150 -13.34 8.60 -8.89
CA ASP A 150 -14.38 9.55 -8.50
C ASP A 150 -13.91 10.44 -7.35
N ASN A 151 -12.82 10.06 -6.70
CA ASN A 151 -12.28 10.83 -5.59
C ASN A 151 -11.10 11.68 -6.03
N GLY A 152 -11.15 12.11 -7.28
CA GLY A 152 -10.08 12.95 -7.83
C GLY A 152 -8.80 12.17 -8.03
N GLY A 153 -8.89 10.84 -8.01
CA GLY A 153 -7.70 10.02 -8.20
C GLY A 153 -6.61 10.33 -7.20
N TRP A 154 -5.41 9.80 -7.46
CA TRP A 154 -4.28 10.03 -6.57
C TRP A 154 -3.97 11.52 -6.46
N ASP A 155 -4.29 12.26 -7.51
CA ASP A 155 -4.05 13.71 -7.53
C ASP A 155 -4.74 14.37 -6.34
N ALA A 156 -5.94 13.89 -6.01
CA ALA A 156 -6.70 14.43 -4.89
C ALA A 156 -6.06 14.03 -3.57
N PHE A 157 -5.66 12.77 -3.46
CA PHE A 157 -5.04 12.26 -2.25
C PHE A 157 -3.75 13.03 -1.95
N VAL A 158 -2.95 13.24 -2.98
CA VAL A 158 -1.69 13.96 -2.84
C VAL A 158 -1.92 15.35 -2.25
N GLU A 159 -3.01 15.99 -2.67
CA GLU A 159 -3.36 17.31 -2.18
C GLU A 159 -3.70 17.26 -0.70
N LEU A 160 -4.31 16.15 -0.28
CA LEU A 160 -4.70 15.96 1.11
C LEU A 160 -3.50 15.68 2.00
N TYR A 161 -2.72 14.66 1.64
CA TYR A 161 -1.54 14.27 2.41
C TYR A 161 -0.26 14.84 1.80
N GLY A 162 -0.39 15.93 1.05
CA GLY A 162 0.77 16.53 0.42
C GLY A 162 1.90 16.79 1.40
N PRO A 163 3.03 17.37 0.92
CA PRO A 163 4.18 17.67 1.78
C PRO A 163 3.87 18.70 2.84
N SER A 164 3.28 19.82 2.43
CA SER A 164 2.93 20.89 3.36
C SER A 164 1.72 20.50 4.21
N MET A 165 0.90 19.60 3.70
CA MET A 165 -0.28 19.14 4.41
C MET A 165 0.08 18.56 5.78
N ARG A 166 -0.27 19.28 6.84
CA ARG A 166 0.01 18.84 8.19
C ARG A 166 -0.80 17.59 8.53
N PRO A 167 -0.41 16.86 9.58
CA PRO A 167 -1.12 15.64 10.00
C PRO A 167 -2.63 15.86 10.10
N LEU A 168 -3.33 15.56 9.01
CA LEU A 168 -4.78 15.72 8.96
C LEU A 168 -5.48 14.58 9.69
N PHE A 169 -6.79 14.45 9.47
CA PHE A 169 -7.58 13.41 10.11
C PHE A 169 -6.94 12.03 9.90
N ASP A 170 -7.36 11.06 10.71
CA ASP A 170 -6.82 9.70 10.61
C ASP A 170 -7.93 8.72 10.20
N PHE A 171 -7.51 7.51 9.84
CA PHE A 171 -8.47 6.47 9.42
C PHE A 171 -8.75 5.51 10.58
N SER A 172 -10.00 5.07 10.67
CA SER A 172 -10.39 4.14 11.73
C SER A 172 -9.69 2.80 11.55
N TRP A 173 -9.02 2.34 12.59
CA TRP A 173 -8.30 1.08 12.55
C TRP A 173 -9.22 -0.06 12.12
N LEU A 174 -8.62 -1.15 11.66
CA LEU A 174 -9.37 -2.32 11.21
C LEU A 174 -9.28 -3.46 12.23
N SER A 175 -9.96 -3.29 13.36
CA SER A 175 -9.94 -4.29 14.41
C SER A 175 -10.56 -5.60 13.93
N LEU A 176 -9.82 -6.69 14.10
CA LEU A 176 -10.30 -8.00 13.68
C LEU A 176 -9.84 -9.08 14.64
N LYS A 177 -10.34 -10.29 14.46
CA LYS A 177 -9.98 -11.42 15.32
C LYS A 177 -9.84 -12.70 14.51
N MET A 1 -6.09 16.46 -30.33
CA MET A 1 -6.43 15.59 -29.17
C MET A 1 -7.00 16.41 -28.02
N ALA A 2 -7.71 15.73 -27.12
CA ALA A 2 -8.30 16.39 -25.96
C ALA A 2 -8.07 15.58 -24.69
N HIS A 3 -7.26 16.13 -23.79
CA HIS A 3 -6.95 15.45 -22.54
C HIS A 3 -7.94 15.85 -21.45
N ALA A 4 -8.96 15.02 -21.24
CA ALA A 4 -9.97 15.29 -20.23
C ALA A 4 -9.83 14.34 -19.04
N GLY A 5 -9.61 14.91 -17.86
CA GLY A 5 -9.46 14.09 -16.67
C GLY A 5 -8.01 13.82 -16.33
N ARG A 6 -7.22 13.48 -17.36
CA ARG A 6 -5.79 13.19 -17.20
C ARG A 6 -5.49 12.52 -15.86
N THR A 7 -6.21 11.43 -15.58
CA THR A 7 -6.02 10.69 -14.34
C THR A 7 -5.91 9.20 -14.61
N GLY A 8 -5.20 8.49 -13.73
CA GLY A 8 -5.03 7.06 -13.89
C GLY A 8 -3.60 6.62 -13.64
N TYR A 9 -3.29 6.29 -12.39
CA TYR A 9 -1.95 5.86 -12.03
C TYR A 9 -1.85 4.33 -12.06
N ASP A 10 -0.63 3.82 -11.93
CA ASP A 10 -0.40 2.38 -11.95
C ASP A 10 -0.43 1.83 -10.53
N ASN A 11 -1.57 1.25 -10.14
CA ASN A 11 -1.72 0.68 -8.81
C ASN A 11 -0.71 -0.43 -8.57
N ARG A 12 -0.30 -1.09 -9.65
CA ARG A 12 0.68 -2.17 -9.57
C ARG A 12 2.05 -1.64 -9.16
N GLU A 13 2.41 -0.48 -9.70
CA GLU A 13 3.69 0.14 -9.39
C GLU A 13 3.68 0.78 -8.01
N ILE A 14 2.57 1.43 -7.66
CA ILE A 14 2.43 2.07 -6.37
C ILE A 14 2.61 1.05 -5.24
N VAL A 15 2.18 -0.18 -5.51
CA VAL A 15 2.29 -1.26 -4.53
C VAL A 15 3.70 -1.82 -4.50
N MET A 16 4.16 -2.32 -5.64
CA MET A 16 5.50 -2.89 -5.75
C MET A 16 6.55 -1.97 -5.14
N LYS A 17 6.28 -0.67 -5.18
CA LYS A 17 7.20 0.31 -4.63
C LYS A 17 6.98 0.47 -3.13
N TYR A 18 5.72 0.60 -2.73
CA TYR A 18 5.36 0.75 -1.32
C TYR A 18 5.84 -0.44 -0.51
N ILE A 19 5.69 -1.63 -1.08
CA ILE A 19 6.10 -2.86 -0.41
C ILE A 19 7.62 -3.02 -0.43
N HIS A 20 8.21 -2.77 -1.59
CA HIS A 20 9.67 -2.89 -1.74
C HIS A 20 10.39 -1.92 -0.81
N TYR A 21 9.81 -0.74 -0.62
CA TYR A 21 10.41 0.26 0.25
C TYR A 21 10.31 -0.15 1.71
N LYS A 22 9.10 -0.45 2.16
CA LYS A 22 8.87 -0.87 3.54
C LYS A 22 9.67 -2.11 3.87
N LEU A 23 9.73 -3.04 2.92
CA LEU A 23 10.46 -4.29 3.11
C LEU A 23 11.95 -4.03 3.23
N SER A 24 12.43 -2.97 2.56
CA SER A 24 13.84 -2.62 2.60
C SER A 24 14.18 -1.87 3.89
N GLN A 25 13.20 -1.16 4.43
CA GLN A 25 13.40 -0.40 5.66
C GLN A 25 13.60 -1.34 6.85
N ARG A 26 12.93 -2.48 6.82
CA ARG A 26 13.05 -3.46 7.89
C ARG A 26 14.29 -4.35 7.71
N GLY A 27 14.89 -4.28 6.53
CA GLY A 27 16.07 -5.08 6.25
C GLY A 27 15.77 -6.28 5.38
N TYR A 28 14.62 -6.26 4.71
CA TYR A 28 14.22 -7.36 3.84
C TYR A 28 14.41 -6.97 2.37
N GLU A 29 14.88 -7.91 1.57
CA GLU A 29 15.10 -7.67 0.15
C GLU A 29 14.05 -8.39 -0.69
N TRP A 30 12.90 -7.76 -0.87
CA TRP A 30 11.82 -8.34 -1.65
C TRP A 30 12.16 -8.31 -3.14
N ASP A 31 11.80 -9.36 -3.85
CA ASP A 31 12.06 -9.45 -5.28
C ASP A 31 10.77 -9.35 -6.07
N ALA A 32 10.27 -8.13 -6.22
CA ALA A 32 9.03 -7.90 -6.96
C ALA A 32 9.32 -7.78 -8.46
N GLY A 33 10.21 -8.62 -8.96
CA GLY A 33 10.55 -8.60 -10.36
C GLY A 33 11.35 -7.36 -10.74
N ASP A 34 12.06 -6.80 -9.76
CA ASP A 34 12.87 -5.61 -9.98
C ASP A 34 14.06 -5.92 -10.88
N ASP A 35 14.48 -7.18 -10.89
CA ASP A 35 15.62 -7.61 -11.70
C ASP A 35 15.43 -7.22 -13.16
N VAL A 36 15.99 -6.09 -13.55
CA VAL A 36 15.88 -5.62 -14.93
C VAL A 36 17.24 -5.63 -15.63
N GLU A 37 17.74 -6.83 -15.89
CA GLU A 37 19.02 -6.98 -16.57
C GLU A 37 18.91 -6.58 -18.03
N GLU A 38 18.66 -5.30 -18.27
CA GLU A 38 18.53 -4.77 -19.62
C GLU A 38 18.44 -3.24 -19.61
N ASN A 39 18.07 -2.67 -20.74
CA ASN A 39 17.94 -1.22 -20.86
C ASN A 39 16.55 -0.75 -20.44
N ARG A 40 16.18 -1.07 -19.21
CA ARG A 40 14.88 -0.69 -18.68
C ARG A 40 14.98 -0.28 -17.22
N THR A 41 15.84 0.69 -16.94
CA THR A 41 16.03 1.18 -15.57
C THR A 41 14.83 2.00 -15.10
N GLU A 42 14.60 2.00 -13.80
CA GLU A 42 13.48 2.74 -13.21
C GLU A 42 13.93 4.10 -12.72
N ALA A 43 14.76 4.77 -13.51
CA ALA A 43 15.27 6.09 -13.14
C ALA A 43 14.13 7.07 -12.92
N PRO A 44 14.41 8.21 -12.26
CA PRO A 44 13.40 9.25 -11.98
C PRO A 44 12.74 9.77 -13.25
N GLU A 45 11.72 9.04 -13.72
CA GLU A 45 11.01 9.43 -14.93
C GLU A 45 9.55 9.75 -14.61
N GLY A 46 9.31 10.24 -13.40
CA GLY A 46 7.96 10.57 -13.00
C GLY A 46 7.92 11.37 -11.70
N THR A 47 8.21 12.67 -11.81
CA THR A 47 8.21 13.54 -10.64
C THR A 47 6.85 13.54 -9.95
N GLU A 48 5.79 13.51 -10.75
CA GLU A 48 4.43 13.49 -10.21
C GLU A 48 4.07 12.11 -9.67
N SER A 49 4.42 11.08 -10.42
CA SER A 49 4.14 9.70 -10.02
C SER A 49 4.88 9.36 -8.73
N GLU A 50 6.08 9.93 -8.57
CA GLU A 50 6.89 9.68 -7.38
C GLU A 50 6.19 10.21 -6.13
N VAL A 51 5.44 11.30 -6.30
CA VAL A 51 4.73 11.90 -5.17
C VAL A 51 3.65 10.95 -4.65
N VAL A 52 2.80 10.44 -5.56
CA VAL A 52 1.74 9.54 -5.18
C VAL A 52 2.26 8.41 -4.28
N HIS A 53 3.53 8.04 -4.50
CA HIS A 53 4.17 7.00 -3.72
C HIS A 53 4.76 7.58 -2.43
N LEU A 54 5.30 8.79 -2.54
CA LEU A 54 5.90 9.45 -1.39
C LEU A 54 4.83 9.91 -0.40
N THR A 55 3.92 10.76 -0.87
CA THR A 55 2.85 11.27 -0.02
C THR A 55 2.04 10.12 0.57
N LEU A 56 1.87 9.06 -0.21
CA LEU A 56 1.12 7.89 0.23
C LEU A 56 1.91 7.11 1.27
N ARG A 57 3.21 6.97 1.03
CA ARG A 57 4.08 6.24 1.95
C ARG A 57 4.19 6.99 3.27
N GLN A 58 4.31 8.31 3.19
CA GLN A 58 4.42 9.14 4.39
C GLN A 58 3.10 9.17 5.14
N ALA A 59 1.99 9.09 4.40
CA ALA A 59 0.67 9.09 5.00
C ALA A 59 0.47 7.88 5.90
N GLY A 60 0.73 6.70 5.36
CA GLY A 60 0.58 5.48 6.14
C GLY A 60 1.68 5.32 7.17
N ASP A 61 2.90 5.71 6.80
CA ASP A 61 4.03 5.59 7.71
C ASP A 61 3.79 6.40 8.98
N ASP A 62 3.29 7.62 8.82
CA ASP A 62 3.01 8.49 9.96
C ASP A 62 1.99 7.83 10.89
N PHE A 63 0.96 7.24 10.29
CA PHE A 63 -0.09 6.58 11.06
C PHE A 63 0.46 5.36 11.80
N SER A 64 1.29 4.58 11.10
CA SER A 64 1.88 3.38 11.68
C SER A 64 2.79 3.74 12.85
N ARG A 65 3.70 4.67 12.61
CA ARG A 65 4.63 5.10 13.65
C ARG A 65 3.89 5.67 14.86
N ARG A 66 2.73 6.26 14.60
CA ARG A 66 1.91 6.84 15.66
C ARG A 66 1.21 5.75 16.48
N TYR A 67 0.92 4.63 15.83
CA TYR A 67 0.25 3.52 16.49
C TYR A 67 1.02 2.22 16.29
N ARG A 68 2.34 2.32 16.36
CA ARG A 68 3.20 1.14 16.18
C ARG A 68 2.85 0.06 17.20
N ARG A 69 2.36 0.47 18.36
CA ARG A 69 1.98 -0.46 19.41
C ARG A 69 0.84 -1.35 18.95
N ASP A 70 -0.27 -0.72 18.57
CA ASP A 70 -1.44 -1.45 18.10
C ASP A 70 -1.08 -2.32 16.90
N PHE A 71 -0.21 -1.79 16.05
CA PHE A 71 0.24 -2.52 14.86
C PHE A 71 1.08 -3.73 15.26
N ALA A 72 2.03 -3.51 16.16
CA ALA A 72 2.90 -4.58 16.61
C ALA A 72 2.08 -5.68 17.28
N GLU A 73 1.26 -5.29 18.25
CA GLU A 73 0.41 -6.24 18.96
C GLU A 73 -0.50 -6.97 17.98
N MET A 74 -0.83 -6.30 16.88
CA MET A 74 -1.68 -6.89 15.86
C MET A 74 -0.88 -7.82 14.95
N SER A 75 0.24 -7.32 14.44
CA SER A 75 1.10 -8.11 13.56
C SER A 75 1.76 -9.25 14.33
N SER A 76 1.89 -9.08 15.64
CA SER A 76 2.50 -10.10 16.48
C SER A 76 1.55 -11.27 16.68
N GLN A 77 0.29 -10.97 16.94
CA GLN A 77 -0.72 -11.99 17.15
C GLN A 77 -1.24 -12.52 15.82
N LEU A 78 -1.11 -11.70 14.77
CA LEU A 78 -1.58 -12.08 13.44
C LEU A 78 -0.93 -13.38 12.99
N HIS A 79 -1.73 -14.45 12.93
CA HIS A 79 -1.23 -15.75 12.52
C HIS A 79 -1.21 -15.86 11.00
N LEU A 80 -0.02 -15.75 10.41
CA LEU A 80 0.12 -15.82 8.96
C LEU A 80 0.31 -17.25 8.49
N THR A 81 -0.40 -17.61 7.43
CA THR A 81 -0.32 -18.94 6.85
C THR A 81 -0.63 -18.90 5.35
N PRO A 82 0.11 -19.69 4.54
CA PRO A 82 -0.09 -19.71 3.08
C PRO A 82 -1.34 -20.50 2.67
N PHE A 83 -2.06 -21.03 3.66
CA PHE A 83 -3.27 -21.80 3.39
C PHE A 83 -4.49 -20.90 3.24
N THR A 84 -4.58 -19.87 4.08
CA THR A 84 -5.70 -18.95 4.05
C THR A 84 -5.25 -17.49 4.10
N ALA A 85 -3.98 -17.25 3.82
CA ALA A 85 -3.44 -15.88 3.85
C ALA A 85 -4.18 -15.00 2.86
N ARG A 86 -4.50 -15.55 1.69
CA ARG A 86 -5.21 -14.80 0.65
C ARG A 86 -6.65 -14.51 1.09
N GLY A 87 -7.28 -15.48 1.74
CA GLY A 87 -8.64 -15.31 2.19
C GLY A 87 -8.75 -14.34 3.35
N ARG A 88 -7.69 -14.26 4.15
CA ARG A 88 -7.69 -13.37 5.30
C ARG A 88 -7.43 -11.93 4.87
N PHE A 89 -6.63 -11.78 3.82
CA PHE A 89 -6.32 -10.45 3.29
C PHE A 89 -7.60 -9.77 2.83
N ALA A 90 -8.42 -10.51 2.09
CA ALA A 90 -9.68 -9.97 1.60
C ALA A 90 -10.60 -9.58 2.76
N THR A 91 -10.51 -10.33 3.86
CA THR A 91 -11.32 -10.06 5.03
C THR A 91 -10.97 -8.68 5.60
N VAL A 92 -9.67 -8.40 5.66
CA VAL A 92 -9.19 -7.13 6.17
C VAL A 92 -9.38 -6.02 5.14
N VAL A 93 -9.19 -6.37 3.88
CA VAL A 93 -9.34 -5.43 2.78
C VAL A 93 -10.81 -5.11 2.53
N GLU A 94 -11.58 -6.15 2.26
CA GLU A 94 -13.01 -6.01 1.99
C GLU A 94 -13.71 -5.24 3.10
N GLU A 95 -13.23 -5.38 4.34
CA GLU A 95 -13.83 -4.68 5.46
C GLU A 95 -13.41 -3.22 5.44
N LEU A 96 -12.23 -2.96 4.89
CA LEU A 96 -11.69 -1.62 4.79
C LEU A 96 -12.54 -0.76 3.86
N PHE A 97 -13.08 -1.38 2.80
CA PHE A 97 -13.88 -0.65 1.83
C PHE A 97 -15.33 -1.14 1.83
N ARG A 98 -15.71 -1.91 2.84
CA ARG A 98 -17.07 -2.43 2.95
C ARG A 98 -18.01 -1.35 3.48
N ASP A 99 -17.53 -0.56 4.44
CA ASP A 99 -18.33 0.49 5.04
C ASP A 99 -18.12 1.83 4.32
N GLY A 100 -17.53 1.77 3.13
CA GLY A 100 -17.28 2.98 2.37
C GLY A 100 -15.81 3.24 2.17
N VAL A 101 -15.42 3.51 0.92
CA VAL A 101 -14.02 3.77 0.60
C VAL A 101 -13.65 5.21 0.92
N ASN A 102 -12.46 5.39 1.49
CA ASN A 102 -11.96 6.71 1.84
C ASN A 102 -10.44 6.72 1.81
N TRP A 103 -9.86 7.88 1.50
CA TRP A 103 -8.41 8.01 1.43
C TRP A 103 -7.75 7.41 2.66
N GLY A 104 -8.33 7.64 3.83
CA GLY A 104 -7.78 7.09 5.06
C GLY A 104 -7.81 5.58 5.04
N ARG A 105 -8.97 5.02 4.75
CA ARG A 105 -9.13 3.57 4.68
C ARG A 105 -8.11 2.99 3.70
N ILE A 106 -8.01 3.61 2.54
CA ILE A 106 -7.05 3.16 1.52
C ILE A 106 -5.66 3.05 2.13
N VAL A 107 -5.38 3.88 3.14
CA VAL A 107 -4.09 3.85 3.81
C VAL A 107 -3.90 2.54 4.55
N ALA A 108 -4.99 2.04 5.16
CA ALA A 108 -4.91 0.78 5.87
C ALA A 108 -4.67 -0.37 4.89
N PHE A 109 -5.24 -0.23 3.70
CA PHE A 109 -5.10 -1.23 2.66
C PHE A 109 -3.63 -1.42 2.29
N PHE A 110 -2.91 -0.30 2.18
CA PHE A 110 -1.50 -0.34 1.83
C PHE A 110 -0.65 -0.70 3.04
N GLU A 111 -1.00 -0.14 4.19
CA GLU A 111 -0.28 -0.42 5.43
C GLU A 111 -0.44 -1.88 5.82
N PHE A 112 -1.66 -2.38 5.69
CA PHE A 112 -1.95 -3.77 6.02
C PHE A 112 -1.09 -4.71 5.17
N GLY A 113 -1.10 -4.50 3.86
CA GLY A 113 -0.31 -5.34 2.97
C GLY A 113 1.16 -5.34 3.35
N GLY A 114 1.66 -4.21 3.79
CA GLY A 114 3.06 -4.11 4.18
C GLY A 114 3.37 -4.95 5.40
N VAL A 115 2.39 -5.05 6.29
CA VAL A 115 2.55 -5.84 7.51
C VAL A 115 2.78 -7.31 7.18
N MET A 116 1.83 -7.89 6.46
CA MET A 116 1.91 -9.29 6.05
C MET A 116 3.24 -9.59 5.37
N CYS A 117 3.68 -8.67 4.51
CA CYS A 117 4.95 -8.84 3.81
C CYS A 117 6.10 -8.93 4.80
N VAL A 118 6.04 -8.11 5.83
CA VAL A 118 7.08 -8.09 6.86
C VAL A 118 6.90 -9.28 7.81
N GLU A 119 5.65 -9.69 8.00
CA GLU A 119 5.35 -10.82 8.87
C GLU A 119 5.66 -12.14 8.17
N SER A 120 5.54 -12.14 6.85
CA SER A 120 5.82 -13.33 6.05
C SER A 120 7.30 -13.67 6.08
N VAL A 121 8.14 -12.64 5.93
CA VAL A 121 9.58 -12.81 5.94
C VAL A 121 10.05 -13.40 7.27
N ASN A 122 9.40 -13.00 8.35
CA ASN A 122 9.74 -13.50 9.68
C ASN A 122 9.51 -15.00 9.78
N ARG A 123 8.40 -15.46 9.22
CA ARG A 123 8.06 -16.87 9.23
C ARG A 123 8.71 -17.63 8.08
N GLU A 124 9.64 -16.97 7.38
CA GLU A 124 10.34 -17.58 6.26
C GLU A 124 9.39 -17.85 5.10
N MET A 125 8.54 -16.87 4.80
CA MET A 125 7.58 -16.99 3.71
C MET A 125 7.76 -15.86 2.71
N SER A 126 9.02 -15.57 2.38
CA SER A 126 9.35 -14.51 1.43
C SER A 126 8.40 -14.52 0.21
N PRO A 127 8.27 -15.66 -0.48
CA PRO A 127 7.40 -15.79 -1.65
C PRO A 127 6.04 -15.12 -1.46
N LEU A 128 5.58 -15.07 -0.21
CA LEU A 128 4.29 -14.45 0.09
C LEU A 128 4.33 -12.95 -0.19
N VAL A 129 5.46 -12.32 0.10
CA VAL A 129 5.62 -10.88 -0.12
C VAL A 129 5.25 -10.52 -1.56
N ASP A 130 5.51 -11.43 -2.49
CA ASP A 130 5.20 -11.20 -3.89
C ASP A 130 3.73 -11.47 -4.18
N ASN A 131 3.15 -12.40 -3.41
CA ASN A 131 1.74 -12.75 -3.58
C ASN A 131 0.84 -11.71 -2.92
N ILE A 132 1.22 -11.27 -1.73
CA ILE A 132 0.44 -10.27 -1.00
C ILE A 132 0.33 -8.98 -1.80
N ALA A 133 1.48 -8.42 -2.16
CA ALA A 133 1.51 -7.18 -2.93
C ALA A 133 0.74 -7.33 -4.23
N LEU A 134 0.83 -8.51 -4.83
CA LEU A 134 0.12 -8.79 -6.08
C LEU A 134 -1.38 -8.68 -5.88
N TRP A 135 -1.85 -9.20 -4.75
CA TRP A 135 -3.28 -9.15 -4.43
C TRP A 135 -3.76 -7.71 -4.31
N MET A 136 -2.92 -6.87 -3.71
CA MET A 136 -3.25 -5.47 -3.53
C MET A 136 -3.44 -4.79 -4.89
N THR A 137 -2.48 -5.02 -5.79
CA THR A 137 -2.55 -4.44 -7.12
C THR A 137 -3.89 -4.77 -7.79
N GLU A 138 -4.30 -6.03 -7.66
CA GLU A 138 -5.56 -6.48 -8.23
C GLU A 138 -6.74 -5.76 -7.59
N TYR A 139 -6.83 -5.83 -6.27
CA TYR A 139 -7.92 -5.20 -5.53
C TYR A 139 -7.95 -3.69 -5.81
N LEU A 140 -6.79 -3.12 -6.08
CA LEU A 140 -6.69 -1.69 -6.36
C LEU A 140 -7.34 -1.36 -7.70
N ASN A 141 -7.02 -2.14 -8.72
CA ASN A 141 -7.57 -1.93 -10.06
C ASN A 141 -8.93 -2.61 -10.23
N ARG A 142 -9.27 -3.49 -9.30
CA ARG A 142 -10.54 -4.22 -9.36
C ARG A 142 -11.69 -3.41 -8.77
N HIS A 143 -11.56 -2.98 -7.52
CA HIS A 143 -12.62 -2.22 -6.86
C HIS A 143 -12.21 -0.78 -6.58
N LEU A 144 -10.98 -0.58 -6.12
CA LEU A 144 -10.48 0.76 -5.80
C LEU A 144 -10.10 1.53 -7.06
N HIS A 145 -10.28 0.93 -8.23
CA HIS A 145 -9.94 1.58 -9.48
C HIS A 145 -10.94 2.69 -9.81
N THR A 146 -12.22 2.34 -9.83
CA THR A 146 -13.26 3.30 -10.15
C THR A 146 -13.39 4.36 -9.07
N TRP A 147 -13.67 3.93 -7.85
CA TRP A 147 -13.83 4.86 -6.72
C TRP A 147 -12.75 5.93 -6.71
N ILE A 148 -11.49 5.49 -6.70
CA ILE A 148 -10.36 6.42 -6.69
C ILE A 148 -10.45 7.41 -7.84
N GLN A 149 -10.94 6.94 -8.98
CA GLN A 149 -11.09 7.80 -10.16
C GLN A 149 -12.16 8.85 -9.93
N ASP A 150 -13.15 8.52 -9.11
CA ASP A 150 -14.24 9.45 -8.81
C ASP A 150 -13.86 10.40 -7.67
N ASN A 151 -12.81 10.05 -6.93
CA ASN A 151 -12.36 10.88 -5.82
C ASN A 151 -11.15 11.71 -6.22
N GLY A 152 -11.11 12.10 -7.49
CA GLY A 152 -10.01 12.90 -8.00
C GLY A 152 -8.72 12.12 -8.11
N GLY A 153 -8.80 10.80 -7.97
CA GLY A 153 -7.62 9.97 -8.07
C GLY A 153 -6.54 10.36 -7.07
N TRP A 154 -5.34 9.81 -7.25
CA TRP A 154 -4.23 10.12 -6.36
C TRP A 154 -3.94 11.62 -6.34
N ASP A 155 -4.33 12.31 -7.42
CA ASP A 155 -4.11 13.75 -7.51
C ASP A 155 -4.76 14.47 -6.33
N ALA A 156 -5.93 14.00 -5.92
CA ALA A 156 -6.64 14.59 -4.80
C ALA A 156 -6.00 14.17 -3.48
N PHE A 157 -5.64 12.89 -3.38
CA PHE A 157 -5.01 12.37 -2.18
C PHE A 157 -3.70 13.10 -1.90
N VAL A 158 -2.92 13.32 -2.96
CA VAL A 158 -1.64 14.01 -2.84
C VAL A 158 -1.84 15.41 -2.28
N GLU A 159 -2.88 16.09 -2.74
CA GLU A 159 -3.18 17.45 -2.28
C GLU A 159 -3.64 17.43 -0.83
N LEU A 160 -4.40 16.40 -0.47
CA LEU A 160 -4.92 16.27 0.89
C LEU A 160 -3.84 15.79 1.85
N TYR A 161 -3.00 14.86 1.38
CA TYR A 161 -1.92 14.32 2.21
C TYR A 161 -0.56 14.92 1.83
N GLY A 162 -0.59 16.04 1.11
CA GLY A 162 0.65 16.68 0.70
C GLY A 162 1.57 16.96 1.86
N PRO A 163 2.72 17.62 1.62
CA PRO A 163 3.69 17.95 2.68
C PRO A 163 3.18 19.05 3.61
N SER A 164 2.63 20.10 3.02
CA SER A 164 2.11 21.22 3.81
C SER A 164 0.89 20.80 4.63
N MET A 165 0.12 19.87 4.08
CA MET A 165 -1.08 19.37 4.76
C MET A 165 -0.73 18.76 6.11
N ARG A 166 -1.06 19.47 7.18
CA ARG A 166 -0.78 19.00 8.53
C ARG A 166 -1.62 17.76 8.85
N PRO A 167 -1.17 16.96 9.83
CA PRO A 167 -1.89 15.74 10.24
C PRO A 167 -3.36 16.00 10.54
N LEU A 168 -4.21 15.82 9.54
CA LEU A 168 -5.64 16.04 9.70
C LEU A 168 -6.44 14.96 8.98
N PHE A 169 -6.05 13.71 9.17
CA PHE A 169 -6.73 12.59 8.53
C PHE A 169 -6.61 11.32 9.37
N ASP A 170 -7.74 10.85 9.88
CA ASP A 170 -7.76 9.64 10.71
C ASP A 170 -8.74 8.61 10.14
N PHE A 171 -8.38 7.34 10.25
CA PHE A 171 -9.21 6.26 9.75
C PHE A 171 -9.56 5.28 10.87
N SER A 172 -10.74 4.68 10.78
CA SER A 172 -11.19 3.71 11.78
C SER A 172 -10.42 2.41 11.66
N TRP A 173 -9.75 2.01 12.73
CA TRP A 173 -8.95 0.78 12.74
C TRP A 173 -9.82 -0.41 12.33
N LEU A 174 -9.28 -1.25 11.45
CA LEU A 174 -9.99 -2.43 10.99
C LEU A 174 -9.92 -3.56 12.02
N SER A 175 -10.70 -3.41 13.09
CA SER A 175 -10.74 -4.40 14.16
C SER A 175 -11.29 -5.73 13.66
N LEU A 176 -10.41 -6.70 13.50
CA LEU A 176 -10.81 -8.02 13.02
C LEU A 176 -10.41 -9.11 14.02
N LYS A 177 -11.31 -10.06 14.24
CA LYS A 177 -11.06 -11.15 15.16
C LYS A 177 -11.34 -12.51 14.52
N MET A 1 -6.63 25.16 -27.45
CA MET A 1 -7.75 24.53 -26.70
C MET A 1 -7.44 23.05 -26.42
N ALA A 2 -8.14 22.49 -25.45
CA ALA A 2 -7.96 21.09 -25.07
C ALA A 2 -6.53 20.84 -24.60
N HIS A 3 -6.39 20.52 -23.32
CA HIS A 3 -5.07 20.25 -22.74
C HIS A 3 -5.21 19.61 -21.37
N ALA A 4 -4.07 19.38 -20.71
CA ALA A 4 -4.07 18.77 -19.38
C ALA A 4 -4.70 17.39 -19.41
N GLY A 5 -3.86 16.36 -19.42
CA GLY A 5 -4.36 15.00 -19.44
C GLY A 5 -3.47 14.04 -18.67
N ARG A 6 -2.79 14.56 -17.65
CA ARG A 6 -1.90 13.75 -16.83
C ARG A 6 -2.68 13.06 -15.71
N THR A 7 -3.49 12.06 -16.07
CA THR A 7 -4.28 11.33 -15.10
C THR A 7 -4.26 9.83 -15.41
N GLY A 8 -3.72 9.05 -14.47
CA GLY A 8 -3.66 7.62 -14.66
C GLY A 8 -2.38 7.01 -14.10
N TYR A 9 -2.44 6.60 -12.83
CA TYR A 9 -1.29 5.99 -12.17
C TYR A 9 -1.40 4.48 -12.14
N ASP A 10 -0.29 3.79 -12.35
CA ASP A 10 -0.26 2.34 -12.35
C ASP A 10 -0.31 1.80 -10.92
N ASN A 11 -1.35 1.03 -10.62
CA ASN A 11 -1.51 0.47 -9.29
C ASN A 11 -0.38 -0.51 -8.97
N ARG A 12 0.10 -1.21 -9.99
CA ARG A 12 1.18 -2.17 -9.80
C ARG A 12 2.46 -1.47 -9.37
N GLU A 13 2.68 -0.27 -9.89
CA GLU A 13 3.87 0.50 -9.55
C GLU A 13 3.78 1.02 -8.12
N ILE A 14 2.65 1.63 -7.79
CA ILE A 14 2.43 2.17 -6.45
C ILE A 14 2.53 1.05 -5.40
N VAL A 15 2.14 -0.15 -5.80
CA VAL A 15 2.19 -1.30 -4.91
C VAL A 15 3.62 -1.80 -4.76
N MET A 16 4.28 -2.06 -5.89
CA MET A 16 5.66 -2.54 -5.87
C MET A 16 6.57 -1.59 -5.09
N LYS A 17 6.22 -0.31 -5.11
CA LYS A 17 7.01 0.70 -4.40
C LYS A 17 6.64 0.74 -2.92
N TYR A 18 5.33 0.70 -2.64
CA TYR A 18 4.85 0.72 -1.26
C TYR A 18 5.40 -0.45 -0.47
N ILE A 19 5.37 -1.64 -1.08
CA ILE A 19 5.87 -2.84 -0.44
C ILE A 19 7.39 -2.81 -0.31
N HIS A 20 8.06 -2.42 -1.38
CA HIS A 20 9.52 -2.34 -1.39
C HIS A 20 10.02 -1.37 -0.32
N TYR A 21 9.32 -0.24 -0.18
CA TYR A 21 9.70 0.76 0.80
C TYR A 21 9.51 0.24 2.22
N LYS A 22 8.27 -0.13 2.55
CA LYS A 22 7.96 -0.64 3.88
C LYS A 22 8.80 -1.86 4.21
N LEU A 23 9.18 -2.62 3.17
CA LEU A 23 10.00 -3.81 3.35
C LEU A 23 11.44 -3.44 3.68
N SER A 24 11.92 -2.35 3.08
CA SER A 24 13.28 -1.90 3.30
C SER A 24 13.41 -1.18 4.65
N GLN A 25 12.33 -0.54 5.08
CA GLN A 25 12.33 0.17 6.35
C GLN A 25 12.34 -0.80 7.52
N ARG A 26 11.79 -1.98 7.32
CA ARG A 26 11.75 -2.99 8.37
C ARG A 26 13.02 -3.83 8.39
N GLY A 27 13.86 -3.68 7.36
CA GLY A 27 15.09 -4.43 7.29
C GLY A 27 15.02 -5.58 6.29
N TYR A 28 14.03 -5.55 5.41
CA TYR A 28 13.86 -6.59 4.41
C TYR A 28 14.20 -6.06 3.01
N GLU A 29 14.82 -6.90 2.20
CA GLU A 29 15.19 -6.52 0.85
C GLU A 29 14.39 -7.30 -0.18
N TRP A 30 13.19 -6.80 -0.50
CA TRP A 30 12.33 -7.45 -1.48
C TRP A 30 12.79 -7.14 -2.89
N ASP A 31 12.93 -8.18 -3.71
CA ASP A 31 13.37 -8.01 -5.08
C ASP A 31 12.22 -8.32 -6.04
N ALA A 32 11.36 -7.34 -6.27
CA ALA A 32 10.22 -7.50 -7.16
C ALA A 32 10.63 -7.28 -8.62
N GLY A 33 11.79 -7.82 -8.99
CA GLY A 33 12.27 -7.66 -10.35
C GLY A 33 12.81 -6.27 -10.65
N ASP A 34 12.86 -5.42 -9.62
CA ASP A 34 13.36 -4.07 -9.78
C ASP A 34 14.49 -3.78 -8.80
N ASP A 35 15.73 -3.78 -9.31
CA ASP A 35 16.89 -3.52 -8.47
C ASP A 35 17.08 -2.02 -8.26
N VAL A 36 17.86 -1.67 -7.24
CA VAL A 36 18.12 -0.27 -6.92
C VAL A 36 19.60 -0.03 -6.66
N GLU A 37 20.36 0.09 -7.74
CA GLU A 37 21.80 0.31 -7.63
C GLU A 37 22.13 1.80 -7.70
N GLU A 38 21.30 2.63 -7.07
CA GLU A 38 21.50 4.07 -7.06
C GLU A 38 21.57 4.63 -8.48
N ASN A 39 20.44 5.08 -8.98
CA ASN A 39 20.36 5.63 -10.34
C ASN A 39 18.99 6.23 -10.62
N ARG A 40 18.76 7.44 -10.12
CA ARG A 40 17.48 8.12 -10.31
C ARG A 40 17.63 9.28 -11.29
N THR A 41 17.84 8.96 -12.56
CA THR A 41 18.00 9.97 -13.59
C THR A 41 16.77 10.88 -13.67
N GLU A 42 16.64 11.60 -14.77
CA GLU A 42 15.51 12.50 -14.97
C GLU A 42 15.50 13.60 -13.91
N ALA A 43 16.20 14.70 -14.21
CA ALA A 43 16.27 15.83 -13.28
C ALA A 43 14.88 16.25 -12.81
N PRO A 44 14.81 17.12 -11.79
CA PRO A 44 13.52 17.60 -11.25
C PRO A 44 12.72 18.37 -12.28
N GLU A 45 12.05 17.63 -13.17
CA GLU A 45 11.23 18.23 -14.21
C GLU A 45 9.98 17.39 -14.46
N GLY A 46 9.50 16.74 -13.42
CA GLY A 46 8.32 15.90 -13.54
C GLY A 46 8.39 14.67 -12.65
N THR A 47 7.79 14.76 -11.47
CA THR A 47 7.80 13.65 -10.53
C THR A 47 6.42 13.47 -9.90
N GLU A 48 5.39 13.93 -10.59
CA GLU A 48 4.02 13.81 -10.10
C GLU A 48 3.71 12.37 -9.72
N SER A 49 4.14 11.44 -10.57
CA SER A 49 3.93 10.03 -10.31
C SER A 49 4.81 9.54 -9.16
N GLU A 50 5.92 10.24 -8.94
CA GLU A 50 6.84 9.89 -7.86
C GLU A 50 6.25 10.27 -6.51
N VAL A 51 5.48 11.36 -6.49
CA VAL A 51 4.85 11.83 -5.27
C VAL A 51 3.82 10.83 -4.76
N VAL A 52 2.99 10.32 -5.68
CA VAL A 52 1.96 9.36 -5.32
C VAL A 52 2.56 8.19 -4.54
N HIS A 53 3.81 7.86 -4.85
CA HIS A 53 4.50 6.76 -4.17
C HIS A 53 5.16 7.25 -2.89
N LEU A 54 5.56 8.52 -2.87
CA LEU A 54 6.20 9.11 -1.70
C LEU A 54 5.17 9.53 -0.66
N THR A 55 4.28 10.44 -1.05
CA THR A 55 3.24 10.93 -0.14
C THR A 55 2.41 9.78 0.41
N LEU A 56 2.20 8.76 -0.42
CA LEU A 56 1.42 7.60 -0.01
C LEU A 56 2.21 6.75 0.98
N ARG A 57 3.48 6.51 0.67
CA ARG A 57 4.34 5.72 1.55
C ARG A 57 4.48 6.40 2.91
N GLN A 58 4.53 7.73 2.90
CA GLN A 58 4.67 8.50 4.13
C GLN A 58 3.34 8.54 4.88
N ALA A 59 2.24 8.51 4.14
CA ALA A 59 0.91 8.55 4.74
C ALA A 59 0.69 7.32 5.60
N GLY A 60 1.07 6.16 5.09
CA GLY A 60 0.90 4.92 5.83
C GLY A 60 1.95 4.76 6.91
N ASP A 61 3.18 5.13 6.61
CA ASP A 61 4.28 5.01 7.56
C ASP A 61 4.02 5.91 8.77
N ASP A 62 3.53 7.11 8.52
CA ASP A 62 3.24 8.06 9.60
C ASP A 62 2.20 7.49 10.55
N PHE A 63 1.13 6.93 9.99
CA PHE A 63 0.06 6.34 10.79
C PHE A 63 0.59 5.18 11.62
N SER A 64 1.55 4.45 11.07
CA SER A 64 2.15 3.31 11.76
C SER A 64 3.00 3.79 12.94
N ARG A 65 3.85 4.77 12.69
CA ARG A 65 4.73 5.31 13.72
C ARG A 65 3.91 5.86 14.90
N ARG A 66 2.68 6.27 14.62
CA ARG A 66 1.81 6.81 15.66
C ARG A 66 1.26 5.71 16.55
N TYR A 67 1.06 4.53 15.98
CA TYR A 67 0.54 3.39 16.73
C TYR A 67 1.26 2.10 16.35
N ARG A 68 2.59 2.15 16.35
CA ARG A 68 3.40 0.99 16.01
C ARG A 68 3.12 -0.17 16.96
N ARG A 69 2.61 0.13 18.15
CA ARG A 69 2.29 -0.89 19.12
C ARG A 69 1.06 -1.68 18.67
N ASP A 70 -0.01 -0.98 18.31
CA ASP A 70 -1.23 -1.61 17.86
C ASP A 70 -0.95 -2.50 16.66
N PHE A 71 0.03 -2.10 15.86
CA PHE A 71 0.41 -2.85 14.67
C PHE A 71 1.17 -4.12 15.07
N ALA A 72 2.27 -3.94 15.79
CA ALA A 72 3.07 -5.07 16.23
C ALA A 72 2.23 -6.06 17.02
N GLU A 73 1.21 -5.53 17.70
CA GLU A 73 0.31 -6.36 18.50
C GLU A 73 -0.41 -7.36 17.62
N MET A 74 -0.96 -6.88 16.50
CA MET A 74 -1.68 -7.74 15.58
C MET A 74 -0.71 -8.46 14.63
N SER A 75 0.35 -7.76 14.23
CA SER A 75 1.34 -8.33 13.33
C SER A 75 2.11 -9.46 14.00
N SER A 76 2.57 -9.22 15.22
CA SER A 76 3.32 -10.22 15.98
C SER A 76 2.48 -11.48 16.19
N GLN A 77 1.26 -11.28 16.66
CA GLN A 77 0.35 -12.40 16.92
C GLN A 77 -0.29 -12.90 15.63
N LEU A 78 -0.20 -12.10 14.57
CA LEU A 78 -0.77 -12.47 13.28
C LEU A 78 -0.25 -13.82 12.81
N HIS A 79 -1.17 -14.74 12.54
CA HIS A 79 -0.81 -16.07 12.07
C HIS A 79 -0.82 -16.09 10.54
N LEU A 80 0.35 -15.99 9.94
CA LEU A 80 0.46 -15.99 8.48
C LEU A 80 0.57 -17.40 7.93
N THR A 81 -0.25 -17.69 6.93
CA THR A 81 -0.26 -19.01 6.30
C THR A 81 -0.71 -18.91 4.84
N PRO A 82 0.24 -18.99 3.88
CA PRO A 82 -0.07 -18.92 2.46
C PRO A 82 -1.29 -19.77 2.07
N PHE A 83 -1.52 -20.83 2.83
CA PHE A 83 -2.63 -21.74 2.57
C PHE A 83 -3.96 -20.98 2.52
N THR A 84 -4.26 -20.26 3.61
CA THR A 84 -5.52 -19.50 3.69
C THR A 84 -5.26 -18.04 4.02
N ALA A 85 -4.02 -17.59 3.83
CA ALA A 85 -3.66 -16.21 4.12
C ALA A 85 -4.46 -15.25 3.25
N ARG A 86 -4.78 -15.68 2.03
CA ARG A 86 -5.54 -14.86 1.11
C ARG A 86 -6.96 -14.62 1.63
N GLY A 87 -7.48 -15.59 2.38
CA GLY A 87 -8.81 -15.47 2.93
C GLY A 87 -8.90 -14.44 4.04
N ARG A 88 -7.87 -14.39 4.88
CA ARG A 88 -7.83 -13.44 5.99
C ARG A 88 -7.60 -12.01 5.47
N PHE A 89 -6.85 -11.90 4.38
CA PHE A 89 -6.55 -10.61 3.79
C PHE A 89 -7.83 -9.92 3.33
N ALA A 90 -8.74 -10.71 2.75
CA ALA A 90 -10.01 -10.18 2.27
C ALA A 90 -10.86 -9.67 3.44
N THR A 91 -10.80 -10.37 4.55
CA THR A 91 -11.56 -9.98 5.74
C THR A 91 -11.16 -8.59 6.20
N VAL A 92 -9.86 -8.34 6.21
CA VAL A 92 -9.33 -7.04 6.62
C VAL A 92 -9.67 -5.97 5.60
N VAL A 93 -9.69 -6.37 4.34
CA VAL A 93 -10.00 -5.46 3.23
C VAL A 93 -11.49 -5.14 3.18
N GLU A 94 -12.30 -6.19 3.06
CA GLU A 94 -13.76 -6.02 2.98
C GLU A 94 -14.27 -5.14 4.12
N GLU A 95 -13.60 -5.20 5.26
CA GLU A 95 -14.00 -4.39 6.40
C GLU A 95 -13.55 -2.95 6.20
N LEU A 96 -12.42 -2.80 5.50
CA LEU A 96 -11.87 -1.47 5.21
C LEU A 96 -12.80 -0.67 4.32
N PHE A 97 -13.44 -1.35 3.37
CA PHE A 97 -14.35 -0.68 2.44
C PHE A 97 -15.79 -1.11 2.67
N ARG A 98 -16.06 -1.76 3.79
CA ARG A 98 -17.41 -2.21 4.10
C ARG A 98 -18.29 -1.03 4.50
N ASP A 99 -17.71 -0.08 5.23
CA ASP A 99 -18.43 1.10 5.68
C ASP A 99 -18.19 2.29 4.74
N GLY A 100 -17.77 1.99 3.51
CA GLY A 100 -17.52 3.04 2.55
C GLY A 100 -16.03 3.26 2.32
N VAL A 101 -15.67 3.61 1.09
CA VAL A 101 -14.27 3.85 0.74
C VAL A 101 -13.86 5.28 1.05
N ASN A 102 -12.63 5.46 1.49
CA ASN A 102 -12.09 6.77 1.81
C ASN A 102 -10.57 6.77 1.72
N TRP A 103 -10.00 7.92 1.37
CA TRP A 103 -8.55 8.04 1.25
C TRP A 103 -7.84 7.41 2.44
N GLY A 104 -8.34 7.70 3.64
CA GLY A 104 -7.74 7.13 4.84
C GLY A 104 -7.85 5.63 4.85
N ARG A 105 -9.04 5.12 4.57
CA ARG A 105 -9.26 3.68 4.53
C ARG A 105 -8.33 3.03 3.52
N ILE A 106 -8.22 3.65 2.35
CA ILE A 106 -7.34 3.15 1.30
C ILE A 106 -5.91 3.00 1.83
N VAL A 107 -5.56 3.83 2.80
CA VAL A 107 -4.23 3.78 3.40
C VAL A 107 -4.05 2.49 4.18
N ALA A 108 -5.12 2.03 4.84
CA ALA A 108 -5.06 0.80 5.61
C ALA A 108 -4.80 -0.38 4.69
N PHE A 109 -5.36 -0.32 3.49
CA PHE A 109 -5.19 -1.38 2.51
C PHE A 109 -3.73 -1.51 2.10
N PHE A 110 -3.07 -0.37 1.91
CA PHE A 110 -1.66 -0.36 1.53
C PHE A 110 -0.78 -0.68 2.73
N GLU A 111 -1.14 -0.12 3.88
CA GLU A 111 -0.39 -0.35 5.11
C GLU A 111 -0.55 -1.80 5.55
N PHE A 112 -1.76 -2.33 5.37
CA PHE A 112 -2.06 -3.71 5.73
C PHE A 112 -1.21 -4.67 4.94
N GLY A 113 -1.29 -4.56 3.61
CA GLY A 113 -0.51 -5.44 2.75
C GLY A 113 0.96 -5.42 3.08
N GLY A 114 1.45 -4.28 3.55
CA GLY A 114 2.85 -4.17 3.92
C GLY A 114 3.18 -5.04 5.12
N VAL A 115 2.24 -5.13 6.05
CA VAL A 115 2.43 -5.94 7.24
C VAL A 115 2.59 -7.41 6.88
N MET A 116 1.71 -7.90 6.02
CA MET A 116 1.75 -9.29 5.57
C MET A 116 3.14 -9.64 5.05
N CYS A 117 3.70 -8.74 4.24
CA CYS A 117 5.03 -8.94 3.67
C CYS A 117 6.08 -9.02 4.77
N VAL A 118 6.02 -8.09 5.71
CA VAL A 118 6.97 -8.07 6.81
C VAL A 118 6.74 -9.23 7.77
N GLU A 119 5.49 -9.66 7.87
CA GLU A 119 5.12 -10.76 8.74
C GLU A 119 5.50 -12.10 8.12
N SER A 120 5.43 -12.17 6.80
CA SER A 120 5.76 -13.40 6.08
C SER A 120 7.26 -13.69 6.18
N VAL A 121 8.06 -12.64 6.06
CA VAL A 121 9.51 -12.77 6.14
C VAL A 121 9.94 -13.35 7.48
N ASN A 122 9.22 -12.96 8.54
CA ASN A 122 9.53 -13.44 9.88
C ASN A 122 9.38 -14.96 9.96
N ARG A 123 8.30 -15.47 9.41
CA ARG A 123 8.03 -16.90 9.42
C ARG A 123 8.71 -17.62 8.25
N GLU A 124 9.71 -16.97 7.64
CA GLU A 124 10.42 -17.55 6.52
C GLU A 124 9.50 -17.81 5.34
N MET A 125 8.68 -16.81 5.01
CA MET A 125 7.74 -16.94 3.89
C MET A 125 7.85 -15.73 2.98
N SER A 126 9.08 -15.38 2.62
CA SER A 126 9.33 -14.24 1.73
C SER A 126 8.42 -14.26 0.50
N PRO A 127 8.33 -15.41 -0.19
CA PRO A 127 7.49 -15.55 -1.39
C PRO A 127 6.13 -14.87 -1.25
N LEU A 128 5.63 -14.81 -0.02
CA LEU A 128 4.34 -14.18 0.24
C LEU A 128 4.37 -12.70 -0.13
N VAL A 129 5.52 -12.06 0.09
CA VAL A 129 5.68 -10.65 -0.23
C VAL A 129 5.26 -10.35 -1.67
N ASP A 130 5.49 -11.33 -2.55
CA ASP A 130 5.13 -11.18 -3.96
C ASP A 130 3.65 -11.48 -4.18
N ASN A 131 3.10 -12.36 -3.34
CA ASN A 131 1.70 -12.73 -3.44
C ASN A 131 0.81 -11.67 -2.83
N ILE A 132 1.24 -11.11 -1.70
CA ILE A 132 0.47 -10.07 -1.02
C ILE A 132 0.35 -8.82 -1.90
N ALA A 133 1.49 -8.34 -2.38
CA ALA A 133 1.50 -7.15 -3.23
C ALA A 133 0.64 -7.36 -4.46
N LEU A 134 0.72 -8.54 -5.05
CA LEU A 134 -0.07 -8.87 -6.24
C LEU A 134 -1.55 -8.72 -5.96
N TRP A 135 -1.98 -9.18 -4.79
CA TRP A 135 -3.38 -9.08 -4.39
C TRP A 135 -3.83 -7.62 -4.30
N MET A 136 -2.97 -6.78 -3.75
CA MET A 136 -3.29 -5.37 -3.61
C MET A 136 -3.44 -4.73 -4.98
N THR A 137 -2.55 -5.08 -5.89
CA THR A 137 -2.57 -4.55 -7.23
C THR A 137 -3.90 -4.86 -7.91
N GLU A 138 -4.34 -6.11 -7.78
CA GLU A 138 -5.59 -6.56 -8.38
C GLU A 138 -6.78 -5.87 -7.72
N TYR A 139 -6.83 -5.89 -6.39
CA TYR A 139 -7.92 -5.27 -5.66
C TYR A 139 -8.03 -3.79 -5.99
N LEU A 140 -6.90 -3.09 -5.94
CA LEU A 140 -6.87 -1.65 -6.23
C LEU A 140 -7.52 -1.35 -7.57
N ASN A 141 -7.27 -2.20 -8.56
CA ASN A 141 -7.82 -2.02 -9.90
C ASN A 141 -9.21 -2.63 -10.02
N ARG A 142 -9.59 -3.47 -9.06
CA ARG A 142 -10.89 -4.13 -9.09
C ARG A 142 -11.99 -3.24 -8.52
N HIS A 143 -11.82 -2.79 -7.28
CA HIS A 143 -12.83 -1.95 -6.63
C HIS A 143 -12.35 -0.52 -6.40
N LEU A 144 -11.10 -0.37 -5.96
CA LEU A 144 -10.54 0.95 -5.68
C LEU A 144 -10.15 1.68 -6.97
N HIS A 145 -10.35 1.04 -8.11
CA HIS A 145 -10.01 1.66 -9.39
C HIS A 145 -10.97 2.80 -9.72
N THR A 146 -12.26 2.50 -9.71
CA THR A 146 -13.28 3.49 -10.03
C THR A 146 -13.37 4.56 -8.94
N TRP A 147 -13.67 4.13 -7.72
CA TRP A 147 -13.79 5.06 -6.58
C TRP A 147 -12.67 6.09 -6.57
N ILE A 148 -11.42 5.62 -6.62
CA ILE A 148 -10.27 6.52 -6.61
C ILE A 148 -10.34 7.51 -7.76
N GLN A 149 -10.84 7.06 -8.91
CA GLN A 149 -10.97 7.91 -10.08
C GLN A 149 -12.01 9.01 -9.85
N ASP A 150 -13.00 8.71 -9.01
CA ASP A 150 -14.04 9.66 -8.71
C ASP A 150 -13.63 10.62 -7.59
N ASN A 151 -12.58 10.26 -6.86
CA ASN A 151 -12.08 11.09 -5.77
C ASN A 151 -10.86 11.88 -6.21
N GLY A 152 -10.82 12.23 -7.48
CA GLY A 152 -9.70 12.99 -8.01
C GLY A 152 -8.43 12.14 -8.14
N GLY A 153 -8.59 10.82 -8.05
CA GLY A 153 -7.44 9.94 -8.16
C GLY A 153 -6.35 10.26 -7.15
N TRP A 154 -5.16 9.70 -7.37
CA TRP A 154 -4.04 9.94 -6.48
C TRP A 154 -3.73 11.43 -6.36
N ASP A 155 -4.09 12.18 -7.40
CA ASP A 155 -3.85 13.63 -7.40
C ASP A 155 -4.49 14.28 -6.19
N ALA A 156 -5.72 13.87 -5.88
CA ALA A 156 -6.44 14.42 -4.74
C ALA A 156 -5.81 13.95 -3.44
N PHE A 157 -5.44 12.67 -3.38
CA PHE A 157 -4.82 12.10 -2.19
C PHE A 157 -3.52 12.83 -1.87
N VAL A 158 -2.69 13.03 -2.89
CA VAL A 158 -1.42 13.71 -2.72
C VAL A 158 -1.62 15.09 -2.08
N GLU A 159 -2.70 15.75 -2.46
CA GLU A 159 -3.02 17.07 -1.92
C GLU A 159 -3.45 16.96 -0.46
N LEU A 160 -4.17 15.89 -0.14
CA LEU A 160 -4.65 15.67 1.22
C LEU A 160 -3.53 15.17 2.13
N TYR A 161 -2.62 14.38 1.57
CA TYR A 161 -1.50 13.83 2.34
C TYR A 161 -0.18 14.49 1.96
N GLY A 162 -0.25 15.62 1.26
CA GLY A 162 0.95 16.33 0.86
C GLY A 162 1.85 16.67 2.03
N PRO A 163 3.03 17.26 1.79
CA PRO A 163 3.96 17.63 2.84
C PRO A 163 3.45 18.78 3.71
N SER A 164 2.77 19.73 3.07
CA SER A 164 2.23 20.88 3.78
C SER A 164 0.98 20.51 4.56
N MET A 165 0.24 19.51 4.05
CA MET A 165 -0.98 19.06 4.70
C MET A 165 -0.69 18.55 6.11
N ARG A 166 -1.08 19.33 7.11
CA ARG A 166 -0.87 18.96 8.50
C ARG A 166 -1.68 17.71 8.86
N PRO A 167 -1.39 17.08 10.02
CA PRO A 167 -2.10 15.89 10.47
C PRO A 167 -3.62 16.10 10.51
N LEU A 168 -4.28 15.75 9.41
CA LEU A 168 -5.72 15.90 9.31
C LEU A 168 -6.44 14.68 9.86
N PHE A 169 -7.75 14.61 9.62
CA PHE A 169 -8.57 13.49 10.10
C PHE A 169 -7.88 12.14 9.81
N ASP A 170 -8.11 11.18 10.70
CA ASP A 170 -7.52 9.85 10.55
C ASP A 170 -8.58 8.83 10.20
N PHE A 171 -8.14 7.68 9.68
CA PHE A 171 -9.06 6.62 9.28
C PHE A 171 -9.37 5.71 10.48
N SER A 172 -10.54 5.09 10.46
CA SER A 172 -10.95 4.19 11.53
C SER A 172 -10.21 2.86 11.42
N TRP A 173 -9.40 2.55 12.43
CA TRP A 173 -8.63 1.32 12.44
C TRP A 173 -9.52 0.11 12.17
N LEU A 174 -8.96 -0.88 11.47
CA LEU A 174 -9.71 -2.10 11.14
C LEU A 174 -9.54 -3.14 12.24
N SER A 175 -10.28 -2.97 13.33
CA SER A 175 -10.22 -3.90 14.45
C SER A 175 -10.77 -5.26 14.07
N LEU A 176 -9.87 -6.22 13.89
CA LEU A 176 -10.26 -7.58 13.52
C LEU A 176 -9.72 -8.59 14.52
N LYS A 177 -10.54 -9.58 14.86
CA LYS A 177 -10.14 -10.62 15.80
C LYS A 177 -10.30 -12.00 15.18
N MET A 1 -16.03 5.63 -26.33
CA MET A 1 -15.42 4.92 -25.17
C MET A 1 -16.46 4.11 -24.41
N ALA A 2 -16.47 2.80 -24.63
CA ALA A 2 -17.41 1.92 -23.96
C ALA A 2 -16.86 1.42 -22.63
N HIS A 3 -15.54 1.27 -22.56
CA HIS A 3 -14.88 0.80 -21.35
C HIS A 3 -13.46 1.35 -21.25
N ALA A 4 -12.95 1.43 -20.02
CA ALA A 4 -11.60 1.94 -19.79
C ALA A 4 -10.62 0.79 -19.57
N GLY A 5 -9.33 1.11 -19.65
CA GLY A 5 -8.31 0.09 -19.44
C GLY A 5 -7.02 0.67 -18.92
N ARG A 6 -6.58 1.79 -19.52
CA ARG A 6 -5.34 2.43 -19.11
C ARG A 6 -5.62 3.84 -18.57
N THR A 7 -6.58 3.94 -17.66
CA THR A 7 -6.95 5.22 -17.07
C THR A 7 -7.12 5.10 -15.57
N GLY A 8 -6.08 5.49 -14.83
CA GLY A 8 -6.12 5.42 -13.37
C GLY A 8 -4.79 5.04 -12.76
N TYR A 9 -3.75 5.79 -13.11
CA TYR A 9 -2.41 5.54 -12.59
C TYR A 9 -2.04 4.06 -12.69
N ASP A 10 -0.92 3.70 -12.09
CA ASP A 10 -0.45 2.32 -12.11
C ASP A 10 -0.57 1.70 -10.72
N ASN A 11 -1.78 1.26 -10.38
CA ASN A 11 -2.04 0.64 -9.08
C ASN A 11 -0.97 -0.39 -8.74
N ARG A 12 -0.40 -1.02 -9.77
CA ARG A 12 0.64 -2.02 -9.57
C ARG A 12 1.90 -1.37 -9.03
N GLU A 13 2.45 -0.42 -9.78
CA GLU A 13 3.67 0.27 -9.38
C GLU A 13 3.49 0.95 -8.03
N ILE A 14 2.31 1.51 -7.81
CA ILE A 14 2.02 2.18 -6.54
C ILE A 14 2.18 1.23 -5.37
N VAL A 15 1.89 -0.05 -5.60
CA VAL A 15 2.02 -1.06 -4.56
C VAL A 15 3.47 -1.48 -4.38
N MET A 16 4.09 -1.96 -5.46
CA MET A 16 5.48 -2.41 -5.42
C MET A 16 6.35 -1.42 -4.67
N LYS A 17 6.00 -0.14 -4.72
CA LYS A 17 6.75 0.90 -4.04
C LYS A 17 6.41 0.94 -2.55
N TYR A 18 5.11 0.93 -2.25
CA TYR A 18 4.65 0.96 -0.87
C TYR A 18 5.22 -0.21 -0.08
N ILE A 19 5.12 -1.41 -0.66
CA ILE A 19 5.63 -2.61 -0.01
C ILE A 19 7.15 -2.54 0.16
N HIS A 20 7.82 -2.01 -0.85
CA HIS A 20 9.28 -1.88 -0.81
C HIS A 20 9.73 -1.02 0.37
N TYR A 21 9.16 0.17 0.47
CA TYR A 21 9.51 1.09 1.55
C TYR A 21 9.24 0.46 2.92
N LYS A 22 8.02 0.01 3.13
CA LYS A 22 7.64 -0.62 4.39
C LYS A 22 8.51 -1.84 4.68
N LEU A 23 8.98 -2.48 3.63
CA LEU A 23 9.82 -3.67 3.77
C LEU A 23 11.25 -3.27 4.17
N SER A 24 11.71 -2.14 3.65
CA SER A 24 13.05 -1.65 3.95
C SER A 24 13.11 -1.07 5.36
N GLN A 25 11.99 -0.51 5.81
CA GLN A 25 11.92 0.08 7.14
C GLN A 25 12.12 -0.97 8.22
N ARG A 26 11.67 -2.19 7.94
CA ARG A 26 11.79 -3.29 8.89
C ARG A 26 13.14 -4.01 8.73
N GLY A 27 13.84 -3.73 7.64
CA GLY A 27 15.12 -4.35 7.40
C GLY A 27 15.05 -5.45 6.34
N TYR A 28 14.05 -5.36 5.47
CA TYR A 28 13.87 -6.35 4.41
C TYR A 28 14.15 -5.72 3.04
N GLU A 29 14.83 -6.48 2.19
CA GLU A 29 15.16 -6.00 0.84
C GLU A 29 14.35 -6.74 -0.21
N TRP A 30 13.12 -6.27 -0.46
CA TRP A 30 12.25 -6.89 -1.45
C TRP A 30 12.63 -6.47 -2.86
N ASP A 31 12.83 -7.45 -3.74
CA ASP A 31 13.19 -7.18 -5.12
C ASP A 31 12.04 -7.52 -6.07
N ALA A 32 10.83 -7.26 -5.61
CA ALA A 32 9.62 -7.52 -6.38
C ALA A 32 9.69 -8.87 -7.08
N GLY A 33 10.34 -9.83 -6.44
CA GLY A 33 10.46 -11.15 -7.01
C GLY A 33 11.49 -11.22 -8.13
N ASP A 34 11.42 -10.26 -9.06
CA ASP A 34 12.34 -10.22 -10.19
C ASP A 34 13.14 -8.92 -10.18
N ASP A 35 14.35 -8.98 -9.65
CA ASP A 35 15.23 -7.82 -9.59
C ASP A 35 15.40 -7.19 -10.97
N VAL A 36 15.41 -5.86 -11.01
CA VAL A 36 15.57 -5.15 -12.28
C VAL A 36 16.93 -4.46 -12.35
N GLU A 37 17.98 -5.26 -12.42
CA GLU A 37 19.34 -4.73 -12.50
C GLU A 37 19.64 -4.19 -13.90
N GLU A 38 19.47 -2.88 -14.08
CA GLU A 38 19.73 -2.25 -15.36
C GLU A 38 18.81 -2.82 -16.44
N ASN A 39 17.85 -2.01 -16.87
CA ASN A 39 16.90 -2.44 -17.91
C ASN A 39 16.37 -1.24 -18.68
N ARG A 40 15.60 -0.40 -18.01
CA ARG A 40 15.03 0.78 -18.63
C ARG A 40 15.07 1.97 -17.69
N THR A 41 16.16 2.10 -16.94
CA THR A 41 16.32 3.19 -15.99
C THR A 41 16.51 4.52 -16.71
N GLU A 42 16.74 5.58 -15.94
CA GLU A 42 16.94 6.91 -16.49
C GLU A 42 15.74 7.32 -17.35
N ALA A 43 14.56 6.93 -16.92
CA ALA A 43 13.33 7.27 -17.63
C ALA A 43 12.48 8.26 -16.85
N PRO A 44 11.76 9.17 -17.55
CA PRO A 44 10.91 10.17 -16.91
C PRO A 44 9.73 9.53 -16.17
N GLU A 45 10.02 8.82 -15.10
CA GLU A 45 8.99 8.16 -14.30
C GLU A 45 9.30 8.25 -12.82
N GLY A 46 9.83 9.39 -12.39
CA GLY A 46 10.17 9.58 -11.00
C GLY A 46 9.82 10.97 -10.49
N THR A 47 8.80 11.57 -11.10
CA THR A 47 8.37 12.92 -10.71
C THR A 47 6.99 12.86 -10.06
N GLU A 48 5.95 12.73 -10.89
CA GLU A 48 4.58 12.67 -10.40
C GLU A 48 4.27 11.30 -9.81
N SER A 49 4.61 10.25 -10.56
CA SER A 49 4.36 8.88 -10.12
C SER A 49 5.07 8.60 -8.81
N GLU A 50 6.25 9.20 -8.63
CA GLU A 50 7.03 9.02 -7.41
C GLU A 50 6.32 9.66 -6.22
N VAL A 51 5.60 10.74 -6.47
CA VAL A 51 4.88 11.44 -5.41
C VAL A 51 3.72 10.59 -4.88
N VAL A 52 2.95 10.01 -5.79
CA VAL A 52 1.83 9.18 -5.41
C VAL A 52 2.27 8.05 -4.47
N HIS A 53 3.50 7.59 -4.67
CA HIS A 53 4.06 6.53 -3.83
C HIS A 53 4.69 7.09 -2.58
N LEU A 54 5.40 8.22 -2.72
CA LEU A 54 6.06 8.86 -1.60
C LEU A 54 5.03 9.44 -0.62
N THR A 55 4.03 10.14 -1.16
CA THR A 55 3.00 10.73 -0.34
C THR A 55 2.11 9.66 0.27
N LEU A 56 1.92 8.57 -0.47
CA LEU A 56 1.09 7.47 -0.01
C LEU A 56 1.79 6.69 1.10
N ARG A 57 3.04 6.33 0.85
CA ARG A 57 3.82 5.58 1.83
C ARG A 57 4.08 6.43 3.08
N GLN A 58 4.13 7.74 2.90
CA GLN A 58 4.35 8.66 4.01
C GLN A 58 3.08 8.85 4.81
N ALA A 59 1.94 8.83 4.13
CA ALA A 59 0.65 9.00 4.79
C ALA A 59 0.40 7.89 5.79
N GLY A 60 0.51 6.64 5.32
CA GLY A 60 0.29 5.51 6.20
C GLY A 60 1.35 5.39 7.27
N ASP A 61 2.57 5.83 6.95
CA ASP A 61 3.68 5.78 7.89
C ASP A 61 3.38 6.62 9.12
N ASP A 62 2.90 7.85 8.91
CA ASP A 62 2.58 8.75 10.00
C ASP A 62 1.54 8.13 10.93
N PHE A 63 0.52 7.52 10.34
CA PHE A 63 -0.55 6.88 11.11
C PHE A 63 -0.05 5.60 11.78
N SER A 64 0.94 4.97 11.15
CA SER A 64 1.51 3.73 11.68
C SER A 64 2.32 4.00 12.94
N ARG A 65 3.29 4.90 12.82
CA ARG A 65 4.15 5.23 13.95
C ARG A 65 3.32 5.72 15.15
N ARG A 66 2.17 6.31 14.86
CA ARG A 66 1.29 6.82 15.91
C ARG A 66 0.80 5.67 16.80
N TYR A 67 0.65 4.48 16.22
CA TYR A 67 0.19 3.32 16.97
C TYR A 67 1.00 2.08 16.61
N ARG A 68 2.32 2.20 16.66
CA ARG A 68 3.21 1.10 16.35
C ARG A 68 2.83 -0.13 17.16
N ARG A 69 2.61 0.09 18.44
CA ARG A 69 2.25 -0.99 19.36
C ARG A 69 1.02 -1.74 18.85
N ASP A 70 0.02 -0.99 18.40
CA ASP A 70 -1.20 -1.58 17.87
C ASP A 70 -0.88 -2.46 16.67
N PHE A 71 0.14 -2.06 15.91
CA PHE A 71 0.56 -2.80 14.74
C PHE A 71 1.30 -4.07 15.13
N ALA A 72 2.36 -3.90 15.92
CA ALA A 72 3.16 -5.04 16.36
C ALA A 72 2.28 -6.03 17.13
N GLU A 73 1.26 -5.51 17.80
CA GLU A 73 0.35 -6.34 18.56
C GLU A 73 -0.37 -7.32 17.64
N MET A 74 -0.88 -6.82 16.53
CA MET A 74 -1.59 -7.67 15.58
C MET A 74 -0.62 -8.37 14.63
N SER A 75 0.44 -7.66 14.24
CA SER A 75 1.44 -8.22 13.34
C SER A 75 2.21 -9.35 14.00
N SER A 76 2.69 -9.13 15.22
CA SER A 76 3.44 -10.13 15.95
C SER A 76 2.60 -11.40 16.16
N GLN A 77 1.38 -11.22 16.64
CA GLN A 77 0.48 -12.34 16.89
C GLN A 77 -0.17 -12.82 15.60
N LEU A 78 -0.11 -12.00 14.55
CA LEU A 78 -0.71 -12.34 13.26
C LEU A 78 -0.23 -13.70 12.77
N HIS A 79 -1.18 -14.58 12.45
CA HIS A 79 -0.85 -15.90 11.93
C HIS A 79 -0.79 -15.86 10.42
N LEU A 80 0.42 -15.78 9.88
CA LEU A 80 0.62 -15.73 8.44
C LEU A 80 0.89 -17.11 7.85
N THR A 81 0.11 -17.46 6.83
CA THR A 81 0.25 -18.76 6.17
C THR A 81 -0.19 -18.65 4.70
N PRO A 82 0.67 -19.06 3.75
CA PRO A 82 0.36 -19.00 2.32
C PRO A 82 -0.82 -19.89 1.94
N PHE A 83 -1.24 -20.76 2.87
CA PHE A 83 -2.35 -21.66 2.61
C PHE A 83 -3.70 -20.95 2.74
N THR A 84 -3.82 -20.08 3.75
CA THR A 84 -5.08 -19.37 3.97
C THR A 84 -4.84 -17.87 4.21
N ALA A 85 -3.67 -17.37 3.85
CA ALA A 85 -3.35 -15.96 4.04
C ALA A 85 -4.23 -15.07 3.16
N ARG A 86 -4.49 -15.55 1.94
CA ARG A 86 -5.31 -14.80 1.00
C ARG A 86 -6.72 -14.57 1.55
N GLY A 87 -7.25 -15.59 2.22
CA GLY A 87 -8.58 -15.48 2.80
C GLY A 87 -8.65 -14.45 3.90
N ARG A 88 -7.61 -14.38 4.72
CA ARG A 88 -7.55 -13.43 5.82
C ARG A 88 -7.34 -12.01 5.30
N PHE A 89 -6.61 -11.90 4.19
CA PHE A 89 -6.34 -10.60 3.57
C PHE A 89 -7.63 -9.94 3.13
N ALA A 90 -8.53 -10.73 2.57
CA ALA A 90 -9.82 -10.22 2.11
C ALA A 90 -10.68 -9.74 3.28
N THR A 91 -10.58 -10.45 4.40
CA THR A 91 -11.35 -10.08 5.59
C THR A 91 -10.96 -8.69 6.07
N VAL A 92 -9.66 -8.41 6.05
CA VAL A 92 -9.15 -7.11 6.48
C VAL A 92 -9.49 -6.04 5.45
N VAL A 93 -9.50 -6.43 4.18
CA VAL A 93 -9.81 -5.51 3.09
C VAL A 93 -11.29 -5.24 3.00
N GLU A 94 -12.08 -6.29 2.85
CA GLU A 94 -13.53 -6.17 2.74
C GLU A 94 -14.10 -5.35 3.90
N GLU A 95 -13.43 -5.40 5.05
CA GLU A 95 -13.87 -4.65 6.20
C GLU A 95 -13.46 -3.18 6.07
N LEU A 96 -12.32 -2.98 5.39
CA LEU A 96 -11.80 -1.64 5.16
C LEU A 96 -12.74 -0.83 4.29
N PHE A 97 -13.31 -1.47 3.26
CA PHE A 97 -14.20 -0.81 2.34
C PHE A 97 -15.65 -1.31 2.50
N ARG A 98 -15.91 -2.03 3.57
CA ARG A 98 -17.25 -2.57 3.83
C ARG A 98 -18.25 -1.43 4.03
N ASP A 99 -17.95 -0.55 4.99
CA ASP A 99 -18.82 0.59 5.29
C ASP A 99 -18.70 1.66 4.22
N GLY A 100 -17.52 1.76 3.62
CA GLY A 100 -17.29 2.76 2.58
C GLY A 100 -15.82 3.00 2.33
N VAL A 101 -15.50 3.54 1.16
CA VAL A 101 -14.12 3.83 0.80
C VAL A 101 -13.75 5.27 1.10
N ASN A 102 -12.52 5.47 1.54
CA ASN A 102 -12.02 6.80 1.86
C ASN A 102 -10.49 6.82 1.81
N TRP A 103 -9.91 7.97 1.48
CA TRP A 103 -8.46 8.10 1.40
C TRP A 103 -7.78 7.47 2.62
N GLY A 104 -8.37 7.67 3.79
CA GLY A 104 -7.81 7.10 5.00
C GLY A 104 -7.88 5.59 4.98
N ARG A 105 -9.06 5.05 4.66
CA ARG A 105 -9.24 3.61 4.58
C ARG A 105 -8.26 3.02 3.59
N ILE A 106 -8.13 3.65 2.43
CA ILE A 106 -7.21 3.20 1.40
C ILE A 106 -5.81 3.05 1.98
N VAL A 107 -5.49 3.87 2.98
CA VAL A 107 -4.19 3.82 3.62
C VAL A 107 -4.02 2.50 4.37
N ALA A 108 -5.11 2.02 4.99
CA ALA A 108 -5.07 0.76 5.71
C ALA A 108 -4.79 -0.39 4.76
N PHE A 109 -5.33 -0.27 3.54
CA PHE A 109 -5.14 -1.29 2.52
C PHE A 109 -3.68 -1.42 2.14
N PHE A 110 -3.01 -0.29 2.00
CA PHE A 110 -1.60 -0.27 1.64
C PHE A 110 -0.74 -0.68 2.83
N GLU A 111 -1.10 -0.19 4.00
CA GLU A 111 -0.37 -0.52 5.22
C GLU A 111 -0.58 -1.99 5.57
N PHE A 112 -1.76 -2.49 5.26
CA PHE A 112 -2.11 -3.88 5.52
C PHE A 112 -1.19 -4.82 4.75
N GLY A 113 -1.14 -4.64 3.43
CA GLY A 113 -0.30 -5.47 2.59
C GLY A 113 1.16 -5.43 3.01
N GLY A 114 1.60 -4.26 3.48
CA GLY A 114 2.97 -4.11 3.90
C GLY A 114 3.29 -4.96 5.11
N VAL A 115 2.32 -5.11 6.00
CA VAL A 115 2.48 -5.91 7.21
C VAL A 115 2.66 -7.38 6.87
N MET A 116 1.79 -7.89 6.00
CA MET A 116 1.86 -9.28 5.57
C MET A 116 3.25 -9.63 5.06
N CYS A 117 3.81 -8.74 4.27
CA CYS A 117 5.14 -8.93 3.70
C CYS A 117 6.18 -9.07 4.81
N VAL A 118 6.17 -8.13 5.75
CA VAL A 118 7.11 -8.16 6.87
C VAL A 118 6.93 -9.42 7.70
N GLU A 119 5.68 -9.76 7.98
CA GLU A 119 5.37 -10.96 8.77
C GLU A 119 5.77 -12.21 8.02
N SER A 120 5.62 -12.19 6.69
CA SER A 120 5.97 -13.33 5.85
C SER A 120 7.46 -13.60 5.92
N VAL A 121 8.25 -12.58 5.59
CA VAL A 121 9.70 -12.70 5.63
C VAL A 121 10.19 -13.14 7.00
N ASN A 122 9.46 -12.73 8.03
CA ASN A 122 9.81 -13.09 9.40
C ASN A 122 9.72 -14.60 9.62
N ARG A 123 8.64 -15.19 9.12
CA ARG A 123 8.43 -16.63 9.26
C ARG A 123 9.05 -17.41 8.10
N GLU A 124 9.91 -16.74 7.33
CA GLU A 124 10.57 -17.37 6.18
C GLU A 124 9.59 -17.63 5.04
N MET A 125 8.72 -16.65 4.77
CA MET A 125 7.76 -16.78 3.70
C MET A 125 7.85 -15.59 2.74
N SER A 126 9.07 -15.25 2.36
CA SER A 126 9.32 -14.13 1.46
C SER A 126 8.41 -14.18 0.23
N PRO A 127 8.31 -15.34 -0.44
CA PRO A 127 7.47 -15.51 -1.63
C PRO A 127 6.10 -14.84 -1.49
N LEU A 128 5.61 -14.75 -0.26
CA LEU A 128 4.31 -14.14 0.00
C LEU A 128 4.35 -12.65 -0.35
N VAL A 129 5.50 -12.01 -0.15
CA VAL A 129 5.66 -10.60 -0.45
C VAL A 129 5.17 -10.27 -1.85
N ASP A 130 5.34 -11.21 -2.77
CA ASP A 130 4.90 -11.02 -4.15
C ASP A 130 3.42 -11.34 -4.28
N ASN A 131 2.93 -12.25 -3.45
CA ASN A 131 1.53 -12.64 -3.47
C ASN A 131 0.66 -11.56 -2.83
N ILE A 132 1.11 -11.05 -1.69
CA ILE A 132 0.38 -10.01 -0.99
C ILE A 132 0.24 -8.76 -1.84
N ALA A 133 1.38 -8.20 -2.26
CA ALA A 133 1.38 -7.02 -3.10
C ALA A 133 0.57 -7.25 -4.38
N LEU A 134 0.58 -8.49 -4.85
CA LEU A 134 -0.15 -8.84 -6.07
C LEU A 134 -1.65 -8.67 -5.85
N TRP A 135 -2.15 -9.16 -4.72
CA TRP A 135 -3.56 -9.05 -4.39
C TRP A 135 -3.96 -7.59 -4.26
N MET A 136 -3.01 -6.76 -3.83
CA MET A 136 -3.27 -5.34 -3.65
C MET A 136 -3.53 -4.67 -5.00
N THR A 137 -2.66 -4.96 -5.97
CA THR A 137 -2.80 -4.40 -7.31
C THR A 137 -4.16 -4.77 -7.90
N GLU A 138 -4.52 -6.05 -7.78
CA GLU A 138 -5.78 -6.54 -8.31
C GLU A 138 -6.96 -5.83 -7.66
N TYR A 139 -6.94 -5.72 -6.33
CA TYR A 139 -8.01 -5.06 -5.61
C TYR A 139 -8.09 -3.59 -5.95
N LEU A 140 -6.93 -2.92 -5.91
CA LEU A 140 -6.86 -1.49 -6.23
C LEU A 140 -7.40 -1.22 -7.63
N ASN A 141 -7.10 -2.13 -8.56
CA ASN A 141 -7.53 -1.97 -9.95
C ASN A 141 -8.94 -2.52 -10.16
N ARG A 142 -9.44 -3.30 -9.21
CA ARG A 142 -10.76 -3.89 -9.33
C ARG A 142 -11.86 -3.04 -8.70
N HIS A 143 -11.76 -2.77 -7.40
CA HIS A 143 -12.77 -1.99 -6.71
C HIS A 143 -12.31 -0.56 -6.41
N LEU A 144 -11.09 -0.41 -5.92
CA LEU A 144 -10.56 0.91 -5.57
C LEU A 144 -10.14 1.69 -6.83
N HIS A 145 -10.31 1.10 -8.00
CA HIS A 145 -9.93 1.77 -9.24
C HIS A 145 -10.93 2.88 -9.58
N THR A 146 -12.21 2.54 -9.61
CA THR A 146 -13.26 3.50 -9.93
C THR A 146 -13.39 4.56 -8.84
N TRP A 147 -13.60 4.12 -7.61
CA TRP A 147 -13.76 5.04 -6.47
C TRP A 147 -12.69 6.13 -6.48
N ILE A 148 -11.43 5.71 -6.58
CA ILE A 148 -10.32 6.66 -6.60
C ILE A 148 -10.45 7.65 -7.74
N GLN A 149 -10.98 7.19 -8.88
CA GLN A 149 -11.16 8.05 -10.04
C GLN A 149 -12.16 9.16 -9.75
N ASP A 150 -13.12 8.87 -8.86
CA ASP A 150 -14.15 9.83 -8.49
C ASP A 150 -13.63 10.79 -7.42
N ASN A 151 -12.55 10.40 -6.75
CA ASN A 151 -11.97 11.23 -5.69
C ASN A 151 -10.76 11.99 -6.21
N GLY A 152 -10.80 12.35 -7.49
CA GLY A 152 -9.72 13.07 -8.11
C GLY A 152 -8.46 12.24 -8.27
N GLY A 153 -8.62 10.93 -8.23
CA GLY A 153 -7.48 10.03 -8.38
C GLY A 153 -6.38 10.31 -7.37
N TRP A 154 -5.20 9.76 -7.61
CA TRP A 154 -4.07 9.97 -6.72
C TRP A 154 -3.69 11.44 -6.66
N ASP A 155 -3.97 12.18 -7.73
CA ASP A 155 -3.65 13.59 -7.79
C ASP A 155 -4.28 14.33 -6.61
N ALA A 156 -5.50 13.94 -6.27
CA ALA A 156 -6.22 14.55 -5.16
C ALA A 156 -5.60 14.11 -3.82
N PHE A 157 -5.33 12.82 -3.70
CA PHE A 157 -4.73 12.28 -2.48
C PHE A 157 -3.39 12.95 -2.21
N VAL A 158 -2.61 13.14 -3.28
CA VAL A 158 -1.30 13.78 -3.18
C VAL A 158 -1.44 15.18 -2.58
N GLU A 159 -2.51 15.87 -2.97
CA GLU A 159 -2.77 17.21 -2.49
C GLU A 159 -3.30 17.17 -1.05
N LEU A 160 -4.08 16.14 -0.75
CA LEU A 160 -4.66 15.99 0.58
C LEU A 160 -3.63 15.44 1.57
N TYR A 161 -2.68 14.66 1.07
CA TYR A 161 -1.65 14.08 1.93
C TYR A 161 -0.26 14.52 1.49
N GLY A 162 -0.18 15.63 0.76
CA GLY A 162 1.09 16.13 0.30
C GLY A 162 2.07 16.36 1.43
N PRO A 163 3.24 16.96 1.14
CA PRO A 163 4.26 17.24 2.16
C PRO A 163 3.82 18.31 3.15
N SER A 164 3.20 19.36 2.63
CA SER A 164 2.72 20.47 3.47
C SER A 164 1.53 20.02 4.32
N MET A 165 0.74 19.10 3.78
CA MET A 165 -0.44 18.60 4.49
C MET A 165 -0.03 17.93 5.80
N ARG A 166 -0.29 18.62 6.91
CA ARG A 166 0.04 18.08 8.23
C ARG A 166 -0.90 16.94 8.61
N PRO A 167 -0.50 16.11 9.58
CA PRO A 167 -1.32 14.97 10.04
C PRO A 167 -2.74 15.40 10.41
N LEU A 168 -3.66 15.22 9.47
CA LEU A 168 -5.06 15.59 9.70
C LEU A 168 -6.00 14.66 8.94
N PHE A 169 -5.66 13.38 8.92
CA PHE A 169 -6.47 12.38 8.22
C PHE A 169 -6.35 11.02 8.90
N ASP A 170 -7.22 10.78 9.88
CA ASP A 170 -7.22 9.52 10.61
C ASP A 170 -8.33 8.61 10.11
N PHE A 171 -8.03 7.32 10.01
CA PHE A 171 -9.02 6.34 9.54
C PHE A 171 -9.39 5.37 10.66
N SER A 172 -10.61 4.87 10.62
CA SER A 172 -11.09 3.92 11.63
C SER A 172 -10.32 2.61 11.53
N TRP A 173 -9.55 2.29 12.56
CA TRP A 173 -8.76 1.06 12.58
C TRP A 173 -9.61 -0.15 12.24
N LEU A 174 -9.03 -1.08 11.48
CA LEU A 174 -9.73 -2.28 11.08
C LEU A 174 -9.63 -3.37 12.15
N SER A 175 -10.42 -3.22 13.21
CA SER A 175 -10.42 -4.17 14.31
C SER A 175 -10.89 -5.55 13.84
N LEU A 176 -9.98 -6.51 13.89
CA LEU A 176 -10.30 -7.87 13.47
C LEU A 176 -9.72 -8.89 14.46
N LYS A 177 -10.58 -9.77 14.96
CA LYS A 177 -10.16 -10.80 15.91
C LYS A 177 -9.74 -12.07 15.17
N MET A 1 -7.63 21.56 -18.34
CA MET A 1 -8.48 20.63 -19.11
C MET A 1 -7.99 19.19 -18.99
N ALA A 2 -8.60 18.29 -19.74
CA ALA A 2 -8.23 16.88 -19.72
C ALA A 2 -8.46 16.23 -21.08
N HIS A 3 -7.43 15.61 -21.63
CA HIS A 3 -7.53 14.95 -22.92
C HIS A 3 -6.54 13.80 -23.03
N ALA A 4 -6.96 12.61 -22.62
CA ALA A 4 -6.10 11.43 -22.68
C ALA A 4 -6.92 10.16 -22.50
N GLY A 5 -6.24 9.02 -22.50
CA GLY A 5 -6.92 7.74 -22.34
C GLY A 5 -7.09 7.36 -20.89
N ARG A 6 -7.03 6.06 -20.61
CA ARG A 6 -7.18 5.56 -19.25
C ARG A 6 -5.88 4.93 -18.75
N THR A 7 -4.76 5.58 -19.05
CA THR A 7 -3.46 5.08 -18.64
C THR A 7 -2.69 6.16 -17.89
N GLY A 8 -2.80 6.14 -16.56
CA GLY A 8 -2.10 7.12 -15.75
C GLY A 8 -1.32 6.48 -14.62
N TYR A 9 -1.89 6.52 -13.41
CA TYR A 9 -1.23 5.94 -12.25
C TYR A 9 -1.41 4.42 -12.22
N ASP A 10 -0.29 3.71 -12.12
CA ASP A 10 -0.32 2.25 -12.09
C ASP A 10 -0.30 1.73 -10.65
N ASN A 11 -1.42 1.17 -10.21
CA ASN A 11 -1.52 0.64 -8.86
C ASN A 11 -0.47 -0.43 -8.61
N ARG A 12 -0.10 -1.15 -9.67
CA ARG A 12 0.90 -2.21 -9.55
C ARG A 12 2.23 -1.65 -9.06
N GLU A 13 2.62 -0.49 -9.59
CA GLU A 13 3.87 0.14 -9.20
C GLU A 13 3.74 0.79 -7.81
N ILE A 14 2.61 1.43 -7.57
CA ILE A 14 2.36 2.08 -6.28
C ILE A 14 2.46 1.06 -5.15
N VAL A 15 2.08 -0.18 -5.45
CA VAL A 15 2.12 -1.25 -4.46
C VAL A 15 3.54 -1.80 -4.33
N MET A 16 4.07 -2.31 -5.44
CA MET A 16 5.41 -2.88 -5.46
C MET A 16 6.42 -1.90 -4.86
N LYS A 17 6.16 -0.60 -5.02
CA LYS A 17 7.03 0.43 -4.49
C LYS A 17 6.82 0.60 -2.99
N TYR A 18 5.55 0.57 -2.57
CA TYR A 18 5.21 0.73 -1.16
C TYR A 18 5.67 -0.49 -0.37
N ILE A 19 5.65 -1.65 -1.01
CA ILE A 19 6.07 -2.89 -0.36
C ILE A 19 7.59 -3.00 -0.32
N HIS A 20 8.24 -2.65 -1.43
CA HIS A 20 9.69 -2.71 -1.51
C HIS A 20 10.35 -1.74 -0.54
N TYR A 21 9.66 -0.63 -0.27
CA TYR A 21 10.18 0.39 0.64
C TYR A 21 10.01 -0.04 2.09
N LYS A 22 8.76 -0.22 2.51
CA LYS A 22 8.47 -0.64 3.88
C LYS A 22 9.24 -1.91 4.26
N LEU A 23 9.51 -2.74 3.26
CA LEU A 23 10.25 -3.98 3.49
C LEU A 23 11.71 -3.71 3.82
N SER A 24 12.28 -2.71 3.16
CA SER A 24 13.67 -2.34 3.40
C SER A 24 13.83 -1.62 4.73
N GLN A 25 12.80 -0.88 5.13
CA GLN A 25 12.83 -0.14 6.38
C GLN A 25 12.88 -1.09 7.57
N ARG A 26 12.27 -2.26 7.41
CA ARG A 26 12.24 -3.26 8.47
C ARG A 26 13.48 -4.16 8.42
N GLY A 27 14.23 -4.07 7.32
CA GLY A 27 15.42 -4.89 7.17
C GLY A 27 15.22 -6.06 6.24
N TYR A 28 14.22 -5.95 5.35
CA TYR A 28 13.93 -7.02 4.39
C TYR A 28 14.25 -6.57 2.98
N GLU A 29 14.83 -7.47 2.20
CA GLU A 29 15.19 -7.17 0.81
C GLU A 29 14.27 -7.90 -0.16
N TRP A 30 13.13 -7.29 -0.48
CA TRP A 30 12.16 -7.89 -1.39
C TRP A 30 12.63 -7.74 -2.84
N ASP A 31 12.40 -8.77 -3.63
CA ASP A 31 12.80 -8.76 -5.03
C ASP A 31 11.58 -9.00 -5.93
N ALA A 32 10.78 -7.95 -6.12
CA ALA A 32 9.58 -8.05 -6.94
C ALA A 32 9.93 -7.88 -8.42
N GLY A 33 10.93 -8.62 -8.88
CA GLY A 33 11.34 -8.53 -10.27
C GLY A 33 11.66 -7.11 -10.69
N ASP A 34 12.04 -6.28 -9.73
CA ASP A 34 12.37 -4.89 -10.01
C ASP A 34 13.59 -4.78 -10.93
N ASP A 35 13.36 -4.39 -12.16
CA ASP A 35 14.43 -4.25 -13.14
C ASP A 35 14.85 -2.79 -13.28
N VAL A 36 15.98 -2.45 -12.66
CA VAL A 36 16.49 -1.09 -12.73
C VAL A 36 17.89 -1.04 -13.34
N GLU A 37 17.96 -1.25 -14.66
CA GLU A 37 19.22 -1.24 -15.36
C GLU A 37 19.54 0.16 -15.89
N GLU A 38 19.45 1.15 -15.00
CA GLU A 38 19.73 2.53 -15.37
C GLU A 38 21.21 2.87 -15.15
N ASN A 39 21.90 2.04 -14.38
CA ASN A 39 23.32 2.26 -14.10
C ASN A 39 23.51 3.42 -13.13
N ARG A 40 22.65 3.48 -12.12
CA ARG A 40 22.71 4.53 -11.11
C ARG A 40 22.46 5.90 -11.73
N THR A 41 21.53 5.96 -12.67
CA THR A 41 21.18 7.21 -13.34
C THR A 41 19.77 7.64 -12.97
N GLU A 42 19.64 8.83 -12.39
CA GLU A 42 18.35 9.36 -11.99
C GLU A 42 17.81 10.33 -13.04
N ALA A 43 16.91 9.85 -13.89
CA ALA A 43 16.33 10.68 -14.93
C ALA A 43 14.86 10.98 -14.65
N PRO A 44 14.38 12.18 -15.00
CA PRO A 44 12.99 12.58 -14.77
C PRO A 44 12.01 11.69 -15.53
N GLU A 45 11.75 10.49 -14.99
CA GLU A 45 10.83 9.56 -15.62
C GLU A 45 9.55 9.43 -14.81
N GLY A 46 9.12 10.54 -14.22
CA GLY A 46 7.90 10.53 -13.42
C GLY A 46 8.01 11.40 -12.19
N THR A 47 7.68 12.68 -12.34
CA THR A 47 7.74 13.62 -11.24
C THR A 47 6.48 13.57 -10.40
N GLU A 48 5.32 13.59 -11.07
CA GLU A 48 4.04 13.54 -10.38
C GLU A 48 3.78 12.15 -9.80
N SER A 49 4.06 11.13 -10.60
CA SER A 49 3.87 9.75 -10.17
C SER A 49 4.68 9.45 -8.92
N GLU A 50 5.87 10.04 -8.83
CA GLU A 50 6.74 9.84 -7.68
C GLU A 50 6.07 10.33 -6.40
N VAL A 51 5.36 11.45 -6.50
CA VAL A 51 4.67 12.01 -5.35
C VAL A 51 3.63 11.04 -4.80
N VAL A 52 2.80 10.49 -5.68
CA VAL A 52 1.78 9.55 -5.27
C VAL A 52 2.38 8.44 -4.40
N HIS A 53 3.64 8.12 -4.66
CA HIS A 53 4.34 7.09 -3.89
C HIS A 53 4.95 7.68 -2.63
N LEU A 54 5.42 8.93 -2.73
CA LEU A 54 6.03 9.60 -1.60
C LEU A 54 4.97 10.04 -0.58
N THR A 55 4.03 10.87 -1.02
CA THR A 55 2.97 11.35 -0.16
C THR A 55 2.21 10.19 0.46
N LEU A 56 1.91 9.18 -0.36
CA LEU A 56 1.19 8.00 0.10
C LEU A 56 2.00 7.25 1.15
N ARG A 57 3.31 7.19 0.95
CA ARG A 57 4.20 6.50 1.88
C ARG A 57 4.22 7.22 3.22
N GLN A 58 4.35 8.54 3.17
CA GLN A 58 4.38 9.36 4.39
C GLN A 58 3.03 9.31 5.10
N ALA A 59 1.97 9.18 4.33
CA ALA A 59 0.63 9.12 4.88
C ALA A 59 0.46 7.92 5.80
N GLY A 60 0.87 6.75 5.31
CA GLY A 60 0.76 5.54 6.10
C GLY A 60 1.79 5.48 7.21
N ASP A 61 3.01 5.94 6.91
CA ASP A 61 4.09 5.95 7.90
C ASP A 61 3.71 6.79 9.11
N ASP A 62 3.12 7.96 8.85
CA ASP A 62 2.70 8.85 9.92
C ASP A 62 1.71 8.17 10.85
N PHE A 63 0.71 7.51 10.25
CA PHE A 63 -0.31 6.82 11.03
C PHE A 63 0.28 5.59 11.71
N SER A 64 1.28 4.99 11.08
CA SER A 64 1.93 3.79 11.63
C SER A 64 2.85 4.16 12.78
N ARG A 65 3.59 5.26 12.62
CA ARG A 65 4.51 5.72 13.64
C ARG A 65 3.77 6.15 14.91
N ARG A 66 2.60 6.76 14.72
CA ARG A 66 1.79 7.21 15.84
C ARG A 66 1.34 6.04 16.70
N TYR A 67 1.13 4.89 16.07
CA TYR A 67 0.69 3.70 16.79
C TYR A 67 1.43 2.46 16.29
N ARG A 68 2.76 2.56 16.23
CA ARG A 68 3.58 1.44 15.78
C ARG A 68 3.31 0.22 16.64
N ARG A 69 3.29 0.44 17.94
CA ARG A 69 3.03 -0.63 18.90
C ARG A 69 1.74 -1.37 18.56
N ASP A 70 0.70 -0.61 18.23
CA ASP A 70 -0.58 -1.19 17.88
C ASP A 70 -0.45 -2.10 16.67
N PHE A 71 0.50 -1.76 15.79
CA PHE A 71 0.76 -2.54 14.59
C PHE A 71 1.48 -3.84 14.95
N ALA A 72 2.52 -3.72 15.76
CA ALA A 72 3.30 -4.88 16.18
C ALA A 72 2.43 -5.88 16.92
N GLU A 73 1.45 -5.37 17.67
CA GLU A 73 0.53 -6.22 18.42
C GLU A 73 -0.30 -7.08 17.48
N MET A 74 -0.82 -6.46 16.42
CA MET A 74 -1.65 -7.18 15.45
C MET A 74 -0.76 -7.97 14.49
N SER A 75 0.39 -7.41 14.14
CA SER A 75 1.33 -8.07 13.24
C SER A 75 1.94 -9.29 13.89
N SER A 76 2.53 -9.10 15.07
CA SER A 76 3.16 -10.20 15.80
C SER A 76 2.17 -11.33 16.05
N GLN A 77 0.92 -10.95 16.35
CA GLN A 77 -0.12 -11.92 16.60
C GLN A 77 -0.76 -12.41 15.29
N LEU A 78 -0.61 -11.61 14.24
CA LEU A 78 -1.16 -11.96 12.94
C LEU A 78 -0.67 -13.33 12.48
N HIS A 79 -1.57 -14.30 12.46
CA HIS A 79 -1.23 -15.65 12.03
C HIS A 79 -1.34 -15.78 10.51
N LEU A 80 -0.21 -15.71 9.83
CA LEU A 80 -0.18 -15.80 8.38
C LEU A 80 0.02 -17.26 7.93
N THR A 81 -0.72 -17.65 6.90
CA THR A 81 -0.63 -19.00 6.36
C THR A 81 -0.93 -19.01 4.87
N PRO A 82 -0.07 -19.66 4.05
CA PRO A 82 -0.25 -19.72 2.61
C PRO A 82 -1.47 -20.56 2.20
N PHE A 83 -2.08 -21.24 3.15
CA PHE A 83 -3.24 -22.08 2.89
C PHE A 83 -4.52 -21.25 2.84
N THR A 84 -4.61 -20.24 3.72
CA THR A 84 -5.79 -19.38 3.78
C THR A 84 -5.40 -17.91 3.85
N ALA A 85 -4.17 -17.59 3.49
CA ALA A 85 -3.69 -16.21 3.51
C ALA A 85 -4.59 -15.30 2.67
N ARG A 86 -4.83 -15.71 1.43
CA ARG A 86 -5.66 -14.94 0.52
C ARG A 86 -7.05 -14.72 1.10
N GLY A 87 -7.57 -15.73 1.78
CA GLY A 87 -8.89 -15.62 2.38
C GLY A 87 -8.90 -14.65 3.55
N ARG A 88 -7.86 -14.70 4.37
CA ARG A 88 -7.77 -13.82 5.53
C ARG A 88 -7.47 -12.39 5.09
N PHE A 89 -6.73 -12.26 3.99
CA PHE A 89 -6.40 -10.95 3.46
C PHE A 89 -7.66 -10.19 3.08
N ALA A 90 -8.59 -10.87 2.42
CA ALA A 90 -9.84 -10.25 2.01
C ALA A 90 -10.61 -9.76 3.22
N THR A 91 -10.59 -10.55 4.29
CA THR A 91 -11.28 -10.20 5.52
C THR A 91 -10.83 -8.82 6.00
N VAL A 92 -9.51 -8.62 6.01
CA VAL A 92 -8.94 -7.34 6.45
C VAL A 92 -9.36 -6.23 5.49
N VAL A 93 -9.29 -6.53 4.20
CA VAL A 93 -9.65 -5.56 3.16
C VAL A 93 -11.14 -5.23 3.23
N GLU A 94 -11.95 -6.23 3.54
CA GLU A 94 -13.39 -6.04 3.62
C GLU A 94 -13.76 -4.99 4.66
N GLU A 95 -13.20 -5.13 5.87
CA GLU A 95 -13.48 -4.18 6.94
C GLU A 95 -13.09 -2.77 6.50
N LEU A 96 -12.04 -2.68 5.68
CA LEU A 96 -11.55 -1.41 5.19
C LEU A 96 -12.62 -0.69 4.36
N PHE A 97 -13.17 -1.39 3.37
CA PHE A 97 -14.18 -0.81 2.50
C PHE A 97 -15.59 -1.29 2.86
N ARG A 98 -15.72 -1.89 4.03
CA ARG A 98 -17.02 -2.39 4.49
C ARG A 98 -17.98 -1.24 4.74
N ASP A 99 -17.50 -0.21 5.43
CA ASP A 99 -18.32 0.95 5.73
C ASP A 99 -18.03 2.10 4.76
N GLY A 100 -17.63 1.75 3.55
CA GLY A 100 -17.34 2.75 2.54
C GLY A 100 -15.85 2.98 2.37
N VAL A 101 -15.44 3.41 1.18
CA VAL A 101 -14.04 3.67 0.90
C VAL A 101 -13.68 5.12 1.16
N ASN A 102 -12.43 5.36 1.56
CA ASN A 102 -11.94 6.69 1.85
C ASN A 102 -10.43 6.74 1.80
N TRP A 103 -9.87 7.90 1.49
CA TRP A 103 -8.43 8.05 1.40
C TRP A 103 -7.72 7.43 2.61
N GLY A 104 -8.27 7.67 3.80
CA GLY A 104 -7.70 7.11 5.01
C GLY A 104 -7.77 5.60 4.99
N ARG A 105 -8.91 5.07 4.56
CA ARG A 105 -9.10 3.63 4.49
C ARG A 105 -8.11 3.05 3.49
N ILE A 106 -8.04 3.65 2.30
CA ILE A 106 -7.11 3.21 1.28
C ILE A 106 -5.71 3.07 1.85
N VAL A 107 -5.41 3.88 2.87
CA VAL A 107 -4.11 3.82 3.52
C VAL A 107 -3.94 2.51 4.28
N ALA A 108 -5.01 2.06 4.93
CA ALA A 108 -4.98 0.80 5.66
C ALA A 108 -4.72 -0.35 4.71
N PHE A 109 -5.24 -0.22 3.49
CA PHE A 109 -5.07 -1.25 2.48
C PHE A 109 -3.59 -1.42 2.13
N PHE A 110 -2.90 -0.30 1.99
CA PHE A 110 -1.47 -0.33 1.67
C PHE A 110 -0.65 -0.66 2.89
N GLU A 111 -1.03 -0.11 4.03
CA GLU A 111 -0.33 -0.36 5.28
C GLU A 111 -0.42 -1.84 5.64
N PHE A 112 -1.60 -2.42 5.42
CA PHE A 112 -1.83 -3.83 5.69
C PHE A 112 -0.94 -4.68 4.80
N GLY A 113 -0.95 -4.39 3.50
CA GLY A 113 -0.13 -5.13 2.56
C GLY A 113 1.33 -5.14 2.97
N GLY A 114 1.82 -4.00 3.44
CA GLY A 114 3.20 -3.91 3.88
C GLY A 114 3.45 -4.75 5.12
N VAL A 115 2.52 -4.69 6.06
CA VAL A 115 2.64 -5.46 7.30
C VAL A 115 2.70 -6.94 6.98
N MET A 116 1.84 -7.39 6.08
CA MET A 116 1.81 -8.79 5.67
C MET A 116 3.18 -9.26 5.20
N CYS A 117 3.79 -8.47 4.32
CA CYS A 117 5.10 -8.79 3.80
C CYS A 117 6.13 -8.91 4.92
N VAL A 118 6.10 -7.95 5.84
CA VAL A 118 7.02 -7.94 6.96
C VAL A 118 6.75 -9.11 7.89
N GLU A 119 5.47 -9.36 8.16
CA GLU A 119 5.07 -10.45 9.04
C GLU A 119 5.31 -11.79 8.36
N SER A 120 5.20 -11.81 7.03
CA SER A 120 5.41 -13.03 6.27
C SER A 120 6.87 -13.45 6.32
N VAL A 121 7.77 -12.51 6.07
CA VAL A 121 9.20 -12.79 6.10
C VAL A 121 9.61 -13.34 7.47
N ASN A 122 8.91 -12.89 8.50
CA ASN A 122 9.18 -13.34 9.87
C ASN A 122 9.10 -14.86 9.97
N ARG A 123 8.03 -15.42 9.42
CA ARG A 123 7.81 -16.87 9.45
C ARG A 123 8.49 -17.56 8.27
N GLU A 124 9.44 -16.88 7.63
CA GLU A 124 10.16 -17.45 6.50
C GLU A 124 9.21 -17.75 5.33
N MET A 125 8.34 -16.80 5.02
CA MET A 125 7.39 -16.96 3.93
C MET A 125 7.56 -15.85 2.90
N SER A 126 8.81 -15.55 2.57
CA SER A 126 9.14 -14.51 1.60
C SER A 126 8.27 -14.60 0.34
N PRO A 127 8.20 -15.77 -0.31
CA PRO A 127 7.40 -15.96 -1.52
C PRO A 127 6.02 -15.31 -1.43
N LEU A 128 5.49 -15.20 -0.22
CA LEU A 128 4.17 -14.60 -0.02
C LEU A 128 4.20 -13.10 -0.30
N VAL A 129 5.35 -12.48 -0.06
CA VAL A 129 5.50 -11.04 -0.30
C VAL A 129 5.06 -10.66 -1.69
N ASP A 130 5.32 -11.55 -2.65
CA ASP A 130 4.94 -11.30 -4.04
C ASP A 130 3.44 -11.56 -4.24
N ASN A 131 2.91 -12.49 -3.45
CA ASN A 131 1.48 -12.83 -3.54
C ASN A 131 0.63 -11.75 -2.87
N ILE A 132 1.07 -11.29 -1.71
CA ILE A 132 0.36 -10.26 -0.98
C ILE A 132 0.25 -8.97 -1.79
N ALA A 133 1.41 -8.42 -2.17
CA ALA A 133 1.45 -7.19 -2.96
C ALA A 133 0.71 -7.38 -4.28
N LEU A 134 0.78 -8.59 -4.82
CA LEU A 134 0.12 -8.90 -6.08
C LEU A 134 -1.40 -8.76 -5.93
N TRP A 135 -1.92 -9.24 -4.81
CA TRP A 135 -3.35 -9.16 -4.55
C TRP A 135 -3.79 -7.70 -4.42
N MET A 136 -2.90 -6.88 -3.87
CA MET A 136 -3.19 -5.46 -3.70
C MET A 136 -3.36 -4.79 -5.05
N THR A 137 -2.43 -5.06 -5.96
CA THR A 137 -2.49 -4.49 -7.31
C THR A 137 -3.81 -4.82 -7.98
N GLU A 138 -4.22 -6.08 -7.87
CA GLU A 138 -5.47 -6.53 -8.47
C GLU A 138 -6.67 -5.85 -7.82
N TYR A 139 -6.73 -5.89 -6.49
CA TYR A 139 -7.83 -5.28 -5.76
C TYR A 139 -7.88 -3.78 -6.01
N LEU A 140 -6.72 -3.14 -5.95
CA LEU A 140 -6.62 -1.70 -6.16
C LEU A 140 -7.15 -1.32 -7.54
N ASN A 141 -6.79 -2.12 -8.55
CA ASN A 141 -7.22 -1.86 -9.92
C ASN A 141 -8.59 -2.47 -10.21
N ARG A 142 -9.05 -3.36 -9.34
CA ARG A 142 -10.34 -4.01 -9.54
C ARG A 142 -11.50 -3.19 -8.98
N HIS A 143 -11.48 -2.92 -7.68
CA HIS A 143 -12.56 -2.17 -7.04
C HIS A 143 -12.14 -0.75 -6.69
N LEU A 144 -10.93 -0.60 -6.16
CA LEU A 144 -10.43 0.73 -5.76
C LEU A 144 -10.01 1.57 -6.96
N HIS A 145 -10.15 1.02 -8.17
CA HIS A 145 -9.78 1.75 -9.38
C HIS A 145 -10.79 2.84 -9.70
N THR A 146 -12.06 2.46 -9.82
CA THR A 146 -13.12 3.40 -10.13
C THR A 146 -13.32 4.41 -9.00
N TRP A 147 -13.55 3.92 -7.80
CA TRP A 147 -13.76 4.78 -6.63
C TRP A 147 -12.71 5.90 -6.57
N ILE A 148 -11.45 5.52 -6.64
CA ILE A 148 -10.35 6.49 -6.58
C ILE A 148 -10.47 7.51 -7.71
N GLN A 149 -10.96 7.06 -8.86
CA GLN A 149 -11.11 7.95 -10.01
C GLN A 149 -12.16 9.02 -9.74
N ASP A 150 -13.15 8.67 -8.93
CA ASP A 150 -14.22 9.60 -8.58
C ASP A 150 -13.80 10.54 -7.45
N ASN A 151 -12.73 10.17 -6.75
CA ASN A 151 -12.22 10.99 -5.65
C ASN A 151 -11.02 11.80 -6.08
N GLY A 152 -11.02 12.19 -7.35
CA GLY A 152 -9.92 12.97 -7.90
C GLY A 152 -8.65 12.16 -8.05
N GLY A 153 -8.77 10.84 -8.04
CA GLY A 153 -7.61 9.98 -8.18
C GLY A 153 -6.52 10.29 -7.18
N TRP A 154 -5.32 9.75 -7.41
CA TRP A 154 -4.19 9.98 -6.52
C TRP A 154 -3.88 11.46 -6.41
N ASP A 155 -4.19 12.21 -7.47
CA ASP A 155 -3.95 13.66 -7.48
C ASP A 155 -4.63 14.33 -6.30
N ALA A 156 -5.88 13.93 -6.04
CA ALA A 156 -6.65 14.49 -4.94
C ALA A 156 -6.02 14.10 -3.61
N PHE A 157 -5.63 12.83 -3.49
CA PHE A 157 -5.01 12.33 -2.27
C PHE A 157 -3.71 13.08 -1.99
N VAL A 158 -2.91 13.28 -3.03
CA VAL A 158 -1.65 13.99 -2.91
C VAL A 158 -1.86 15.38 -2.33
N GLU A 159 -2.97 16.01 -2.73
CA GLU A 159 -3.30 17.35 -2.25
C GLU A 159 -3.76 17.29 -0.80
N LEU A 160 -4.50 16.24 -0.46
CA LEU A 160 -5.02 16.07 0.90
C LEU A 160 -3.93 15.57 1.84
N TYR A 161 -2.96 14.83 1.30
CA TYR A 161 -1.87 14.30 2.11
C TYR A 161 -0.53 14.93 1.73
N GLY A 162 -0.58 16.03 0.99
CA GLY A 162 0.63 16.70 0.57
C GLY A 162 1.53 17.05 1.75
N PRO A 163 2.66 17.74 1.49
CA PRO A 163 3.61 18.13 2.54
C PRO A 163 3.03 19.19 3.47
N SER A 164 2.22 20.09 2.92
CA SER A 164 1.61 21.14 3.71
C SER A 164 0.42 20.61 4.50
N MET A 165 -0.28 19.63 3.92
CA MET A 165 -1.43 19.03 4.58
C MET A 165 -1.00 18.05 5.66
N ARG A 166 -0.85 18.55 6.88
CA ARG A 166 -0.44 17.71 8.00
C ARG A 166 -1.40 16.54 8.19
N PRO A 167 -0.98 15.51 8.95
CA PRO A 167 -1.81 14.33 9.21
C PRO A 167 -3.13 14.68 9.88
N LEU A 168 -4.17 14.84 9.07
CA LEU A 168 -5.50 15.18 9.58
C LEU A 168 -6.56 14.26 9.00
N PHE A 169 -6.22 12.98 8.88
CA PHE A 169 -7.13 11.99 8.35
C PHE A 169 -7.13 10.73 9.20
N ASP A 170 -8.19 10.55 9.99
CA ASP A 170 -8.31 9.38 10.85
C ASP A 170 -9.26 8.35 10.25
N PHE A 171 -8.89 7.08 10.37
CA PHE A 171 -9.71 6.00 9.84
C PHE A 171 -10.01 4.96 10.92
N SER A 172 -11.20 4.36 10.86
CA SER A 172 -11.60 3.36 11.83
C SER A 172 -10.72 2.12 11.72
N TRP A 173 -9.91 1.88 12.74
CA TRP A 173 -9.02 0.72 12.75
C TRP A 173 -9.74 -0.55 12.34
N LEU A 174 -9.17 -1.25 11.37
CA LEU A 174 -9.76 -2.49 10.87
C LEU A 174 -9.68 -3.59 11.93
N SER A 175 -10.45 -3.43 12.99
CA SER A 175 -10.48 -4.41 14.08
C SER A 175 -10.84 -5.79 13.56
N LEU A 176 -9.96 -6.75 13.78
CA LEU A 176 -10.20 -8.13 13.34
C LEU A 176 -9.65 -9.13 14.37
N LYS A 177 -10.53 -10.02 14.82
CA LYS A 177 -10.14 -11.02 15.80
C LYS A 177 -10.72 -12.39 15.44
#